data_7NOZ
#
_entry.id   7NOZ
#
_cell.length_a   148.690
_cell.length_b   179.460
_cell.length_c   192.600
_cell.angle_alpha   90.000
_cell.angle_beta   90.000
_cell.angle_gamma   90.000
#
_symmetry.space_group_name_H-M   'P 21 21 2'
#
loop_
_entity.id
_entity.type
_entity.pdbx_description
1 polymer 'Complement C3 beta chain'
2 polymer 'Complement C3 alpha chain'
3 polymer Properdin
4 polymer Properdin
5 polymer 'Complement factor B'
6 polymer 'hFPNb1 nanobody'
7 branched beta-D-mannopyranose-(1-4)-2-acetamido-2-deoxy-beta-D-glucopyranose-(1-4)-2-acetamido-2-deoxy-beta-D-glucopyranose
8 branched beta-D-glucopyranose-(1-3)-alpha-L-fucopyranose
9 branched alpha-D-mannopyranose-(1-3)-beta-D-mannopyranose-(1-4)-2-acetamido-2-deoxy-beta-D-glucopyranose-(1-4)-2-acetamido-2-deoxy-beta-D-glucopyranose
10 non-polymer alpha-D-mannopyranose
11 non-polymer 2-acetamido-2-deoxy-beta-D-glucopyranose
12 non-polymer 'MAGNESIUM ION'
13 water water
#
loop_
_entity_poly.entity_id
_entity_poly.type
_entity_poly.pdbx_seq_one_letter_code
_entity_poly.pdbx_strand_id
1 'polypeptide(L)'
;SPMYSIITPNILRLESEETMVLEAHDAQGDVPVTVTVHDFPGKKLVLSSEKTVLTPATNHMGNVTFTIPANREFKSEKGR
NKFVTVQATFGTQVVEKVVLVSLQSGYLFIQTDKTIYTPGSTVLYRIFTVNHKLLPVGRTVMVNIENPEGIPVKQDSLSS
QNQLGVLPLSWDIPELVNMGQWKIRAYYENSPQQVFSTEFEVKEYVLPSFEVIVEPTEKFYYIYNEKGLEVTITARFLYG
KKVEGTAFVIFGIQDGEQRISLPESLKRIPIEDGSGEVVLSRKVLLDGVQNPRAEDLVGKSLYVSATVILHSGSDMVQAE
RSGIPIVTSPYQIHFTKTPKYFKPGMPFDLMVFVTNPDGSPAYRVPVAVQGEDTVQSLTQGDGVAKLSINTHPSQKPLSI
TVRTKKQELSEAEQATRTMQALPYSTVGNSNNYLHLSVLRTELRPGETLNVNFLLRMDRAHEAKIRYYTYLIMNKGRLLK
AGRQVREPGQDLVVLPLSITTDFIPSFRLVAYYTLIGASGQREVVADSVWVDVKDSCVGSLVVKSGQSEDRQPVPGQQMT
LKIEGDHGARVVLVAVDKGVFVLNKKNKLTQSKIWDVVEKADIGCTPGSGKDYAGVFSDAGLTFTSSSGQQTAQRAELQC
PQPAA
;
A
2 'polypeptide(L)'
;DEDIIAEENIVSRSEFPESWLWNVEDLKEPPKNGISTKLMNIFLKDSITTWEILAVSMSDKKGICVADPFEVTVMQDFFI
DLRLPYSVVRNEQVEIRAVLYNYRQNQELKVRVELLHNPAFCSLATTKRRHQQTVTIPPKSSLSVPYVIVPLKTGLQEVE
VKAAVYHHFISDGVRKSLKVVPEGIRMNKTVAVRTLDPERLGREGVQKEDIPPADLSDQVPDTESETRILLQGTPVAQMT
EDAVDAERLKHLIVTPSGCGEENMIGMTPTVIAVHYLDETEQWEKFGLEKRQGALELIKKGYTQQLAFRQPSSAFAAFVK
RAPSTWLTAYVVKVFSLAVNLIAIDSQVLCGAVKWLILEKQKPDGVFQEDAPVIHQEMIGGLRNNNEKDMALTAFVLISL
QEAKDICEEQVNSLPGSITKAGDFLEANYMNLQRSYTVAIAGYALAQMGRLKGPLLNKFLTTAKDKNRWEDPGKQLYNVE
ATSYALLALLQLKDFDFVPPVVRWLNEQRYYGGGYGSTQATFMVFQALAQYQKDAPDHQELNLDVSLQLPSRSSKITHRI
HWESASLLRSEETKENEGFTVTAEGKGQGTLSVVTMYHAKAKDQLTCNKFDLKVTIKPAPETEKRPQDAKNTMILEICTR
YRGDQDATMSILDISMMTGFAPDTDDLKQLANGVDRYISKYELDKAFSDRNTLIIYLDKVSHSEDDCLAFKVHQYFNVEL
IQPGAVKVYAYYNLEESCTRFYHPEKEDGKLNKLCRDELCRCAEENCFIQKSDDKVTLEERLDKACEPGVDYVYKTRLVK
VQLSNDFDEYIMAIEQTIKSGSDEVQVGQQRTFISPIKCREALKLEEKKHYLMWGLSSDFWGEKPNLSYIIGKDTWVEHW
PEEDECQDEENQKQCQDLGAFTESMVVFGCPN
;
B
3 'polypeptide(L)'
;DPVLCFTQYEESSGKCKGLLGGGVSVEDCCLNTAFAYQKRSGGLCQPCRSPRWSLWSTWAPCSVTCSEGSQLRYRRCVGW
NGQCSGKVAPGTLEWQLQACEDQQCCPEMGGWSGWGPWEPCSVTCSKGTRTRRRACNHPAPKCGGHCPGQAQESEACDTQ
QVC
;
C
4 'polypeptide(L)'
;GVAGGWGPWGPVSPCPVTCGLGQTMEQRTCNHPVPQHGGPFCAGDATRTHICNTAVPCPVDGEWDSWGEWSPCIRRNMKS
ISCQEIPGQQSRGRTCRGRKFDGHRCAGQQQDIRHCYSIQHCPLKGSWSEWSTWGLCMPPCGPNPTRARQRLCTPLLPKY
PPTVSMVEGQGEKNVTFWGRPLPRCEELQGQKLVVEEKRPCLHVPAC
;
D
5 'polypeptide(L)'
;GSCSLEGVEIKGGSFRLLQEGQALEYVCPSGFYPYPVQTRTCRSTGSWSTLKTQDQKTVRKAECRAIHCPRPHDFENGEY
WPRSPYYNVSDEISFHCYDGYTLRGSANRTCQVNGRWSGQTAICDNGAGYCSNPGIPIGTRKVGSQYRLEDSVTYHCSRG
LTLRGSQRRTCQEGGSWSGTEPSCQDSFMYDTPQEVAEAFLSSLTETIEGVDAEDGHGPGEQQKRKIVLDPSGSMNIYLV
LDGSGSIGASNFTGAKKCLVNLIEKVASYGVKPRYGLVTYATYPKIWVKVSEADSSNADWVTKQLNEINYEDHKLKSGTN
TKKALQAVYSMMSWPDDVPPEGWNRTRHVIILMTDGLHNMGGDPITVIDEIRDLLYIGKDRKNPREDYLDVYVFGVGPLV
NQVNINALASKKDNEQHVFKVKDMENLEDVFYQMIDESQSLSLCGMVWEHRKGTDYHKQPWQAKISVIRPSKGHESCMGA
VVSEYFVLTAAHCFTVDDKEHSIKVSVGGEKRDLEIEVVLFHPNYNINGKKEAGIPEFYDYDVALIKLKNKLKYGQTIRP
ICLPCTEGTTRALRLPPTTTCQQQKEELLPAQDIKALFVSEEEKKLTRKEVYIKNGDKKGSCERDAQYAPGYDKVKDISE
VVTPRFLCTGGVSPYADPNTCRGDSGGPLIVHKRSRFIQVGVISWGVVDVCKNQKRQKQVPAHARDFHINLFQVLPWLKE
KLQDEDLGFLA
;
F
6 'polypeptide(L)'
;QVQLVESGGGLVQAGGSLRLSCAASERTFTIYAMGWFRQAPGKEREFVAAISRSGENTDYADSVKGRFTISRDNNKNTIS
LQMNSLKPEDTAVYYCAAGRAILVHTTKKEYDHWGQGTQVTVSS
;
R
#
# COMPACT_ATOMS: atom_id res chain seq x y z
N SER A 1 67.80 -53.11 -14.84
CA SER A 1 66.77 -53.16 -13.80
C SER A 1 65.49 -52.47 -14.28
N PRO A 2 64.35 -53.12 -14.08
CA PRO A 2 63.07 -52.49 -14.44
C PRO A 2 62.71 -51.39 -13.46
N MET A 3 62.07 -50.34 -13.98
CA MET A 3 61.66 -49.19 -13.20
C MET A 3 60.15 -48.99 -13.34
N TYR A 4 59.48 -48.77 -12.22
CA TYR A 4 58.04 -48.54 -12.20
C TYR A 4 57.77 -47.15 -11.65
N SER A 5 56.89 -46.40 -12.31
CA SER A 5 56.65 -45.00 -11.99
C SER A 5 55.16 -44.73 -11.89
N ILE A 6 54.82 -43.66 -11.18
CA ILE A 6 53.43 -43.25 -11.00
C ILE A 6 53.35 -41.72 -10.93
N ILE A 7 52.46 -41.14 -11.73
CA ILE A 7 52.28 -39.69 -11.81
C ILE A 7 50.82 -39.37 -11.48
N THR A 8 50.63 -38.42 -10.57
CA THR A 8 49.32 -38.00 -10.07
C THR A 8 49.40 -36.49 -9.84
N PRO A 9 48.32 -35.75 -10.08
CA PRO A 9 48.30 -34.32 -9.76
C PRO A 9 48.58 -34.02 -8.29
N ASN A 10 48.98 -32.77 -8.03
CA ASN A 10 49.36 -32.34 -6.68
C ASN A 10 48.18 -32.39 -5.72
N ILE A 11 47.04 -31.86 -6.14
CA ILE A 11 45.84 -31.82 -5.31
C ILE A 11 44.73 -32.56 -6.03
N LEU A 12 44.11 -33.52 -5.35
CA LEU A 12 42.97 -34.25 -5.88
C LEU A 12 41.69 -33.67 -5.30
N ARG A 13 40.64 -33.66 -6.12
CA ARG A 13 39.39 -33.00 -5.77
C ARG A 13 38.31 -34.03 -5.47
N LEU A 14 37.39 -33.65 -4.58
CA LEU A 14 36.29 -34.54 -4.22
C LEU A 14 35.31 -34.66 -5.39
N GLU A 15 34.77 -35.86 -5.56
CA GLU A 15 33.69 -36.18 -6.51
C GLU A 15 34.08 -35.95 -7.97
N SER A 16 35.36 -35.93 -8.29
CA SER A 16 35.83 -35.62 -9.62
C SER A 16 36.72 -36.74 -10.15
N GLU A 17 36.78 -36.84 -11.48
CA GLU A 17 37.61 -37.84 -12.13
C GLU A 17 39.02 -37.28 -12.30
N GLU A 18 39.99 -37.96 -11.69
CA GLU A 18 41.40 -37.65 -11.88
C GLU A 18 42.04 -38.79 -12.66
N THR A 19 43.13 -38.47 -13.38
CA THR A 19 43.77 -39.39 -14.29
C THR A 19 45.12 -39.82 -13.71
N MET A 20 45.49 -41.07 -13.97
CA MET A 20 46.65 -41.70 -13.37
C MET A 20 47.42 -42.43 -14.46
N VAL A 21 48.72 -42.20 -14.55
CA VAL A 21 49.56 -42.73 -15.62
C VAL A 21 50.57 -43.71 -15.03
N LEU A 22 50.66 -44.90 -15.62
CA LEU A 22 51.55 -45.96 -15.17
C LEU A 22 52.53 -46.30 -16.27
N GLU A 23 53.79 -46.54 -15.90
CA GLU A 23 54.84 -46.85 -16.87
C GLU A 23 55.75 -47.93 -16.32
N ALA A 24 56.52 -48.56 -17.24
CA ALA A 24 57.46 -49.61 -16.87
C ALA A 24 58.63 -49.55 -17.85
N HIS A 25 59.74 -48.98 -17.40
CA HIS A 25 60.90 -48.78 -18.26
C HIS A 25 61.82 -49.99 -18.21
N ASP A 26 62.39 -50.33 -19.38
CA ASP A 26 63.34 -51.43 -19.56
C ASP A 26 62.77 -52.78 -19.14
N ALA A 27 61.53 -53.04 -19.54
CA ALA A 27 60.84 -54.29 -19.21
C ALA A 27 60.40 -54.98 -20.50
N GLN A 28 60.27 -56.30 -20.40
CA GLN A 28 59.71 -57.11 -21.48
C GLN A 28 58.62 -58.01 -20.91
N GLY A 29 57.59 -58.23 -21.72
CA GLY A 29 56.42 -58.96 -21.26
C GLY A 29 55.42 -58.06 -20.56
N ASP A 30 54.26 -58.63 -20.27
CA ASP A 30 53.17 -57.88 -19.66
C ASP A 30 53.36 -57.77 -18.15
N VAL A 31 53.01 -56.61 -17.61
CA VAL A 31 53.08 -56.37 -16.16
C VAL A 31 51.69 -56.04 -15.64
N PRO A 32 51.04 -56.93 -14.88
CA PRO A 32 49.73 -56.61 -14.32
C PRO A 32 49.86 -55.65 -13.13
N VAL A 33 49.04 -54.61 -13.15
CA VAL A 33 49.06 -53.58 -12.12
C VAL A 33 47.71 -53.57 -11.41
N THR A 34 47.73 -53.59 -10.08
CA THR A 34 46.55 -53.44 -9.25
C THR A 34 46.73 -52.20 -8.39
N VAL A 35 45.84 -51.22 -8.58
CA VAL A 35 45.93 -49.92 -7.92
C VAL A 35 44.78 -49.83 -6.92
N THR A 36 45.10 -49.47 -5.67
CA THR A 36 44.10 -49.36 -4.62
C THR A 36 44.30 -48.04 -3.88
N VAL A 37 43.21 -47.31 -3.66
CA VAL A 37 43.24 -45.98 -3.06
C VAL A 37 42.62 -46.05 -1.68
N HIS A 38 43.32 -45.50 -0.69
CA HIS A 38 42.87 -45.51 0.70
C HIS A 38 42.87 -44.09 1.23
N ASP A 39 42.21 -43.88 2.36
CA ASP A 39 42.23 -42.58 3.02
C ASP A 39 43.36 -42.52 4.05
N PHE A 40 43.74 -41.30 4.40
CA PHE A 40 44.79 -41.07 5.40
C PHE A 40 44.14 -40.57 6.68
N PRO A 41 44.53 -41.10 7.85
CA PRO A 41 45.53 -42.18 8.03
C PRO A 41 44.96 -43.56 8.36
N GLY A 42 45.86 -44.55 8.33
CA GLY A 42 45.60 -45.86 8.88
C GLY A 42 44.98 -46.88 7.94
N LYS A 43 44.53 -46.45 6.75
CA LYS A 43 43.83 -47.29 5.77
C LYS A 43 42.60 -47.96 6.37
N LYS A 44 41.50 -47.22 6.49
CA LYS A 44 40.30 -47.73 7.13
C LYS A 44 39.33 -48.34 6.11
N LEU A 45 39.23 -47.74 4.94
CA LEU A 45 38.33 -48.20 3.89
C LEU A 45 38.99 -48.02 2.55
N VAL A 46 38.54 -48.81 1.57
CA VAL A 46 39.01 -48.68 0.19
C VAL A 46 38.13 -47.64 -0.54
N LEU A 47 38.76 -46.54 -0.94
CA LEU A 47 38.03 -45.49 -1.63
C LEU A 47 37.88 -45.78 -3.11
N SER A 48 38.91 -46.36 -3.72
CA SER A 48 38.88 -46.70 -5.14
C SER A 48 39.84 -47.85 -5.40
N SER A 49 39.56 -48.61 -6.45
CA SER A 49 40.38 -49.76 -6.80
C SER A 49 40.23 -50.05 -8.29
N GLU A 50 41.33 -49.96 -9.04
CA GLU A 50 41.34 -50.22 -10.47
C GLU A 50 42.49 -51.15 -10.82
N LYS A 51 42.39 -51.80 -11.98
CA LYS A 51 43.39 -52.73 -12.46
C LYS A 51 43.65 -52.51 -13.95
N THR A 52 44.88 -52.74 -14.37
CA THR A 52 45.26 -52.72 -15.78
C THR A 52 46.53 -53.53 -15.97
N VAL A 53 46.90 -53.73 -17.24
CA VAL A 53 48.05 -54.54 -17.63
C VAL A 53 48.90 -53.71 -18.60
N LEU A 54 50.20 -53.60 -18.31
CA LEU A 54 51.13 -52.85 -19.14
C LEU A 54 51.78 -53.79 -20.14
N THR A 55 51.38 -53.68 -21.41
CA THR A 55 51.85 -54.43 -22.56
C THR A 55 53.05 -53.71 -23.19
N PRO A 56 54.07 -54.45 -23.65
CA PRO A 56 55.17 -53.79 -24.39
C PRO A 56 54.77 -53.26 -25.76
N ALA A 57 53.62 -53.66 -26.31
CA ALA A 57 53.16 -53.09 -27.57
C ALA A 57 52.75 -51.64 -27.44
N THR A 58 52.22 -51.24 -26.28
CA THR A 58 51.93 -49.85 -25.97
C THR A 58 53.12 -49.12 -25.36
N ASN A 59 54.31 -49.72 -25.42
CA ASN A 59 55.54 -49.23 -24.80
C ASN A 59 55.40 -49.07 -23.29
N HIS A 60 54.62 -49.96 -22.66
CA HIS A 60 54.38 -50.03 -21.22
C HIS A 60 53.73 -48.74 -20.71
N MET A 61 52.50 -48.52 -21.15
CA MET A 61 51.71 -47.36 -20.74
C MET A 61 50.26 -47.77 -20.56
N GLY A 62 49.54 -46.98 -19.77
CA GLY A 62 48.14 -47.24 -19.52
C GLY A 62 47.50 -46.24 -18.57
N ASN A 63 46.73 -45.30 -19.11
CA ASN A 63 46.08 -44.29 -18.30
C ASN A 63 44.86 -44.87 -17.57
N VAL A 64 44.75 -44.56 -16.29
CA VAL A 64 43.73 -45.11 -15.40
C VAL A 64 42.96 -43.96 -14.79
N THR A 65 41.63 -44.06 -14.80
CA THR A 65 40.78 -43.03 -14.22
C THR A 65 40.07 -43.57 -12.97
N PHE A 66 40.01 -42.75 -11.93
CA PHE A 66 39.33 -43.08 -10.68
C PHE A 66 38.50 -41.88 -10.24
N THR A 67 37.82 -42.02 -9.10
CA THR A 67 36.99 -40.95 -8.55
C THR A 67 36.99 -41.07 -7.04
N ILE A 68 37.28 -39.96 -6.36
CA ILE A 68 37.16 -39.90 -4.90
C ILE A 68 35.67 -40.00 -4.56
N PRO A 69 35.26 -40.95 -3.73
CA PRO A 69 33.83 -41.11 -3.43
C PRO A 69 33.31 -40.01 -2.53
N ALA A 70 32.00 -39.78 -2.61
CA ALA A 70 31.32 -38.77 -1.80
C ALA A 70 30.87 -39.33 -0.45
N ASN A 71 31.78 -40.01 0.24
CA ASN A 71 31.47 -40.61 1.53
C ASN A 71 31.77 -39.61 2.65
N ARG A 72 31.10 -39.81 3.79
CA ARG A 72 31.17 -38.92 4.94
C ARG A 72 32.42 -39.14 5.81
N GLU A 73 33.52 -39.64 5.23
CA GLU A 73 34.77 -39.75 5.98
C GLU A 73 35.50 -38.42 6.05
N PHE A 74 35.32 -37.56 5.06
CA PHE A 74 35.92 -36.23 5.02
C PHE A 74 34.96 -35.19 5.57
N LYS A 75 34.40 -35.50 6.74
CA LYS A 75 33.39 -34.70 7.40
C LYS A 75 33.95 -33.72 8.41
N SER A 76 35.15 -33.97 8.92
CA SER A 76 35.74 -33.11 9.94
C SER A 76 36.25 -31.82 9.33
N GLU A 77 35.95 -30.70 10.01
CA GLU A 77 36.38 -29.38 9.55
C GLU A 77 37.61 -28.87 10.28
N LYS A 78 38.00 -29.50 11.39
CA LYS A 78 39.25 -29.17 12.07
C LYS A 78 40.47 -29.71 11.34
N GLY A 79 40.30 -30.63 10.40
CA GLY A 79 41.41 -31.23 9.68
C GLY A 79 42.12 -30.28 8.74
N ARG A 80 41.46 -29.19 8.33
CA ARG A 80 42.02 -28.14 7.46
C ARG A 80 42.43 -28.65 6.08
N ASN A 81 43.44 -29.51 6.03
CA ASN A 81 43.83 -30.20 4.81
C ASN A 81 43.50 -31.69 4.95
N LYS A 82 43.12 -32.31 3.83
CA LYS A 82 42.82 -33.72 3.79
C LYS A 82 43.82 -34.45 2.91
N PHE A 83 44.11 -35.70 3.27
CA PHE A 83 45.10 -36.50 2.57
C PHE A 83 44.56 -37.89 2.32
N VAL A 84 45.16 -38.58 1.34
CA VAL A 84 44.79 -39.95 1.01
C VAL A 84 46.06 -40.79 0.88
N THR A 85 45.89 -42.10 1.07
CA THR A 85 46.95 -43.08 0.89
C THR A 85 46.77 -43.70 -0.48
N VAL A 86 47.53 -43.20 -1.46
CA VAL A 86 47.48 -43.70 -2.82
C VAL A 86 48.52 -44.80 -2.97
N GLN A 87 48.12 -45.95 -3.52
CA GLN A 87 48.98 -47.12 -3.56
C GLN A 87 48.79 -47.85 -4.88
N ALA A 88 49.90 -48.21 -5.53
CA ALA A 88 49.89 -48.95 -6.79
C ALA A 88 50.87 -50.10 -6.68
N THR A 89 50.43 -51.28 -7.13
CA THR A 89 51.22 -52.50 -7.04
C THR A 89 51.53 -53.00 -8.44
N PHE A 90 52.81 -52.99 -8.81
CA PHE A 90 53.25 -53.41 -10.14
C PHE A 90 53.67 -54.88 -10.06
N GLY A 91 52.68 -55.76 -10.11
CA GLY A 91 52.93 -57.18 -10.02
C GLY A 91 53.34 -57.62 -8.62
N THR A 92 54.61 -57.41 -8.29
CA THR A 92 55.13 -57.72 -6.97
C THR A 92 55.71 -56.52 -6.22
N GLN A 93 55.82 -55.36 -6.87
CA GLN A 93 56.42 -54.18 -6.27
C GLN A 93 55.33 -53.16 -5.96
N VAL A 94 55.34 -52.67 -4.71
CA VAL A 94 54.32 -51.75 -4.21
C VAL A 94 54.91 -50.35 -4.12
N VAL A 95 54.25 -49.38 -4.76
CA VAL A 95 54.68 -47.99 -4.79
C VAL A 95 53.54 -47.14 -4.23
N GLU A 96 53.86 -46.24 -3.29
CA GLU A 96 52.83 -45.46 -2.61
C GLU A 96 53.31 -44.05 -2.32
N LYS A 97 52.34 -43.15 -2.10
CA LYS A 97 52.59 -41.73 -1.89
C LYS A 97 51.36 -41.09 -1.26
N VAL A 98 51.58 -40.17 -0.31
CA VAL A 98 50.52 -39.40 0.30
C VAL A 98 50.27 -38.15 -0.53
N VAL A 99 49.01 -37.95 -0.92
CA VAL A 99 48.62 -36.85 -1.82
C VAL A 99 47.61 -35.96 -1.09
N LEU A 100 47.79 -34.64 -1.23
CA LEU A 100 46.84 -33.68 -0.66
C LEU A 100 45.51 -33.73 -1.40
N VAL A 101 44.42 -33.62 -0.63
CA VAL A 101 43.06 -33.56 -1.17
C VAL A 101 42.43 -32.27 -0.71
N SER A 102 41.85 -31.52 -1.66
CA SER A 102 41.04 -30.37 -1.31
C SER A 102 39.58 -30.78 -1.23
N LEU A 103 38.83 -30.05 -0.40
CA LEU A 103 37.41 -30.29 -0.24
C LEU A 103 36.57 -29.69 -1.35
N GLN A 104 37.18 -28.96 -2.29
CA GLN A 104 36.45 -28.19 -3.30
C GLN A 104 35.75 -29.12 -4.29
N SER A 105 34.49 -28.79 -4.58
CA SER A 105 33.69 -29.56 -5.52
C SER A 105 33.56 -28.90 -6.88
N GLY A 106 33.88 -27.62 -7.00
CA GLY A 106 33.80 -26.94 -8.29
C GLY A 106 33.79 -25.42 -8.12
N TYR A 107 33.12 -24.76 -9.04
CA TYR A 107 32.99 -23.31 -9.06
C TYR A 107 31.52 -22.92 -9.06
N LEU A 108 31.23 -21.72 -8.56
CA LEU A 108 29.87 -21.19 -8.51
C LEU A 108 29.89 -19.74 -9.01
N PHE A 109 29.05 -19.46 -10.00
CA PHE A 109 28.92 -18.14 -10.59
C PHE A 109 27.52 -17.61 -10.36
N ILE A 110 27.41 -16.36 -9.93
CA ILE A 110 26.13 -15.73 -9.59
C ILE A 110 25.86 -14.62 -10.58
N GLN A 111 24.70 -14.69 -11.23
CA GLN A 111 24.27 -13.66 -12.16
C GLN A 111 23.13 -12.87 -11.53
N THR A 112 23.22 -11.55 -11.60
CA THR A 112 22.14 -10.64 -11.29
C THR A 112 21.60 -10.01 -12.57
N ASP A 113 20.39 -9.49 -12.50
CA ASP A 113 19.79 -8.86 -13.68
C ASP A 113 20.19 -7.40 -13.82
N LYS A 114 20.34 -6.71 -12.70
CA LYS A 114 20.78 -5.32 -12.69
C LYS A 114 21.86 -5.15 -11.63
N THR A 115 22.56 -4.02 -11.69
CA THR A 115 23.63 -3.73 -10.77
C THR A 115 23.23 -2.75 -9.68
N ILE A 116 22.04 -2.17 -9.78
CA ILE A 116 21.57 -1.21 -8.78
C ILE A 116 20.06 -1.28 -8.70
N TYR A 117 19.52 -1.19 -7.48
CA TYR A 117 18.11 -1.40 -7.24
C TYR A 117 17.58 -0.34 -6.29
N THR A 118 16.29 -0.05 -6.41
CA THR A 118 15.55 0.86 -5.55
C THR A 118 14.85 0.07 -4.45
N PRO A 119 14.48 0.72 -3.34
CA PRO A 119 13.62 0.04 -2.37
C PRO A 119 12.24 -0.21 -2.92
N GLY A 120 11.69 -1.38 -2.59
CA GLY A 120 10.38 -1.80 -3.04
C GLY A 120 10.39 -2.75 -4.22
N SER A 121 11.50 -2.85 -4.94
CA SER A 121 11.59 -3.73 -6.09
C SER A 121 11.95 -5.15 -5.66
N THR A 122 12.16 -6.01 -6.65
CA THR A 122 12.49 -7.41 -6.42
C THR A 122 13.74 -7.74 -7.20
N VAL A 123 14.65 -8.47 -6.56
CA VAL A 123 15.94 -8.83 -7.16
C VAL A 123 15.84 -10.26 -7.69
N LEU A 124 16.13 -10.43 -8.98
CA LEU A 124 16.17 -11.74 -9.60
C LEU A 124 17.62 -12.18 -9.74
N TYR A 125 17.92 -13.41 -9.35
CA TYR A 125 19.30 -13.87 -9.39
C TYR A 125 19.34 -15.37 -9.70
N ARG A 126 20.25 -15.73 -10.60
CA ARG A 126 20.48 -17.11 -11.00
C ARG A 126 21.83 -17.58 -10.47
N ILE A 127 21.94 -18.89 -10.25
CA ILE A 127 23.17 -19.50 -9.75
C ILE A 127 23.52 -20.66 -10.67
N PHE A 128 24.71 -20.61 -11.27
CA PHE A 128 25.17 -21.62 -12.20
C PHE A 128 26.15 -22.54 -11.46
N THR A 129 25.85 -23.83 -11.41
CA THR A 129 26.62 -24.82 -10.66
C THR A 129 27.36 -25.71 -11.64
N VAL A 130 28.69 -25.61 -11.66
CA VAL A 130 29.55 -26.44 -12.49
C VAL A 130 30.67 -27.00 -11.62
N ASN A 131 31.35 -28.02 -12.16
CA ASN A 131 32.47 -28.66 -11.47
C ASN A 131 33.80 -28.08 -11.93
N HIS A 132 34.88 -28.86 -11.83
CA HIS A 132 36.19 -28.37 -12.22
C HIS A 132 36.45 -28.42 -13.72
N LYS A 133 35.55 -29.01 -14.51
CA LYS A 133 35.68 -29.06 -15.95
C LYS A 133 34.75 -28.08 -16.66
N LEU A 134 34.11 -27.19 -15.90
CA LEU A 134 33.13 -26.21 -16.40
C LEU A 134 31.90 -26.84 -17.06
N LEU A 135 31.58 -28.08 -16.70
CA LEU A 135 30.39 -28.80 -17.11
C LEU A 135 29.38 -28.80 -15.97
N PRO A 136 28.08 -28.74 -16.27
CA PRO A 136 27.07 -28.64 -15.20
C PRO A 136 26.97 -29.92 -14.39
N VAL A 137 26.60 -29.74 -13.12
CA VAL A 137 26.55 -30.83 -12.16
C VAL A 137 25.48 -30.48 -11.13
N GLY A 138 25.03 -31.48 -10.39
CA GLY A 138 24.04 -31.29 -9.35
C GLY A 138 24.59 -31.49 -7.96
N ARG A 139 24.68 -30.42 -7.18
CA ARG A 139 25.14 -30.49 -5.79
C ARG A 139 24.13 -29.80 -4.90
N THR A 140 24.46 -29.70 -3.61
CA THR A 140 23.71 -28.92 -2.66
C THR A 140 24.47 -27.63 -2.39
N VAL A 141 23.82 -26.49 -2.56
CA VAL A 141 24.44 -25.18 -2.43
C VAL A 141 23.72 -24.39 -1.35
N MET A 142 24.49 -23.79 -0.44
CA MET A 142 23.96 -22.88 0.56
C MET A 142 24.08 -21.45 0.04
N VAL A 143 23.00 -20.68 0.14
CA VAL A 143 22.93 -19.32 -0.41
C VAL A 143 22.69 -18.34 0.73
N ASN A 144 23.47 -17.27 0.75
CA ASN A 144 23.34 -16.19 1.74
C ASN A 144 23.16 -14.85 1.03
N ILE A 145 22.49 -13.93 1.72
CA ILE A 145 22.30 -12.55 1.28
C ILE A 145 22.67 -11.64 2.44
N GLU A 146 23.71 -10.82 2.27
CA GLU A 146 24.26 -10.01 3.35
C GLU A 146 23.98 -8.52 3.16
N ASN A 147 23.81 -7.84 4.29
CA ASN A 147 23.60 -6.40 4.35
C ASN A 147 24.95 -5.67 4.20
N PRO A 148 24.96 -4.33 4.11
CA PRO A 148 26.27 -3.61 4.13
C PRO A 148 27.10 -3.83 5.39
N GLU A 149 26.48 -4.16 6.53
CA GLU A 149 27.24 -4.46 7.74
C GLU A 149 27.84 -5.85 7.75
N GLY A 150 27.46 -6.71 6.81
CA GLY A 150 28.00 -8.05 6.74
C GLY A 150 27.24 -9.10 7.49
N ILE A 151 25.95 -8.90 7.73
CA ILE A 151 25.11 -9.82 8.48
C ILE A 151 24.14 -10.48 7.51
N PRO A 152 24.07 -11.81 7.45
CA PRO A 152 23.16 -12.46 6.49
C PRO A 152 21.70 -12.29 6.89
N VAL A 153 20.86 -11.94 5.91
CA VAL A 153 19.45 -11.66 6.12
C VAL A 153 18.58 -12.88 5.80
N LYS A 154 18.85 -13.56 4.68
CA LYS A 154 18.07 -14.70 4.23
C LYS A 154 19.01 -15.83 3.83
N GLN A 155 18.76 -17.02 4.35
CA GLN A 155 19.54 -18.21 4.02
C GLN A 155 18.66 -19.27 3.38
N ASP A 156 19.21 -19.99 2.41
CA ASP A 156 18.52 -21.09 1.75
C ASP A 156 19.49 -22.24 1.54
N SER A 157 18.92 -23.41 1.21
CA SER A 157 19.69 -24.63 0.95
C SER A 157 19.03 -25.33 -0.24
N LEU A 158 19.49 -25.02 -1.44
CA LEU A 158 18.91 -25.58 -2.65
C LEU A 158 19.78 -26.68 -3.23
N SER A 159 19.20 -27.41 -4.19
CA SER A 159 19.89 -28.45 -4.94
C SER A 159 19.71 -28.19 -6.42
N SER A 160 20.79 -28.29 -7.18
CA SER A 160 20.75 -28.10 -8.62
C SER A 160 20.50 -29.41 -9.37
N GLN A 161 20.04 -30.44 -8.67
CA GLN A 161 19.71 -31.72 -9.31
C GLN A 161 18.44 -31.58 -10.12
N ASN A 162 18.44 -32.19 -11.31
CA ASN A 162 17.32 -32.20 -12.25
C ASN A 162 16.90 -30.81 -12.71
N GLN A 163 17.86 -29.88 -12.76
CA GLN A 163 17.59 -28.50 -13.15
C GLN A 163 18.54 -27.98 -14.21
N LEU A 164 19.45 -28.82 -14.72
CA LEU A 164 20.45 -28.45 -15.73
C LEU A 164 21.39 -27.34 -15.24
N GLY A 165 21.70 -27.36 -13.95
CA GLY A 165 22.71 -26.47 -13.39
C GLY A 165 22.34 -25.01 -13.31
N VAL A 166 21.06 -24.68 -13.38
CA VAL A 166 20.58 -23.30 -13.30
C VAL A 166 19.57 -23.22 -12.17
N LEU A 167 19.82 -22.35 -11.20
CA LEU A 167 18.94 -22.22 -10.04
C LEU A 167 18.31 -20.84 -10.00
N PRO A 168 17.07 -20.68 -10.47
CA PRO A 168 16.41 -19.37 -10.42
C PRO A 168 15.90 -19.08 -9.02
N LEU A 169 16.16 -17.86 -8.54
CA LEU A 169 15.78 -17.44 -7.21
C LEU A 169 15.30 -15.99 -7.25
N SER A 170 14.81 -15.52 -6.11
CA SER A 170 14.30 -14.15 -6.02
C SER A 170 14.37 -13.68 -4.58
N TRP A 171 14.30 -12.36 -4.41
CA TRP A 171 14.29 -11.73 -3.10
C TRP A 171 13.66 -10.35 -3.22
N ASP A 172 12.70 -10.06 -2.37
CA ASP A 172 12.03 -8.76 -2.37
C ASP A 172 12.80 -7.79 -1.47
N ILE A 173 12.79 -6.52 -1.88
CA ILE A 173 13.42 -5.46 -1.09
C ILE A 173 12.31 -4.74 -0.31
N PRO A 174 12.45 -4.58 1.01
CA PRO A 174 11.47 -3.79 1.76
C PRO A 174 11.57 -2.32 1.42
N GLU A 175 10.50 -1.60 1.74
CA GLU A 175 10.48 -0.16 1.48
C GLU A 175 11.45 0.59 2.40
N LEU A 176 11.48 0.21 3.67
CA LEU A 176 12.45 0.74 4.62
C LEU A 176 13.58 -0.27 4.69
N VAL A 177 14.75 0.12 4.17
CA VAL A 177 15.90 -0.77 4.12
C VAL A 177 17.16 0.08 4.14
N ASN A 178 18.27 -0.54 4.53
CA ASN A 178 19.56 0.13 4.56
C ASN A 178 20.13 0.24 3.16
N MET A 179 20.57 1.43 2.79
CA MET A 179 21.26 1.61 1.52
C MET A 179 22.71 1.13 1.65
N GLY A 180 23.40 1.09 0.52
CA GLY A 180 24.80 0.74 0.51
C GLY A 180 25.08 -0.40 -0.43
N GLN A 181 26.22 -1.06 -0.22
CA GLN A 181 26.67 -2.17 -1.04
C GLN A 181 26.26 -3.48 -0.36
N TRP A 182 25.26 -4.15 -0.92
CA TRP A 182 24.83 -5.45 -0.43
C TRP A 182 25.67 -6.55 -1.07
N LYS A 183 25.56 -7.76 -0.52
CA LYS A 183 26.41 -8.87 -0.95
C LYS A 183 25.59 -10.15 -0.98
N ILE A 184 25.90 -11.02 -1.95
CA ILE A 184 25.27 -12.32 -2.09
C ILE A 184 26.37 -13.37 -2.10
N ARG A 185 26.40 -14.22 -1.09
CA ARG A 185 27.46 -15.23 -0.93
C ARG A 185 26.86 -16.62 -1.06
N ALA A 186 27.61 -17.52 -1.70
CA ALA A 186 27.15 -18.89 -1.90
C ALA A 186 28.35 -19.83 -1.85
N TYR A 187 28.08 -21.07 -1.43
CA TYR A 187 29.13 -22.07 -1.30
C TYR A 187 28.52 -23.46 -1.40
N TYR A 188 29.35 -24.43 -1.77
CA TYR A 188 28.92 -25.82 -1.79
C TYR A 188 28.79 -26.34 -0.36
N GLU A 189 27.92 -27.34 -0.20
CA GLU A 189 27.71 -27.92 1.12
C GLU A 189 28.91 -28.74 1.58
N ASN A 190 29.65 -29.34 0.65
CA ASN A 190 30.80 -30.14 0.99
C ASN A 190 32.09 -29.34 1.10
N SER A 191 32.11 -28.11 0.60
CA SER A 191 33.27 -27.22 0.70
C SER A 191 32.80 -25.87 1.24
N PRO A 192 32.59 -25.76 2.56
CA PRO A 192 32.14 -24.47 3.11
C PRO A 192 33.24 -23.44 3.23
N GLN A 193 34.50 -23.81 3.08
CA GLN A 193 35.61 -22.88 3.22
C GLN A 193 35.85 -22.05 1.96
N GLN A 194 35.18 -22.38 0.86
CA GLN A 194 35.40 -21.71 -0.43
C GLN A 194 34.11 -20.99 -0.81
N VAL A 195 34.07 -19.68 -0.60
CA VAL A 195 32.87 -18.86 -0.74
C VAL A 195 33.00 -18.01 -1.99
N PHE A 196 31.90 -17.89 -2.75
CA PHE A 196 31.85 -17.10 -3.98
C PHE A 196 30.81 -16.00 -3.81
N SER A 197 31.15 -14.79 -4.25
CA SER A 197 30.35 -13.62 -3.91
C SER A 197 30.20 -12.69 -5.11
N THR A 198 29.12 -11.91 -5.09
CA THR A 198 28.88 -10.82 -6.04
C THR A 198 28.10 -9.75 -5.31
N GLU A 199 28.45 -8.49 -5.55
CA GLU A 199 27.81 -7.35 -4.89
C GLU A 199 26.75 -6.72 -5.78
N PHE A 200 25.96 -5.83 -5.16
CA PHE A 200 25.04 -4.93 -5.84
C PHE A 200 24.70 -3.78 -4.90
N GLU A 201 24.37 -2.63 -5.48
CA GLU A 201 24.13 -1.41 -4.72
C GLU A 201 22.63 -1.17 -4.58
N VAL A 202 22.25 -0.52 -3.49
CA VAL A 202 20.86 -0.12 -3.24
C VAL A 202 20.86 1.38 -3.02
N LYS A 203 20.13 2.10 -3.87
CA LYS A 203 20.14 3.56 -3.82
C LYS A 203 18.78 4.06 -4.29
N GLU A 204 18.38 5.23 -3.80
CA GLU A 204 17.19 5.91 -4.28
C GLU A 204 17.59 6.78 -5.47
N TYR A 205 17.04 6.47 -6.64
CA TYR A 205 17.45 7.16 -7.87
C TYR A 205 16.33 7.12 -8.89
N VAL A 206 16.56 7.84 -9.99
CA VAL A 206 15.77 7.74 -11.21
C VAL A 206 16.73 7.54 -12.38
N LEU A 207 16.18 7.09 -13.50
CA LEU A 207 17.10 6.82 -14.59
C LEU A 207 17.39 8.07 -15.39
N PRO A 208 18.63 8.26 -15.83
CA PRO A 208 18.97 9.40 -16.69
C PRO A 208 18.55 9.12 -18.14
N SER A 209 18.75 10.11 -19.00
CA SER A 209 18.44 9.98 -20.41
C SER A 209 19.67 10.02 -21.31
N PHE A 210 20.86 10.24 -20.76
CA PHE A 210 22.08 10.29 -21.55
C PHE A 210 23.26 9.86 -20.69
N GLU A 211 24.30 9.38 -21.36
CA GLU A 211 25.54 8.99 -20.73
C GLU A 211 26.62 10.02 -21.03
N VAL A 212 27.63 10.07 -20.17
CA VAL A 212 28.79 10.93 -20.37
C VAL A 212 30.04 10.06 -20.24
N ILE A 213 30.81 9.96 -21.31
CA ILE A 213 32.07 9.23 -21.30
C ILE A 213 33.19 10.25 -21.16
N VAL A 214 34.00 10.11 -20.11
CA VAL A 214 35.12 10.99 -19.87
C VAL A 214 36.39 10.20 -20.17
N GLU A 215 37.00 10.49 -21.31
CA GLU A 215 38.19 9.78 -21.77
C GLU A 215 39.26 10.81 -22.11
N PRO A 216 40.42 10.76 -21.47
CA PRO A 216 41.53 11.63 -21.89
C PRO A 216 42.15 11.14 -23.18
N THR A 217 42.95 12.02 -23.80
CA THR A 217 43.55 11.72 -25.09
C THR A 217 44.58 10.60 -25.00
N GLU A 218 45.30 10.52 -23.89
CA GLU A 218 46.19 9.40 -23.60
C GLU A 218 45.68 8.72 -22.34
N LYS A 219 46.06 7.45 -22.15
CA LYS A 219 45.70 6.68 -20.97
C LYS A 219 46.67 6.88 -19.80
N PHE A 220 47.37 8.02 -19.77
CA PHE A 220 48.35 8.35 -18.74
C PHE A 220 48.61 9.85 -18.82
N TYR A 221 49.63 10.31 -18.09
CA TYR A 221 50.08 11.69 -18.20
C TYR A 221 51.58 11.75 -17.99
N TYR A 222 52.28 12.33 -18.95
CA TYR A 222 53.72 12.50 -18.86
C TYR A 222 54.01 13.80 -18.12
N ILE A 223 55.08 13.81 -17.33
CA ILE A 223 55.35 14.94 -16.44
C ILE A 223 55.80 16.17 -17.21
N TYR A 224 56.75 15.97 -18.14
CA TYR A 224 57.38 17.07 -18.86
C TYR A 224 56.63 17.44 -20.13
N ASN A 225 55.39 16.97 -20.31
CA ASN A 225 54.56 17.39 -21.42
C ASN A 225 54.02 18.78 -21.12
N GLU A 226 54.56 19.79 -21.82
CA GLU A 226 54.14 21.17 -21.57
C GLU A 226 52.72 21.46 -22.02
N LYS A 227 52.14 20.60 -22.87
CA LYS A 227 50.79 20.80 -23.35
C LYS A 227 49.74 20.57 -22.26
N GLY A 228 50.08 19.82 -21.22
CA GLY A 228 49.12 19.50 -20.17
C GLY A 228 48.42 18.19 -20.44
N LEU A 229 47.28 18.01 -19.77
CA LEU A 229 46.45 16.83 -19.97
C LEU A 229 45.17 17.24 -20.70
N GLU A 230 44.97 16.70 -21.89
CA GLU A 230 43.79 16.97 -22.70
C GLU A 230 42.78 15.86 -22.50
N VAL A 231 41.54 16.23 -22.19
CA VAL A 231 40.48 15.28 -21.87
C VAL A 231 39.29 15.54 -22.80
N THR A 232 38.82 14.49 -23.47
CA THR A 232 37.67 14.59 -24.37
C THR A 232 36.41 14.20 -23.61
N ILE A 233 35.37 15.02 -23.73
CA ILE A 233 34.08 14.79 -23.09
C ILE A 233 33.08 14.38 -24.16
N THR A 234 32.58 13.15 -24.08
CA THR A 234 31.61 12.61 -25.03
C THR A 234 30.27 12.43 -24.32
N ALA A 235 29.21 12.98 -24.92
CA ALA A 235 27.88 12.92 -24.32
C ALA A 235 26.87 12.65 -25.43
N ARG A 236 26.26 11.47 -25.41
CA ARG A 236 25.21 11.09 -26.34
C ARG A 236 24.04 10.50 -25.58
N PHE A 237 22.87 10.50 -26.22
CA PHE A 237 21.68 9.89 -25.65
C PHE A 237 21.81 8.37 -25.63
N LEU A 238 20.82 7.73 -24.99
CA LEU A 238 20.78 6.27 -24.97
C LEU A 238 20.47 5.69 -26.36
N TYR A 239 19.69 6.41 -27.17
CA TYR A 239 19.28 5.93 -28.47
C TYR A 239 20.23 6.34 -29.59
N GLY A 240 21.35 6.98 -29.26
CA GLY A 240 22.42 7.26 -30.19
C GLY A 240 22.56 8.71 -30.61
N LYS A 241 21.54 9.53 -30.37
CA LYS A 241 21.59 10.92 -30.78
C LYS A 241 22.54 11.71 -29.88
N LYS A 242 22.93 12.88 -30.36
CA LYS A 242 23.94 13.70 -29.70
C LYS A 242 23.29 14.80 -28.85
N VAL A 243 24.09 15.33 -27.93
CA VAL A 243 23.59 16.11 -26.80
C VAL A 243 24.08 17.55 -26.93
N GLU A 244 23.17 18.51 -26.80
CA GLU A 244 23.48 19.93 -26.78
C GLU A 244 23.35 20.46 -25.35
N GLY A 245 24.32 21.26 -24.92
CA GLY A 245 24.26 21.82 -23.57
C GLY A 245 25.58 22.40 -23.10
N THR A 246 25.82 22.27 -21.79
CA THR A 246 26.96 22.89 -21.12
C THR A 246 27.52 21.91 -20.09
N ALA A 247 28.84 21.92 -19.92
CA ALA A 247 29.53 20.99 -19.02
C ALA A 247 30.33 21.75 -17.96
N PHE A 248 30.66 21.03 -16.89
CA PHE A 248 31.46 21.56 -15.79
C PHE A 248 32.49 20.49 -15.42
N VAL A 249 33.77 20.76 -15.68
CA VAL A 249 34.83 19.77 -15.58
C VAL A 249 35.90 20.26 -14.59
N ILE A 250 36.25 19.40 -13.62
CA ILE A 250 37.26 19.68 -12.61
C ILE A 250 38.17 18.47 -12.40
N PHE A 251 39.48 18.74 -12.32
CA PHE A 251 40.52 17.74 -12.14
C PHE A 251 40.87 17.60 -10.66
N GLY A 252 41.71 16.62 -10.34
CA GLY A 252 42.12 16.39 -8.96
C GLY A 252 43.16 15.30 -8.88
N ILE A 253 43.90 15.31 -7.76
CA ILE A 253 44.96 14.33 -7.53
C ILE A 253 44.52 13.38 -6.42
N GLN A 254 45.04 12.16 -6.48
CA GLN A 254 44.71 11.12 -5.50
C GLN A 254 45.99 10.41 -5.06
N ASP A 255 46.25 10.41 -3.77
CA ASP A 255 47.41 9.72 -3.19
C ASP A 255 46.86 8.65 -2.25
N GLY A 256 46.89 7.40 -2.69
CA GLY A 256 46.30 6.31 -1.94
C GLY A 256 44.79 6.38 -1.94
N GLU A 257 44.20 6.63 -0.77
CA GLU A 257 42.77 6.91 -0.66
C GLU A 257 42.45 8.32 -0.20
N GLN A 258 43.45 9.10 0.19
CA GLN A 258 43.25 10.48 0.59
C GLN A 258 43.28 11.35 -0.67
N ARG A 259 42.11 11.86 -1.07
CA ARG A 259 41.97 12.64 -2.29
C ARG A 259 42.18 14.12 -2.00
N ILE A 260 42.92 14.79 -2.88
CA ILE A 260 43.18 16.22 -2.78
C ILE A 260 42.66 16.86 -4.06
N SER A 261 41.63 17.70 -3.94
CA SER A 261 41.02 18.30 -5.11
C SER A 261 41.80 19.54 -5.56
N LEU A 262 41.52 19.97 -6.79
CA LEU A 262 42.21 21.09 -7.43
C LEU A 262 41.18 22.11 -7.90
N PRO A 263 40.80 23.08 -7.06
CA PRO A 263 39.77 24.04 -7.47
C PRO A 263 40.23 25.08 -8.49
N GLU A 264 41.53 25.14 -8.78
CA GLU A 264 42.04 26.11 -9.75
C GLU A 264 41.69 25.72 -11.18
N SER A 265 41.30 24.46 -11.42
CA SER A 265 41.12 23.92 -12.76
C SER A 265 39.65 23.88 -13.19
N LEU A 266 38.79 24.69 -12.58
CA LEU A 266 37.39 24.71 -12.97
C LEU A 266 37.20 25.45 -14.30
N LYS A 267 36.62 24.75 -15.28
CA LYS A 267 36.29 25.32 -16.56
C LYS A 267 34.81 25.08 -16.84
N ARG A 268 34.20 25.99 -17.62
CA ARG A 268 32.83 25.81 -18.10
C ARG A 268 32.88 25.90 -19.62
N ILE A 269 32.75 24.75 -20.28
CA ILE A 269 32.75 24.70 -21.74
C ILE A 269 31.34 24.38 -22.23
N PRO A 270 30.90 24.94 -23.34
CA PRO A 270 29.68 24.46 -23.98
C PRO A 270 29.94 23.17 -24.72
N ILE A 271 28.91 22.31 -24.77
CA ILE A 271 28.97 21.04 -25.47
C ILE A 271 28.20 21.21 -26.77
N GLU A 272 28.90 21.22 -27.90
CA GLU A 272 28.28 21.33 -29.21
C GLU A 272 28.42 20.01 -29.96
N ASP A 273 27.29 19.53 -30.51
CA ASP A 273 27.22 18.29 -31.30
C ASP A 273 27.75 17.07 -30.54
N GLY A 274 27.45 17.02 -29.23
CA GLY A 274 27.85 15.90 -28.40
C GLY A 274 29.33 15.77 -28.13
N SER A 275 30.08 16.86 -28.20
CA SER A 275 31.53 16.80 -28.07
C SER A 275 32.00 18.04 -27.34
N GLY A 276 33.16 17.93 -26.70
CA GLY A 276 33.75 19.04 -25.97
C GLY A 276 35.17 18.72 -25.61
N GLU A 277 35.96 19.76 -25.41
CA GLU A 277 37.38 19.64 -25.17
C GLU A 277 37.77 20.50 -23.97
N VAL A 278 38.60 19.95 -23.10
CA VAL A 278 39.07 20.66 -21.91
C VAL A 278 40.49 20.23 -21.60
N VAL A 279 41.34 21.19 -21.23
CA VAL A 279 42.77 20.99 -21.00
C VAL A 279 43.12 21.48 -19.61
N LEU A 280 43.81 20.64 -18.83
CA LEU A 280 44.42 21.06 -17.58
C LEU A 280 45.84 21.49 -17.87
N SER A 281 46.18 22.74 -17.55
CA SER A 281 47.52 23.26 -17.81
C SER A 281 48.49 22.85 -16.72
N ARG A 282 49.76 22.74 -17.10
CA ARG A 282 50.79 22.28 -16.16
C ARG A 282 51.08 23.30 -15.07
N LYS A 283 50.92 24.60 -15.36
CA LYS A 283 51.18 25.60 -14.33
C LYS A 283 50.10 25.58 -13.24
N VAL A 284 48.86 25.24 -13.61
CA VAL A 284 47.80 25.09 -12.63
C VAL A 284 48.02 23.84 -11.77
N LEU A 285 48.56 22.77 -12.37
CA LEU A 285 48.79 21.54 -11.63
C LEU A 285 49.97 21.67 -10.67
N LEU A 286 51.05 22.33 -11.09
CA LEU A 286 52.20 22.51 -10.22
C LEU A 286 51.95 23.51 -9.10
N ASP A 287 50.97 24.40 -9.27
CA ASP A 287 50.61 25.35 -8.22
C ASP A 287 49.66 24.77 -7.19
N GLY A 288 49.08 23.60 -7.46
CA GLY A 288 48.14 23.01 -6.51
C GLY A 288 48.80 22.19 -5.42
N VAL A 289 49.90 21.51 -5.73
CA VAL A 289 50.62 20.73 -4.73
C VAL A 289 51.57 21.61 -3.92
N GLN A 290 51.87 22.82 -4.41
CA GLN A 290 52.93 23.70 -3.90
C GLN A 290 54.28 22.99 -3.90
N ASN A 291 54.61 22.37 -5.03
CA ASN A 291 55.82 21.57 -5.16
C ASN A 291 56.74 22.23 -6.17
N PRO A 292 57.98 22.56 -5.78
CA PRO A 292 58.93 23.12 -6.76
C PRO A 292 59.60 22.04 -7.58
N ARG A 293 59.65 20.82 -7.05
CA ARG A 293 60.15 19.68 -7.79
C ARG A 293 58.99 18.94 -8.47
N ALA A 294 59.19 18.59 -9.73
CA ALA A 294 58.15 17.93 -10.51
C ALA A 294 58.27 16.40 -10.49
N GLU A 295 59.34 15.86 -9.90
CA GLU A 295 59.57 14.42 -9.90
C GLU A 295 58.87 13.70 -8.76
N ASP A 296 58.29 14.43 -7.80
CA ASP A 296 57.59 13.78 -6.69
C ASP A 296 56.16 13.39 -7.03
N LEU A 297 55.63 13.81 -8.18
CA LEU A 297 54.30 13.42 -8.61
C LEU A 297 54.26 12.06 -9.30
N VAL A 298 55.41 11.39 -9.42
CA VAL A 298 55.45 10.05 -10.00
C VAL A 298 54.87 9.08 -8.99
N GLY A 299 53.85 8.33 -9.42
CA GLY A 299 53.18 7.39 -8.54
C GLY A 299 51.75 7.79 -8.26
N LYS A 300 51.52 9.09 -8.08
CA LYS A 300 50.17 9.59 -7.88
C LYS A 300 49.36 9.51 -9.16
N SER A 301 48.04 9.48 -8.99
CA SER A 301 47.12 9.42 -10.11
C SER A 301 46.29 10.69 -10.18
N LEU A 302 45.54 10.82 -11.27
CA LEU A 302 44.69 11.96 -11.53
C LEU A 302 43.27 11.48 -11.79
N TYR A 303 42.30 12.28 -11.36
CA TYR A 303 40.89 11.95 -11.59
C TYR A 303 40.15 13.16 -12.11
N VAL A 304 39.27 12.93 -13.08
CA VAL A 304 38.50 13.97 -13.73
C VAL A 304 37.02 13.68 -13.50
N SER A 305 36.27 14.74 -13.18
CA SER A 305 34.83 14.64 -13.00
C SER A 305 34.14 15.68 -13.89
N ALA A 306 33.08 15.25 -14.58
CA ALA A 306 32.35 16.11 -15.49
C ALA A 306 30.86 16.09 -15.17
N THR A 307 30.20 17.22 -15.37
CA THR A 307 28.78 17.38 -15.08
C THR A 307 28.15 18.15 -16.23
N VAL A 308 27.40 17.46 -17.08
CA VAL A 308 26.81 18.04 -18.29
C VAL A 308 25.34 18.33 -18.01
N ILE A 309 24.90 19.55 -18.31
CA ILE A 309 23.53 19.99 -18.08
C ILE A 309 22.92 20.36 -19.42
N LEU A 310 21.69 19.89 -19.67
CA LEU A 310 20.98 20.14 -20.90
C LEU A 310 20.56 21.60 -21.01
N HIS A 311 20.13 22.00 -22.20
CA HIS A 311 19.65 23.36 -22.41
C HIS A 311 18.26 23.58 -21.83
N SER A 312 17.47 22.51 -21.71
CA SER A 312 16.16 22.62 -21.09
C SER A 312 16.23 22.62 -19.57
N GLY A 313 17.36 22.23 -19.00
CA GLY A 313 17.50 22.17 -17.55
C GLY A 313 16.73 21.05 -16.90
N SER A 314 16.35 20.03 -17.66
CA SER A 314 15.50 18.97 -17.13
C SER A 314 16.29 17.79 -16.56
N ASP A 315 17.57 17.63 -16.94
CA ASP A 315 18.35 16.49 -16.46
C ASP A 315 19.83 16.84 -16.51
N MET A 316 20.60 16.21 -15.63
CA MET A 316 22.05 16.34 -15.63
C MET A 316 22.66 15.04 -15.15
N VAL A 317 23.90 14.79 -15.58
CA VAL A 317 24.59 13.52 -15.34
C VAL A 317 26.02 13.83 -14.87
N GLN A 318 26.40 13.25 -13.74
CA GLN A 318 27.77 13.31 -13.26
C GLN A 318 28.51 12.05 -13.68
N ALA A 319 29.72 12.23 -14.21
CA ALA A 319 30.58 11.11 -14.61
C ALA A 319 31.99 11.38 -14.12
N GLU A 320 32.75 10.30 -13.93
CA GLU A 320 34.07 10.38 -13.35
C GLU A 320 34.98 9.32 -13.96
N ARG A 321 36.19 9.73 -14.31
CA ARG A 321 37.24 8.81 -14.76
C ARG A 321 38.43 8.99 -13.82
N SER A 322 38.75 7.96 -13.06
CA SER A 322 39.81 8.02 -12.08
C SER A 322 40.90 7.02 -12.43
N GLY A 323 42.03 7.12 -11.71
CA GLY A 323 43.15 6.24 -11.91
C GLY A 323 43.92 6.50 -13.19
N ILE A 324 44.25 7.77 -13.43
CA ILE A 324 45.08 8.16 -14.56
C ILE A 324 46.50 8.38 -14.04
N PRO A 325 47.38 7.38 -14.12
CA PRO A 325 48.66 7.48 -13.42
C PRO A 325 49.66 8.39 -14.12
N ILE A 326 50.46 9.06 -13.29
CA ILE A 326 51.51 9.96 -13.76
C ILE A 326 52.81 9.17 -13.76
N VAL A 327 53.38 8.95 -14.94
CA VAL A 327 54.53 8.07 -15.11
C VAL A 327 55.59 8.77 -15.95
N THR A 328 56.85 8.34 -15.74
CA THR A 328 57.95 8.79 -16.58
C THR A 328 58.01 8.05 -17.91
N SER A 329 57.47 6.83 -17.97
CA SER A 329 57.51 5.99 -19.15
C SER A 329 56.12 5.45 -19.43
N PRO A 330 55.69 5.44 -20.70
CA PRO A 330 54.38 4.91 -21.05
C PRO A 330 54.29 3.39 -21.09
N TYR A 331 55.32 2.67 -20.67
CA TYR A 331 55.31 1.21 -20.68
C TYR A 331 55.87 0.68 -19.38
N GLN A 332 55.47 -0.55 -19.04
CA GLN A 332 55.96 -1.25 -17.87
C GLN A 332 56.37 -2.65 -18.27
N ILE A 333 57.37 -3.19 -17.58
CA ILE A 333 57.95 -4.49 -17.90
C ILE A 333 57.75 -5.43 -16.71
N HIS A 334 57.16 -6.59 -16.97
CA HIS A 334 56.91 -7.58 -15.93
C HIS A 334 57.44 -8.93 -16.38
N PHE A 335 58.22 -9.58 -15.50
CA PHE A 335 58.67 -10.95 -15.71
C PHE A 335 57.73 -11.97 -15.06
N THR A 336 56.45 -11.64 -14.92
CA THR A 336 55.50 -12.52 -14.23
C THR A 336 55.13 -13.75 -15.04
N LYS A 337 55.39 -13.75 -16.35
CA LYS A 337 55.14 -14.90 -17.19
C LYS A 337 56.43 -15.63 -17.58
N THR A 338 57.58 -15.11 -17.19
CA THR A 338 58.92 -15.58 -17.49
C THR A 338 59.39 -16.52 -16.38
N PRO A 339 60.03 -17.64 -16.74
CA PRO A 339 60.56 -18.55 -15.71
C PRO A 339 61.72 -17.92 -14.94
N LYS A 340 61.85 -18.32 -13.68
CA LYS A 340 62.90 -17.84 -12.80
C LYS A 340 64.04 -18.84 -12.66
N TYR A 341 64.12 -19.84 -13.53
CA TYR A 341 65.15 -20.87 -13.45
C TYR A 341 65.66 -21.18 -14.85
N PHE A 342 66.97 -21.18 -15.03
CA PHE A 342 67.61 -21.38 -16.33
C PHE A 342 68.55 -22.57 -16.28
N LYS A 343 69.07 -22.93 -17.45
CA LYS A 343 70.01 -24.03 -17.62
C LYS A 343 71.30 -23.51 -18.22
N PRO A 344 72.47 -23.82 -17.62
CA PRO A 344 73.72 -23.31 -18.17
C PRO A 344 74.11 -24.00 -19.48
N GLY A 345 74.65 -23.21 -20.40
CA GLY A 345 75.08 -23.69 -21.69
C GLY A 345 73.99 -23.77 -22.74
N MET A 346 72.74 -23.55 -22.37
CA MET A 346 71.59 -23.65 -23.27
C MET A 346 70.94 -22.30 -23.45
N PRO A 347 70.21 -22.08 -24.55
CA PRO A 347 69.48 -20.83 -24.73
C PRO A 347 68.32 -20.71 -23.75
N PHE A 348 68.09 -19.49 -23.27
CA PHE A 348 67.04 -19.19 -22.31
C PHE A 348 66.02 -18.29 -22.99
N ASP A 349 64.75 -18.70 -22.96
CA ASP A 349 63.67 -17.99 -23.64
C ASP A 349 62.95 -17.09 -22.63
N LEU A 350 62.97 -15.78 -22.89
CA LEU A 350 62.31 -14.81 -22.03
C LEU A 350 60.92 -14.51 -22.59
N MET A 351 59.94 -14.47 -21.69
CA MET A 351 58.56 -14.14 -22.05
C MET A 351 58.29 -12.74 -21.48
N VAL A 352 58.54 -11.72 -22.29
CA VAL A 352 58.43 -10.34 -21.83
C VAL A 352 56.99 -9.87 -21.95
N PHE A 353 56.48 -9.28 -20.88
CA PHE A 353 55.11 -8.79 -20.79
C PHE A 353 55.14 -7.28 -20.64
N VAL A 354 54.65 -6.56 -21.64
CA VAL A 354 54.68 -5.10 -21.67
C VAL A 354 53.26 -4.57 -21.57
N THR A 355 53.03 -3.64 -20.63
CA THR A 355 51.71 -3.10 -20.37
C THR A 355 51.69 -1.59 -20.53
N ASN A 356 50.51 -1.08 -20.87
CA ASN A 356 50.21 0.34 -20.74
C ASN A 356 50.02 0.66 -19.26
N PRO A 357 50.08 1.94 -18.86
CA PRO A 357 49.93 2.28 -17.44
C PRO A 357 48.55 1.99 -16.84
N ASP A 358 47.52 1.73 -17.64
CA ASP A 358 46.22 1.33 -17.12
C ASP A 358 46.00 -0.18 -17.12
N GLY A 359 47.00 -0.96 -17.54
CA GLY A 359 46.92 -2.41 -17.51
C GLY A 359 46.72 -3.09 -18.84
N SER A 360 46.34 -2.35 -19.88
CA SER A 360 46.10 -2.94 -21.19
C SER A 360 47.42 -3.28 -21.88
N PRO A 361 47.45 -4.30 -22.73
CA PRO A 361 48.69 -4.62 -23.45
C PRO A 361 48.99 -3.60 -24.53
N ALA A 362 50.27 -3.54 -24.89
CA ALA A 362 50.79 -2.59 -25.87
C ALA A 362 51.07 -3.31 -27.19
N TYR A 363 50.76 -2.64 -28.31
CA TYR A 363 50.92 -3.20 -29.64
C TYR A 363 52.13 -2.57 -30.32
N ARG A 364 53.02 -3.41 -30.83
CA ARG A 364 54.16 -3.04 -31.67
C ARG A 364 55.14 -2.13 -30.90
N VAL A 365 55.87 -2.78 -29.98
CA VAL A 365 56.86 -2.10 -29.15
C VAL A 365 58.14 -2.93 -29.18
N PRO A 366 59.28 -2.37 -29.60
CA PRO A 366 60.52 -3.14 -29.61
C PRO A 366 61.03 -3.41 -28.20
N VAL A 367 61.51 -4.64 -27.99
CA VAL A 367 62.00 -5.11 -26.70
C VAL A 367 63.37 -5.75 -26.92
N ALA A 368 64.42 -5.14 -26.35
CA ALA A 368 65.78 -5.67 -26.48
C ALA A 368 66.45 -5.68 -25.11
N VAL A 369 67.26 -6.72 -24.87
CA VAL A 369 67.90 -6.91 -23.57
C VAL A 369 69.07 -5.94 -23.44
N GLN A 370 69.11 -5.18 -22.34
CA GLN A 370 70.22 -4.28 -22.07
C GLN A 370 71.51 -5.05 -21.85
N GLY A 371 72.58 -4.60 -22.48
CA GLY A 371 73.86 -5.26 -22.40
C GLY A 371 74.09 -6.31 -23.46
N GLU A 372 73.12 -6.51 -24.36
CA GLU A 372 73.24 -7.49 -25.42
C GLU A 372 72.85 -6.87 -26.76
N ASP A 373 71.59 -6.42 -26.86
CA ASP A 373 71.01 -5.78 -28.03
C ASP A 373 71.02 -6.66 -29.28
N THR A 374 71.11 -7.98 -29.11
CA THR A 374 71.12 -8.87 -30.26
C THR A 374 69.72 -9.07 -30.83
N VAL A 375 68.77 -9.42 -29.97
CA VAL A 375 67.40 -9.67 -30.38
C VAL A 375 66.54 -8.48 -29.95
N GLN A 376 65.80 -7.92 -30.90
CA GLN A 376 64.88 -6.81 -30.65
C GLN A 376 63.47 -7.28 -31.02
N SER A 377 62.84 -7.98 -30.09
CA SER A 377 61.53 -8.56 -30.34
C SER A 377 60.44 -7.51 -30.26
N LEU A 378 59.41 -7.69 -31.09
CA LEU A 378 58.27 -6.78 -31.16
C LEU A 378 57.08 -7.40 -30.43
N THR A 379 56.28 -6.55 -29.80
CA THR A 379 55.13 -7.02 -29.03
C THR A 379 53.98 -7.40 -29.95
N GLN A 380 53.27 -8.47 -29.58
CA GLN A 380 52.12 -8.95 -30.33
C GLN A 380 50.86 -8.24 -29.85
N GLY A 381 49.69 -8.77 -30.20
CA GLY A 381 48.45 -8.19 -29.73
C GLY A 381 48.16 -8.52 -28.28
N ASP A 382 48.69 -9.65 -27.79
CA ASP A 382 48.57 -10.03 -26.40
C ASP A 382 49.67 -9.42 -25.52
N GLY A 383 50.50 -8.55 -26.08
CA GLY A 383 51.54 -7.90 -25.31
C GLY A 383 52.75 -8.73 -25.00
N VAL A 384 52.94 -9.85 -25.69
CA VAL A 384 54.04 -10.78 -25.44
C VAL A 384 55.06 -10.64 -26.56
N ALA A 385 56.34 -10.58 -26.18
CA ALA A 385 57.45 -10.60 -27.11
C ALA A 385 58.38 -11.76 -26.77
N LYS A 386 58.98 -12.36 -27.79
CA LYS A 386 59.75 -13.58 -27.65
C LYS A 386 61.24 -13.28 -27.81
N LEU A 387 62.00 -13.47 -26.74
CA LEU A 387 63.44 -13.21 -26.75
C LEU A 387 64.18 -14.51 -26.46
N SER A 388 65.48 -14.51 -26.79
CA SER A 388 66.34 -15.65 -26.52
C SER A 388 67.79 -15.15 -26.49
N ILE A 389 68.55 -15.65 -25.51
CA ILE A 389 69.95 -15.28 -25.34
C ILE A 389 70.79 -16.53 -25.11
N ASN A 390 72.02 -16.49 -25.60
CA ASN A 390 72.96 -17.60 -25.44
C ASN A 390 73.64 -17.49 -24.08
N THR A 391 73.72 -18.63 -23.38
CA THR A 391 74.28 -18.68 -22.04
C THR A 391 75.56 -19.50 -22.02
N HIS A 392 76.46 -19.17 -21.07
CA HIS A 392 77.72 -19.84 -20.78
C HIS A 392 77.49 -20.98 -19.79
N PRO A 393 78.25 -22.09 -19.90
CA PRO A 393 78.05 -23.22 -18.97
C PRO A 393 78.64 -22.97 -17.58
N SER A 394 78.03 -22.03 -16.86
CA SER A 394 78.47 -21.63 -15.53
C SER A 394 77.28 -21.61 -14.59
N GLN A 395 77.55 -21.86 -13.31
CA GLN A 395 76.51 -21.89 -12.29
C GLN A 395 76.32 -20.56 -11.59
N LYS A 396 76.74 -19.46 -12.21
CA LYS A 396 76.49 -18.12 -11.69
C LYS A 396 75.04 -17.75 -11.90
N PRO A 397 74.41 -17.06 -10.94
CA PRO A 397 73.07 -16.51 -11.18
C PRO A 397 73.10 -15.47 -12.30
N LEU A 398 72.09 -15.53 -13.17
CA LEU A 398 72.05 -14.72 -14.38
C LEU A 398 71.20 -13.49 -14.13
N SER A 399 71.83 -12.32 -14.12
CA SER A 399 71.13 -11.05 -13.98
C SER A 399 70.81 -10.53 -15.38
N ILE A 400 69.53 -10.52 -15.73
CA ILE A 400 69.06 -10.04 -17.02
C ILE A 400 68.29 -8.75 -16.80
N THR A 401 68.77 -7.68 -17.44
CA THR A 401 68.07 -6.41 -17.46
C THR A 401 67.57 -6.16 -18.87
N VAL A 402 66.27 -5.90 -19.00
CA VAL A 402 65.62 -5.77 -20.30
C VAL A 402 65.03 -4.37 -20.40
N ARG A 403 65.34 -3.67 -21.48
CA ARG A 403 64.78 -2.36 -21.77
C ARG A 403 63.91 -2.43 -23.02
N THR A 404 63.45 -1.26 -23.46
CA THR A 404 62.66 -1.11 -24.68
C THR A 404 63.40 -0.17 -25.63
N LYS A 405 63.37 -0.49 -26.93
CA LYS A 405 63.99 0.34 -27.94
C LYS A 405 62.94 0.95 -28.86
N LYS A 406 61.89 1.51 -28.27
CA LYS A 406 60.86 2.17 -29.05
C LYS A 406 61.42 3.46 -29.64
N GLN A 407 61.15 3.68 -30.93
CA GLN A 407 61.54 4.92 -31.57
C GLN A 407 60.51 6.01 -31.21
N GLU A 408 60.68 7.19 -31.83
CA GLU A 408 59.95 8.44 -31.50
C GLU A 408 59.89 8.76 -30.01
N LEU A 409 60.96 8.42 -29.28
CA LEU A 409 61.02 8.58 -27.84
C LEU A 409 62.48 8.49 -27.40
N SER A 410 62.82 9.26 -26.37
CA SER A 410 64.18 9.32 -25.86
C SER A 410 64.44 8.19 -24.87
N GLU A 411 65.72 8.03 -24.51
CA GLU A 411 66.11 6.94 -23.62
C GLU A 411 65.75 7.18 -22.16
N ALA A 412 65.49 8.44 -21.78
CA ALA A 412 65.04 8.71 -20.42
C ALA A 412 63.58 8.29 -20.20
N GLU A 413 62.79 8.18 -21.26
CA GLU A 413 61.40 7.78 -21.16
C GLU A 413 61.19 6.30 -21.46
N GLN A 414 62.25 5.50 -21.40
CA GLN A 414 62.14 4.07 -21.66
C GLN A 414 62.04 3.31 -20.35
N ALA A 415 61.40 2.14 -20.40
CA ALA A 415 61.19 1.33 -19.22
C ALA A 415 62.27 0.27 -19.08
N THR A 416 62.46 -0.19 -17.85
CA THR A 416 63.45 -1.22 -17.56
C THR A 416 62.98 -2.06 -16.37
N ARG A 417 63.47 -3.30 -16.33
CA ARG A 417 63.20 -4.20 -15.22
C ARG A 417 64.27 -5.28 -15.22
N THR A 418 64.79 -5.60 -14.05
CA THR A 418 65.84 -6.60 -13.88
C THR A 418 65.30 -7.75 -13.04
N MET A 419 65.47 -8.97 -13.52
CA MET A 419 65.13 -10.17 -12.77
C MET A 419 66.37 -11.03 -12.59
N GLN A 420 66.25 -12.03 -11.72
CA GLN A 420 67.33 -12.96 -11.43
C GLN A 420 66.83 -14.38 -11.66
N ALA A 421 67.60 -15.14 -12.43
CA ALA A 421 67.30 -16.54 -12.70
C ALA A 421 68.36 -17.41 -12.04
N LEU A 422 67.93 -18.48 -11.37
CA LEU A 422 68.82 -19.40 -10.67
C LEU A 422 69.11 -20.61 -11.55
N PRO A 423 70.32 -21.18 -11.45
CA PRO A 423 70.66 -22.32 -12.32
C PRO A 423 69.93 -23.59 -11.91
N TYR A 424 69.65 -24.43 -12.91
CA TYR A 424 69.01 -25.71 -12.68
C TYR A 424 70.05 -26.69 -12.11
N SER A 425 69.75 -27.25 -10.94
CA SER A 425 70.64 -28.20 -10.31
C SER A 425 70.46 -29.57 -10.97
N THR A 426 71.54 -30.12 -11.49
CA THR A 426 71.50 -31.41 -12.16
C THR A 426 71.69 -32.55 -11.16
N VAL A 427 71.44 -33.77 -11.64
CA VAL A 427 71.60 -34.96 -10.83
C VAL A 427 73.04 -35.45 -11.00
N GLY A 428 73.86 -35.25 -9.98
CA GLY A 428 75.21 -35.77 -9.99
C GLY A 428 76.21 -35.04 -10.86
N ASN A 429 75.89 -33.80 -11.27
CA ASN A 429 76.76 -32.97 -12.10
C ASN A 429 77.13 -33.61 -13.44
N SER A 430 76.22 -34.40 -14.00
CA SER A 430 76.43 -35.05 -15.29
C SER A 430 76.24 -34.10 -16.47
N ASN A 431 75.68 -32.91 -16.23
CA ASN A 431 75.41 -31.91 -17.25
C ASN A 431 74.48 -32.42 -18.36
N ASN A 432 73.45 -33.15 -17.96
CA ASN A 432 72.41 -33.65 -18.86
C ASN A 432 71.17 -32.78 -18.65
N TYR A 433 70.83 -31.97 -19.64
CA TYR A 433 69.73 -31.03 -19.57
C TYR A 433 68.67 -31.40 -20.62
N LEU A 434 67.58 -30.64 -20.61
CA LEU A 434 66.52 -30.81 -21.61
C LEU A 434 65.76 -29.49 -21.68
N HIS A 435 65.68 -28.92 -22.88
CA HIS A 435 65.05 -27.62 -23.08
C HIS A 435 63.77 -27.79 -23.89
N LEU A 436 62.77 -26.97 -23.57
CA LEU A 436 61.47 -27.00 -24.25
C LEU A 436 61.16 -25.59 -24.73
N SER A 437 61.25 -25.37 -26.04
CA SER A 437 60.93 -24.09 -26.64
C SER A 437 59.76 -24.28 -27.61
N VAL A 438 58.84 -23.33 -27.59
CA VAL A 438 57.59 -23.40 -28.34
C VAL A 438 57.37 -22.07 -29.05
N LEU A 439 56.97 -22.13 -30.33
CA LEU A 439 56.58 -20.97 -31.12
C LEU A 439 55.49 -20.16 -30.43
N ARG A 440 55.86 -19.00 -29.88
CA ARG A 440 54.90 -18.19 -29.13
C ARG A 440 54.11 -17.33 -30.10
N THR A 441 52.89 -17.76 -30.41
CA THR A 441 51.91 -16.98 -31.13
C THR A 441 50.56 -17.16 -30.44
N GLU A 442 49.56 -16.41 -30.91
CA GLU A 442 48.20 -16.56 -30.38
C GLU A 442 47.62 -17.88 -30.85
N LEU A 443 47.46 -18.83 -29.93
CA LEU A 443 46.95 -20.15 -30.27
C LEU A 443 45.43 -20.16 -30.23
N ARG A 444 44.81 -20.61 -31.31
CA ARG A 444 43.38 -20.73 -31.46
C ARG A 444 42.99 -22.20 -31.58
N PRO A 445 41.75 -22.56 -31.23
CA PRO A 445 41.33 -23.96 -31.38
C PRO A 445 41.26 -24.38 -32.84
N GLY A 446 41.86 -25.52 -33.14
CA GLY A 446 41.95 -26.04 -34.50
C GLY A 446 43.35 -26.00 -35.09
N GLU A 447 44.22 -25.14 -34.55
CA GLU A 447 45.59 -25.02 -35.03
C GLU A 447 46.43 -26.18 -34.49
N THR A 448 47.63 -26.32 -35.04
CA THR A 448 48.60 -27.31 -34.59
C THR A 448 49.83 -26.60 -34.05
N LEU A 449 50.41 -27.15 -32.99
CA LEU A 449 51.54 -26.54 -32.31
C LEU A 449 52.77 -27.43 -32.41
N ASN A 450 53.90 -26.85 -32.80
CA ASN A 450 55.16 -27.57 -32.91
C ASN A 450 55.92 -27.41 -31.59
N VAL A 451 56.10 -28.51 -30.87
CA VAL A 451 56.83 -28.52 -29.61
C VAL A 451 58.18 -29.18 -29.84
N ASN A 452 59.25 -28.52 -29.42
CA ASN A 452 60.60 -28.95 -29.72
C ASN A 452 61.27 -29.54 -28.48
N PHE A 453 62.04 -30.61 -28.68
CA PHE A 453 62.78 -31.29 -27.61
C PHE A 453 64.26 -31.18 -27.94
N LEU A 454 65.00 -30.46 -27.09
CA LEU A 454 66.44 -30.29 -27.29
C LEU A 454 67.18 -31.03 -26.18
N LEU A 455 68.11 -31.90 -26.57
CA LEU A 455 68.86 -32.74 -25.64
C LEU A 455 70.33 -32.36 -25.69
N ARG A 456 70.90 -32.06 -24.52
CA ARG A 456 72.32 -31.73 -24.39
C ARG A 456 72.93 -32.65 -23.36
N MET A 457 73.78 -33.57 -23.82
CA MET A 457 74.46 -34.52 -22.93
C MET A 457 75.71 -35.03 -23.65
N ASP A 458 76.48 -35.85 -22.94
CA ASP A 458 77.63 -36.50 -23.54
C ASP A 458 77.18 -37.67 -24.40
N ARG A 459 78.07 -38.10 -25.30
CA ARG A 459 77.73 -39.12 -26.29
C ARG A 459 77.84 -40.54 -25.76
N ALA A 460 78.31 -40.73 -24.52
CA ALA A 460 78.52 -42.07 -24.01
C ALA A 460 77.23 -42.76 -23.58
N HIS A 461 76.14 -42.02 -23.41
CA HIS A 461 74.88 -42.58 -22.93
C HIS A 461 73.66 -42.11 -23.72
N GLU A 462 73.86 -41.42 -24.85
CA GLU A 462 72.73 -40.98 -25.66
C GLU A 462 72.09 -42.13 -26.43
N ALA A 463 72.82 -43.22 -26.65
CA ALA A 463 72.25 -44.38 -27.35
C ALA A 463 71.22 -45.11 -26.50
N LYS A 464 71.28 -44.96 -25.18
CA LYS A 464 70.28 -45.57 -24.31
C LYS A 464 68.94 -44.83 -24.38
N ILE A 465 68.95 -43.56 -24.79
CA ILE A 465 67.72 -42.78 -24.89
C ILE A 465 66.97 -43.18 -26.16
N ARG A 466 65.77 -43.72 -25.98
CA ARG A 466 64.94 -44.13 -27.10
C ARG A 466 63.57 -43.45 -27.14
N TYR A 467 63.10 -42.88 -26.04
CA TYR A 467 61.77 -42.30 -26.00
C TYR A 467 61.70 -41.21 -24.93
N TYR A 468 60.83 -40.23 -25.18
CA TYR A 468 60.45 -39.22 -24.20
C TYR A 468 59.01 -39.48 -23.74
N THR A 469 58.61 -38.79 -22.68
CA THR A 469 57.27 -38.96 -22.11
C THR A 469 56.70 -37.58 -21.77
N TYR A 470 55.62 -37.20 -22.44
CA TYR A 470 55.00 -35.89 -22.25
C TYR A 470 53.66 -36.01 -21.55
N LEU A 471 53.29 -34.95 -20.83
CA LEU A 471 52.05 -34.90 -20.07
C LEU A 471 51.44 -33.52 -20.19
N ILE A 472 50.11 -33.45 -20.32
CA ILE A 472 49.38 -32.22 -20.50
C ILE A 472 48.59 -31.92 -19.23
N MET A 473 48.79 -30.74 -18.66
CA MET A 473 48.05 -30.26 -17.50
C MET A 473 47.14 -29.12 -17.90
N ASN A 474 45.85 -29.25 -17.59
CA ASN A 474 44.87 -28.23 -17.95
C ASN A 474 43.79 -28.20 -16.89
N LYS A 475 43.61 -27.03 -16.27
CA LYS A 475 42.57 -26.78 -15.26
C LYS A 475 42.70 -27.68 -14.03
N GLY A 476 43.92 -28.04 -13.66
CA GLY A 476 44.15 -28.88 -12.51
C GLY A 476 43.92 -30.36 -12.72
N ARG A 477 43.78 -30.79 -13.97
CA ARG A 477 43.56 -32.19 -14.28
C ARG A 477 44.51 -32.61 -15.40
N LEU A 478 44.69 -33.91 -15.54
CA LEU A 478 45.50 -34.46 -16.62
C LEU A 478 44.61 -34.71 -17.85
N LEU A 479 45.10 -34.28 -19.01
CA LEU A 479 44.32 -34.32 -20.25
C LEU A 479 44.82 -35.37 -21.23
N LYS A 480 46.12 -35.42 -21.49
CA LYS A 480 46.66 -36.35 -22.48
C LYS A 480 48.11 -36.65 -22.14
N ALA A 481 48.51 -37.91 -22.31
CA ALA A 481 49.88 -38.34 -22.10
C ALA A 481 50.25 -39.35 -23.17
N GLY A 482 51.49 -39.27 -23.65
CA GLY A 482 51.95 -40.17 -24.68
C GLY A 482 53.46 -40.36 -24.69
N ARG A 483 54.01 -40.76 -25.83
CA ARG A 483 55.44 -41.00 -25.96
C ARG A 483 55.95 -40.29 -27.21
N GLN A 484 57.24 -39.99 -27.22
CA GLN A 484 57.92 -39.38 -28.36
C GLN A 484 59.26 -40.07 -28.54
N VAL A 485 59.43 -40.79 -29.65
CA VAL A 485 60.60 -41.64 -29.84
C VAL A 485 61.80 -40.79 -30.25
N ARG A 486 62.99 -41.35 -30.06
CA ARG A 486 64.24 -40.72 -30.45
C ARG A 486 65.24 -41.80 -30.85
N GLU A 487 65.92 -41.60 -31.98
CA GLU A 487 67.01 -42.46 -32.44
C GLU A 487 68.35 -41.86 -32.02
N PRO A 488 69.38 -42.69 -31.83
CA PRO A 488 70.70 -42.16 -31.44
C PRO A 488 71.31 -41.32 -32.55
N GLY A 489 71.71 -40.10 -32.19
CA GLY A 489 72.24 -39.14 -33.13
C GLY A 489 71.33 -37.94 -33.35
N GLN A 490 70.07 -38.04 -32.96
CA GLN A 490 69.10 -36.97 -33.16
C GLN A 490 69.10 -36.07 -31.93
N ASP A 491 69.68 -34.87 -32.07
CA ASP A 491 69.70 -33.91 -30.97
C ASP A 491 68.38 -33.16 -30.82
N LEU A 492 67.49 -33.22 -31.82
CA LEU A 492 66.24 -32.48 -31.77
C LEU A 492 65.14 -33.30 -32.42
N VAL A 493 64.00 -33.37 -31.74
CA VAL A 493 62.78 -34.00 -32.26
C VAL A 493 61.61 -33.07 -31.99
N VAL A 494 60.62 -33.12 -32.88
CA VAL A 494 59.48 -32.20 -32.86
C VAL A 494 58.21 -33.02 -32.66
N LEU A 495 57.35 -32.58 -31.73
CA LEU A 495 56.05 -33.18 -31.51
C LEU A 495 54.97 -32.27 -32.08
N PRO A 496 54.22 -32.68 -33.10
CA PRO A 496 53.05 -31.91 -33.52
C PRO A 496 51.89 -32.15 -32.57
N LEU A 497 51.33 -31.06 -32.02
CA LEU A 497 50.27 -31.14 -31.03
C LEU A 497 49.04 -30.43 -31.57
N SER A 498 47.93 -31.15 -31.64
CA SER A 498 46.66 -30.56 -32.07
C SER A 498 46.05 -29.79 -30.91
N ILE A 499 45.52 -28.60 -31.22
CA ILE A 499 44.92 -27.73 -30.22
C ILE A 499 43.41 -27.82 -30.35
N THR A 500 42.75 -28.37 -29.33
CA THR A 500 41.31 -28.50 -29.28
C THR A 500 40.72 -27.34 -28.48
N THR A 501 39.43 -27.44 -28.17
CA THR A 501 38.77 -26.45 -27.33
C THR A 501 38.96 -26.71 -25.85
N ASP A 502 39.62 -27.81 -25.48
CA ASP A 502 39.80 -28.18 -24.09
C ASP A 502 41.05 -27.59 -23.46
N PHE A 503 41.91 -26.94 -24.24
CA PHE A 503 43.10 -26.29 -23.69
C PHE A 503 42.82 -24.89 -23.18
N ILE A 504 41.63 -24.36 -23.45
CA ILE A 504 41.23 -23.00 -23.05
C ILE A 504 41.13 -22.93 -21.53
N PRO A 505 41.71 -21.92 -20.86
CA PRO A 505 42.41 -20.71 -21.35
C PRO A 505 43.92 -20.88 -21.54
N SER A 506 44.52 -21.85 -20.86
CA SER A 506 45.95 -22.08 -20.92
C SER A 506 46.21 -23.53 -20.53
N PHE A 507 47.47 -23.95 -20.70
CA PHE A 507 47.85 -25.31 -20.37
C PHE A 507 49.36 -25.35 -20.12
N ARG A 508 49.77 -26.28 -19.26
CA ARG A 508 51.18 -26.52 -19.00
C ARG A 508 51.58 -27.88 -19.57
N LEU A 509 52.82 -27.97 -20.03
CA LEU A 509 53.34 -29.16 -20.69
C LEU A 509 54.66 -29.53 -20.00
N VAL A 510 54.71 -30.73 -19.44
CA VAL A 510 55.91 -31.24 -18.80
C VAL A 510 56.41 -32.47 -19.57
N ALA A 511 57.70 -32.76 -19.41
CA ALA A 511 58.31 -33.89 -20.10
C ALA A 511 59.53 -34.32 -19.32
N TYR A 512 59.89 -35.60 -19.48
CA TYR A 512 61.06 -36.16 -18.79
C TYR A 512 61.56 -37.35 -19.58
N TYR A 513 62.85 -37.64 -19.40
CA TYR A 513 63.46 -38.87 -19.91
C TYR A 513 64.21 -39.54 -18.77
N THR A 514 64.51 -40.83 -18.94
CA THR A 514 65.14 -41.61 -17.89
C THR A 514 66.15 -42.59 -18.48
N LEU A 515 67.28 -42.73 -17.79
CA LEU A 515 68.40 -43.55 -18.25
C LEU A 515 69.36 -43.76 -17.08
N ILE A 516 70.32 -44.66 -17.28
CA ILE A 516 71.38 -44.94 -16.30
C ILE A 516 72.72 -44.70 -16.99
N GLY A 517 73.52 -43.82 -16.42
CA GLY A 517 74.86 -43.57 -16.92
C GLY A 517 75.88 -43.72 -15.80
N ALA A 518 77.07 -44.18 -16.19
CA ALA A 518 78.20 -44.49 -15.29
C ALA A 518 77.83 -45.51 -14.22
N SER A 519 77.60 -45.04 -13.00
CA SER A 519 77.19 -45.94 -11.93
C SER A 519 75.72 -46.30 -12.11
N GLY A 520 75.33 -47.42 -11.50
CA GLY A 520 74.00 -47.95 -11.70
C GLY A 520 72.91 -47.19 -10.96
N GLN A 521 72.65 -45.94 -11.36
CA GLN A 521 71.65 -45.11 -10.75
C GLN A 521 70.72 -44.53 -11.81
N ARG A 522 69.42 -44.51 -11.52
CA ARG A 522 68.42 -44.03 -12.46
C ARG A 522 68.36 -42.51 -12.39
N GLU A 523 68.57 -41.85 -13.52
CA GLU A 523 68.63 -40.39 -13.59
C GLU A 523 67.37 -39.86 -14.29
N VAL A 524 66.77 -38.82 -13.73
CA VAL A 524 65.55 -38.21 -14.25
C VAL A 524 65.76 -36.71 -14.38
N VAL A 525 65.65 -36.19 -15.61
CA VAL A 525 65.74 -34.76 -15.89
C VAL A 525 64.44 -34.33 -16.55
N ALA A 526 63.90 -33.18 -16.12
CA ALA A 526 62.59 -32.73 -16.57
C ALA A 526 62.60 -31.25 -16.89
N ASP A 527 61.52 -30.79 -17.53
CA ASP A 527 61.34 -29.38 -17.89
C ASP A 527 59.85 -29.14 -18.13
N SER A 528 59.42 -27.89 -17.92
CA SER A 528 58.03 -27.50 -18.07
C SER A 528 57.92 -26.19 -18.84
N VAL A 529 56.72 -25.93 -19.37
CA VAL A 529 56.44 -24.72 -20.12
C VAL A 529 54.95 -24.43 -20.03
N TRP A 530 54.59 -23.15 -19.92
CA TRP A 530 53.20 -22.70 -19.82
C TRP A 530 52.84 -21.94 -21.09
N VAL A 531 51.80 -22.41 -21.78
CA VAL A 531 51.38 -21.85 -23.06
C VAL A 531 49.93 -21.38 -22.94
N ASP A 532 49.68 -20.13 -23.32
CA ASP A 532 48.34 -19.56 -23.26
C ASP A 532 47.60 -19.76 -24.57
N VAL A 533 46.32 -20.08 -24.46
CA VAL A 533 45.42 -20.24 -25.60
C VAL A 533 44.52 -19.00 -25.61
N LYS A 534 43.89 -18.75 -26.77
CA LYS A 534 42.91 -17.66 -26.88
C LYS A 534 41.71 -17.94 -26.01
N ASP A 535 41.47 -17.06 -25.03
CA ASP A 535 40.38 -17.22 -24.06
C ASP A 535 39.04 -16.93 -24.75
N SER A 536 38.41 -17.98 -25.24
CA SER A 536 37.11 -17.92 -25.89
C SER A 536 36.20 -18.99 -25.30
N CYS A 537 34.99 -19.09 -25.84
CA CYS A 537 34.03 -20.08 -25.36
C CYS A 537 34.44 -21.48 -25.81
N VAL A 538 34.05 -22.48 -25.01
CA VAL A 538 34.23 -23.87 -25.41
C VAL A 538 33.28 -24.22 -26.53
N GLY A 539 32.00 -23.89 -26.35
CA GLY A 539 31.05 -23.94 -27.45
C GLY A 539 30.96 -22.58 -28.13
N SER A 540 29.74 -22.12 -28.39
CA SER A 540 29.54 -20.79 -28.94
C SER A 540 28.13 -20.34 -28.59
N LEU A 541 27.97 -19.04 -28.40
CA LEU A 541 26.65 -18.47 -28.15
C LEU A 541 26.64 -17.05 -28.69
N VAL A 542 25.88 -16.83 -29.75
CA VAL A 542 25.69 -15.53 -30.35
C VAL A 542 24.20 -15.20 -30.30
N VAL A 543 23.88 -13.97 -29.94
CA VAL A 543 22.53 -13.45 -30.03
C VAL A 543 22.56 -12.25 -30.96
N LYS A 544 21.76 -12.30 -32.03
CA LYS A 544 21.63 -11.19 -32.97
C LYS A 544 20.15 -11.02 -33.31
N SER A 545 19.85 -10.02 -34.13
CA SER A 545 18.47 -9.72 -34.49
C SER A 545 18.00 -10.75 -35.50
N GLY A 546 16.92 -11.47 -35.17
CA GLY A 546 16.35 -12.41 -36.12
C GLY A 546 15.67 -11.71 -37.29
N GLN A 547 15.13 -10.52 -37.05
CA GLN A 547 14.58 -9.70 -38.12
C GLN A 547 15.73 -9.08 -38.90
N SER A 548 15.59 -9.01 -40.22
CA SER A 548 16.66 -8.58 -41.12
C SER A 548 16.85 -7.07 -41.02
N GLU A 549 17.49 -6.64 -39.93
CA GLU A 549 17.85 -5.25 -39.64
C GLU A 549 16.65 -4.30 -39.54
N ASP A 550 15.99 -4.06 -40.68
CA ASP A 550 14.86 -3.11 -40.84
C ASP A 550 15.35 -1.72 -40.46
N ARG A 551 14.53 -0.94 -39.75
CA ARG A 551 14.93 0.31 -39.12
C ARG A 551 14.91 0.11 -37.61
N GLN A 552 15.17 1.19 -36.89
CA GLN A 552 15.15 1.13 -35.43
C GLN A 552 13.70 0.94 -34.97
N PRO A 553 13.39 -0.11 -34.22
CA PRO A 553 11.99 -0.44 -33.93
C PRO A 553 11.31 0.57 -33.02
N VAL A 554 9.98 0.53 -33.05
CA VAL A 554 9.08 1.49 -32.41
C VAL A 554 8.70 0.89 -31.06
N PRO A 555 8.42 1.69 -30.03
CA PRO A 555 7.89 1.14 -28.77
C PRO A 555 6.55 0.43 -28.95
N GLY A 556 6.51 -0.83 -28.49
CA GLY A 556 5.35 -1.67 -28.63
C GLY A 556 5.44 -2.68 -29.77
N GLN A 557 6.43 -2.54 -30.64
CA GLN A 557 6.56 -3.38 -31.82
C GLN A 557 7.14 -4.74 -31.44
N GLN A 558 6.65 -5.78 -32.10
CA GLN A 558 7.25 -7.10 -31.93
C GLN A 558 8.50 -7.22 -32.78
N MET A 559 9.46 -7.99 -32.28
CA MET A 559 10.66 -8.29 -33.04
C MET A 559 10.99 -9.77 -32.88
N THR A 560 11.83 -10.27 -33.78
CA THR A 560 12.29 -11.65 -33.72
C THR A 560 13.73 -11.65 -33.22
N LEU A 561 14.01 -12.49 -32.23
CA LEU A 561 15.34 -12.62 -31.66
C LEU A 561 15.94 -13.96 -32.06
N LYS A 562 17.12 -13.91 -32.69
CA LYS A 562 17.83 -15.11 -33.10
C LYS A 562 18.77 -15.53 -31.99
N ILE A 563 18.55 -16.73 -31.44
CA ILE A 563 19.43 -17.30 -30.43
C ILE A 563 20.22 -18.44 -31.05
N GLU A 564 21.53 -18.27 -31.14
CA GLU A 564 22.43 -19.18 -31.84
C GLU A 564 23.36 -19.82 -30.83
N GLY A 565 23.15 -21.11 -30.54
CA GLY A 565 23.96 -21.79 -29.56
C GLY A 565 24.10 -23.29 -29.77
N ASP A 566 24.67 -23.98 -28.77
CA ASP A 566 24.94 -25.40 -28.87
C ASP A 566 23.66 -26.22 -28.68
N HIS A 567 23.69 -27.45 -29.18
CA HIS A 567 22.51 -28.31 -29.11
C HIS A 567 22.33 -28.87 -27.72
N GLY A 568 21.07 -28.96 -27.28
CA GLY A 568 20.77 -29.47 -25.96
C GLY A 568 21.14 -28.53 -24.84
N ALA A 569 21.34 -27.25 -25.14
CA ALA A 569 21.78 -26.28 -24.15
C ALA A 569 20.58 -25.49 -23.66
N ARG A 570 20.51 -25.30 -22.34
CA ARG A 570 19.52 -24.41 -21.74
C ARG A 570 20.06 -22.99 -21.78
N VAL A 571 19.40 -22.12 -22.53
CA VAL A 571 19.81 -20.72 -22.66
C VAL A 571 18.92 -19.89 -21.74
N VAL A 572 19.54 -19.06 -20.91
CA VAL A 572 18.84 -18.13 -20.05
C VAL A 572 19.10 -16.71 -20.56
N LEU A 573 18.13 -15.83 -20.36
CA LEU A 573 18.14 -14.52 -20.99
C LEU A 573 17.96 -13.42 -19.96
N VAL A 574 18.42 -12.23 -20.32
CA VAL A 574 18.14 -11.00 -19.58
C VAL A 574 18.27 -9.83 -20.56
N ALA A 575 17.34 -8.88 -20.46
CA ALA A 575 17.35 -7.66 -21.25
C ALA A 575 17.38 -6.49 -20.29
N VAL A 576 18.41 -5.65 -20.38
CA VAL A 576 18.68 -4.57 -19.44
C VAL A 576 18.66 -3.26 -20.20
N ASP A 577 18.08 -2.22 -19.57
CA ASP A 577 18.21 -0.86 -20.08
C ASP A 577 19.66 -0.42 -19.98
N LYS A 578 20.16 0.22 -21.04
CA LYS A 578 21.53 0.72 -21.02
C LYS A 578 21.69 1.99 -20.18
N GLY A 579 20.59 2.58 -19.72
CA GLY A 579 20.66 3.64 -18.72
C GLY A 579 21.01 3.16 -17.33
N VAL A 580 21.08 1.84 -17.11
CA VAL A 580 21.53 1.30 -15.83
C VAL A 580 23.05 1.36 -15.73
N PHE A 581 23.75 1.09 -16.84
CA PHE A 581 25.21 1.05 -16.84
C PHE A 581 25.87 2.42 -16.73
N VAL A 582 25.09 3.50 -16.84
CA VAL A 582 25.62 4.84 -16.57
C VAL A 582 25.93 4.99 -15.09
N LEU A 583 25.06 4.46 -14.23
CA LEU A 583 25.27 4.58 -12.79
C LEU A 583 26.28 3.59 -12.25
N ASN A 584 26.34 2.39 -12.83
CA ASN A 584 27.17 1.33 -12.26
C ASN A 584 27.52 0.35 -13.37
N LYS A 585 28.77 0.37 -13.83
CA LYS A 585 29.27 -0.61 -14.78
C LYS A 585 30.07 -1.72 -14.11
N LYS A 586 30.04 -1.79 -12.79
CA LYS A 586 30.67 -2.88 -12.06
C LYS A 586 29.72 -4.08 -12.00
N ASN A 587 30.30 -5.26 -11.77
CA ASN A 587 29.58 -6.51 -11.53
C ASN A 587 28.79 -6.99 -12.76
N LYS A 588 29.37 -6.85 -13.95
CA LYS A 588 28.80 -7.46 -15.15
C LYS A 588 29.37 -8.85 -15.30
N LEU A 589 28.51 -9.82 -15.61
CA LEU A 589 28.95 -11.17 -15.89
C LEU A 589 29.43 -11.25 -17.33
N THR A 590 30.73 -11.48 -17.51
CA THR A 590 31.33 -11.67 -18.83
C THR A 590 32.06 -13.00 -18.87
N GLN A 591 32.40 -13.43 -20.08
CA GLN A 591 33.16 -14.66 -20.26
C GLN A 591 34.60 -14.49 -19.82
N SER A 592 35.15 -13.29 -19.97
CA SER A 592 36.54 -13.05 -19.59
C SER A 592 36.73 -13.07 -18.08
N LYS A 593 35.71 -12.65 -17.32
CA LYS A 593 35.78 -12.74 -15.86
C LYS A 593 35.65 -14.18 -15.36
N ILE A 594 35.03 -15.06 -16.14
CA ILE A 594 34.92 -16.46 -15.76
C ILE A 594 36.26 -17.16 -15.88
N TRP A 595 36.98 -16.91 -16.99
CA TRP A 595 38.30 -17.51 -17.18
C TRP A 595 39.35 -16.94 -16.24
N ASP A 596 39.09 -15.76 -15.68
CA ASP A 596 40.01 -15.21 -14.67
C ASP A 596 39.93 -15.96 -13.35
N VAL A 597 38.75 -16.52 -13.04
CA VAL A 597 38.60 -17.31 -11.81
C VAL A 597 39.20 -18.69 -11.99
N VAL A 598 39.07 -19.27 -13.18
CA VAL A 598 39.62 -20.60 -13.44
C VAL A 598 41.15 -20.55 -13.46
N GLU A 599 41.71 -19.48 -14.03
CA GLU A 599 43.16 -19.36 -14.13
C GLU A 599 43.83 -19.06 -12.79
N LYS A 600 43.09 -18.51 -11.83
CA LYS A 600 43.63 -18.22 -10.50
C LYS A 600 43.35 -19.34 -9.50
N ALA A 601 42.90 -20.50 -9.96
CA ALA A 601 42.71 -21.66 -9.10
C ALA A 601 43.56 -22.85 -9.52
N ASP A 602 44.53 -22.63 -10.40
CA ASP A 602 45.40 -23.70 -10.86
C ASP A 602 46.36 -24.13 -9.75
N ILE A 603 46.76 -25.41 -9.80
CA ILE A 603 47.65 -25.96 -8.79
C ILE A 603 49.12 -25.76 -9.12
N GLY A 604 49.43 -25.14 -10.26
CA GLY A 604 50.80 -24.77 -10.60
C GLY A 604 51.04 -23.30 -10.36
N CYS A 605 52.21 -23.01 -9.77
CA CYS A 605 52.60 -21.67 -9.34
C CYS A 605 53.60 -21.02 -10.30
N THR A 606 54.81 -21.56 -10.39
CA THR A 606 55.85 -20.94 -11.20
C THR A 606 55.57 -21.16 -12.69
N PRO A 607 55.68 -20.14 -13.54
CA PRO A 607 55.38 -20.31 -14.96
C PRO A 607 56.39 -21.15 -15.74
N GLY A 608 57.50 -21.57 -15.14
CA GLY A 608 58.45 -22.40 -15.85
C GLY A 608 59.61 -22.91 -15.00
N SER A 609 59.91 -24.21 -15.15
CA SER A 609 61.08 -24.88 -14.57
C SER A 609 61.11 -24.87 -13.04
N GLY A 610 62.26 -25.20 -12.47
CA GLY A 610 62.41 -25.23 -11.03
C GLY A 610 63.87 -25.31 -10.65
N LYS A 611 64.11 -25.40 -9.35
CA LYS A 611 65.49 -25.46 -8.85
C LYS A 611 66.13 -26.82 -9.07
N ASP A 612 65.34 -27.89 -9.11
CA ASP A 612 65.83 -29.23 -9.41
C ASP A 612 64.75 -29.95 -10.21
N TYR A 613 64.87 -31.28 -10.32
CA TYR A 613 63.91 -32.04 -11.09
C TYR A 613 62.58 -32.20 -10.35
N ALA A 614 62.63 -32.38 -9.03
CA ALA A 614 61.41 -32.47 -8.23
C ALA A 614 60.75 -31.12 -8.02
N GLY A 615 61.50 -30.02 -8.15
CA GLY A 615 60.91 -28.70 -8.05
C GLY A 615 60.15 -28.29 -9.29
N VAL A 616 60.37 -28.96 -10.42
CA VAL A 616 59.60 -28.68 -11.62
C VAL A 616 58.17 -29.19 -11.46
N PHE A 617 58.01 -30.37 -10.86
CA PHE A 617 56.69 -30.98 -10.72
C PHE A 617 55.83 -30.23 -9.71
N SER A 618 56.40 -29.86 -8.56
CA SER A 618 55.62 -29.20 -7.52
C SER A 618 55.28 -27.76 -7.89
N ASP A 619 56.11 -27.11 -8.71
CA ASP A 619 55.80 -25.78 -9.19
C ASP A 619 54.84 -25.78 -10.37
N ALA A 620 54.75 -26.90 -11.09
CA ALA A 620 53.74 -27.06 -12.14
C ALA A 620 52.49 -27.77 -11.64
N GLY A 621 52.53 -28.36 -10.45
CA GLY A 621 51.36 -28.97 -9.85
C GLY A 621 51.20 -30.45 -10.13
N LEU A 622 52.24 -31.23 -9.84
CA LEU A 622 52.22 -32.67 -10.05
C LEU A 622 53.00 -33.37 -8.95
N THR A 623 52.69 -34.65 -8.75
CA THR A 623 53.42 -35.53 -7.84
C THR A 623 54.07 -36.64 -8.64
N PHE A 624 55.31 -36.96 -8.28
CA PHE A 624 56.04 -38.08 -8.88
C PHE A 624 56.51 -39.01 -7.78
N THR A 625 56.41 -40.31 -8.05
CA THR A 625 56.89 -41.35 -7.14
C THR A 625 57.31 -42.53 -8.01
N SER A 626 58.43 -43.15 -7.67
CA SER A 626 58.95 -44.24 -8.47
C SER A 626 59.41 -45.38 -7.56
N SER A 627 59.74 -46.51 -8.19
CA SER A 627 60.27 -47.66 -7.48
C SER A 627 61.75 -47.53 -7.18
N SER A 628 62.44 -46.55 -7.77
CA SER A 628 63.86 -46.33 -7.53
C SER A 628 64.14 -45.30 -6.44
N GLY A 629 63.10 -44.79 -5.78
CA GLY A 629 63.28 -43.90 -4.65
C GLY A 629 63.06 -42.42 -4.93
N GLN A 630 63.03 -42.01 -6.19
CA GLN A 630 62.91 -40.59 -6.52
C GLN A 630 61.46 -40.15 -6.37
N GLN A 631 61.22 -39.16 -5.52
CA GLN A 631 59.88 -38.65 -5.25
C GLN A 631 59.89 -37.13 -5.38
N THR A 632 58.72 -36.54 -5.20
CA THR A 632 58.56 -35.10 -5.09
C THR A 632 58.31 -34.72 -3.63
N ALA A 633 58.36 -33.42 -3.36
CA ALA A 633 58.13 -32.94 -2.00
C ALA A 633 56.65 -33.00 -1.66
N GLN A 634 56.37 -33.00 -0.36
CA GLN A 634 54.99 -32.99 0.10
C GLN A 634 54.38 -31.60 -0.09
N ARG A 635 53.06 -31.57 -0.19
CA ARG A 635 52.31 -30.33 -0.30
C ARG A 635 51.20 -30.33 0.73
N ALA A 636 51.26 -29.38 1.67
CA ALA A 636 50.27 -29.26 2.72
C ALA A 636 49.49 -27.95 2.66
N GLU A 637 49.74 -27.11 1.66
CA GLU A 637 49.02 -25.85 1.48
C GLU A 637 48.19 -25.93 0.21
N LEU A 638 46.92 -25.56 0.31
CA LEU A 638 46.04 -25.58 -0.86
C LEU A 638 46.38 -24.49 -1.85
N GLN A 639 47.03 -23.41 -1.41
CA GLN A 639 47.37 -22.28 -2.27
C GLN A 639 48.87 -22.29 -2.55
N CYS A 640 49.27 -21.36 -3.41
CA CYS A 640 50.66 -21.20 -3.80
C CYS A 640 51.43 -20.45 -2.71
N PRO A 641 52.76 -20.55 -2.71
CA PRO A 641 53.55 -19.74 -1.77
C PRO A 641 53.42 -18.25 -2.07
N GLN A 642 53.63 -17.45 -1.01
CA GLN A 642 53.43 -16.00 -1.00
C GLN A 642 52.02 -15.57 -1.44
N ASP B 1 -7.75 20.78 -31.55
CA ASP B 1 -9.12 21.22 -31.74
C ASP B 1 -9.92 20.15 -32.49
N GLU B 2 -10.60 20.56 -33.57
CA GLU B 2 -11.34 19.61 -34.38
C GLU B 2 -10.41 18.80 -35.26
N ASP B 3 -9.42 19.45 -35.85
CA ASP B 3 -8.24 18.77 -36.38
C ASP B 3 -7.41 18.30 -35.19
N ILE B 4 -6.55 17.29 -35.44
CA ILE B 4 -5.61 16.53 -34.59
C ILE B 4 -6.33 15.26 -34.11
N ILE B 5 -5.55 14.25 -33.70
CA ILE B 5 -6.14 13.08 -33.05
C ILE B 5 -6.72 13.51 -31.73
N ALA B 6 -7.95 13.06 -31.43
CA ALA B 6 -8.58 13.37 -30.15
C ALA B 6 -7.75 12.81 -29.00
N GLU B 7 -7.69 13.58 -27.91
CA GLU B 7 -6.83 13.22 -26.78
C GLU B 7 -7.32 11.96 -26.09
N GLU B 8 -8.63 11.74 -26.06
CA GLU B 8 -9.18 10.53 -25.47
C GLU B 8 -8.89 9.30 -26.31
N ASN B 9 -8.66 9.47 -27.61
CA ASN B 9 -8.31 8.34 -28.48
C ASN B 9 -6.87 7.89 -28.32
N ILE B 10 -5.99 8.75 -27.80
CA ILE B 10 -4.59 8.39 -27.64
C ILE B 10 -4.45 7.47 -26.42
N VAL B 11 -3.88 6.30 -26.64
CA VAL B 11 -3.55 5.36 -25.57
C VAL B 11 -2.08 5.55 -25.23
N SER B 12 -1.81 5.86 -23.96
CA SER B 12 -0.50 6.30 -23.50
C SER B 12 0.44 5.12 -23.27
N ARG B 13 1.75 5.38 -23.41
CA ARG B 13 2.76 4.38 -23.12
C ARG B 13 2.92 4.24 -21.61
N SER B 14 3.03 3.02 -21.12
CA SER B 14 2.87 2.83 -19.69
C SER B 14 3.96 1.89 -19.15
N GLU B 15 4.40 0.97 -19.99
CA GLU B 15 5.35 -0.07 -19.57
C GLU B 15 6.78 0.45 -19.78
N PHE B 16 7.39 0.94 -18.70
CA PHE B 16 8.79 1.37 -18.70
C PHE B 16 9.54 0.61 -17.60
N PRO B 17 9.92 -0.64 -17.84
CA PRO B 17 10.73 -1.35 -16.85
C PRO B 17 12.22 -1.11 -17.04
N GLU B 18 12.98 -1.46 -16.02
CA GLU B 18 14.43 -1.36 -16.11
C GLU B 18 15.07 -2.67 -16.59
N SER B 19 14.40 -3.80 -16.37
CA SER B 19 14.92 -5.09 -16.80
C SER B 19 13.75 -6.02 -17.07
N TRP B 20 13.89 -6.85 -18.11
CA TRP B 20 12.86 -7.82 -18.49
C TRP B 20 13.53 -8.97 -19.25
N LEU B 21 12.70 -9.81 -19.88
CA LEU B 21 13.14 -10.97 -20.67
C LEU B 21 13.97 -11.95 -19.83
N TRP B 22 13.40 -12.35 -18.70
CA TRP B 22 14.06 -13.26 -17.76
C TRP B 22 13.41 -14.62 -17.96
N ASN B 23 13.86 -15.34 -18.98
CA ASN B 23 13.21 -16.58 -19.39
C ASN B 23 14.25 -17.65 -19.69
N VAL B 24 13.80 -18.89 -19.62
CA VAL B 24 14.60 -20.07 -19.93
C VAL B 24 14.17 -20.58 -21.29
N GLU B 25 15.13 -20.80 -22.19
CA GLU B 25 14.87 -21.43 -23.47
C GLU B 25 15.79 -22.64 -23.63
N ASP B 26 15.24 -23.71 -24.20
CA ASP B 26 15.98 -24.94 -24.45
C ASP B 26 16.08 -25.13 -25.95
N LEU B 27 17.31 -25.20 -26.46
CA LEU B 27 17.54 -25.32 -27.90
C LEU B 27 17.26 -26.76 -28.34
N LYS B 28 15.98 -27.02 -28.59
CA LYS B 28 15.50 -28.32 -29.03
C LYS B 28 15.33 -28.43 -30.53
N GLU B 29 15.72 -27.39 -31.28
CA GLU B 29 15.63 -27.42 -32.73
C GLU B 29 16.69 -28.37 -33.31
N PRO B 30 16.46 -28.89 -34.52
CA PRO B 30 17.43 -29.83 -35.13
C PRO B 30 18.77 -29.15 -35.42
N PRO B 31 19.87 -29.78 -35.04
CA PRO B 31 21.17 -29.12 -35.07
C PRO B 31 21.83 -29.31 -36.43
N LYS B 32 21.99 -28.20 -37.15
CA LYS B 32 22.72 -28.16 -38.41
C LYS B 32 24.06 -27.47 -38.18
N ASN B 33 25.14 -28.17 -38.53
CA ASN B 33 26.53 -27.75 -38.31
C ASN B 33 26.84 -27.57 -36.83
N GLY B 34 26.24 -28.42 -35.98
CA GLY B 34 26.45 -28.36 -34.54
C GLY B 34 25.89 -27.12 -33.88
N ILE B 35 24.94 -26.44 -34.53
CA ILE B 35 24.44 -25.15 -34.09
C ILE B 35 22.92 -25.18 -34.15
N SER B 36 22.26 -24.91 -33.02
CA SER B 36 20.81 -24.88 -32.93
C SER B 36 20.34 -23.43 -32.87
N THR B 37 19.37 -23.10 -33.71
CA THR B 37 18.83 -21.75 -33.84
C THR B 37 17.38 -21.75 -33.39
N LYS B 38 17.08 -21.01 -32.33
CA LYS B 38 15.72 -20.81 -31.86
C LYS B 38 15.28 -19.41 -32.21
N LEU B 39 14.17 -19.30 -32.93
CA LEU B 39 13.56 -18.01 -33.24
C LEU B 39 12.53 -17.70 -32.16
N MET B 40 12.68 -16.56 -31.51
CA MET B 40 11.78 -16.13 -30.45
C MET B 40 11.04 -14.88 -30.90
N ASN B 41 9.73 -14.86 -30.66
CA ASN B 41 8.92 -13.66 -30.90
C ASN B 41 8.71 -12.96 -29.57
N ILE B 42 9.37 -11.81 -29.39
CA ILE B 42 9.27 -11.03 -28.16
C ILE B 42 8.60 -9.70 -28.45
N PHE B 43 8.02 -9.11 -27.41
CA PHE B 43 7.30 -7.85 -27.49
C PHE B 43 8.12 -6.78 -26.78
N LEU B 44 8.46 -5.71 -27.50
CA LEU B 44 9.33 -4.67 -26.96
C LEU B 44 8.55 -3.74 -26.04
N LYS B 45 9.22 -3.28 -24.99
CA LYS B 45 8.63 -2.38 -24.01
C LYS B 45 8.56 -0.96 -24.57
N ASP B 46 7.81 -0.11 -23.86
CA ASP B 46 7.52 1.24 -24.32
C ASP B 46 8.64 2.24 -24.07
N SER B 47 9.76 1.82 -23.50
CA SER B 47 10.86 2.73 -23.22
C SER B 47 11.61 3.08 -24.50
N ILE B 48 12.12 4.32 -24.53
CA ILE B 48 12.87 4.82 -25.68
C ILE B 48 14.34 4.91 -25.28
N THR B 49 15.08 3.83 -25.54
CA THR B 49 16.44 3.69 -25.06
C THR B 49 17.14 2.65 -25.94
N THR B 50 18.20 2.05 -25.40
CA THR B 50 18.86 0.92 -26.02
C THR B 50 18.89 -0.21 -25.01
N TRP B 51 18.41 -1.39 -25.41
CA TRP B 51 18.42 -2.54 -24.53
C TRP B 51 19.64 -3.39 -24.81
N GLU B 52 20.30 -3.84 -23.75
CA GLU B 52 21.49 -4.67 -23.87
C GLU B 52 21.13 -6.08 -23.41
N ILE B 53 20.98 -6.99 -24.36
CA ILE B 53 20.53 -8.35 -24.08
C ILE B 53 21.76 -9.23 -23.82
N LEU B 54 21.83 -9.80 -22.62
CA LEU B 54 22.88 -10.73 -22.25
C LEU B 54 22.28 -12.12 -22.16
N ALA B 55 22.99 -13.11 -22.70
CA ALA B 55 22.51 -14.49 -22.72
C ALA B 55 23.59 -15.41 -22.21
N VAL B 56 23.18 -16.42 -21.44
CA VAL B 56 24.06 -17.48 -20.98
C VAL B 56 23.46 -18.81 -21.42
N SER B 57 24.27 -19.66 -22.01
CA SER B 57 23.85 -21.01 -22.39
C SER B 57 24.44 -22.01 -21.40
N MET B 58 23.83 -23.20 -21.35
CA MET B 58 24.27 -24.27 -20.45
C MET B 58 24.09 -25.61 -21.16
N SER B 59 25.15 -26.09 -21.79
CA SER B 59 25.14 -27.39 -22.43
C SER B 59 25.78 -28.42 -21.50
N ASP B 60 25.23 -29.63 -21.48
CA ASP B 60 25.80 -30.69 -20.66
C ASP B 60 27.10 -31.23 -21.21
N LYS B 61 27.37 -31.06 -22.50
CA LYS B 61 28.59 -31.55 -23.13
C LYS B 61 29.63 -30.47 -23.33
N LYS B 62 29.21 -29.27 -23.75
CA LYS B 62 30.13 -28.18 -24.01
C LYS B 62 30.41 -27.35 -22.76
N GLY B 63 29.40 -27.12 -21.94
CA GLY B 63 29.58 -26.37 -20.72
C GLY B 63 28.93 -25.00 -20.74
N ILE B 64 29.60 -24.01 -20.15
CA ILE B 64 29.07 -22.67 -20.03
C ILE B 64 29.63 -21.79 -21.14
N CYS B 65 28.85 -20.78 -21.50
CA CYS B 65 29.26 -19.76 -22.48
C CYS B 65 28.30 -18.59 -22.32
N VAL B 66 28.81 -17.43 -21.95
CA VAL B 66 28.02 -16.22 -21.85
C VAL B 66 28.20 -15.44 -23.14
N ALA B 67 27.08 -15.02 -23.74
CA ALA B 67 27.13 -14.34 -25.02
C ALA B 67 27.66 -12.92 -24.87
N ASP B 68 28.08 -12.36 -26.01
CA ASP B 68 28.38 -10.95 -26.06
C ASP B 68 27.07 -10.16 -25.95
N PRO B 69 27.12 -8.95 -25.38
CA PRO B 69 25.89 -8.14 -25.27
C PRO B 69 25.43 -7.65 -26.64
N PHE B 70 24.17 -7.94 -26.96
CA PHE B 70 23.58 -7.51 -28.21
C PHE B 70 22.66 -6.33 -27.95
N GLU B 71 22.87 -5.24 -28.69
CA GLU B 71 22.17 -3.98 -28.43
C GLU B 71 21.07 -3.77 -29.46
N VAL B 72 19.88 -3.43 -28.97
CA VAL B 72 18.72 -3.11 -29.80
C VAL B 72 18.32 -1.68 -29.48
N THR B 73 18.32 -0.82 -30.49
CA THR B 73 17.99 0.60 -30.32
C THR B 73 16.52 0.82 -30.65
N VAL B 74 15.77 1.34 -29.70
CA VAL B 74 14.33 1.58 -29.86
C VAL B 74 14.12 3.10 -29.82
N MET B 75 13.52 3.63 -30.89
CA MET B 75 13.38 5.08 -31.02
C MET B 75 12.12 5.40 -31.81
N GLN B 76 11.52 6.54 -31.51
CA GLN B 76 10.43 7.12 -32.28
C GLN B 76 10.87 8.49 -32.78
N ASP B 77 10.04 9.09 -33.65
CA ASP B 77 10.37 10.38 -34.23
C ASP B 77 9.80 11.55 -33.45
N PHE B 78 8.62 11.38 -32.86
CA PHE B 78 7.99 12.40 -32.02
C PHE B 78 7.53 11.72 -30.75
N PHE B 79 7.99 12.23 -29.61
CA PHE B 79 7.67 11.62 -28.33
C PHE B 79 7.80 12.64 -27.22
N ILE B 80 7.23 12.30 -26.07
CA ILE B 80 7.35 13.08 -24.85
C ILE B 80 8.30 12.32 -23.93
N ASP B 81 9.18 13.05 -23.25
CA ASP B 81 10.03 12.48 -22.21
C ASP B 81 9.63 13.14 -20.90
N LEU B 82 8.93 12.39 -20.05
CA LEU B 82 8.48 12.90 -18.75
C LEU B 82 9.55 12.57 -17.72
N ARG B 83 10.23 13.60 -17.23
CA ARG B 83 11.32 13.45 -16.27
C ARG B 83 10.78 13.79 -14.90
N LEU B 84 10.68 12.78 -14.03
CA LEU B 84 10.10 12.92 -12.70
C LEU B 84 11.13 12.58 -11.63
N PRO B 85 11.06 13.24 -10.47
CA PRO B 85 11.96 12.88 -9.37
C PRO B 85 11.55 11.56 -8.72
N TYR B 86 12.40 11.11 -7.79
CA TYR B 86 12.17 9.84 -7.12
C TYR B 86 11.02 9.94 -6.13
N SER B 87 10.95 11.02 -5.37
CA SER B 87 9.86 11.21 -4.43
C SER B 87 9.62 12.70 -4.26
N VAL B 88 8.36 13.05 -4.04
CA VAL B 88 7.98 14.41 -3.71
C VAL B 88 7.23 14.39 -2.39
N VAL B 89 7.39 15.46 -1.62
CA VAL B 89 6.70 15.58 -0.34
C VAL B 89 5.26 15.99 -0.60
N ARG B 90 4.34 15.42 0.19
CA ARG B 90 2.94 15.76 0.09
C ARG B 90 2.71 17.21 0.49
N ASN B 91 1.87 17.90 -0.27
CA ASN B 91 1.49 19.31 -0.12
C ASN B 91 2.63 20.29 -0.42
N GLU B 92 3.69 19.84 -1.09
CA GLU B 92 4.76 20.72 -1.56
C GLU B 92 4.62 20.94 -3.05
N GLN B 93 4.53 22.20 -3.45
CA GLN B 93 4.40 22.56 -4.85
C GLN B 93 5.74 22.40 -5.55
N VAL B 94 5.79 21.51 -6.54
CA VAL B 94 7.00 21.28 -7.31
C VAL B 94 6.68 21.49 -8.79
N GLU B 95 7.73 21.66 -9.59
CA GLU B 95 7.62 21.86 -11.02
C GLU B 95 8.22 20.66 -11.74
N ILE B 96 7.45 20.09 -12.67
CA ILE B 96 7.92 18.97 -13.47
C ILE B 96 8.05 19.43 -14.93
N ARG B 97 8.99 18.80 -15.64
CA ARG B 97 9.33 19.21 -17.00
C ARG B 97 8.99 18.08 -17.96
N ALA B 98 8.06 18.34 -18.86
CA ALA B 98 7.72 17.42 -19.94
C ALA B 98 8.40 17.91 -21.21
N VAL B 99 9.45 17.20 -21.64
CA VAL B 99 10.24 17.60 -22.80
C VAL B 99 9.67 16.91 -24.04
N LEU B 100 9.34 17.69 -25.05
CA LEU B 100 8.84 17.18 -26.32
C LEU B 100 9.96 17.26 -27.35
N TYR B 101 10.31 16.12 -27.94
CA TYR B 101 11.39 16.04 -28.91
C TYR B 101 10.82 15.93 -30.31
N ASN B 102 11.47 16.63 -31.26
CA ASN B 102 11.08 16.63 -32.66
C ASN B 102 12.33 16.27 -33.47
N TYR B 103 12.45 15.00 -33.84
CA TYR B 103 13.60 14.52 -34.59
C TYR B 103 13.33 14.40 -36.09
N ARG B 104 12.35 15.13 -36.60
CA ARG B 104 12.10 15.14 -38.03
C ARG B 104 13.16 16.01 -38.73
N GLN B 105 13.39 15.70 -40.01
CA GLN B 105 14.51 16.29 -40.73
C GLN B 105 14.26 17.76 -41.06
N ASN B 106 13.12 18.06 -41.65
CA ASN B 106 12.83 19.43 -42.09
C ASN B 106 11.34 19.71 -42.04
N GLN B 107 10.68 19.25 -40.98
CA GLN B 107 9.24 19.46 -40.79
C GLN B 107 9.02 20.01 -39.40
N GLU B 108 8.55 21.25 -39.31
CA GLU B 108 8.17 21.81 -38.03
C GLU B 108 6.76 21.36 -37.66
N LEU B 109 6.54 21.16 -36.37
CA LEU B 109 5.31 20.56 -35.86
C LEU B 109 4.50 21.58 -35.07
N LYS B 110 3.19 21.55 -35.27
CA LYS B 110 2.23 22.31 -34.47
C LYS B 110 1.52 21.28 -33.60
N VAL B 111 1.81 21.30 -32.30
CA VAL B 111 1.37 20.27 -31.36
C VAL B 111 0.51 20.90 -30.28
N ARG B 112 -0.62 20.27 -29.99
CA ARG B 112 -1.44 20.64 -28.83
C ARG B 112 -1.17 19.60 -27.74
N VAL B 113 -0.51 20.02 -26.66
CA VAL B 113 -0.14 19.14 -25.55
C VAL B 113 -1.03 19.46 -24.35
N GLU B 114 -1.53 18.41 -23.70
CA GLU B 114 -2.50 18.56 -22.63
C GLU B 114 -2.10 17.66 -21.46
N LEU B 115 -2.27 18.17 -20.25
CA LEU B 115 -2.07 17.40 -19.03
C LEU B 115 -3.41 16.89 -18.54
N LEU B 116 -3.48 15.59 -18.23
CA LEU B 116 -4.71 15.00 -17.76
C LEU B 116 -4.88 15.25 -16.25
N HIS B 117 -6.14 15.29 -15.83
CA HIS B 117 -6.49 15.63 -14.45
C HIS B 117 -6.48 14.38 -13.57
N ASN B 118 -5.92 14.53 -12.37
CA ASN B 118 -5.92 13.49 -11.36
C ASN B 118 -6.39 14.10 -10.04
N PRO B 119 -7.31 13.45 -9.32
CA PRO B 119 -7.73 14.00 -8.02
C PRO B 119 -6.65 13.98 -6.95
N ALA B 120 -5.60 13.17 -7.12
CA ALA B 120 -4.50 13.15 -6.16
C ALA B 120 -3.54 14.32 -6.33
N PHE B 121 -3.70 15.12 -7.39
CA PHE B 121 -2.86 16.29 -7.62
C PHE B 121 -3.72 17.53 -7.76
N CYS B 122 -3.12 18.68 -7.47
CA CYS B 122 -3.79 19.98 -7.57
C CYS B 122 -3.01 20.84 -8.56
N SER B 123 -3.52 20.94 -9.78
CA SER B 123 -2.91 21.75 -10.82
C SER B 123 -3.99 22.66 -11.40
N LEU B 124 -3.77 23.14 -12.62
CA LEU B 124 -4.76 23.94 -13.31
C LEU B 124 -5.76 23.09 -14.09
N ALA B 125 -5.49 21.80 -14.25
CA ALA B 125 -6.42 20.91 -14.94
C ALA B 125 -7.47 20.43 -13.95
N THR B 126 -8.73 20.76 -14.22
CA THR B 126 -9.86 20.36 -13.40
C THR B 126 -10.70 19.33 -14.13
N THR B 127 -11.87 19.02 -13.58
CA THR B 127 -12.76 18.04 -14.18
C THR B 127 -13.55 18.62 -15.35
N LYS B 128 -13.85 19.92 -15.31
CA LYS B 128 -14.65 20.58 -16.34
C LYS B 128 -13.85 21.57 -17.16
N ARG B 129 -12.53 21.41 -17.21
CA ARG B 129 -11.68 22.32 -17.99
C ARG B 129 -10.36 21.61 -18.27
N ARG B 130 -9.91 21.69 -19.52
CA ARG B 130 -8.69 21.04 -19.96
C ARG B 130 -7.52 22.01 -19.91
N HIS B 131 -6.35 21.50 -19.55
CA HIS B 131 -5.12 22.28 -19.47
C HIS B 131 -4.29 21.96 -20.71
N GLN B 132 -4.67 22.55 -21.83
CA GLN B 132 -4.05 22.30 -23.12
C GLN B 132 -3.53 23.59 -23.73
N GLN B 133 -2.29 23.56 -24.19
CA GLN B 133 -1.70 24.65 -24.95
C GLN B 133 -1.20 24.10 -26.28
N THR B 134 -1.10 24.98 -27.27
CA THR B 134 -0.59 24.61 -28.58
C THR B 134 0.72 25.35 -28.83
N VAL B 135 1.78 24.60 -29.13
CA VAL B 135 3.10 25.15 -29.35
C VAL B 135 3.60 24.74 -30.74
N THR B 136 4.69 25.39 -31.16
CA THR B 136 5.33 25.09 -32.43
C THR B 136 6.77 24.68 -32.15
N ILE B 137 7.16 23.52 -32.68
CA ILE B 137 8.49 22.97 -32.45
C ILE B 137 9.26 22.98 -33.77
N PRO B 138 10.40 23.66 -33.85
CA PRO B 138 11.22 23.63 -35.07
C PRO B 138 11.85 22.26 -35.28
N PRO B 139 12.29 21.94 -36.49
CA PRO B 139 12.91 20.62 -36.73
C PRO B 139 14.27 20.53 -36.08
N LYS B 140 14.58 19.31 -35.62
CA LYS B 140 15.85 18.95 -34.98
C LYS B 140 16.11 19.81 -33.73
N SER B 141 15.13 19.77 -32.83
CA SER B 141 15.16 20.58 -31.62
C SER B 141 14.20 19.97 -30.61
N SER B 142 14.14 20.56 -29.42
CA SER B 142 13.22 20.14 -28.38
C SER B 142 12.69 21.37 -27.66
N LEU B 143 11.54 21.20 -27.02
CA LEU B 143 10.91 22.27 -26.26
C LEU B 143 10.44 21.72 -24.92
N SER B 144 10.80 22.40 -23.84
CA SER B 144 10.40 22.00 -22.50
C SER B 144 9.08 22.66 -22.16
N VAL B 145 8.16 21.90 -21.58
CA VAL B 145 6.84 22.39 -21.19
C VAL B 145 6.76 22.36 -19.66
N PRO B 146 6.69 23.51 -18.99
CA PRO B 146 6.61 23.49 -17.52
C PRO B 146 5.20 23.23 -17.03
N TYR B 147 5.11 22.49 -15.92
CA TYR B 147 3.85 22.12 -15.31
C TYR B 147 4.03 22.15 -13.79
N VAL B 148 3.09 22.77 -13.09
CA VAL B 148 3.13 22.83 -11.62
C VAL B 148 1.99 21.99 -11.05
N ILE B 149 2.30 21.22 -10.00
CA ILE B 149 1.35 20.32 -9.36
C ILE B 149 1.60 20.33 -7.85
N VAL B 150 0.58 19.94 -7.10
CA VAL B 150 0.68 19.73 -5.66
C VAL B 150 0.08 18.36 -5.34
N PRO B 151 0.88 17.39 -4.91
CA PRO B 151 0.33 16.07 -4.55
C PRO B 151 -0.49 16.17 -3.27
N LEU B 152 -1.59 15.40 -3.22
CA LEU B 152 -2.57 15.53 -2.16
C LEU B 152 -2.67 14.33 -1.23
N LYS B 153 -2.30 13.13 -1.68
CA LYS B 153 -2.41 11.94 -0.84
C LYS B 153 -1.15 11.10 -1.01
N THR B 154 -0.71 10.47 0.09
CA THR B 154 0.47 9.63 0.12
C THR B 154 0.29 8.38 -0.75
N GLY B 155 1.40 7.69 -0.96
CA GLY B 155 1.40 6.50 -1.79
C GLY B 155 1.97 6.78 -3.16
N LEU B 156 1.69 5.84 -4.07
CA LEU B 156 2.21 5.88 -5.43
C LEU B 156 1.11 6.41 -6.34
N GLN B 157 1.23 7.66 -6.76
CA GLN B 157 0.23 8.30 -7.60
C GLN B 157 0.73 8.42 -9.04
N GLU B 158 -0.18 8.77 -9.94
CA GLU B 158 0.05 8.67 -11.38
C GLU B 158 -0.16 10.01 -12.08
N VAL B 159 0.68 10.27 -13.09
CA VAL B 159 0.63 11.48 -13.90
C VAL B 159 0.65 11.05 -15.37
N GLU B 160 -0.27 11.60 -16.17
CA GLU B 160 -0.37 11.27 -17.59
C GLU B 160 -0.42 12.55 -18.43
N VAL B 161 0.41 12.59 -19.48
CA VAL B 161 0.49 13.74 -20.38
C VAL B 161 0.39 13.23 -21.82
N LYS B 162 -0.55 13.77 -22.57
CA LYS B 162 -0.79 13.39 -23.96
C LYS B 162 -0.57 14.58 -24.88
N ALA B 163 -0.31 14.28 -26.16
CA ALA B 163 -0.10 15.32 -27.17
C ALA B 163 -0.40 14.73 -28.55
N ALA B 164 -0.81 15.61 -29.47
CA ALA B 164 -1.05 15.23 -30.85
C ALA B 164 -0.77 16.42 -31.76
N VAL B 165 -0.43 16.14 -33.01
CA VAL B 165 0.09 17.15 -33.92
C VAL B 165 -0.99 17.57 -34.93
N TYR B 166 -0.84 18.78 -35.47
CA TYR B 166 -1.86 19.36 -36.34
C TYR B 166 -1.74 18.85 -37.77
N HIS B 167 -2.89 18.49 -38.35
CA HIS B 167 -3.04 18.05 -39.74
C HIS B 167 -2.30 16.75 -40.05
N HIS B 168 -1.93 15.98 -39.03
CA HIS B 168 -1.27 14.69 -39.21
C HIS B 168 -1.75 13.74 -38.13
N PHE B 169 -1.59 12.45 -38.39
CA PHE B 169 -2.04 11.41 -37.46
C PHE B 169 -0.88 10.87 -36.65
N ILE B 170 -0.23 11.76 -35.90
CA ILE B 170 0.88 11.43 -35.01
C ILE B 170 0.53 11.90 -33.61
N SER B 171 0.65 11.01 -32.62
CA SER B 171 0.34 11.35 -31.25
C SER B 171 1.19 10.51 -30.31
N ASP B 172 1.28 10.95 -29.06
CA ASP B 172 2.04 10.21 -28.05
C ASP B 172 1.54 10.57 -26.66
N GLY B 173 1.60 9.59 -25.75
CA GLY B 173 1.23 9.79 -24.37
C GLY B 173 2.11 9.01 -23.41
N VAL B 174 2.46 9.63 -22.28
CA VAL B 174 3.37 9.03 -21.30
C VAL B 174 2.66 9.02 -19.95
N ARG B 175 2.64 7.85 -19.30
CA ARG B 175 2.01 7.67 -18.00
C ARG B 175 3.02 6.99 -17.06
N LYS B 176 3.67 7.80 -16.21
CA LYS B 176 4.62 7.32 -15.22
C LYS B 176 4.12 7.66 -13.82
N SER B 177 4.82 7.14 -12.80
CA SER B 177 4.39 7.27 -11.42
C SER B 177 5.55 7.76 -10.56
N LEU B 178 5.20 8.34 -9.41
CA LEU B 178 6.17 8.89 -8.48
C LEU B 178 5.66 8.72 -7.06
N LYS B 179 6.59 8.57 -6.12
CA LYS B 179 6.21 8.35 -4.73
C LYS B 179 5.84 9.67 -4.06
N VAL B 180 4.72 9.67 -3.36
CA VAL B 180 4.31 10.80 -2.54
C VAL B 180 4.62 10.42 -1.09
N VAL B 181 5.81 10.77 -0.66
CA VAL B 181 6.25 10.51 0.72
C VAL B 181 5.66 11.60 1.62
N PRO B 182 5.08 11.24 2.77
CA PRO B 182 4.43 12.25 3.62
C PRO B 182 5.43 13.21 4.25
N GLU B 183 4.88 14.28 4.82
CA GLU B 183 5.69 15.35 5.37
C GLU B 183 6.40 14.90 6.64
N GLY B 184 7.68 15.25 6.74
CA GLY B 184 8.48 14.96 7.90
C GLY B 184 9.82 14.38 7.51
N ILE B 185 10.65 14.16 8.54
CA ILE B 185 11.96 13.55 8.38
C ILE B 185 11.87 12.11 8.90
N ARG B 186 12.38 11.17 8.11
CA ARG B 186 12.43 9.78 8.53
C ARG B 186 13.35 9.63 9.73
N MET B 187 12.86 8.97 10.77
CA MET B 187 13.61 8.79 12.00
C MET B 187 13.41 7.37 12.51
N ASN B 188 14.35 6.91 13.33
CA ASN B 188 14.23 5.64 14.03
C ASN B 188 14.57 5.80 15.50
N LYS B 189 13.89 5.03 16.34
CA LYS B 189 14.15 4.99 17.78
C LYS B 189 14.39 3.55 18.19
N THR B 190 15.38 3.35 19.06
CA THR B 190 15.65 2.04 19.63
C THR B 190 14.80 1.89 20.90
N VAL B 191 13.93 0.90 20.91
CA VAL B 191 13.09 0.68 22.10
C VAL B 191 13.85 -0.08 23.17
N ALA B 192 14.47 -1.19 22.81
CA ALA B 192 15.24 -1.96 23.78
C ALA B 192 16.28 -2.79 23.06
N VAL B 193 17.40 -2.99 23.74
CA VAL B 193 18.40 -3.99 23.36
C VAL B 193 18.59 -4.87 24.58
N ARG B 194 18.12 -6.11 24.50
CA ARG B 194 18.15 -7.02 25.64
C ARG B 194 18.97 -8.25 25.25
N THR B 195 19.86 -8.67 26.14
CA THR B 195 20.68 -9.86 25.91
C THR B 195 19.92 -11.07 26.43
N LEU B 196 19.70 -12.05 25.56
CA LEU B 196 18.93 -13.24 25.87
C LEU B 196 19.88 -14.36 26.31
N ASP B 197 19.68 -14.85 27.53
CA ASP B 197 20.38 -16.03 28.03
C ASP B 197 19.53 -16.65 29.13
N PRO B 198 18.79 -17.72 28.83
CA PRO B 198 18.12 -18.47 29.89
C PRO B 198 19.13 -19.20 30.76
N GLU B 199 18.68 -19.54 31.98
CA GLU B 199 19.47 -20.09 33.08
C GLU B 199 20.39 -19.08 33.76
N ARG B 200 21.06 -18.22 32.97
CA ARG B 200 21.85 -17.14 33.54
C ARG B 200 20.95 -15.98 33.96
N LEU B 201 20.35 -15.29 32.99
CA LEU B 201 19.42 -14.20 33.31
C LEU B 201 18.05 -14.72 33.71
N GLY B 202 17.65 -15.89 33.21
CA GLY B 202 16.36 -16.45 33.51
C GLY B 202 16.36 -17.33 34.75
N ARG B 203 15.28 -18.08 34.90
CA ARG B 203 15.08 -19.00 36.02
C ARG B 203 14.39 -20.24 35.48
N GLU B 204 14.77 -21.40 36.02
CA GLU B 204 14.24 -22.74 35.70
C GLU B 204 14.46 -23.17 34.25
N GLY B 205 15.24 -22.43 33.47
CA GLY B 205 15.40 -22.68 32.05
C GLY B 205 14.63 -21.74 31.15
N VAL B 206 13.67 -20.98 31.69
CA VAL B 206 12.94 -20.00 30.91
C VAL B 206 13.45 -18.62 31.26
N GLN B 207 13.27 -17.68 30.34
CA GLN B 207 13.59 -16.28 30.57
C GLN B 207 12.50 -15.43 29.94
N LYS B 208 11.88 -14.57 30.75
CA LYS B 208 10.82 -13.70 30.28
C LYS B 208 11.32 -12.26 30.27
N GLU B 209 11.10 -11.57 29.16
CA GLU B 209 11.57 -10.20 28.98
C GLU B 209 10.40 -9.39 28.41
N ASP B 210 9.97 -8.38 29.14
CA ASP B 210 8.84 -7.57 28.72
C ASP B 210 9.34 -6.30 28.04
N ILE B 211 8.70 -5.94 26.93
CA ILE B 211 9.10 -4.82 26.10
C ILE B 211 8.03 -3.74 26.20
N PRO B 212 8.37 -2.51 26.57
CA PRO B 212 7.37 -1.44 26.64
C PRO B 212 7.10 -0.88 25.25
N PRO B 213 5.96 -0.23 25.05
CA PRO B 213 5.73 0.46 23.78
C PRO B 213 6.60 1.71 23.66
N ALA B 214 6.66 2.23 22.43
CA ALA B 214 7.53 3.34 22.12
C ALA B 214 6.90 4.67 22.55
N ASP B 215 7.64 5.76 22.32
CA ASP B 215 7.18 7.09 22.68
C ASP B 215 6.20 7.62 21.64
N LEU B 216 6.73 8.18 20.56
CA LEU B 216 5.97 8.64 19.39
C LEU B 216 4.97 9.76 19.72
N SER B 217 5.30 10.61 20.70
CA SER B 217 4.50 11.80 20.96
C SER B 217 4.77 12.91 19.94
N ASP B 218 5.82 12.77 19.14
CA ASP B 218 6.21 13.76 18.15
C ASP B 218 5.92 13.29 16.72
N GLN B 219 4.96 12.41 16.56
CA GLN B 219 4.67 11.80 15.28
C GLN B 219 3.88 12.76 14.39
N VAL B 220 4.09 12.64 13.09
CA VAL B 220 3.31 13.40 12.10
C VAL B 220 1.88 12.92 12.14
N PRO B 221 0.88 13.82 12.05
CA PRO B 221 -0.51 13.36 11.98
C PRO B 221 -0.78 12.60 10.68
N ASP B 222 -1.43 11.44 10.81
CA ASP B 222 -1.84 10.56 9.71
C ASP B 222 -0.63 10.03 8.94
N THR B 223 0.22 9.29 9.66
CA THR B 223 1.36 8.61 9.05
C THR B 223 1.48 7.21 9.62
N GLU B 224 2.10 6.34 8.83
CA GLU B 224 2.27 4.94 9.19
C GLU B 224 3.57 4.75 9.97
N SER B 225 3.52 3.92 11.00
CA SER B 225 4.67 3.58 11.83
C SER B 225 4.89 2.08 11.79
N GLU B 226 6.16 1.67 11.68
CA GLU B 226 6.51 0.27 11.54
C GLU B 226 7.56 -0.09 12.59
N THR B 227 7.30 -1.13 13.37
CA THR B 227 8.20 -1.60 14.41
C THR B 227 8.88 -2.89 13.96
N ARG B 228 10.21 -2.91 14.00
CA ARG B 228 11.00 -4.06 13.60
C ARG B 228 11.58 -4.73 14.83
N ILE B 229 11.37 -6.04 14.95
CA ILE B 229 11.92 -6.85 16.04
C ILE B 229 12.93 -7.82 15.44
N LEU B 230 14.11 -7.88 16.06
CA LEU B 230 15.23 -8.64 15.52
C LEU B 230 15.73 -9.65 16.54
N LEU B 231 16.00 -10.87 16.08
CA LEU B 231 16.58 -11.92 16.89
C LEU B 231 17.92 -12.30 16.30
N GLN B 232 18.94 -12.44 17.14
CA GLN B 232 20.29 -12.72 16.68
C GLN B 232 20.98 -13.60 17.70
N GLY B 233 21.53 -14.72 17.24
CA GLY B 233 22.29 -15.60 18.10
C GLY B 233 23.77 -15.23 18.13
N THR B 234 24.40 -15.47 19.28
CA THR B 234 25.81 -15.14 19.43
C THR B 234 26.64 -16.41 19.40
N PRO B 235 27.64 -16.50 18.54
CA PRO B 235 28.50 -17.69 18.52
C PRO B 235 29.48 -17.67 19.67
N VAL B 236 29.78 -18.87 20.17
CA VAL B 236 30.73 -19.07 21.25
C VAL B 236 31.87 -19.94 20.76
N ALA B 237 33.04 -19.77 21.37
CA ALA B 237 34.25 -20.52 20.99
C ALA B 237 35.00 -20.85 22.27
N GLN B 238 34.84 -22.08 22.76
CA GLN B 238 35.37 -22.51 24.05
C GLN B 238 36.29 -23.73 23.88
N MET B 239 36.92 -24.12 24.99
CA MET B 239 37.79 -25.29 25.12
C MET B 239 39.00 -25.24 24.19
N THR B 240 39.56 -26.43 23.90
CA THR B 240 40.71 -26.65 23.00
C THR B 240 42.03 -26.08 23.54
N GLU B 241 43.07 -26.91 23.60
CA GLU B 241 44.40 -26.50 23.98
C GLU B 241 45.38 -26.82 22.85
N ASP B 242 46.56 -26.22 22.92
CA ASP B 242 47.62 -26.54 21.98
C ASP B 242 48.20 -27.91 22.32
N ALA B 243 48.26 -28.78 21.30
CA ALA B 243 48.88 -30.09 21.47
C ALA B 243 50.40 -29.92 21.59
N VAL B 244 51.04 -30.94 22.14
CA VAL B 244 52.49 -30.95 22.29
C VAL B 244 53.11 -31.03 20.90
N ASP B 245 54.09 -30.16 20.64
CA ASP B 245 54.67 -30.02 19.31
C ASP B 245 55.43 -31.27 18.90
N ALA B 246 55.25 -31.66 17.63
CA ALA B 246 55.87 -32.88 17.12
C ALA B 246 57.38 -32.77 16.98
N GLU B 247 57.92 -31.55 16.96
CA GLU B 247 59.37 -31.36 16.98
C GLU B 247 59.97 -31.73 18.32
N ARG B 248 59.18 -31.71 19.39
CA ARG B 248 59.63 -32.17 20.71
C ARG B 248 59.52 -33.68 20.87
N LEU B 249 58.86 -34.37 19.95
CA LEU B 249 58.61 -35.80 20.05
C LEU B 249 59.36 -36.61 19.00
N LYS B 250 60.54 -36.14 18.58
CA LYS B 250 61.34 -36.88 17.62
C LYS B 250 62.00 -38.10 18.27
N HIS B 251 62.34 -38.01 19.55
CA HIS B 251 63.11 -39.02 20.28
C HIS B 251 62.28 -40.23 20.72
N LEU B 252 61.01 -40.30 20.36
CA LEU B 252 60.15 -41.38 20.85
C LEU B 252 60.09 -42.58 19.90
N ILE B 253 60.62 -42.47 18.69
CA ILE B 253 60.64 -43.59 17.75
C ILE B 253 61.78 -44.51 18.17
N VAL B 254 61.47 -45.54 18.95
CA VAL B 254 62.46 -46.41 19.56
C VAL B 254 62.27 -47.82 19.01
N THR B 255 63.37 -48.43 18.55
CA THR B 255 63.34 -49.82 18.12
C THR B 255 63.35 -50.73 19.34
N PRO B 256 62.33 -51.56 19.55
CA PRO B 256 62.29 -52.41 20.74
C PRO B 256 63.19 -53.63 20.59
N SER B 257 63.84 -54.00 21.69
CA SER B 257 64.75 -55.14 21.69
C SER B 257 64.91 -55.64 23.13
N GLY B 258 65.23 -56.91 23.26
CA GLY B 258 65.47 -57.49 24.58
C GLY B 258 64.59 -58.70 24.88
N CYS B 259 64.39 -58.97 26.17
CA CYS B 259 63.61 -60.13 26.59
C CYS B 259 62.11 -59.81 26.64
N GLY B 260 61.36 -60.52 27.49
CA GLY B 260 59.92 -60.35 27.55
C GLY B 260 59.48 -59.03 28.16
N GLU B 261 60.35 -58.39 28.93
CA GLU B 261 60.05 -57.09 29.54
C GLU B 261 60.85 -55.95 28.94
N GLU B 262 62.04 -56.24 28.40
CA GLU B 262 62.81 -55.23 27.69
C GLU B 262 62.23 -54.94 26.31
N ASN B 263 61.39 -55.83 25.78
CA ASN B 263 60.69 -55.51 24.54
C ASN B 263 59.62 -54.45 24.77
N MET B 264 58.93 -54.52 25.91
CA MET B 264 57.85 -53.59 26.20
C MET B 264 58.34 -52.20 26.60
N ILE B 265 59.57 -52.08 27.09
CA ILE B 265 60.08 -50.74 27.38
C ILE B 265 60.47 -50.04 26.08
N GLY B 266 60.81 -50.79 25.03
CA GLY B 266 61.08 -50.21 23.73
C GLY B 266 59.84 -50.09 22.88
N MET B 267 58.84 -50.95 23.12
CA MET B 267 57.61 -50.90 22.35
C MET B 267 56.73 -49.72 22.78
N THR B 268 56.84 -49.30 24.03
CA THR B 268 55.91 -48.30 24.56
C THR B 268 56.03 -46.91 23.95
N PRO B 269 57.20 -46.24 23.88
CA PRO B 269 57.22 -44.89 23.31
C PRO B 269 57.03 -44.84 21.80
N THR B 270 57.10 -45.97 21.10
CA THR B 270 56.85 -45.99 19.66
C THR B 270 55.37 -46.17 19.34
N VAL B 271 54.67 -46.99 20.13
CA VAL B 271 53.23 -47.19 19.92
C VAL B 271 52.45 -45.94 20.31
N ILE B 272 52.79 -45.34 21.45
CA ILE B 272 52.04 -44.18 21.94
C ILE B 272 52.34 -42.90 21.15
N ALA B 273 53.45 -42.83 20.43
CA ALA B 273 53.77 -41.66 19.64
C ALA B 273 52.96 -41.62 18.35
N VAL B 274 52.75 -42.77 17.71
CA VAL B 274 51.92 -42.83 16.51
C VAL B 274 50.46 -42.58 16.86
N HIS B 275 50.02 -43.01 18.05
CA HIS B 275 48.65 -42.75 18.49
C HIS B 275 48.42 -41.27 18.78
N TYR B 276 49.45 -40.56 19.23
CA TYR B 276 49.30 -39.14 19.52
C TYR B 276 49.42 -38.28 18.26
N LEU B 277 50.27 -38.70 17.31
CA LEU B 277 50.45 -37.93 16.09
C LEU B 277 49.31 -38.13 15.09
N ASP B 278 48.56 -39.23 15.18
CA ASP B 278 47.46 -39.45 14.26
C ASP B 278 46.22 -38.65 14.62
N GLU B 279 46.05 -38.32 15.90
CA GLU B 279 44.87 -37.57 16.34
C GLU B 279 45.06 -36.07 16.27
N THR B 280 46.28 -35.58 16.50
CA THR B 280 46.55 -34.15 16.49
C THR B 280 46.93 -33.60 15.13
N GLU B 281 47.19 -34.48 14.14
CA GLU B 281 47.49 -34.11 12.76
C GLU B 281 48.76 -33.26 12.64
N GLN B 282 49.83 -33.72 13.28
CA GLN B 282 51.11 -33.04 13.26
C GLN B 282 52.18 -33.81 12.49
N TRP B 283 51.77 -34.57 11.47
CA TRP B 283 52.74 -35.25 10.63
C TRP B 283 53.42 -34.32 9.63
N GLU B 284 52.84 -33.14 9.39
CA GLU B 284 53.49 -32.16 8.53
C GLU B 284 54.70 -31.53 9.22
N LYS B 285 54.53 -31.12 10.48
CA LYS B 285 55.61 -30.49 11.22
C LYS B 285 56.58 -31.50 11.83
N PHE B 286 56.25 -32.79 11.78
CA PHE B 286 57.21 -33.84 12.13
C PHE B 286 58.08 -34.22 10.94
N GLY B 287 57.58 -34.07 9.73
CA GLY B 287 58.39 -34.29 8.54
C GLY B 287 57.73 -35.16 7.49
N LEU B 288 56.70 -35.93 7.90
CA LEU B 288 55.97 -36.89 7.06
C LEU B 288 56.86 -38.05 6.59
N GLU B 289 56.26 -39.07 5.95
CA GLU B 289 56.93 -40.21 5.32
C GLU B 289 57.64 -41.18 6.27
N LYS B 290 58.01 -40.72 7.48
CA LYS B 290 58.60 -41.55 8.51
C LYS B 290 57.57 -42.36 9.28
N ARG B 291 56.30 -42.27 8.90
CA ARG B 291 55.25 -43.09 9.50
C ARG B 291 55.47 -44.57 9.19
N GLN B 292 55.86 -44.89 7.95
CA GLN B 292 56.06 -46.27 7.55
C GLN B 292 57.28 -46.90 8.24
N GLY B 293 58.29 -46.09 8.56
CA GLY B 293 59.40 -46.60 9.34
C GLY B 293 59.03 -46.86 10.78
N ALA B 294 58.08 -46.09 11.32
CA ALA B 294 57.59 -46.34 12.66
C ALA B 294 56.50 -47.41 12.72
N LEU B 295 55.79 -47.64 11.61
CA LEU B 295 54.83 -48.73 11.56
C LEU B 295 55.50 -50.09 11.53
N GLU B 296 56.74 -50.15 11.02
CA GLU B 296 57.48 -51.41 11.03
C GLU B 296 58.13 -51.69 12.38
N LEU B 297 58.42 -50.65 13.16
CA LEU B 297 58.94 -50.85 14.51
C LEU B 297 57.85 -51.30 15.48
N ILE B 298 56.58 -51.01 15.18
CA ILE B 298 55.49 -51.52 16.00
C ILE B 298 55.28 -53.01 15.73
N LYS B 299 55.41 -53.43 14.46
CA LYS B 299 55.32 -54.84 14.13
C LYS B 299 56.55 -55.63 14.58
N LYS B 300 57.66 -54.95 14.87
CA LYS B 300 58.85 -55.62 15.37
C LYS B 300 58.70 -56.05 16.83
N GLY B 301 58.13 -55.16 17.67
CA GLY B 301 57.93 -55.50 19.07
C GLY B 301 56.76 -56.41 19.34
N TYR B 302 55.77 -56.44 18.43
CA TYR B 302 54.67 -57.38 18.56
C TYR B 302 55.14 -58.80 18.27
N THR B 303 56.12 -58.97 17.38
CA THR B 303 56.63 -60.30 17.06
C THR B 303 57.50 -60.84 18.18
N GLN B 304 58.34 -59.99 18.78
CA GLN B 304 59.24 -60.43 19.84
C GLN B 304 58.50 -60.68 21.14
N GLN B 305 57.33 -60.07 21.35
CA GLN B 305 56.59 -60.28 22.59
C GLN B 305 55.89 -61.64 22.62
N LEU B 306 55.47 -62.15 21.46
CA LEU B 306 54.82 -63.45 21.42
C LEU B 306 55.80 -64.61 21.59
N ALA B 307 57.10 -64.35 21.46
CA ALA B 307 58.10 -65.39 21.69
C ALA B 307 58.26 -65.75 23.16
N PHE B 308 57.79 -64.89 24.06
CA PHE B 308 57.82 -65.15 25.50
C PHE B 308 56.44 -65.45 26.06
N ARG B 309 55.45 -65.71 25.20
CA ARG B 309 54.12 -66.07 25.64
C ARG B 309 54.11 -67.54 26.08
N GLN B 310 53.62 -67.79 27.29
CA GLN B 310 53.58 -69.14 27.82
C GLN B 310 52.46 -69.93 27.16
N PRO B 311 52.53 -71.28 27.22
CA PRO B 311 51.39 -72.10 26.77
C PRO B 311 50.12 -71.94 27.60
N SER B 312 50.17 -71.28 28.76
CA SER B 312 49.00 -70.92 29.53
C SER B 312 48.38 -69.60 29.08
N SER B 313 48.73 -69.12 27.88
CA SER B 313 48.25 -67.86 27.31
C SER B 313 48.59 -66.66 28.18
N ALA B 314 49.79 -66.68 28.76
CA ALA B 314 50.29 -65.59 29.60
C ALA B 314 51.71 -65.25 29.19
N PHE B 315 52.19 -64.11 29.68
CA PHE B 315 53.46 -63.55 29.26
C PHE B 315 54.40 -63.44 30.45
N ALA B 316 55.68 -63.75 30.21
CA ALA B 316 56.72 -63.64 31.22
C ALA B 316 57.97 -63.06 30.56
N ALA B 317 59.02 -62.88 31.36
CA ALA B 317 60.28 -62.38 30.81
C ALA B 317 61.05 -63.47 30.06
N PHE B 318 60.84 -64.73 30.43
CA PHE B 318 61.48 -65.85 29.76
C PHE B 318 60.47 -66.98 29.61
N VAL B 319 60.81 -67.94 28.74
CA VAL B 319 59.91 -69.06 28.49
C VAL B 319 59.94 -70.07 29.63
N LYS B 320 61.04 -70.12 30.39
CA LYS B 320 61.13 -70.96 31.57
C LYS B 320 60.67 -70.25 32.83
N ARG B 321 60.30 -68.98 32.73
CA ARG B 321 59.85 -68.21 33.87
C ARG B 321 58.37 -68.45 34.13
N ALA B 322 57.97 -68.32 35.40
CA ALA B 322 56.58 -68.43 35.78
C ALA B 322 55.78 -67.26 35.18
N PRO B 323 54.51 -67.49 34.84
CA PRO B 323 53.70 -66.42 34.24
C PRO B 323 53.40 -65.31 35.23
N SER B 324 53.33 -64.09 34.70
CA SER B 324 53.16 -62.88 35.49
C SER B 324 51.76 -62.30 35.29
N THR B 325 51.24 -61.67 36.34
CA THR B 325 49.92 -61.06 36.27
C THR B 325 49.99 -59.64 35.70
N TRP B 326 51.05 -58.89 36.04
CA TRP B 326 51.15 -57.51 35.56
C TRP B 326 51.58 -57.46 34.10
N LEU B 327 52.56 -58.27 33.70
CA LEU B 327 53.06 -58.21 32.32
C LEU B 327 52.04 -58.72 31.33
N THR B 328 51.22 -59.70 31.73
CA THR B 328 50.12 -60.16 30.88
C THR B 328 49.05 -59.07 30.77
N ALA B 329 48.82 -58.31 31.83
CA ALA B 329 47.80 -57.26 31.81
C ALA B 329 48.30 -55.99 31.11
N TYR B 330 49.59 -55.67 31.21
CA TYR B 330 50.11 -54.51 30.49
C TYR B 330 50.22 -54.79 28.99
N VAL B 331 50.37 -56.06 28.60
CA VAL B 331 50.33 -56.43 27.20
C VAL B 331 48.94 -56.17 26.61
N VAL B 332 47.89 -56.47 27.39
CA VAL B 332 46.51 -56.20 26.97
C VAL B 332 46.26 -54.70 26.83
N LYS B 333 46.87 -53.89 27.71
CA LYS B 333 46.68 -52.43 27.62
C LYS B 333 47.35 -51.85 26.39
N VAL B 334 48.52 -52.37 26.01
CA VAL B 334 49.21 -51.87 24.82
C VAL B 334 48.57 -52.45 23.55
N PHE B 335 48.19 -53.73 23.58
CA PHE B 335 47.68 -54.37 22.37
C PHE B 335 46.28 -53.88 21.99
N SER B 336 45.46 -53.52 22.98
CA SER B 336 44.13 -53.03 22.68
C SER B 336 44.16 -51.61 22.11
N LEU B 337 45.17 -50.81 22.47
CA LEU B 337 45.35 -49.51 21.88
C LEU B 337 46.08 -49.57 20.54
N ALA B 338 46.62 -50.74 20.18
CA ALA B 338 47.35 -50.91 18.93
C ALA B 338 46.53 -51.60 17.85
N VAL B 339 45.22 -51.77 18.07
CA VAL B 339 44.37 -52.37 17.04
C VAL B 339 44.02 -51.41 15.92
N ASN B 340 44.28 -50.11 16.09
CA ASN B 340 43.96 -49.12 15.06
C ASN B 340 45.08 -48.95 14.04
N LEU B 341 46.29 -49.44 14.34
CA LEU B 341 47.44 -49.24 13.46
C LEU B 341 47.78 -50.49 12.64
N ILE B 342 47.97 -51.63 13.30
CA ILE B 342 48.33 -52.87 12.61
C ILE B 342 47.30 -53.96 12.93
N ALA B 343 47.69 -55.22 12.76
CA ALA B 343 46.81 -56.36 12.99
C ALA B 343 47.08 -56.97 14.35
N ILE B 344 46.01 -57.41 15.02
CA ILE B 344 46.06 -58.00 16.35
C ILE B 344 45.23 -59.28 16.35
N ASP B 345 45.83 -60.39 16.78
CA ASP B 345 45.15 -61.67 16.81
C ASP B 345 44.16 -61.74 17.97
N SER B 346 43.09 -62.51 17.77
CA SER B 346 42.05 -62.68 18.77
C SER B 346 42.33 -63.80 19.76
N GLN B 347 43.20 -64.75 19.42
CA GLN B 347 43.48 -65.89 20.27
C GLN B 347 44.54 -65.62 21.33
N VAL B 348 45.30 -64.54 21.19
CA VAL B 348 46.32 -64.20 22.17
C VAL B 348 45.84 -63.11 23.12
N LEU B 349 45.11 -62.11 22.61
CA LEU B 349 44.63 -61.02 23.44
C LEU B 349 43.52 -61.47 24.38
N CYS B 350 42.52 -62.18 23.83
CA CYS B 350 41.45 -62.71 24.68
C CYS B 350 41.93 -63.88 25.53
N GLY B 351 42.91 -64.63 25.04
CA GLY B 351 43.50 -65.70 25.84
C GLY B 351 44.30 -65.16 27.01
N ALA B 352 44.88 -63.98 26.86
CA ALA B 352 45.48 -63.29 28.00
C ALA B 352 44.42 -62.82 28.97
N VAL B 353 43.25 -62.42 28.45
CA VAL B 353 42.14 -62.00 29.30
C VAL B 353 41.50 -63.21 29.97
N LYS B 354 41.36 -64.31 29.23
CA LYS B 354 40.79 -65.54 29.80
C LYS B 354 41.71 -66.16 30.84
N TRP B 355 43.03 -65.96 30.71
CA TRP B 355 43.94 -66.37 31.77
C TRP B 355 43.88 -65.43 32.96
N LEU B 356 43.55 -64.15 32.73
CA LEU B 356 43.39 -63.21 33.83
C LEU B 356 42.07 -63.38 34.57
N ILE B 357 41.05 -63.94 33.94
CA ILE B 357 39.74 -64.09 34.57
C ILE B 357 39.61 -65.44 35.27
N LEU B 358 39.96 -66.52 34.58
CA LEU B 358 39.76 -67.86 35.13
C LEU B 358 40.87 -68.32 36.06
N GLU B 359 42.10 -67.86 35.87
CA GLU B 359 43.24 -68.34 36.64
C GLU B 359 43.70 -67.38 37.71
N LYS B 360 43.84 -66.08 37.39
CA LYS B 360 44.42 -65.11 38.31
C LYS B 360 43.42 -64.03 38.71
N GLN B 361 42.17 -64.44 38.95
CA GLN B 361 41.16 -63.54 39.50
C GLN B 361 40.44 -64.28 40.63
N LYS B 362 40.55 -63.75 41.84
CA LYS B 362 39.75 -64.23 42.94
C LYS B 362 38.29 -63.83 42.73
N PRO B 363 37.34 -64.55 43.37
CA PRO B 363 35.93 -64.12 43.29
C PRO B 363 35.63 -62.77 43.96
N ASP B 364 36.58 -62.20 44.72
CA ASP B 364 36.43 -60.83 45.19
C ASP B 364 36.63 -59.81 44.07
N GLY B 365 37.22 -60.22 42.94
CA GLY B 365 37.63 -59.30 41.91
C GLY B 365 39.04 -58.82 42.02
N VAL B 366 39.74 -59.18 43.09
CA VAL B 366 41.11 -58.73 43.32
C VAL B 366 42.05 -59.54 42.44
N PHE B 367 42.90 -58.85 41.69
CA PHE B 367 43.93 -59.48 40.87
C PHE B 367 45.24 -59.50 41.64
N GLN B 368 45.72 -60.69 41.97
CA GLN B 368 46.93 -60.85 42.76
C GLN B 368 48.11 -61.12 41.84
N GLU B 369 49.27 -60.59 42.21
CA GLU B 369 50.49 -60.73 41.42
C GLU B 369 51.24 -61.97 41.88
N ASP B 370 51.38 -62.95 40.99
CA ASP B 370 52.16 -64.14 41.29
C ASP B 370 53.65 -63.82 41.26
N ALA B 371 54.21 -63.69 40.07
CA ALA B 371 55.61 -63.35 39.90
C ALA B 371 55.71 -61.93 39.36
N PRO B 372 56.29 -60.99 40.10
CA PRO B 372 56.45 -59.63 39.57
C PRO B 372 57.52 -59.59 38.48
N VAL B 373 57.50 -58.48 37.73
CA VAL B 373 58.43 -58.33 36.62
C VAL B 373 59.83 -58.01 37.13
N ILE B 374 60.83 -58.33 36.31
CA ILE B 374 62.21 -58.06 36.66
C ILE B 374 62.49 -56.56 36.61
N HIS B 375 62.02 -55.89 35.55
CA HIS B 375 62.18 -54.44 35.42
C HIS B 375 61.06 -53.77 36.21
N GLN B 376 61.40 -53.28 37.40
CA GLN B 376 60.44 -52.57 38.24
C GLN B 376 60.27 -51.12 37.86
N GLU B 377 61.08 -50.60 36.92
CA GLU B 377 60.95 -49.23 36.48
C GLU B 377 59.82 -49.02 35.49
N MET B 378 59.32 -50.10 34.87
CA MET B 378 58.30 -49.99 33.86
C MET B 378 56.88 -49.98 34.43
N ILE B 379 56.72 -50.28 35.72
CA ILE B 379 55.38 -50.33 36.31
C ILE B 379 54.89 -48.98 36.81
N GLY B 380 55.77 -48.00 36.97
CA GLY B 380 55.33 -46.67 37.34
C GLY B 380 54.91 -46.61 38.79
N GLY B 381 53.72 -46.06 39.03
CA GLY B 381 53.16 -45.88 40.36
C GLY B 381 52.80 -47.16 41.10
N LEU B 382 52.84 -48.31 40.41
CA LEU B 382 52.59 -49.59 41.06
C LEU B 382 53.81 -50.10 41.85
N ARG B 383 54.95 -49.40 41.76
CA ARG B 383 56.13 -49.81 42.52
C ARG B 383 55.96 -49.50 44.00
N ASN B 384 55.30 -48.39 44.31
CA ASN B 384 54.96 -48.08 45.70
C ASN B 384 53.85 -49.02 46.16
N ASN B 385 54.11 -49.75 47.24
CA ASN B 385 53.25 -50.86 47.66
C ASN B 385 52.06 -50.42 48.51
N ASN B 386 51.79 -49.12 48.61
CA ASN B 386 50.63 -48.66 49.37
C ASN B 386 49.36 -48.93 48.56
N GLU B 387 48.49 -49.78 49.13
CA GLU B 387 47.24 -50.24 48.50
C GLU B 387 47.52 -50.96 47.17
N LYS B 388 48.16 -52.12 47.30
CA LYS B 388 48.42 -52.95 46.12
C LYS B 388 47.14 -53.62 45.63
N ASP B 389 46.18 -53.87 46.54
CA ASP B 389 44.93 -54.49 46.14
C ASP B 389 43.98 -53.53 45.44
N MET B 390 44.17 -52.22 45.62
CA MET B 390 43.33 -51.22 44.95
C MET B 390 43.98 -50.60 43.72
N ALA B 391 45.30 -50.70 43.59
CA ALA B 391 46.02 -50.17 42.42
C ALA B 391 46.27 -51.21 41.34
N LEU B 392 46.53 -52.47 41.71
CA LEU B 392 46.72 -53.52 40.72
C LEU B 392 45.40 -54.00 40.14
N THR B 393 44.35 -54.04 40.96
CA THR B 393 43.01 -54.37 40.47
C THR B 393 42.50 -53.31 39.50
N ALA B 394 42.76 -52.03 39.82
CA ALA B 394 42.41 -50.95 38.91
C ALA B 394 43.26 -50.94 37.65
N PHE B 395 44.47 -51.51 37.69
CA PHE B 395 45.31 -51.54 36.49
C PHE B 395 44.80 -52.58 35.50
N VAL B 396 44.35 -53.73 36.00
CA VAL B 396 43.86 -54.79 35.11
C VAL B 396 42.45 -54.48 34.61
N LEU B 397 41.62 -53.81 35.43
CA LEU B 397 40.24 -53.55 35.07
C LEU B 397 40.13 -52.54 33.94
N ILE B 398 41.10 -51.63 33.81
CA ILE B 398 41.16 -50.76 32.64
C ILE B 398 41.52 -51.56 31.40
N SER B 399 42.41 -52.54 31.55
CA SER B 399 42.77 -53.41 30.43
C SER B 399 41.63 -54.34 30.04
N LEU B 400 40.76 -54.70 30.99
CA LEU B 400 39.60 -55.51 30.64
C LEU B 400 38.49 -54.69 30.00
N GLN B 401 38.37 -53.40 30.34
CA GLN B 401 37.38 -52.53 29.73
C GLN B 401 37.82 -51.92 28.41
N GLU B 402 39.13 -51.73 28.22
CA GLU B 402 39.63 -51.35 26.91
C GLU B 402 39.69 -52.53 25.95
N ALA B 403 39.55 -53.76 26.45
CA ALA B 403 39.34 -54.94 25.63
C ALA B 403 37.94 -55.52 25.82
N LYS B 404 37.01 -54.74 26.38
CA LYS B 404 35.64 -55.21 26.56
C LYS B 404 34.91 -55.28 25.23
N ASP B 405 35.14 -54.31 24.35
CA ASP B 405 34.50 -54.29 23.04
C ASP B 405 35.20 -55.18 22.02
N ILE B 406 36.26 -55.90 22.42
CA ILE B 406 36.97 -56.80 21.54
C ILE B 406 36.70 -58.26 21.88
N CYS B 407 36.69 -58.60 23.16
CA CYS B 407 36.54 -59.97 23.63
C CYS B 407 35.19 -60.22 24.32
N GLU B 408 34.11 -59.69 23.75
CA GLU B 408 32.78 -59.91 24.32
C GLU B 408 32.15 -61.24 23.87
N GLU B 409 32.56 -61.75 22.70
CA GLU B 409 31.97 -62.97 22.16
C GLU B 409 32.75 -64.22 22.53
N GLN B 410 34.08 -64.12 22.60
CA GLN B 410 34.91 -65.29 22.90
C GLN B 410 34.86 -65.65 24.38
N VAL B 411 35.19 -64.71 25.26
CA VAL B 411 35.17 -64.93 26.70
C VAL B 411 33.82 -64.48 27.21
N ASN B 412 32.95 -65.44 27.53
CA ASN B 412 31.62 -65.13 28.04
C ASN B 412 31.63 -64.73 29.52
N SER B 413 32.74 -64.94 30.23
CA SER B 413 32.87 -64.54 31.61
C SER B 413 33.42 -63.13 31.77
N LEU B 414 33.59 -62.39 30.68
CA LEU B 414 34.08 -61.02 30.73
C LEU B 414 33.04 -59.99 31.23
N PRO B 415 31.76 -60.02 30.81
CA PRO B 415 30.76 -59.17 31.51
C PRO B 415 30.53 -59.57 32.95
N GLY B 416 30.84 -60.80 33.35
CA GLY B 416 30.80 -61.17 34.74
C GLY B 416 31.99 -60.64 35.52
N SER B 417 33.19 -60.78 34.95
CA SER B 417 34.41 -60.39 35.66
C SER B 417 34.54 -58.87 35.77
N ILE B 418 33.95 -58.13 34.84
CA ILE B 418 33.94 -56.66 34.95
C ILE B 418 33.02 -56.24 36.09
N THR B 419 31.90 -56.93 36.27
CA THR B 419 31.01 -56.67 37.41
C THR B 419 31.65 -57.11 38.72
N LYS B 420 32.44 -58.19 38.70
CA LYS B 420 33.09 -58.67 39.92
C LYS B 420 34.22 -57.75 40.34
N ALA B 421 34.99 -57.23 39.39
CA ALA B 421 36.14 -56.39 39.72
C ALA B 421 35.72 -54.97 40.07
N GLY B 422 34.61 -54.48 39.51
CA GLY B 422 34.15 -53.14 39.80
C GLY B 422 33.50 -52.97 41.15
N ASP B 423 33.05 -54.06 41.77
CA ASP B 423 32.39 -53.96 43.07
C ASP B 423 33.40 -53.85 44.21
N PHE B 424 34.62 -54.37 44.02
CA PHE B 424 35.63 -54.26 45.07
C PHE B 424 36.18 -52.84 45.16
N LEU B 425 36.24 -52.13 44.04
CA LEU B 425 36.77 -50.76 44.07
C LEU B 425 35.78 -49.78 44.67
N GLU B 426 34.48 -50.08 44.59
CA GLU B 426 33.45 -49.16 45.08
C GLU B 426 33.36 -49.15 46.61
N ALA B 427 33.66 -50.26 47.27
CA ALA B 427 33.55 -50.34 48.72
C ALA B 427 34.67 -49.59 49.44
N ASN B 428 35.91 -49.81 49.01
CA ASN B 428 37.07 -49.22 49.67
C ASN B 428 37.54 -47.94 48.98
N TYR B 429 36.68 -47.30 48.18
CA TYR B 429 37.04 -46.02 47.57
C TYR B 429 36.99 -44.89 48.59
N MET B 430 36.16 -45.02 49.62
CA MET B 430 36.07 -44.03 50.69
C MET B 430 37.18 -44.16 51.72
N ASN B 431 38.10 -45.12 51.54
CA ASN B 431 39.17 -45.35 52.50
C ASN B 431 40.55 -45.21 51.87
N LEU B 432 40.64 -44.65 50.66
CA LEU B 432 41.92 -44.50 49.99
C LEU B 432 42.63 -43.23 50.47
N GLN B 433 43.96 -43.25 50.42
CA GLN B 433 44.78 -42.16 50.94
C GLN B 433 45.66 -41.52 49.87
N ARG B 434 46.40 -42.34 49.11
CA ARG B 434 47.33 -41.80 48.12
C ARG B 434 46.59 -41.29 46.89
N SER B 435 47.11 -40.20 46.32
CA SER B 435 46.47 -39.55 45.18
C SER B 435 46.62 -40.33 43.88
N TYR B 436 47.55 -41.27 43.80
CA TYR B 436 47.65 -42.12 42.62
C TYR B 436 46.62 -43.22 42.62
N THR B 437 46.33 -43.80 43.80
CA THR B 437 45.38 -44.90 43.89
C THR B 437 43.94 -44.41 43.68
N VAL B 438 43.67 -43.16 44.03
CA VAL B 438 42.35 -42.58 43.74
C VAL B 438 42.21 -42.34 42.24
N ALA B 439 43.31 -41.99 41.57
CA ALA B 439 43.24 -41.66 40.15
C ALA B 439 43.12 -42.92 39.30
N ILE B 440 43.81 -43.99 39.70
CA ILE B 440 43.76 -45.21 38.91
C ILE B 440 42.44 -45.97 39.14
N ALA B 441 41.85 -45.86 40.32
CA ALA B 441 40.57 -46.50 40.61
C ALA B 441 39.37 -45.63 40.24
N GLY B 442 39.60 -44.39 39.81
CA GLY B 442 38.52 -43.54 39.37
C GLY B 442 38.22 -43.71 37.91
N TYR B 443 39.24 -44.08 37.13
CA TYR B 443 39.05 -44.32 35.71
C TYR B 443 38.53 -45.73 35.45
N ALA B 444 38.77 -46.67 36.38
CA ALA B 444 38.22 -48.00 36.23
C ALA B 444 36.73 -48.05 36.57
N LEU B 445 36.24 -47.08 37.33
CA LEU B 445 34.82 -47.01 37.66
C LEU B 445 34.03 -46.08 36.76
N ALA B 446 34.70 -45.21 36.00
CA ALA B 446 34.01 -44.27 35.14
C ALA B 446 33.58 -44.87 33.81
N GLN B 447 34.25 -45.93 33.36
CA GLN B 447 33.93 -46.56 32.08
C GLN B 447 32.65 -47.38 32.13
N MET B 448 32.10 -47.65 33.32
CA MET B 448 30.80 -48.30 33.44
C MET B 448 29.69 -47.32 33.84
N GLY B 449 30.04 -46.20 34.46
CA GLY B 449 29.08 -45.26 34.97
C GLY B 449 28.80 -45.37 36.45
N ARG B 450 29.79 -45.79 37.25
CA ARG B 450 29.61 -46.04 38.68
C ARG B 450 30.47 -45.14 39.55
N LEU B 451 30.73 -43.93 39.10
CA LEU B 451 31.49 -42.95 39.88
C LEU B 451 30.55 -41.81 40.27
N LYS B 452 29.66 -42.10 41.22
CA LYS B 452 28.64 -41.16 41.69
C LYS B 452 28.58 -41.19 43.21
N GLY B 453 27.82 -40.25 43.76
CA GLY B 453 27.60 -40.17 45.18
C GLY B 453 28.80 -39.65 45.95
N PRO B 454 29.12 -40.30 47.08
CA PRO B 454 30.32 -39.91 47.84
C PRO B 454 31.63 -40.30 47.17
N LEU B 455 31.59 -41.14 46.13
CA LEU B 455 32.81 -41.50 45.40
C LEU B 455 33.22 -40.43 44.40
N LEU B 456 32.25 -39.72 43.81
CA LEU B 456 32.59 -38.70 42.83
C LEU B 456 33.15 -37.45 43.50
N ASN B 457 32.74 -37.17 44.73
CA ASN B 457 33.25 -36.00 45.45
C ASN B 457 34.69 -36.20 45.91
N LYS B 458 35.07 -37.44 46.24
CA LYS B 458 36.45 -37.73 46.64
C LYS B 458 37.40 -37.70 45.45
N PHE B 459 36.88 -37.87 44.23
CA PHE B 459 37.72 -37.85 43.04
C PHE B 459 38.14 -36.44 42.65
N LEU B 460 37.26 -35.45 42.86
CA LEU B 460 37.53 -34.08 42.42
C LEU B 460 38.30 -33.26 43.44
N THR B 461 38.18 -33.58 44.74
CA THR B 461 38.82 -32.79 45.79
C THR B 461 40.23 -33.27 46.13
N THR B 462 40.68 -34.39 45.56
CA THR B 462 42.04 -34.86 45.81
C THR B 462 43.06 -34.00 45.07
N ALA B 463 42.64 -33.29 44.02
CA ALA B 463 43.55 -32.46 43.24
C ALA B 463 43.99 -31.25 44.04
N LYS B 464 45.30 -31.14 44.27
CA LYS B 464 45.86 -29.97 44.92
C LYS B 464 46.00 -28.85 43.90
N ASP B 465 45.46 -27.66 44.25
CA ASP B 465 45.33 -26.48 43.39
C ASP B 465 44.42 -26.69 42.18
N LYS B 466 43.63 -27.78 42.17
CA LYS B 466 42.67 -28.11 41.11
C LYS B 466 43.32 -28.22 39.73
N ASN B 467 44.52 -28.80 39.67
CA ASN B 467 45.20 -28.97 38.39
C ASN B 467 46.11 -30.19 38.38
N ARG B 468 46.42 -30.75 39.55
CA ARG B 468 47.33 -31.88 39.63
C ARG B 468 46.99 -32.75 40.83
N TRP B 469 47.12 -34.07 40.64
CA TRP B 469 46.93 -35.02 41.74
C TRP B 469 48.28 -35.60 42.16
N GLU B 470 49.21 -34.73 42.56
CA GLU B 470 50.56 -35.18 42.87
C GLU B 470 50.62 -35.85 44.24
N ASP B 471 51.39 -36.94 44.31
CA ASP B 471 51.65 -37.62 45.56
C ASP B 471 52.80 -36.93 46.29
N PRO B 472 52.86 -37.05 47.63
CA PRO B 472 54.08 -36.61 48.34
C PRO B 472 55.20 -37.64 48.19
N GLY B 473 55.83 -37.61 47.01
CA GLY B 473 56.91 -38.52 46.67
C GLY B 473 56.79 -39.06 45.25
N LYS B 474 57.95 -39.25 44.59
CA LYS B 474 58.08 -39.78 43.23
C LYS B 474 57.46 -38.88 42.17
N GLN B 475 58.31 -38.21 41.38
CA GLN B 475 57.81 -37.32 40.33
C GLN B 475 57.14 -38.08 39.20
N LEU B 476 57.60 -39.30 38.93
CA LEU B 476 57.05 -40.06 37.81
C LEU B 476 55.63 -40.54 38.10
N TYR B 477 55.29 -40.70 39.37
CA TYR B 477 53.95 -41.18 39.71
C TYR B 477 52.95 -40.03 39.68
N ASN B 478 53.40 -38.82 40.00
CA ASN B 478 52.54 -37.64 39.92
C ASN B 478 52.22 -37.27 38.48
N VAL B 479 53.20 -37.46 37.59
CA VAL B 479 52.98 -37.22 36.17
C VAL B 479 52.01 -38.25 35.60
N GLU B 480 52.10 -39.48 36.09
CA GLU B 480 51.18 -40.53 35.63
C GLU B 480 49.79 -40.37 36.25
N ALA B 481 49.70 -39.81 37.45
CA ALA B 481 48.41 -39.74 38.12
C ALA B 481 47.51 -38.66 37.54
N THR B 482 48.10 -37.59 37.00
CA THR B 482 47.32 -36.53 36.38
C THR B 482 46.65 -37.02 35.09
N SER B 483 47.28 -37.96 34.40
CA SER B 483 46.74 -38.48 33.15
C SER B 483 45.74 -39.61 33.34
N TYR B 484 45.82 -40.34 34.45
CA TYR B 484 44.76 -41.29 34.78
C TYR B 484 43.48 -40.58 35.19
N ALA B 485 43.59 -39.48 35.95
CA ALA B 485 42.41 -38.73 36.36
C ALA B 485 41.85 -37.87 35.23
N LEU B 486 42.68 -37.48 34.27
CA LEU B 486 42.18 -36.78 33.10
C LEU B 486 41.36 -37.71 32.21
N LEU B 487 41.75 -38.98 32.12
CA LEU B 487 40.97 -39.96 31.37
C LEU B 487 39.65 -40.28 32.05
N ALA B 488 39.59 -40.14 33.38
CA ALA B 488 38.31 -40.30 34.08
C ALA B 488 37.43 -39.06 33.93
N LEU B 489 38.04 -37.89 33.78
CA LEU B 489 37.27 -36.66 33.59
C LEU B 489 36.64 -36.60 32.20
N LEU B 490 37.27 -37.25 31.21
CA LEU B 490 36.72 -37.28 29.85
C LEU B 490 35.73 -38.41 29.64
N GLN B 491 35.74 -39.44 30.49
CA GLN B 491 34.72 -40.47 30.43
C GLN B 491 33.43 -40.04 31.12
N LEU B 492 33.54 -39.20 32.15
CA LEU B 492 32.39 -38.65 32.84
C LEU B 492 31.70 -37.55 32.04
N LYS B 493 32.38 -37.02 31.01
CA LYS B 493 31.92 -35.87 30.22
C LYS B 493 31.74 -34.62 31.08
N ASP B 494 32.62 -34.45 32.06
CA ASP B 494 32.67 -33.26 32.89
C ASP B 494 33.80 -32.40 32.36
N PHE B 495 33.47 -31.46 31.48
CA PHE B 495 34.45 -30.66 30.77
C PHE B 495 34.87 -29.40 31.53
N ASP B 496 34.38 -29.22 32.76
CA ASP B 496 34.74 -28.04 33.55
C ASP B 496 36.04 -28.21 34.31
N PHE B 497 36.27 -29.41 34.85
CA PHE B 497 37.52 -29.70 35.56
C PHE B 497 38.68 -29.97 34.62
N VAL B 498 38.41 -30.18 33.34
CA VAL B 498 39.40 -30.54 32.32
C VAL B 498 40.45 -29.47 31.97
N PRO B 499 40.09 -28.22 31.63
CA PRO B 499 41.13 -27.25 31.14
C PRO B 499 42.22 -26.87 32.14
N PRO B 500 41.98 -26.80 33.47
CA PRO B 500 43.15 -26.68 34.37
C PRO B 500 44.03 -27.92 34.44
N VAL B 501 43.50 -29.10 34.13
CA VAL B 501 44.32 -30.32 34.19
C VAL B 501 45.21 -30.43 32.96
N VAL B 502 44.68 -30.11 31.78
CA VAL B 502 45.44 -30.16 30.54
C VAL B 502 46.52 -29.08 30.50
N ARG B 503 46.23 -27.92 31.10
CA ARG B 503 47.17 -26.79 31.08
C ARG B 503 48.38 -27.07 31.95
N TRP B 504 48.23 -27.89 32.99
CA TRP B 504 49.38 -28.25 33.82
C TRP B 504 50.26 -29.30 33.15
N LEU B 505 49.66 -30.19 32.35
CA LEU B 505 50.45 -31.22 31.69
C LEU B 505 51.23 -30.66 30.50
N ASN B 506 50.77 -29.56 29.91
CA ASN B 506 51.48 -28.94 28.79
C ASN B 506 52.52 -27.92 29.25
N GLU B 507 52.30 -27.26 30.39
CA GLU B 507 53.29 -26.34 30.93
C GLU B 507 54.46 -27.06 31.61
N GLN B 508 54.27 -28.31 32.01
CA GLN B 508 55.37 -29.09 32.57
C GLN B 508 56.36 -29.51 31.49
N ARG B 509 55.87 -29.68 30.25
CA ARG B 509 56.69 -29.98 29.07
C ARG B 509 57.43 -31.31 29.18
N TYR B 510 56.75 -32.32 29.72
CA TYR B 510 57.29 -33.67 29.76
C TYR B 510 57.08 -34.32 28.40
N TYR B 511 58.18 -34.57 27.68
CA TYR B 511 58.12 -35.10 26.33
C TYR B 511 58.32 -36.60 26.27
N GLY B 512 58.35 -37.28 27.41
CA GLY B 512 58.48 -38.72 27.44
C GLY B 512 59.92 -39.18 27.24
N GLY B 513 60.08 -40.50 27.21
CA GLY B 513 61.36 -41.11 26.95
C GLY B 513 62.31 -41.13 28.13
N GLY B 514 63.10 -42.19 28.25
CA GLY B 514 64.11 -42.32 29.28
C GLY B 514 63.90 -43.55 30.13
N TYR B 515 64.71 -43.64 31.18
CA TYR B 515 64.63 -44.75 32.12
C TYR B 515 63.42 -44.58 33.03
N GLY B 516 62.66 -45.66 33.20
CA GLY B 516 61.48 -45.62 34.05
C GLY B 516 60.31 -44.87 33.46
N SER B 517 60.37 -44.48 32.19
CA SER B 517 59.36 -43.67 31.55
C SER B 517 58.34 -44.51 30.77
N THR B 518 58.16 -45.77 31.16
CA THR B 518 57.24 -46.63 30.42
C THR B 518 55.78 -46.24 30.69
N GLN B 519 55.42 -46.10 31.96
CA GLN B 519 54.07 -45.62 32.26
C GLN B 519 53.92 -44.13 32.05
N ALA B 520 55.02 -43.37 32.19
CA ALA B 520 54.95 -41.92 32.08
C ALA B 520 54.87 -41.42 30.65
N THR B 521 55.31 -42.20 29.67
CA THR B 521 55.11 -41.84 28.28
C THR B 521 53.81 -42.42 27.74
N PHE B 522 53.36 -43.55 28.28
CA PHE B 522 52.17 -44.22 27.76
C PHE B 522 50.89 -43.52 28.17
N MET B 523 50.83 -42.91 29.34
CA MET B 523 49.58 -42.35 29.85
C MET B 523 49.40 -40.87 29.57
N VAL B 524 50.48 -40.08 29.56
CA VAL B 524 50.37 -38.66 29.29
C VAL B 524 49.93 -38.40 27.85
N PHE B 525 50.45 -39.19 26.91
CA PHE B 525 50.05 -39.07 25.52
C PHE B 525 48.85 -39.93 25.16
N GLN B 526 48.25 -40.62 26.14
CA GLN B 526 46.95 -41.24 25.96
C GLN B 526 45.83 -40.31 26.42
N ALA B 527 46.07 -39.56 27.49
CA ALA B 527 45.09 -38.59 27.97
C ALA B 527 45.06 -37.34 27.10
N LEU B 528 46.24 -36.88 26.66
CA LEU B 528 46.29 -35.71 25.79
C LEU B 528 45.79 -36.01 24.38
N ALA B 529 45.83 -37.27 23.95
CA ALA B 529 45.21 -37.64 22.68
C ALA B 529 43.70 -37.82 22.83
N GLN B 530 43.24 -38.27 23.99
CA GLN B 530 41.80 -38.33 24.27
C GLN B 530 41.22 -36.94 24.43
N TYR B 531 42.04 -35.96 24.84
CA TYR B 531 41.55 -34.60 25.01
C TYR B 531 41.24 -33.94 23.67
N GLN B 532 42.09 -34.14 22.67
CA GLN B 532 41.90 -33.49 21.37
C GLN B 532 40.72 -34.06 20.59
N LYS B 533 40.27 -35.27 20.91
CA LYS B 533 39.11 -35.84 20.23
C LYS B 533 37.79 -35.46 20.91
N ASP B 534 37.78 -35.36 22.24
CA ASP B 534 36.59 -35.01 22.99
C ASP B 534 36.43 -33.51 23.19
N ALA B 535 37.32 -32.70 22.64
CA ALA B 535 37.24 -31.26 22.85
C ALA B 535 36.16 -30.64 21.99
N PRO B 536 35.21 -29.91 22.57
CA PRO B 536 34.22 -29.20 21.75
C PRO B 536 34.78 -27.85 21.28
N ASP B 537 34.24 -27.38 20.17
CA ASP B 537 34.59 -26.06 19.67
C ASP B 537 33.64 -24.96 20.16
N HIS B 538 32.48 -25.35 20.67
CA HIS B 538 31.47 -24.39 21.11
C HIS B 538 30.56 -25.06 22.13
N GLN B 539 29.91 -24.24 22.94
CA GLN B 539 28.85 -24.75 23.78
C GLN B 539 27.52 -24.70 23.01
N GLU B 540 26.49 -25.29 23.61
CA GLU B 540 25.20 -25.46 22.95
C GLU B 540 24.53 -24.12 22.67
N LEU B 541 23.96 -23.99 21.47
CA LEU B 541 23.03 -22.91 21.14
C LEU B 541 21.74 -23.54 20.66
N ASN B 542 20.67 -23.34 21.43
CA ASN B 542 19.35 -23.87 21.08
C ASN B 542 18.34 -23.03 21.88
N LEU B 543 17.86 -21.95 21.27
CA LEU B 543 17.08 -20.95 21.97
C LEU B 543 15.63 -20.98 21.49
N ASP B 544 14.77 -21.55 22.33
CA ASP B 544 13.33 -21.64 22.08
C ASP B 544 12.70 -20.28 22.42
N VAL B 545 12.83 -19.34 21.48
CA VAL B 545 12.43 -17.95 21.70
C VAL B 545 11.05 -17.76 21.09
N SER B 546 10.02 -17.72 21.94
CA SER B 546 8.65 -17.47 21.51
C SER B 546 8.23 -16.06 21.89
N LEU B 547 7.47 -15.42 21.00
CA LEU B 547 7.07 -14.02 21.16
C LEU B 547 5.55 -13.96 21.13
N GLN B 548 4.94 -13.54 22.24
CA GLN B 548 3.50 -13.34 22.31
C GLN B 548 3.20 -11.86 22.15
N LEU B 549 2.37 -11.52 21.18
CA LEU B 549 1.92 -10.16 21.00
C LEU B 549 0.44 -10.06 21.32
N PRO B 550 -0.02 -8.97 21.94
CA PRO B 550 -1.46 -8.83 22.21
C PRO B 550 -2.27 -8.45 20.99
N SER B 551 -1.62 -8.08 19.88
CA SER B 551 -2.36 -7.78 18.66
C SER B 551 -2.76 -9.04 17.91
N ARG B 552 -2.03 -10.13 18.09
CA ARG B 552 -2.29 -11.39 17.40
C ARG B 552 -2.85 -12.42 18.38
N SER B 553 -2.94 -13.66 17.90
CA SER B 553 -3.36 -14.78 18.72
C SER B 553 -2.36 -15.91 18.79
N SER B 554 -1.42 -16.00 17.85
CA SER B 554 -0.46 -17.08 17.82
C SER B 554 0.89 -16.62 18.36
N LYS B 555 1.58 -17.53 19.04
CA LYS B 555 2.93 -17.26 19.52
C LYS B 555 3.91 -17.49 18.38
N ILE B 556 4.80 -16.53 18.16
CA ILE B 556 5.79 -16.59 17.08
C ILE B 556 7.07 -17.18 17.65
N THR B 557 7.36 -18.43 17.30
CA THR B 557 8.42 -19.20 17.92
C THR B 557 9.53 -19.46 16.90
N HIS B 558 10.77 -19.15 17.28
CA HIS B 558 11.95 -19.45 16.48
C HIS B 558 12.89 -20.29 17.33
N ARG B 559 13.63 -21.19 16.67
CA ARG B 559 14.70 -21.94 17.31
C ARG B 559 16.00 -21.62 16.61
N ILE B 560 16.94 -21.03 17.35
CA ILE B 560 18.22 -20.60 16.81
C ILE B 560 19.27 -21.64 17.18
N HIS B 561 19.84 -22.28 16.18
CA HIS B 561 20.87 -23.29 16.39
C HIS B 561 22.25 -22.68 16.11
N TRP B 562 23.28 -23.54 16.08
CA TRP B 562 24.64 -23.08 15.84
C TRP B 562 24.85 -22.72 14.37
N GLU B 563 24.33 -23.54 13.46
CA GLU B 563 24.52 -23.29 12.03
C GLU B 563 23.69 -22.12 11.55
N SER B 564 22.49 -21.95 12.09
CA SER B 564 21.60 -20.86 11.74
C SER B 564 21.80 -19.63 12.62
N ALA B 565 22.88 -19.59 13.40
CA ALA B 565 23.19 -18.39 14.17
C ALA B 565 23.72 -17.30 13.25
N SER B 566 23.80 -16.07 13.80
CA SER B 566 24.16 -14.86 13.06
C SER B 566 23.25 -14.63 11.86
N LEU B 567 21.95 -14.82 12.06
CA LEU B 567 20.94 -14.69 11.01
C LEU B 567 19.74 -13.99 11.63
N LEU B 568 19.50 -12.74 11.22
CA LEU B 568 18.40 -11.99 11.81
C LEU B 568 17.06 -12.50 11.31
N ARG B 569 16.12 -12.61 12.23
CA ARG B 569 14.77 -13.12 11.99
C ARG B 569 13.85 -11.96 12.29
N SER B 570 13.64 -11.11 11.28
CA SER B 570 12.85 -9.90 11.48
C SER B 570 11.36 -10.21 11.46
N GLU B 571 10.65 -9.59 12.40
CA GLU B 571 9.19 -9.69 12.48
C GLU B 571 8.66 -8.27 12.61
N GLU B 572 8.02 -7.78 11.56
CA GLU B 572 7.56 -6.40 11.52
C GLU B 572 6.11 -6.32 12.00
N THR B 573 5.81 -5.26 12.75
CA THR B 573 4.47 -5.03 13.27
C THR B 573 4.17 -3.54 13.16
N LYS B 574 3.11 -3.19 12.45
CA LYS B 574 2.75 -1.79 12.32
C LYS B 574 1.97 -1.24 13.50
N GLU B 575 1.55 -2.09 14.44
CA GLU B 575 0.86 -1.67 15.64
C GLU B 575 1.85 -1.58 16.79
N ASN B 576 1.74 -0.50 17.57
CA ASN B 576 2.65 -0.25 18.68
C ASN B 576 1.99 -0.76 19.97
N GLU B 577 2.33 -1.98 20.35
CA GLU B 577 1.77 -2.61 21.54
C GLU B 577 2.91 -3.19 22.37
N GLY B 578 2.71 -3.17 23.70
CA GLY B 578 3.65 -3.82 24.59
C GLY B 578 3.49 -5.33 24.50
N PHE B 579 4.58 -6.04 24.20
CA PHE B 579 4.55 -7.47 23.98
C PHE B 579 5.54 -8.17 24.90
N THR B 580 5.38 -9.49 25.00
CA THR B 580 6.21 -10.32 25.86
C THR B 580 7.11 -11.22 25.01
N VAL B 581 8.31 -11.48 25.50
CA VAL B 581 9.28 -12.35 24.84
C VAL B 581 9.66 -13.46 25.81
N THR B 582 9.29 -14.69 25.46
CA THR B 582 9.66 -15.85 26.26
C THR B 582 10.85 -16.53 25.58
N ALA B 583 11.95 -16.67 26.31
CA ALA B 583 13.16 -17.28 25.78
C ALA B 583 13.53 -18.48 26.62
N GLU B 584 13.58 -19.66 26.01
CA GLU B 584 13.87 -20.91 26.70
C GLU B 584 15.01 -21.60 25.97
N GLY B 585 15.69 -22.51 26.67
CA GLY B 585 16.75 -23.31 26.08
C GLY B 585 18.12 -22.94 26.60
N LYS B 586 19.14 -23.38 25.86
CA LYS B 586 20.52 -23.21 26.26
C LYS B 586 21.24 -22.35 25.23
N GLY B 587 21.95 -21.33 25.69
CA GLY B 587 22.76 -20.48 24.82
C GLY B 587 22.48 -19.02 25.06
N GLN B 588 23.23 -18.18 24.32
CA GLN B 588 23.15 -16.74 24.44
C GLN B 588 22.59 -16.13 23.16
N GLY B 589 21.89 -15.00 23.30
CA GLY B 589 21.25 -14.34 22.19
C GLY B 589 21.16 -12.83 22.40
N THR B 590 20.76 -12.12 21.34
CA THR B 590 20.70 -10.65 21.36
C THR B 590 19.41 -10.19 20.70
N LEU B 591 18.55 -9.51 21.47
CA LEU B 591 17.27 -9.01 20.98
C LEU B 591 17.37 -7.51 20.73
N SER B 592 16.80 -7.06 19.61
CA SER B 592 16.85 -5.65 19.22
C SER B 592 15.48 -5.24 18.70
N VAL B 593 14.94 -4.14 19.23
CA VAL B 593 13.61 -3.64 18.84
C VAL B 593 13.77 -2.19 18.39
N VAL B 594 13.61 -1.95 17.08
CA VAL B 594 13.73 -0.62 16.49
C VAL B 594 12.42 -0.28 15.79
N THR B 595 11.94 0.95 15.98
CA THR B 595 10.75 1.45 15.30
C THR B 595 11.12 2.60 14.38
N MET B 596 10.75 2.49 13.10
CA MET B 596 10.97 3.55 12.13
C MET B 596 9.64 4.27 11.89
N TYR B 597 9.68 5.59 11.88
CA TYR B 597 8.47 6.38 11.71
C TYR B 597 8.85 7.74 11.14
N HIS B 598 7.83 8.51 10.78
CA HIS B 598 8.01 9.87 10.27
C HIS B 598 7.87 10.85 11.42
N ALA B 599 8.91 11.63 11.66
CA ALA B 599 8.97 12.53 12.79
C ALA B 599 8.57 13.94 12.36
N LYS B 600 7.68 14.57 13.13
CA LYS B 600 7.28 15.95 12.89
C LYS B 600 8.23 16.87 13.63
N ALA B 601 9.11 17.54 12.89
CA ALA B 601 9.96 18.57 13.47
C ALA B 601 9.71 19.88 12.73
N LYS B 602 10.72 20.73 12.64
CA LYS B 602 10.64 21.86 11.72
C LYS B 602 10.66 21.35 10.29
N ASP B 603 9.97 22.06 9.41
CA ASP B 603 9.93 21.72 8.00
C ASP B 603 11.04 22.39 7.21
N GLN B 604 12.10 22.83 7.87
CA GLN B 604 13.15 23.63 7.23
C GLN B 604 14.18 22.70 6.61
N LEU B 605 13.84 22.21 5.42
CA LEU B 605 14.80 21.56 4.53
C LEU B 605 14.88 22.24 3.17
N THR B 606 13.85 23.00 2.77
CA THR B 606 13.89 23.81 1.57
C THR B 606 14.65 25.10 1.85
N CYS B 607 15.44 25.55 0.86
CA CYS B 607 16.38 26.66 0.99
C CYS B 607 17.35 26.46 2.17
N ASN B 608 18.11 25.37 2.10
CA ASN B 608 19.08 25.07 3.14
C ASN B 608 20.49 25.53 2.81
N LYS B 609 20.83 25.65 1.52
CA LYS B 609 22.09 26.23 1.09
C LYS B 609 21.92 27.54 0.32
N PHE B 610 20.69 27.96 0.04
CA PHE B 610 20.45 29.20 -0.66
C PHE B 610 19.30 29.95 -0.01
N ASP B 611 19.09 31.19 -0.46
CA ASP B 611 17.92 31.98 -0.15
C ASP B 611 17.48 32.65 -1.44
N LEU B 612 16.21 32.50 -1.79
CA LEU B 612 15.71 32.96 -3.07
C LEU B 612 14.46 33.80 -2.85
N LYS B 613 14.47 35.02 -3.39
CA LYS B 613 13.35 35.96 -3.31
C LYS B 613 13.01 36.38 -4.73
N VAL B 614 11.85 35.94 -5.22
CA VAL B 614 11.40 36.24 -6.57
C VAL B 614 10.11 37.05 -6.49
N THR B 615 10.07 38.17 -7.22
CA THR B 615 8.92 39.06 -7.23
C THR B 615 8.70 39.52 -8.66
N ILE B 616 7.42 39.58 -9.07
CA ILE B 616 7.02 40.02 -10.40
C ILE B 616 6.26 41.33 -10.27
N LYS B 617 6.72 42.35 -11.00
CA LYS B 617 6.17 43.70 -10.94
C LYS B 617 5.89 44.20 -12.35
N PRO B 618 4.85 45.00 -12.53
CA PRO B 618 4.58 45.57 -13.86
C PRO B 618 5.57 46.69 -14.20
N ALA B 619 5.76 46.88 -15.50
CA ALA B 619 6.67 47.89 -16.00
C ALA B 619 5.98 49.26 -16.05
N PRO B 620 6.74 50.36 -16.00
CA PRO B 620 6.13 51.69 -16.17
C PRO B 620 5.67 51.95 -17.61
N GLU B 621 5.04 53.10 -17.83
CA GLU B 621 4.43 53.41 -19.11
C GLU B 621 5.42 54.12 -20.01
N THR B 622 5.78 53.46 -21.12
CA THR B 622 6.43 54.11 -22.25
C THR B 622 5.36 54.45 -23.28
N GLU B 623 5.44 55.66 -23.83
CA GLU B 623 4.41 56.31 -24.67
C GLU B 623 2.95 56.13 -24.24
N LYS B 630 -0.39 43.54 -25.49
CA LYS B 630 1.02 43.92 -25.34
C LYS B 630 1.27 44.50 -23.96
N ASN B 631 1.41 43.61 -22.97
CA ASN B 631 1.80 43.98 -21.63
C ASN B 631 3.27 43.61 -21.41
N THR B 632 3.95 44.42 -20.59
CA THR B 632 5.32 44.18 -20.23
C THR B 632 5.44 44.29 -18.71
N MET B 633 6.15 43.34 -18.11
CA MET B 633 6.35 43.32 -16.67
C MET B 633 7.83 43.08 -16.36
N ILE B 634 8.22 43.42 -15.13
CA ILE B 634 9.60 43.33 -14.67
C ILE B 634 9.70 42.21 -13.65
N LEU B 635 10.55 41.23 -13.94
CA LEU B 635 10.82 40.13 -13.03
C LEU B 635 12.15 40.39 -12.33
N GLU B 636 12.15 40.34 -11.00
CA GLU B 636 13.34 40.59 -10.20
C GLU B 636 13.67 39.34 -9.39
N ILE B 637 14.91 38.89 -9.49
CA ILE B 637 15.39 37.68 -8.84
C ILE B 637 16.62 38.04 -8.01
N CYS B 638 16.61 37.68 -6.73
CA CYS B 638 17.74 37.89 -5.84
C CYS B 638 18.07 36.58 -5.12
N THR B 639 19.37 36.28 -5.04
CA THR B 639 19.82 35.02 -4.46
C THR B 639 21.06 35.26 -3.61
N ARG B 640 21.25 34.40 -2.61
CA ARG B 640 22.40 34.50 -1.70
C ARG B 640 22.69 33.11 -1.14
N TYR B 641 23.97 32.78 -1.05
CA TYR B 641 24.41 31.48 -0.57
C TYR B 641 24.53 31.51 0.96
N ARG B 642 24.10 30.42 1.59
CA ARG B 642 24.30 30.23 3.02
C ARG B 642 25.62 29.50 3.25
N GLY B 643 26.50 30.11 4.02
CA GLY B 643 27.79 29.52 4.31
C GLY B 643 28.80 30.57 4.74
N ASP B 644 30.03 30.10 4.94
CA ASP B 644 31.12 30.97 5.35
C ASP B 644 31.89 31.57 4.17
N GLN B 645 31.67 31.07 2.96
CA GLN B 645 32.36 31.56 1.77
C GLN B 645 31.34 31.84 0.68
N ASP B 646 31.79 32.56 -0.35
CA ASP B 646 30.97 32.76 -1.53
C ASP B 646 30.83 31.46 -2.31
N ALA B 647 29.68 31.29 -2.95
CA ALA B 647 29.41 30.06 -3.68
C ALA B 647 30.19 30.02 -4.98
N THR B 648 30.40 28.80 -5.50
CA THR B 648 31.10 28.59 -6.76
C THR B 648 30.14 28.82 -7.94
N MET B 649 30.40 28.18 -9.07
CA MET B 649 29.56 28.40 -10.24
C MET B 649 28.22 27.67 -10.07
N SER B 650 27.13 28.40 -10.27
CA SER B 650 25.79 27.87 -10.04
C SER B 650 24.92 28.08 -11.27
N ILE B 651 23.79 27.39 -11.27
CA ILE B 651 22.90 27.29 -12.42
C ILE B 651 21.53 27.79 -12.00
N LEU B 652 20.97 28.73 -12.76
CA LEU B 652 19.64 29.25 -12.52
C LEU B 652 18.70 28.65 -13.55
N ASP B 653 17.64 27.99 -13.10
CA ASP B 653 16.67 27.36 -13.99
C ASP B 653 15.42 28.22 -13.93
N ILE B 654 15.29 29.14 -14.89
CA ILE B 654 14.15 30.05 -14.95
C ILE B 654 13.14 29.49 -15.94
N SER B 655 11.93 29.25 -15.47
CA SER B 655 10.81 28.87 -16.33
C SER B 655 9.84 30.04 -16.40
N MET B 656 9.30 30.28 -17.59
CA MET B 656 8.42 31.41 -17.83
C MET B 656 6.97 31.05 -17.52
N MET B 657 6.19 32.07 -17.20
CA MET B 657 4.75 31.92 -17.16
C MET B 657 4.22 31.71 -18.56
N THR B 658 3.09 30.99 -18.66
CA THR B 658 2.51 30.66 -19.96
C THR B 658 1.93 31.91 -20.61
N GLY B 659 2.49 32.29 -21.75
CA GLY B 659 2.16 33.53 -22.41
C GLY B 659 3.14 34.64 -22.22
N PHE B 660 4.33 34.36 -21.68
CA PHE B 660 5.34 35.38 -21.42
C PHE B 660 6.68 34.90 -21.96
N ALA B 661 7.44 35.82 -22.54
CA ALA B 661 8.76 35.56 -23.10
C ALA B 661 9.69 36.68 -22.69
N PRO B 662 10.97 36.38 -22.48
CA PRO B 662 11.92 37.42 -22.10
C PRO B 662 12.21 38.38 -23.25
N ASP B 663 12.54 39.61 -22.88
CA ASP B 663 12.98 40.60 -23.87
C ASP B 663 14.38 40.24 -24.35
N THR B 664 14.56 40.19 -25.67
CA THR B 664 15.83 39.74 -26.23
C THR B 664 16.96 40.74 -26.02
N ASP B 665 16.64 42.02 -25.77
CA ASP B 665 17.68 42.99 -25.51
C ASP B 665 18.21 42.90 -24.08
N ASP B 666 17.38 42.45 -23.14
CA ASP B 666 17.79 42.39 -21.75
C ASP B 666 18.64 41.17 -21.44
N LEU B 667 18.48 40.08 -22.21
CA LEU B 667 19.33 38.92 -22.03
C LEU B 667 20.73 39.15 -22.55
N LYS B 668 20.88 39.98 -23.59
CA LYS B 668 22.21 40.34 -24.09
C LYS B 668 22.97 41.23 -23.12
N GLN B 669 22.26 41.97 -22.26
CA GLN B 669 22.93 42.81 -21.27
C GLN B 669 23.57 41.97 -20.18
N LEU B 670 22.85 40.97 -19.67
CA LEU B 670 23.37 40.17 -18.57
C LEU B 670 24.42 39.15 -19.03
N ALA B 671 24.31 38.65 -20.26
CA ALA B 671 25.26 37.64 -20.74
C ALA B 671 26.65 38.23 -20.97
N ASN B 672 26.72 39.50 -21.39
CA ASN B 672 27.99 40.20 -21.48
C ASN B 672 28.43 40.80 -20.15
N GLY B 673 27.59 40.72 -19.11
CA GLY B 673 27.98 41.23 -17.82
C GLY B 673 29.05 40.38 -17.14
N VAL B 674 29.66 40.97 -16.12
CA VAL B 674 30.74 40.28 -15.41
C VAL B 674 30.17 39.17 -14.55
N ASP B 675 30.88 38.04 -14.51
CA ASP B 675 30.52 36.85 -13.71
C ASP B 675 29.18 36.25 -14.10
N ARG B 676 28.82 36.37 -15.39
CA ARG B 676 27.56 35.86 -15.89
C ARG B 676 27.76 35.37 -17.32
N TYR B 677 26.91 34.44 -17.73
CA TYR B 677 27.01 33.85 -19.08
C TYR B 677 25.68 33.18 -19.42
N ILE B 678 25.06 33.65 -20.50
CA ILE B 678 23.93 32.95 -21.13
C ILE B 678 24.43 32.42 -22.47
N SER B 679 24.17 31.15 -22.73
CA SER B 679 24.72 30.49 -23.90
C SER B 679 24.07 31.01 -25.19
N LYS B 680 24.85 30.99 -26.28
CA LYS B 680 24.42 31.56 -27.55
C LYS B 680 23.24 30.82 -28.17
N TYR B 681 22.99 29.57 -27.74
CA TYR B 681 21.81 28.84 -28.17
C TYR B 681 20.52 29.47 -27.67
N GLU B 682 20.57 30.20 -26.55
CA GLU B 682 19.39 30.82 -25.96
C GLU B 682 19.19 32.26 -26.41
N LEU B 683 20.23 32.92 -26.95
CA LEU B 683 20.09 34.31 -27.38
C LEU B 683 19.29 34.45 -28.67
N ASP B 684 19.61 33.68 -29.71
CA ASP B 684 18.96 33.82 -31.01
C ASP B 684 17.80 32.86 -31.22
N LYS B 685 17.11 32.49 -30.13
CA LYS B 685 15.85 31.76 -30.25
C LYS B 685 14.72 32.67 -30.69
N ALA B 686 14.88 33.99 -30.57
CA ALA B 686 13.88 35.02 -30.82
C ALA B 686 12.62 34.83 -29.97
N PHE B 687 11.50 35.38 -30.42
CA PHE B 687 10.24 35.26 -29.72
C PHE B 687 9.44 34.04 -30.14
N SER B 688 10.09 33.06 -30.78
CA SER B 688 9.44 31.82 -31.17
C SER B 688 9.12 30.99 -29.93
N ASP B 689 10.15 30.40 -29.31
CA ASP B 689 9.94 29.52 -28.16
C ASP B 689 11.11 29.71 -27.21
N ARG B 690 10.90 30.52 -26.16
CA ARG B 690 11.88 30.75 -25.11
C ARG B 690 11.10 30.81 -23.79
N ASN B 691 10.51 29.69 -23.40
CA ASN B 691 9.77 29.60 -22.15
C ASN B 691 10.60 29.01 -21.01
N THR B 692 11.76 28.44 -21.30
CA THR B 692 12.73 28.01 -20.31
C THR B 692 14.07 28.68 -20.61
N LEU B 693 14.80 29.03 -19.56
CA LEU B 693 16.01 29.83 -19.70
C LEU B 693 16.98 29.42 -18.60
N ILE B 694 18.25 29.27 -18.98
CA ILE B 694 19.33 28.97 -18.04
C ILE B 694 20.36 30.08 -18.11
N ILE B 695 20.55 30.77 -16.99
CA ILE B 695 21.59 31.79 -16.84
C ILE B 695 22.66 31.21 -15.92
N TYR B 696 23.86 31.05 -16.44
CA TYR B 696 24.97 30.49 -15.68
C TYR B 696 25.68 31.61 -14.92
N LEU B 697 25.78 31.47 -13.60
CA LEU B 697 26.49 32.42 -12.76
C LEU B 697 27.88 31.88 -12.46
N ASP B 698 28.88 32.75 -12.52
CA ASP B 698 30.23 32.35 -12.14
C ASP B 698 30.34 32.25 -10.62
N LYS B 699 29.56 33.04 -9.89
CA LYS B 699 29.55 33.00 -8.43
C LYS B 699 28.26 33.64 -7.94
N VAL B 700 27.99 33.45 -6.65
CA VAL B 700 26.97 34.21 -5.93
C VAL B 700 27.43 34.37 -4.48
N SER B 701 27.39 35.60 -3.98
CA SER B 701 28.02 35.95 -2.72
C SER B 701 27.22 35.41 -1.54
N HIS B 702 27.86 35.41 -0.37
CA HIS B 702 27.22 34.98 0.87
C HIS B 702 26.95 36.13 1.83
N SER B 703 27.44 37.32 1.55
CA SER B 703 27.21 38.45 2.43
C SER B 703 26.04 39.30 1.94
N GLU B 704 26.01 39.60 0.64
CA GLU B 704 24.96 40.41 0.05
C GLU B 704 24.32 39.63 -1.10
N ASP B 705 23.08 39.98 -1.39
CA ASP B 705 22.32 39.32 -2.44
C ASP B 705 22.80 39.82 -3.80
N ASP B 706 23.01 38.87 -4.72
CA ASP B 706 23.39 39.19 -6.10
C ASP B 706 22.12 39.20 -6.94
N CYS B 707 21.63 40.40 -7.25
CA CYS B 707 20.33 40.58 -7.87
C CYS B 707 20.47 40.90 -9.35
N LEU B 708 19.57 40.33 -10.15
CA LEU B 708 19.41 40.66 -11.55
C LEU B 708 17.93 40.85 -11.85
N ALA B 709 17.65 41.59 -12.92
CA ALA B 709 16.27 41.88 -13.29
C ALA B 709 16.20 42.04 -14.81
N PHE B 710 15.11 41.54 -15.39
CA PHE B 710 14.87 41.68 -16.82
C PHE B 710 13.37 41.78 -17.08
N LYS B 711 13.04 42.37 -18.23
CA LYS B 711 11.67 42.58 -18.63
C LYS B 711 11.16 41.37 -19.39
N VAL B 712 9.85 41.11 -19.28
CA VAL B 712 9.18 40.06 -20.03
C VAL B 712 7.97 40.66 -20.73
N HIS B 713 7.81 40.35 -22.01
CA HIS B 713 6.66 40.79 -22.79
C HIS B 713 5.63 39.68 -22.85
N GLN B 714 4.36 40.08 -22.90
CA GLN B 714 3.24 39.14 -23.03
C GLN B 714 2.89 39.02 -24.50
N TYR B 715 3.45 38.03 -25.17
CA TYR B 715 3.23 37.81 -26.59
C TYR B 715 1.99 36.99 -26.89
N PHE B 716 1.34 36.43 -25.87
CA PHE B 716 0.18 35.57 -26.08
C PHE B 716 -0.71 35.68 -24.85
N ASN B 717 -1.78 36.47 -24.97
CA ASN B 717 -2.70 36.68 -23.86
C ASN B 717 -3.59 35.45 -23.72
N VAL B 718 -3.54 34.83 -22.55
CA VAL B 718 -4.35 33.66 -22.23
C VAL B 718 -5.15 34.00 -20.97
N GLU B 719 -6.38 33.48 -20.90
CA GLU B 719 -7.28 33.77 -19.78
C GLU B 719 -6.81 33.17 -18.46
N LEU B 720 -6.01 32.11 -18.48
CA LEU B 720 -5.48 31.47 -17.28
C LEU B 720 -3.97 31.38 -17.43
N ILE B 721 -3.25 31.90 -16.44
CA ILE B 721 -1.79 31.98 -16.49
C ILE B 721 -1.22 31.03 -15.44
N GLN B 722 -0.38 30.10 -15.88
CA GLN B 722 0.36 29.22 -14.98
C GLN B 722 1.57 29.95 -14.42
N PRO B 723 1.85 29.82 -13.11
CA PRO B 723 3.02 30.50 -12.54
C PRO B 723 4.33 29.86 -12.99
N GLY B 724 5.34 30.71 -13.21
CA GLY B 724 6.68 30.24 -13.50
C GLY B 724 7.49 29.97 -12.24
N ALA B 725 8.67 29.38 -12.44
CA ALA B 725 9.49 28.94 -11.32
C ALA B 725 10.94 29.32 -11.56
N VAL B 726 11.64 29.64 -10.48
CA VAL B 726 13.08 29.89 -10.48
C VAL B 726 13.74 28.88 -9.55
N LYS B 727 14.74 28.17 -10.05
CA LYS B 727 15.41 27.12 -9.31
C LYS B 727 16.90 27.44 -9.25
N VAL B 728 17.48 27.34 -8.06
CA VAL B 728 18.88 27.69 -7.82
C VAL B 728 19.62 26.49 -7.25
N TYR B 729 20.78 26.17 -7.83
CA TYR B 729 21.61 25.08 -7.35
C TYR B 729 23.02 25.25 -7.89
N ALA B 730 23.99 24.72 -7.15
CA ALA B 730 25.35 24.65 -7.65
C ALA B 730 25.49 23.45 -8.57
N TYR B 731 26.65 23.37 -9.24
CA TYR B 731 26.89 22.30 -10.21
C TYR B 731 27.05 20.94 -9.54
N TYR B 732 27.59 20.89 -8.32
CA TYR B 732 28.05 19.63 -7.74
C TYR B 732 27.00 18.91 -6.89
N ASN B 733 25.87 19.56 -6.59
CA ASN B 733 24.84 18.94 -5.76
C ASN B 733 23.49 19.50 -6.19
N LEU B 734 22.75 18.71 -6.98
CA LEU B 734 21.42 19.15 -7.42
C LEU B 734 20.37 18.99 -6.33
N GLU B 735 20.59 18.06 -5.39
CA GLU B 735 19.60 17.82 -4.35
C GLU B 735 19.52 18.97 -3.36
N GLU B 736 20.64 19.66 -3.11
CA GLU B 736 20.63 20.87 -2.30
C GLU B 736 20.31 22.05 -3.20
N SER B 737 19.02 22.20 -3.51
CA SER B 737 18.52 23.28 -4.33
C SER B 737 17.38 23.98 -3.59
N CYS B 738 16.81 25.00 -4.22
CA CYS B 738 15.60 25.61 -3.72
C CYS B 738 14.83 26.20 -4.88
N THR B 739 13.51 26.12 -4.82
CA THR B 739 12.65 26.52 -5.93
C THR B 739 11.55 27.44 -5.42
N ARG B 740 11.55 28.68 -5.89
CA ARG B 740 10.49 29.64 -5.59
C ARG B 740 9.69 29.92 -6.86
N PHE B 741 8.42 30.24 -6.66
CA PHE B 741 7.49 30.50 -7.75
C PHE B 741 7.10 31.98 -7.76
N TYR B 742 6.59 32.42 -8.90
CA TYR B 742 6.17 33.81 -9.06
C TYR B 742 4.90 33.88 -9.90
N HIS B 743 3.96 34.73 -9.46
CA HIS B 743 2.70 34.91 -10.16
C HIS B 743 2.21 36.30 -9.79
N PRO B 744 1.66 37.07 -10.74
CA PRO B 744 1.30 38.47 -10.43
C PRO B 744 0.05 38.62 -9.56
N GLU B 745 -0.81 37.60 -9.49
CA GLU B 745 -2.03 37.67 -8.70
C GLU B 745 -1.92 36.84 -7.42
N LYS B 746 -1.71 35.53 -7.55
CA LYS B 746 -1.48 34.69 -6.39
C LYS B 746 -0.13 35.02 -5.78
N GLU B 747 -0.07 34.96 -4.44
CA GLU B 747 1.12 35.40 -3.71
C GLU B 747 2.24 34.39 -3.90
N ASP B 748 3.31 34.82 -4.58
CA ASP B 748 4.53 34.05 -4.89
C ASP B 748 4.26 32.67 -5.51
N GLY B 749 3.23 32.61 -6.37
CA GLY B 749 3.00 31.44 -7.19
C GLY B 749 2.40 30.23 -6.49
N LYS B 750 1.91 30.38 -5.26
CA LYS B 750 1.27 29.26 -4.58
C LYS B 750 -0.15 29.07 -5.11
N LEU B 751 -0.56 27.82 -5.22
CA LEU B 751 -1.90 27.48 -5.68
C LEU B 751 -2.84 27.35 -4.49
N ASN B 752 -4.13 27.60 -4.74
CA ASN B 752 -5.12 27.64 -3.68
C ASN B 752 -5.47 26.23 -3.25
N LYS B 753 -5.23 25.92 -1.98
CA LYS B 753 -5.60 24.64 -1.41
C LYS B 753 -6.18 24.88 -0.01
N LEU B 754 -7.07 23.99 0.40
CA LEU B 754 -7.73 24.07 1.69
C LEU B 754 -7.15 23.00 2.60
N CYS B 755 -6.53 23.42 3.71
CA CYS B 755 -5.82 22.52 4.58
C CYS B 755 -6.24 22.75 6.03
N ARG B 756 -6.63 21.66 6.70
CA ARG B 756 -6.88 21.68 8.14
C ARG B 756 -6.38 20.35 8.66
N ASP B 757 -5.50 20.41 9.67
CA ASP B 757 -4.90 19.22 10.31
C ASP B 757 -4.18 18.32 9.30
N GLU B 758 -3.18 18.93 8.64
CA GLU B 758 -2.26 18.27 7.71
C GLU B 758 -2.86 17.86 6.36
N LEU B 759 -4.09 17.35 6.35
CA LEU B 759 -4.73 16.91 5.12
C LEU B 759 -5.19 18.11 4.29
N CYS B 760 -4.82 18.12 3.00
CA CYS B 760 -5.13 19.22 2.09
C CYS B 760 -6.00 18.74 0.94
N ARG B 761 -6.92 19.59 0.51
CA ARG B 761 -7.78 19.33 -0.64
C ARG B 761 -7.58 20.42 -1.67
N CYS B 762 -7.77 20.06 -2.95
CA CYS B 762 -7.54 21.00 -4.04
C CYS B 762 -8.66 22.03 -4.13
N ALA B 763 -8.28 23.31 -4.23
CA ALA B 763 -9.23 24.41 -4.27
C ALA B 763 -9.04 25.30 -5.48
N GLU B 764 -8.38 24.80 -6.53
CA GLU B 764 -8.17 25.55 -7.76
C GLU B 764 -9.30 25.37 -8.77
N GLU B 765 -10.53 25.21 -8.28
CA GLU B 765 -11.72 25.00 -9.09
C GLU B 765 -12.58 26.26 -9.06
N ASN B 766 -13.85 26.11 -9.42
CA ASN B 766 -14.78 27.24 -9.36
C ASN B 766 -15.22 27.47 -7.90
N CYS B 767 -15.87 28.61 -7.69
CA CYS B 767 -16.26 29.02 -6.34
C CYS B 767 -17.68 28.62 -5.98
N PHE B 768 -18.63 28.80 -6.90
CA PHE B 768 -19.98 28.26 -6.77
C PHE B 768 -20.24 27.34 -7.96
N ILE B 769 -21.48 26.98 -8.23
CA ILE B 769 -21.73 26.11 -9.38
C ILE B 769 -21.84 26.89 -10.68
N GLN B 770 -22.66 27.94 -10.70
CA GLN B 770 -22.88 28.72 -11.91
C GLN B 770 -23.48 30.05 -11.50
N LYS B 771 -23.36 31.03 -12.40
CA LYS B 771 -23.97 32.33 -12.18
C LYS B 771 -25.49 32.24 -12.29
N SER B 772 -25.97 31.39 -13.21
CA SER B 772 -27.39 31.20 -13.52
C SER B 772 -28.09 32.48 -13.93
N ASP B 773 -28.98 32.97 -13.06
CA ASP B 773 -29.95 34.05 -13.27
C ASP B 773 -31.04 33.69 -14.28
N ASP B 774 -31.11 32.43 -14.71
CA ASP B 774 -32.14 31.96 -15.63
C ASP B 774 -33.50 31.78 -14.95
N LYS B 775 -33.51 31.60 -13.62
CA LYS B 775 -34.70 31.38 -12.82
C LYS B 775 -35.43 30.10 -13.20
N VAL B 776 -36.60 30.22 -13.85
CA VAL B 776 -37.46 29.13 -14.35
C VAL B 776 -38.20 28.43 -13.19
N THR B 777 -37.89 28.84 -11.96
CA THR B 777 -38.51 28.36 -10.69
C THR B 777 -38.19 26.86 -10.56
N LEU B 778 -39.18 26.03 -10.20
CA LEU B 778 -38.99 24.63 -9.86
C LEU B 778 -38.52 23.80 -11.04
N GLU B 779 -38.81 24.25 -12.27
CA GLU B 779 -38.40 23.53 -13.47
C GLU B 779 -36.88 23.56 -13.67
N GLU B 780 -36.18 24.49 -13.03
CA GLU B 780 -34.72 24.52 -13.06
C GLU B 780 -34.15 24.58 -11.64
N ARG B 781 -34.98 24.42 -10.62
CA ARG B 781 -34.50 24.43 -9.24
C ARG B 781 -34.85 23.18 -8.46
N LEU B 782 -36.05 22.62 -8.64
CA LEU B 782 -36.37 21.35 -7.99
C LEU B 782 -35.58 20.20 -8.61
N ASP B 783 -35.37 20.25 -9.94
CA ASP B 783 -34.68 19.17 -10.62
C ASP B 783 -33.19 19.14 -10.29
N LYS B 784 -32.62 20.29 -9.92
CA LYS B 784 -31.24 20.31 -9.46
C LYS B 784 -31.14 19.89 -7.99
N ALA B 785 -32.14 20.25 -7.18
CA ALA B 785 -32.13 19.90 -5.76
C ALA B 785 -32.52 18.46 -5.50
N CYS B 786 -33.25 17.82 -6.42
CA CYS B 786 -33.67 16.43 -6.26
C CYS B 786 -32.77 15.47 -7.02
N GLU B 787 -31.62 15.92 -7.50
CA GLU B 787 -30.60 15.02 -8.00
C GLU B 787 -30.05 14.20 -6.83
N PRO B 788 -29.55 12.98 -7.09
CA PRO B 788 -29.12 12.11 -5.97
C PRO B 788 -27.87 12.59 -5.24
N GLY B 789 -27.10 13.51 -5.81
CA GLY B 789 -25.93 14.02 -5.12
C GLY B 789 -26.23 15.05 -4.04
N VAL B 790 -27.36 15.76 -4.16
CA VAL B 790 -27.69 16.82 -3.22
C VAL B 790 -28.14 16.22 -1.89
N ASP B 791 -27.46 16.59 -0.82
CA ASP B 791 -27.64 16.02 0.51
C ASP B 791 -28.52 16.89 1.40
N TYR B 792 -28.23 18.19 1.47
CA TYR B 792 -28.85 19.10 2.42
C TYR B 792 -29.39 20.32 1.69
N VAL B 793 -30.53 20.84 2.15
CA VAL B 793 -31.05 22.14 1.73
C VAL B 793 -31.44 22.90 2.99
N TYR B 794 -30.76 24.01 3.25
CA TYR B 794 -30.98 24.80 4.45
C TYR B 794 -31.26 26.26 4.09
N LYS B 795 -31.86 26.97 5.05
CA LYS B 795 -32.02 28.41 5.01
C LYS B 795 -31.42 28.97 6.29
N THR B 796 -30.40 29.81 6.15
CA THR B 796 -29.57 30.21 7.28
C THR B 796 -29.49 31.73 7.37
N ARG B 797 -28.68 32.20 8.32
CA ARG B 797 -28.50 33.62 8.58
C ARG B 797 -27.06 33.82 9.03
N LEU B 798 -26.36 34.76 8.40
CA LEU B 798 -24.95 34.98 8.71
C LEU B 798 -24.81 35.79 9.99
N VAL B 799 -24.02 35.28 10.92
CA VAL B 799 -23.81 35.91 12.23
C VAL B 799 -22.46 36.61 12.31
N LYS B 800 -21.39 35.91 11.96
CA LYS B 800 -20.04 36.45 12.12
C LYS B 800 -19.17 35.98 10.97
N VAL B 801 -18.40 36.91 10.42
CA VAL B 801 -17.43 36.62 9.36
C VAL B 801 -16.04 36.74 9.99
N GLN B 802 -15.30 35.63 9.99
CA GLN B 802 -14.02 35.56 10.67
C GLN B 802 -12.92 35.21 9.67
N LEU B 803 -12.12 36.21 9.28
CA LEU B 803 -10.96 35.96 8.45
C LEU B 803 -9.85 35.38 9.30
N SER B 804 -9.31 34.23 8.90
CA SER B 804 -8.33 33.56 9.75
C SER B 804 -7.37 32.73 8.88
N ASN B 805 -6.36 33.43 8.34
CA ASN B 805 -5.18 32.83 7.71
C ASN B 805 -5.47 31.95 6.50
N ASP B 806 -5.63 30.65 6.72
CA ASP B 806 -5.78 29.66 5.65
C ASP B 806 -7.22 29.52 5.15
N PHE B 807 -8.18 29.38 6.06
CA PHE B 807 -9.58 29.26 5.68
C PHE B 807 -10.40 30.40 6.27
N ASP B 808 -11.42 30.82 5.52
CA ASP B 808 -12.32 31.88 5.95
C ASP B 808 -13.57 31.26 6.56
N GLU B 809 -13.97 31.76 7.72
CA GLU B 809 -15.09 31.20 8.48
C GLU B 809 -16.33 32.05 8.26
N TYR B 810 -17.45 31.37 7.96
CA TYR B 810 -18.76 32.02 7.85
C TYR B 810 -19.71 31.28 8.78
N ILE B 811 -20.11 31.91 9.86
CA ILE B 811 -20.95 31.30 10.87
C ILE B 811 -22.41 31.52 10.49
N MET B 812 -23.13 30.44 10.21
CA MET B 812 -24.51 30.49 9.74
C MET B 812 -25.43 29.83 10.77
N ALA B 813 -26.34 30.62 11.34
CA ALA B 813 -27.34 30.09 12.25
C ALA B 813 -28.51 29.54 11.44
N ILE B 814 -28.89 28.30 11.74
CA ILE B 814 -29.89 27.59 10.93
C ILE B 814 -31.29 27.99 11.38
N GLU B 815 -32.06 28.57 10.45
CA GLU B 815 -33.43 29.01 10.72
C GLU B 815 -34.44 27.88 10.54
N GLN B 816 -34.39 27.20 9.39
CA GLN B 816 -35.29 26.09 9.13
C GLN B 816 -34.58 25.03 8.28
N THR B 817 -34.99 23.78 8.47
CA THR B 817 -34.43 22.66 7.73
C THR B 817 -35.39 22.30 6.60
N ILE B 818 -34.99 22.58 5.36
CA ILE B 818 -35.85 22.30 4.21
C ILE B 818 -35.71 20.84 3.79
N LYS B 819 -34.49 20.37 3.58
CA LYS B 819 -34.22 18.96 3.35
C LYS B 819 -33.23 18.48 4.42
N SER B 820 -33.69 17.58 5.27
CA SER B 820 -32.87 17.04 6.36
C SER B 820 -31.81 16.11 5.77
N GLY B 821 -30.56 16.56 5.76
CA GLY B 821 -29.45 15.74 5.30
C GLY B 821 -29.00 14.74 6.35
N SER B 822 -27.73 14.35 6.26
CA SER B 822 -27.16 13.39 7.19
C SER B 822 -26.80 13.99 8.55
N ASP B 823 -27.01 15.29 8.75
CA ASP B 823 -26.74 15.95 10.01
C ASP B 823 -28.07 16.30 10.67
N GLU B 824 -28.26 15.83 11.90
CA GLU B 824 -29.46 16.12 12.67
C GLU B 824 -29.28 17.47 13.35
N VAL B 825 -29.93 18.50 12.80
CA VAL B 825 -29.81 19.86 13.31
C VAL B 825 -31.21 20.43 13.52
N GLN B 826 -31.39 21.21 14.58
CA GLN B 826 -32.67 21.81 14.94
C GLN B 826 -32.66 23.30 14.67
N VAL B 827 -33.79 23.94 15.00
CA VAL B 827 -33.96 25.37 14.75
C VAL B 827 -33.18 26.15 15.80
N GLY B 828 -32.29 27.03 15.33
CA GLY B 828 -31.54 27.92 16.19
C GLY B 828 -30.07 27.58 16.30
N GLN B 829 -29.66 26.37 15.91
CA GLN B 829 -28.26 25.99 16.02
C GLN B 829 -27.45 26.61 14.88
N GLN B 830 -26.14 26.70 15.11
CA GLN B 830 -25.22 27.34 14.18
C GLN B 830 -24.28 26.31 13.57
N ARG B 831 -23.86 26.57 12.34
CA ARG B 831 -22.88 25.75 11.64
C ARG B 831 -21.82 26.64 11.00
N THR B 832 -20.61 26.10 10.87
CA THR B 832 -19.47 26.84 10.36
C THR B 832 -19.22 26.48 8.91
N PHE B 833 -18.98 27.49 8.08
CA PHE B 833 -18.80 27.32 6.64
C PHE B 833 -17.43 27.86 6.22
N ILE B 834 -16.84 27.21 5.23
CA ILE B 834 -15.46 27.45 4.82
C ILE B 834 -15.41 27.80 3.34
N SER B 835 -14.75 28.89 3.00
CA SER B 835 -14.43 29.27 1.63
C SER B 835 -12.96 29.67 1.56
N PRO B 836 -12.30 29.41 0.42
CA PRO B 836 -10.91 29.85 0.27
C PRO B 836 -10.77 31.36 0.07
N ILE B 837 -9.52 31.82 -0.10
CA ILE B 837 -9.26 33.26 -0.17
C ILE B 837 -9.70 33.83 -1.51
N LYS B 838 -9.43 33.13 -2.61
CA LYS B 838 -9.78 33.62 -3.94
C LYS B 838 -11.28 33.62 -4.21
N CYS B 839 -12.06 32.88 -3.42
CA CYS B 839 -13.51 32.83 -3.58
C CYS B 839 -14.24 33.74 -2.60
N ARG B 840 -13.52 34.56 -1.84
CA ARG B 840 -14.17 35.49 -0.92
C ARG B 840 -14.81 36.64 -1.68
N GLU B 841 -14.21 37.07 -2.80
CA GLU B 841 -14.75 38.17 -3.57
C GLU B 841 -16.00 37.80 -4.36
N ALA B 842 -16.06 36.56 -4.86
CA ALA B 842 -17.22 36.12 -5.63
C ALA B 842 -18.45 35.85 -4.76
N LEU B 843 -18.27 35.67 -3.46
CA LEU B 843 -19.39 35.36 -2.58
C LEU B 843 -20.15 36.62 -2.17
N LYS B 844 -19.42 37.63 -1.67
CA LYS B 844 -19.98 38.90 -1.20
C LYS B 844 -20.99 38.69 -0.06
N LEU B 845 -20.59 37.90 0.92
CA LEU B 845 -21.47 37.57 2.04
C LEU B 845 -21.38 38.65 3.11
N GLU B 846 -22.53 39.14 3.55
CA GLU B 846 -22.62 40.20 4.55
C GLU B 846 -23.35 39.69 5.78
N GLU B 847 -22.94 40.22 6.94
CA GLU B 847 -23.51 39.80 8.21
C GLU B 847 -24.96 40.25 8.33
N LYS B 848 -25.72 39.51 9.14
CA LYS B 848 -27.15 39.73 9.41
C LYS B 848 -28.02 39.61 8.16
N LYS B 849 -27.55 38.89 7.14
CA LYS B 849 -28.33 38.59 5.94
C LYS B 849 -28.69 37.11 5.92
N HIS B 850 -29.75 36.80 5.19
CA HIS B 850 -30.23 35.44 5.04
C HIS B 850 -29.88 34.91 3.66
N TYR B 851 -29.60 33.61 3.57
CA TYR B 851 -29.19 32.98 2.32
C TYR B 851 -29.81 31.59 2.22
N LEU B 852 -29.79 31.06 0.99
CA LEU B 852 -30.20 29.69 0.70
C LEU B 852 -29.02 28.96 0.10
N MET B 853 -28.72 27.77 0.62
CA MET B 853 -27.51 27.07 0.22
C MET B 853 -27.76 25.56 0.19
N TRP B 854 -27.25 24.91 -0.85
CA TRP B 854 -27.25 23.45 -0.92
C TRP B 854 -25.90 22.97 -1.45
N GLY B 855 -25.57 21.72 -1.15
CA GLY B 855 -24.31 21.16 -1.59
C GLY B 855 -24.34 19.64 -1.55
N LEU B 856 -23.21 19.04 -1.91
CA LEU B 856 -23.10 17.60 -1.94
C LEU B 856 -22.71 17.05 -0.57
N SER B 857 -22.79 15.72 -0.46
CA SER B 857 -22.36 15.03 0.76
C SER B 857 -20.86 14.73 0.78
N SER B 858 -20.16 15.00 -0.31
CA SER B 858 -18.70 14.92 -0.32
C SER B 858 -18.04 16.22 0.12
N ASP B 859 -18.84 17.28 0.35
CA ASP B 859 -18.35 18.56 0.82
C ASP B 859 -18.36 18.67 2.34
N PHE B 860 -18.38 17.55 3.05
CA PHE B 860 -18.32 17.55 4.50
C PHE B 860 -16.87 17.45 4.97
N TRP B 861 -16.54 18.24 5.99
CA TRP B 861 -15.17 18.36 6.46
C TRP B 861 -15.19 18.69 7.95
N GLY B 862 -15.91 17.89 8.73
CA GLY B 862 -16.00 18.11 10.16
C GLY B 862 -15.99 16.82 10.95
N GLU B 863 -15.29 16.82 12.07
CA GLU B 863 -15.13 15.63 12.90
C GLU B 863 -15.79 15.90 14.25
N LYS B 864 -16.38 14.84 14.84
CA LYS B 864 -17.04 14.84 16.16
C LYS B 864 -18.37 15.60 15.97
N PRO B 865 -19.13 16.03 17.00
CA PRO B 865 -20.29 16.89 16.70
C PRO B 865 -19.98 18.26 16.10
N ASN B 866 -18.74 18.74 16.15
CA ASN B 866 -18.38 19.93 15.38
C ASN B 866 -18.32 19.57 13.90
N LEU B 867 -18.70 20.52 13.05
CA LEU B 867 -18.83 20.22 11.62
C LEU B 867 -18.56 21.49 10.82
N SER B 868 -17.82 21.33 9.74
CA SER B 868 -17.46 22.42 8.84
C SER B 868 -17.92 22.09 7.43
N TYR B 869 -18.69 23.00 6.84
CA TYR B 869 -19.19 22.82 5.48
C TYR B 869 -18.27 23.52 4.50
N ILE B 870 -18.16 22.95 3.30
CA ILE B 870 -17.23 23.42 2.28
C ILE B 870 -18.01 24.06 1.14
N ILE B 871 -17.65 25.29 0.78
CA ILE B 871 -18.21 25.97 -0.38
C ILE B 871 -17.26 25.70 -1.54
N GLY B 872 -17.49 24.57 -2.22
CA GLY B 872 -16.70 24.18 -3.37
C GLY B 872 -17.41 24.46 -4.68
N LYS B 873 -16.94 23.80 -5.74
CA LYS B 873 -17.52 23.97 -7.07
C LYS B 873 -18.83 23.22 -7.24
N ASP B 874 -19.28 22.46 -6.24
CA ASP B 874 -20.57 21.78 -6.25
C ASP B 874 -21.46 22.27 -5.12
N THR B 875 -21.44 23.58 -4.88
CA THR B 875 -22.28 24.22 -3.86
C THR B 875 -22.99 25.41 -4.49
N TRP B 876 -24.32 25.42 -4.40
CA TRP B 876 -25.15 26.51 -4.88
C TRP B 876 -25.32 27.55 -3.77
N VAL B 877 -25.09 28.82 -4.13
CA VAL B 877 -25.26 29.96 -3.21
C VAL B 877 -26.21 30.95 -3.84
N GLU B 878 -27.27 31.29 -3.13
CA GLU B 878 -28.24 32.27 -3.60
C GLU B 878 -28.64 33.20 -2.46
N HIS B 879 -28.79 34.48 -2.76
CA HIS B 879 -29.14 35.47 -1.76
C HIS B 879 -30.64 35.45 -1.48
N TRP B 880 -30.99 35.38 -0.20
CA TRP B 880 -32.38 35.41 0.23
C TRP B 880 -32.69 36.81 0.74
N PRO B 881 -33.48 37.61 0.02
CA PRO B 881 -33.87 38.92 0.55
C PRO B 881 -34.88 38.77 1.67
N GLU B 882 -34.84 39.71 2.61
CA GLU B 882 -35.64 39.60 3.83
C GLU B 882 -37.10 39.98 3.56
N GLU B 883 -37.87 40.19 4.64
CA GLU B 883 -39.32 40.28 4.52
C GLU B 883 -39.76 41.59 3.88
N ASP B 884 -39.18 42.71 4.30
CA ASP B 884 -39.51 43.99 3.67
C ASP B 884 -38.75 44.23 2.37
N GLU B 885 -37.76 43.40 2.06
CA GLU B 885 -36.97 43.57 0.84
C GLU B 885 -37.68 42.99 -0.39
N CYS B 886 -38.68 42.15 -0.19
CA CYS B 886 -39.41 41.55 -1.31
C CYS B 886 -40.52 42.45 -1.83
N GLN B 887 -40.69 43.64 -1.28
CA GLN B 887 -41.74 44.55 -1.73
C GLN B 887 -41.35 45.35 -2.97
N ASP B 888 -40.14 45.15 -3.50
CA ASP B 888 -39.75 45.79 -4.74
C ASP B 888 -40.32 45.02 -5.93
N GLU B 889 -40.60 45.75 -7.01
CA GLU B 889 -41.12 45.12 -8.21
C GLU B 889 -40.06 44.34 -8.99
N GLU B 890 -38.78 44.59 -8.71
CA GLU B 890 -37.73 43.79 -9.33
C GLU B 890 -37.58 42.43 -8.64
N ASN B 891 -37.76 42.39 -7.33
CA ASN B 891 -37.67 41.15 -6.56
C ASN B 891 -39.01 40.43 -6.44
N GLN B 892 -40.08 40.99 -7.01
CA GLN B 892 -41.39 40.34 -6.92
C GLN B 892 -41.45 39.06 -7.74
N LYS B 893 -40.70 39.01 -8.85
CA LYS B 893 -40.62 37.78 -9.63
C LYS B 893 -39.76 36.73 -8.93
N GLN B 894 -38.80 37.17 -8.11
CA GLN B 894 -37.88 36.22 -7.47
C GLN B 894 -38.37 35.73 -6.12
N CYS B 895 -39.11 36.54 -5.37
CA CYS B 895 -39.54 36.12 -4.04
C CYS B 895 -40.69 35.13 -4.10
N GLN B 896 -41.52 35.20 -5.15
CA GLN B 896 -42.52 34.16 -5.34
C GLN B 896 -41.91 32.85 -5.82
N ASP B 897 -40.70 32.91 -6.40
CA ASP B 897 -40.00 31.67 -6.77
C ASP B 897 -39.46 30.96 -5.55
N LEU B 898 -38.94 31.73 -4.57
CA LEU B 898 -38.30 31.13 -3.42
C LEU B 898 -39.30 30.60 -2.41
N GLY B 899 -40.48 31.22 -2.32
CA GLY B 899 -41.47 30.79 -1.34
C GLY B 899 -42.12 29.47 -1.70
N ALA B 900 -42.44 29.27 -2.97
CA ALA B 900 -43.04 28.02 -3.40
C ALA B 900 -42.04 26.88 -3.45
N PHE B 901 -40.74 27.19 -3.45
CA PHE B 901 -39.72 26.14 -3.43
C PHE B 901 -39.67 25.44 -2.09
N THR B 902 -40.00 26.14 -1.00
CA THR B 902 -39.92 25.54 0.33
C THR B 902 -41.06 24.58 0.57
N GLU B 903 -42.29 24.96 0.21
CA GLU B 903 -43.45 24.13 0.50
C GLU B 903 -43.50 22.88 -0.36
N SER B 904 -42.90 22.90 -1.54
CA SER B 904 -42.83 21.70 -2.38
C SER B 904 -41.83 20.69 -1.83
N MET B 905 -40.87 21.13 -1.03
CA MET B 905 -39.91 20.25 -0.39
C MET B 905 -40.27 19.87 1.03
N VAL B 906 -41.01 20.72 1.74
CA VAL B 906 -41.40 20.42 3.12
C VAL B 906 -42.58 19.46 3.14
N VAL B 907 -43.60 19.73 2.32
CA VAL B 907 -44.84 18.95 2.36
C VAL B 907 -44.76 17.70 1.49
N PHE B 908 -44.11 17.80 0.33
CA PHE B 908 -44.11 16.69 -0.63
C PHE B 908 -42.78 15.98 -0.78
N GLY B 909 -41.66 16.68 -0.57
CA GLY B 909 -40.37 16.07 -0.74
C GLY B 909 -39.97 15.98 -2.21
N CYS B 910 -38.99 15.11 -2.46
CA CYS B 910 -38.48 14.92 -3.82
C CYS B 910 -39.18 13.74 -4.47
N PRO B 911 -39.93 13.94 -5.56
CA PRO B 911 -40.47 12.80 -6.30
C PRO B 911 -39.36 12.05 -7.02
N ASN B 912 -39.66 10.79 -7.32
CA ASN B 912 -38.70 9.82 -7.90
C ASN B 912 -37.42 9.64 -7.08
N ASP C 1 -53.60 76.43 -11.01
CA ASP C 1 -54.86 77.03 -10.56
C ASP C 1 -54.89 77.11 -9.04
N PRO C 2 -55.03 78.33 -8.50
CA PRO C 2 -55.09 78.50 -7.04
C PRO C 2 -56.37 77.90 -6.45
N VAL C 3 -56.19 77.16 -5.35
CA VAL C 3 -57.25 76.41 -4.71
C VAL C 3 -57.02 76.50 -3.19
N LEU C 4 -58.11 76.67 -2.43
CA LEU C 4 -58.05 76.66 -0.97
C LEU C 4 -57.46 75.35 -0.45
N CYS C 5 -56.49 75.46 0.46
CA CYS C 5 -55.75 74.32 0.97
C CYS C 5 -56.09 74.11 2.44
N PHE C 6 -56.47 72.89 2.80
CA PHE C 6 -56.81 72.52 4.16
C PHE C 6 -55.74 71.62 4.76
N THR C 7 -55.80 71.43 6.08
CA THR C 7 -54.75 70.72 6.79
C THR C 7 -55.14 69.30 7.19
N GLN C 8 -56.41 68.92 7.09
CA GLN C 8 -56.85 67.60 7.54
C GLN C 8 -58.10 67.20 6.78
N TYR C 9 -58.08 66.01 6.21
CA TYR C 9 -59.24 65.43 5.54
C TYR C 9 -59.96 64.52 6.51
N GLU C 10 -61.11 64.97 7.00
CA GLU C 10 -61.96 64.13 7.85
C GLU C 10 -62.61 63.06 6.97
N GLU C 11 -62.17 61.82 7.13
CA GLU C 11 -62.74 60.72 6.36
C GLU C 11 -64.13 60.38 6.92
N SER C 12 -64.93 59.73 6.07
CA SER C 12 -66.30 59.29 6.31
C SER C 12 -67.32 60.42 6.41
N SER C 13 -66.90 61.69 6.33
CA SER C 13 -67.82 62.81 6.26
C SER C 13 -67.65 63.65 5.02
N GLY C 14 -66.51 63.56 4.32
CA GLY C 14 -66.27 64.35 3.13
C GLY C 14 -66.11 65.83 3.37
N LYS C 15 -65.77 66.23 4.58
CA LYS C 15 -65.66 67.64 4.96
C LYS C 15 -64.20 68.03 5.12
N CYS C 16 -63.86 69.20 4.61
CA CYS C 16 -62.50 69.74 4.70
C CYS C 16 -62.38 70.52 6.00
N LYS C 17 -61.60 69.99 6.94
CA LYS C 17 -61.47 70.58 8.27
C LYS C 17 -60.06 71.13 8.47
N GLY C 18 -59.98 72.22 9.22
CA GLY C 18 -58.71 72.87 9.48
C GLY C 18 -58.16 73.60 8.27
N LEU C 19 -58.42 74.90 8.19
CA LEU C 19 -58.03 75.68 7.02
C LEU C 19 -56.61 76.22 7.21
N LEU C 20 -55.78 76.03 6.18
CA LEU C 20 -54.40 76.49 6.17
C LEU C 20 -54.24 77.84 5.49
N GLY C 21 -54.88 78.04 4.35
CA GLY C 21 -54.76 79.26 3.61
C GLY C 21 -55.33 79.10 2.22
N GLY C 22 -55.27 80.18 1.45
CA GLY C 22 -55.83 80.19 0.12
C GLY C 22 -54.85 80.71 -0.91
N GLY C 23 -55.18 80.45 -2.17
CA GLY C 23 -54.42 80.95 -3.29
C GLY C 23 -53.22 80.12 -3.70
N VAL C 24 -52.90 79.07 -2.96
CA VAL C 24 -51.78 78.21 -3.33
C VAL C 24 -52.21 77.24 -4.42
N SER C 25 -51.25 76.78 -5.21
CA SER C 25 -51.54 75.88 -6.32
C SER C 25 -51.82 74.46 -5.81
N VAL C 26 -52.30 73.62 -6.72
CA VAL C 26 -52.66 72.25 -6.35
C VAL C 26 -51.41 71.37 -6.20
N GLU C 27 -50.34 71.68 -6.96
CA GLU C 27 -49.13 70.86 -6.88
C GLU C 27 -48.37 71.12 -5.58
N ASP C 28 -48.54 72.29 -4.98
CA ASP C 28 -47.81 72.64 -3.77
C ASP C 28 -48.51 72.18 -2.50
N CYS C 29 -49.84 72.27 -2.46
CA CYS C 29 -50.59 71.88 -1.27
C CYS C 29 -50.58 70.36 -1.07
N CYS C 30 -50.55 69.59 -2.16
CA CYS C 30 -50.57 68.14 -2.08
C CYS C 30 -49.17 67.51 -2.03
N LEU C 31 -48.14 68.28 -1.64
CA LEU C 31 -46.85 67.67 -1.37
C LEU C 31 -46.88 66.85 -0.10
N ASN C 32 -47.74 67.21 0.85
CA ASN C 32 -48.05 66.39 2.02
C ASN C 32 -49.38 65.69 1.75
N THR C 33 -49.37 64.36 1.78
CA THR C 33 -50.54 63.59 1.37
C THR C 33 -51.64 63.54 2.43
N ALA C 34 -51.40 64.06 3.63
CA ALA C 34 -52.42 64.11 4.67
C ALA C 34 -53.30 65.34 4.57
N PHE C 35 -53.11 66.18 3.56
CA PHE C 35 -53.87 67.41 3.40
C PHE C 35 -55.13 67.16 2.58
N ALA C 36 -55.84 68.24 2.26
CA ALA C 36 -57.01 68.19 1.40
C ALA C 36 -57.16 69.54 0.71
N TYR C 37 -57.88 69.55 -0.40
CA TYR C 37 -58.08 70.77 -1.17
C TYR C 37 -59.55 70.94 -1.53
N GLN C 38 -59.92 72.17 -1.85
CA GLN C 38 -61.31 72.51 -2.16
C GLN C 38 -61.31 73.67 -3.13
N LYS C 39 -61.77 73.42 -4.36
CA LYS C 39 -61.84 74.45 -5.39
C LYS C 39 -63.21 75.12 -5.35
N ARG C 40 -63.20 76.47 -5.44
CA ARG C 40 -64.37 77.33 -5.54
C ARG C 40 -65.24 77.43 -4.28
N SER C 41 -64.94 76.60 -3.27
CA SER C 41 -65.61 76.58 -1.97
C SER C 41 -67.11 76.27 -2.05
N GLY C 42 -67.54 75.58 -3.11
CA GLY C 42 -68.93 75.21 -3.24
C GLY C 42 -69.15 73.74 -2.96
N GLY C 43 -68.06 73.01 -2.74
CA GLY C 43 -68.13 71.60 -2.46
C GLY C 43 -66.92 70.90 -3.04
N LEU C 44 -67.03 69.56 -3.12
CA LEU C 44 -66.03 68.66 -3.66
C LEU C 44 -64.70 68.76 -2.90
N CYS C 45 -64.75 68.30 -1.66
CA CYS C 45 -63.57 68.26 -0.79
C CYS C 45 -62.78 66.99 -1.12
N GLN C 46 -61.62 67.17 -1.76
CA GLN C 46 -60.81 66.08 -2.27
C GLN C 46 -59.56 65.92 -1.44
N PRO C 47 -59.20 64.71 -1.03
CA PRO C 47 -57.94 64.50 -0.31
C PRO C 47 -56.75 64.47 -1.25
N CYS C 48 -55.57 64.67 -0.66
CA CYS C 48 -54.31 64.66 -1.41
C CYS C 48 -53.77 63.26 -1.64
N ARG C 49 -54.48 62.22 -1.23
CA ARG C 49 -54.04 60.84 -1.40
C ARG C 49 -54.25 60.41 -2.85
N SER C 50 -53.77 59.20 -3.16
CA SER C 50 -53.97 58.61 -4.47
C SER C 50 -55.47 58.30 -4.67
N PRO C 51 -55.95 58.38 -5.92
CA PRO C 51 -57.39 58.15 -6.18
C PRO C 51 -57.91 56.76 -5.83
N ARG C 52 -58.60 56.69 -4.69
CA ARG C 52 -59.28 55.48 -4.24
C ARG C 52 -60.77 55.80 -4.07
N TRP C 53 -61.60 54.78 -4.22
CA TRP C 53 -63.04 54.95 -4.06
C TRP C 53 -63.38 55.25 -2.61
N SER C 54 -64.29 56.20 -2.41
CA SER C 54 -64.75 56.55 -1.08
C SER C 54 -65.75 55.51 -0.57
N LEU C 55 -66.24 55.71 0.64
CA LEU C 55 -67.22 54.80 1.21
C LEU C 55 -68.59 55.05 0.56
N TRP C 56 -69.38 53.97 0.48
CA TRP C 56 -70.75 54.10 0.01
C TRP C 56 -71.58 54.86 1.03
N SER C 57 -72.43 55.76 0.53
CA SER C 57 -73.32 56.49 1.41
C SER C 57 -74.44 55.58 1.89
N THR C 58 -75.19 56.06 2.88
CA THR C 58 -76.39 55.36 3.31
C THR C 58 -77.46 55.43 2.21
N TRP C 59 -78.43 54.53 2.30
CA TRP C 59 -79.45 54.42 1.28
C TRP C 59 -80.35 55.64 1.30
N ALA C 60 -80.74 56.10 0.11
CA ALA C 60 -81.73 57.15 -0.03
C ALA C 60 -83.09 56.64 0.47
N PRO C 61 -83.98 57.56 0.88
CA PRO C 61 -85.34 57.13 1.27
C PRO C 61 -86.07 56.48 0.11
N CYS C 62 -86.99 55.56 0.47
CA CYS C 62 -87.72 54.79 -0.51
C CYS C 62 -88.62 55.69 -1.33
N SER C 63 -88.59 55.51 -2.66
CA SER C 63 -89.23 56.44 -3.58
C SER C 63 -90.74 56.45 -3.46
N VAL C 64 -91.34 55.36 -2.97
CA VAL C 64 -92.72 55.34 -2.54
C VAL C 64 -92.83 54.74 -1.14
N THR C 65 -93.77 55.26 -0.37
CA THR C 65 -94.08 54.80 0.97
C THR C 65 -94.94 53.54 0.98
N CYS C 66 -95.34 53.04 -0.18
CA CYS C 66 -96.21 51.88 -0.28
C CYS C 66 -95.68 50.92 -1.35
N SER C 67 -95.74 49.63 -1.03
CA SER C 67 -95.40 48.52 -1.93
C SER C 67 -93.92 48.57 -2.31
N GLU C 68 -93.57 48.03 -3.48
CA GLU C 68 -92.17 47.96 -3.90
C GLU C 68 -91.75 49.29 -4.54
N GLY C 69 -90.60 49.80 -4.10
CA GLY C 69 -90.05 51.03 -4.63
C GLY C 69 -88.64 50.82 -5.15
N SER C 70 -87.81 51.86 -5.00
CA SER C 70 -86.41 51.82 -5.39
C SER C 70 -85.66 52.89 -4.63
N GLN C 71 -84.41 52.61 -4.28
CA GLN C 71 -83.58 53.55 -3.54
C GLN C 71 -82.16 53.53 -4.08
N LEU C 72 -81.48 54.67 -3.98
CA LEU C 72 -80.15 54.86 -4.52
C LEU C 72 -79.14 55.09 -3.41
N ARG C 73 -77.87 54.95 -3.76
CA ARG C 73 -76.75 55.40 -2.94
C ARG C 73 -75.55 55.61 -3.86
N TYR C 74 -74.76 56.63 -3.56
CA TYR C 74 -73.69 57.05 -4.45
C TYR C 74 -72.31 56.82 -3.83
N ARG C 75 -71.30 56.94 -4.68
CA ARG C 75 -69.90 56.76 -4.29
C ARG C 75 -69.05 57.58 -5.24
N ARG C 76 -68.19 58.43 -4.69
CA ARG C 76 -67.40 59.37 -5.48
C ARG C 76 -65.93 58.98 -5.42
N CYS C 77 -65.30 58.88 -6.59
CA CYS C 77 -63.88 58.58 -6.71
C CYS C 77 -63.09 59.79 -6.24
N VAL C 78 -62.57 59.74 -5.02
CA VAL C 78 -61.85 60.85 -4.42
C VAL C 78 -60.34 60.64 -4.59
N GLY C 79 -59.64 61.71 -4.98
CA GLY C 79 -58.22 61.64 -5.20
C GLY C 79 -57.75 62.54 -6.33
N TRP C 80 -56.45 62.53 -6.61
CA TRP C 80 -55.87 63.42 -7.60
C TRP C 80 -54.71 62.74 -8.30
N ASN C 81 -54.59 63.01 -9.61
CA ASN C 81 -53.52 62.51 -10.48
C ASN C 81 -53.49 60.98 -10.54
N GLY C 82 -54.57 60.43 -11.08
CA GLY C 82 -54.70 58.99 -11.17
C GLY C 82 -56.13 58.63 -11.52
N GLN C 83 -56.33 57.35 -11.78
CA GLN C 83 -57.62 56.85 -12.23
C GLN C 83 -58.09 55.73 -11.31
N CYS C 84 -59.38 55.76 -10.97
CA CYS C 84 -59.97 54.74 -10.12
C CYS C 84 -60.09 53.42 -10.88
N SER C 85 -60.46 52.37 -10.14
CA SER C 85 -60.41 51.00 -10.65
C SER C 85 -61.50 50.82 -11.70
N GLY C 86 -61.09 50.89 -12.96
CA GLY C 86 -62.00 50.72 -14.08
C GLY C 86 -61.89 51.83 -15.12
N LYS C 87 -60.70 52.44 -15.22
CA LYS C 87 -60.42 53.56 -16.13
C LYS C 87 -61.34 54.75 -15.87
N VAL C 88 -61.50 55.08 -14.59
CA VAL C 88 -62.49 56.06 -14.15
C VAL C 88 -61.76 57.32 -13.71
N ALA C 89 -62.15 58.46 -14.31
CA ALA C 89 -61.58 59.74 -13.96
C ALA C 89 -62.07 60.16 -12.56
N PRO C 90 -61.29 60.98 -11.85
CA PRO C 90 -61.74 61.47 -10.53
C PRO C 90 -62.91 62.42 -10.66
N GLY C 91 -63.86 62.29 -9.73
CA GLY C 91 -65.07 63.08 -9.72
C GLY C 91 -66.30 62.36 -10.24
N THR C 92 -66.14 61.18 -10.81
CA THR C 92 -67.27 60.44 -11.37
C THR C 92 -67.99 59.67 -10.27
N LEU C 93 -69.32 59.70 -10.32
CA LEU C 93 -70.14 59.00 -9.35
C LEU C 93 -70.52 57.61 -9.86
N GLU C 94 -70.86 56.74 -8.92
CA GLU C 94 -71.38 55.41 -9.23
C GLU C 94 -72.56 55.15 -8.31
N TRP C 95 -73.67 54.67 -8.89
CA TRP C 95 -74.90 54.48 -8.16
C TRP C 95 -75.27 53.00 -8.13
N GLN C 96 -76.08 52.64 -7.13
CA GLN C 96 -76.62 51.30 -6.99
C GLN C 96 -78.10 51.40 -6.64
N LEU C 97 -78.91 50.59 -7.32
CA LEU C 97 -80.37 50.69 -7.24
C LEU C 97 -80.91 49.39 -6.64
N GLN C 98 -81.62 49.52 -5.52
CA GLN C 98 -82.18 48.37 -4.80
C GLN C 98 -83.65 48.66 -4.50
N ALA C 99 -84.49 47.64 -4.61
CA ALA C 99 -85.91 47.81 -4.34
C ALA C 99 -86.19 47.69 -2.85
N CYS C 100 -86.92 48.65 -2.31
CA CYS C 100 -87.28 48.70 -0.89
C CYS C 100 -88.78 48.53 -0.71
N GLU C 101 -89.18 48.39 0.56
CA GLU C 101 -90.59 48.28 0.92
C GLU C 101 -90.72 48.78 2.35
N ASP C 102 -91.28 49.99 2.50
CA ASP C 102 -91.38 50.61 3.83
C ASP C 102 -92.43 49.90 4.68
N GLN C 103 -93.61 49.68 4.12
CA GLN C 103 -94.69 49.02 4.84
C GLN C 103 -95.57 48.27 3.84
N GLN C 104 -96.52 47.53 4.38
CA GLN C 104 -97.50 46.80 3.57
C GLN C 104 -98.92 47.32 3.75
N CYS C 105 -99.08 48.46 4.41
CA CYS C 105 -100.38 49.10 4.59
C CYS C 105 -100.45 50.36 3.73
N CYS C 106 -101.58 50.54 3.03
CA CYS C 106 -101.73 51.51 1.95
C CYS C 106 -103.12 52.12 1.91
N PRO C 107 -103.26 53.46 1.53
CA PRO C 107 -104.42 54.26 1.94
C PRO C 107 -105.09 53.95 3.27
N GLU C 108 -104.50 54.49 4.35
CA GLU C 108 -105.01 54.25 5.70
C GLU C 108 -106.18 55.17 6.02
N MET C 109 -106.20 56.38 5.45
CA MET C 109 -107.29 57.30 5.69
C MET C 109 -108.53 56.86 4.93
N GLY C 110 -109.69 57.19 5.49
CA GLY C 110 -110.96 56.87 4.86
C GLY C 110 -111.85 58.09 4.74
N GLY C 111 -112.75 58.04 3.75
CA GLY C 111 -113.70 59.10 3.54
C GLY C 111 -115.06 58.79 4.18
N TRP C 112 -115.89 59.83 4.26
CA TRP C 112 -117.22 59.65 4.83
C TRP C 112 -118.18 59.07 3.80
N SER C 113 -119.26 58.50 4.31
CA SER C 113 -120.30 57.88 3.49
C SER C 113 -121.45 58.87 3.30
N GLY C 114 -122.60 58.36 2.85
CA GLY C 114 -123.81 59.16 2.87
C GLY C 114 -124.36 59.27 4.28
N TRP C 115 -124.89 60.46 4.60
CA TRP C 115 -125.50 60.70 5.89
C TRP C 115 -126.80 59.91 6.02
N GLY C 116 -127.05 59.41 7.23
CA GLY C 116 -128.33 58.77 7.53
C GLY C 116 -129.42 59.79 7.74
N PRO C 117 -130.66 59.31 7.86
CA PRO C 117 -131.80 60.21 8.06
C PRO C 117 -131.82 60.79 9.46
N TRP C 118 -132.55 61.89 9.61
CA TRP C 118 -132.71 62.56 10.90
C TRP C 118 -133.55 61.68 11.84
N GLU C 119 -133.01 61.38 13.02
CA GLU C 119 -133.79 60.72 14.05
C GLU C 119 -134.77 61.71 14.65
N PRO C 120 -135.86 61.22 15.25
CA PRO C 120 -136.77 62.11 15.98
C PRO C 120 -136.11 62.67 17.24
N CYS C 121 -136.72 63.73 17.76
CA CYS C 121 -136.21 64.40 18.95
C CYS C 121 -136.34 63.48 20.17
N SER C 122 -135.37 63.61 21.08
CA SER C 122 -135.17 62.65 22.17
C SER C 122 -136.18 62.78 23.29
N VAL C 123 -137.10 63.75 23.24
CA VAL C 123 -138.10 63.94 24.29
C VAL C 123 -139.36 64.52 23.66
N THR C 124 -140.51 64.15 24.23
CA THR C 124 -141.80 64.56 23.69
C THR C 124 -142.36 65.81 24.37
N CYS C 125 -141.74 66.30 25.43
CA CYS C 125 -142.10 67.57 26.04
C CYS C 125 -140.84 68.27 26.49
N SER C 126 -140.91 69.59 26.56
CA SER C 126 -139.76 70.50 26.79
C SER C 126 -138.76 70.34 25.64
N LYS C 127 -137.47 70.47 25.92
CA LYS C 127 -136.43 70.48 24.89
C LYS C 127 -135.44 69.34 25.09
N GLY C 128 -134.82 68.93 24.01
CA GLY C 128 -133.89 67.81 24.01
C GLY C 128 -132.85 68.01 22.92
N THR C 129 -132.24 66.92 22.51
CA THR C 129 -131.21 66.92 21.47
C THR C 129 -131.64 66.03 20.30
N ARG C 130 -131.06 66.33 19.13
CA ARG C 130 -131.38 65.64 17.89
C ARG C 130 -130.08 65.24 17.21
N THR C 131 -130.01 64.01 16.70
CA THR C 131 -128.73 63.42 16.30
C THR C 131 -128.86 62.69 14.97
N ARG C 132 -127.91 62.96 14.07
CA ARG C 132 -127.64 62.15 12.89
C ARG C 132 -126.31 61.42 13.00
N ARG C 133 -126.28 60.19 12.48
CA ARG C 133 -125.10 59.34 12.50
C ARG C 133 -124.83 58.84 11.09
N ARG C 134 -123.56 58.75 10.74
CA ARG C 134 -123.12 58.23 9.45
C ARG C 134 -122.07 57.16 9.68
N ALA C 135 -121.61 56.55 8.60
CA ALA C 135 -120.61 55.50 8.68
C ALA C 135 -119.33 55.97 7.97
N CYS C 136 -118.23 55.33 8.34
CA CYS C 136 -116.93 55.58 7.73
C CYS C 136 -116.56 54.31 6.95
N ASN C 137 -117.18 54.15 5.78
CA ASN C 137 -117.01 52.90 5.02
C ASN C 137 -117.09 53.07 3.51
N HIS C 138 -116.89 54.27 2.96
CA HIS C 138 -116.81 54.48 1.51
C HIS C 138 -115.67 55.44 1.18
N PRO C 139 -114.44 54.92 1.07
CA PRO C 139 -114.02 53.53 1.32
C PRO C 139 -113.70 53.31 2.79
N ALA C 140 -113.51 52.05 3.19
CA ALA C 140 -113.21 51.73 4.57
C ALA C 140 -111.76 52.10 4.88
N PRO C 141 -111.49 52.66 6.06
CA PRO C 141 -110.10 52.94 6.45
C PRO C 141 -109.35 51.68 6.84
N LYS C 142 -108.07 51.68 6.54
CA LYS C 142 -107.18 50.57 6.81
C LYS C 142 -106.18 50.97 7.88
N CYS C 143 -105.70 49.97 8.63
CA CYS C 143 -104.71 50.11 9.72
C CYS C 143 -105.28 51.02 10.82
N GLY C 144 -104.47 51.88 11.41
CA GLY C 144 -104.95 52.73 12.50
C GLY C 144 -105.37 54.12 12.08
N GLY C 145 -105.72 54.27 10.80
CA GLY C 145 -106.24 55.53 10.33
C GLY C 145 -107.67 55.76 10.78
N HIS C 146 -108.12 57.01 10.64
CA HIS C 146 -109.45 57.39 11.05
C HIS C 146 -110.02 58.42 10.07
N CYS C 147 -111.35 58.46 9.99
CA CYS C 147 -112.04 59.42 9.15
C CYS C 147 -111.86 60.82 9.72
N PRO C 148 -111.60 61.83 8.89
CA PRO C 148 -111.37 63.20 9.40
C PRO C 148 -112.68 63.85 9.84
N GLY C 149 -112.65 64.43 11.05
CA GLY C 149 -113.83 65.07 11.58
C GLY C 149 -114.48 64.29 12.72
N GLN C 150 -115.79 64.44 12.88
CA GLN C 150 -116.53 63.74 13.91
C GLN C 150 -117.51 62.76 13.28
N ALA C 151 -117.79 61.68 14.01
CA ALA C 151 -118.66 60.63 13.50
C ALA C 151 -120.14 60.94 13.64
N GLN C 152 -120.50 61.96 14.41
CA GLN C 152 -121.91 62.32 14.59
C GLN C 152 -122.01 63.81 14.88
N GLU C 153 -123.16 64.38 14.54
CA GLU C 153 -123.46 65.77 14.79
C GLU C 153 -124.74 65.87 15.62
N SER C 154 -124.87 66.95 16.39
CA SER C 154 -125.98 67.12 17.29
C SER C 154 -126.44 68.58 17.29
N GLU C 155 -127.76 68.77 17.34
CA GLU C 155 -128.35 70.09 17.46
C GLU C 155 -129.67 69.96 18.22
N ALA C 156 -130.20 71.10 18.65
CA ALA C 156 -131.36 71.14 19.54
C ALA C 156 -132.67 71.08 18.75
N CYS C 157 -133.70 70.58 19.42
CA CYS C 157 -135.05 70.52 18.86
C CYS C 157 -136.05 71.06 19.88
N ASP C 158 -136.99 71.88 19.40
CA ASP C 158 -138.04 72.45 20.22
C ASP C 158 -139.37 71.83 19.80
N THR C 159 -140.10 71.28 20.77
CA THR C 159 -141.32 70.53 20.50
C THR C 159 -142.59 71.35 20.62
N GLN C 160 -142.52 72.55 21.22
CA GLN C 160 -143.67 73.46 21.39
C GLN C 160 -144.80 72.84 22.22
N GLN C 161 -144.43 72.06 23.23
CA GLN C 161 -145.39 71.35 24.06
C GLN C 161 -145.06 71.57 25.53
N VAL C 162 -146.06 71.97 26.31
CA VAL C 162 -145.90 72.11 27.75
C VAL C 162 -146.00 70.74 28.40
N CYS C 163 -145.13 70.47 29.36
CA CYS C 163 -145.11 69.17 30.02
C CYS C 163 -146.27 69.04 31.01
N GLY D 1 -56.02 104.79 29.89
CA GLY D 1 -56.26 105.06 28.49
C GLY D 1 -55.00 105.38 27.71
N VAL D 2 -54.16 104.38 27.50
CA VAL D 2 -52.94 104.53 26.72
C VAL D 2 -53.24 104.12 25.29
N ALA D 3 -52.89 104.99 24.34
CA ALA D 3 -53.17 104.74 22.92
C ALA D 3 -52.25 103.65 22.40
N GLY D 4 -52.84 102.60 21.83
CA GLY D 4 -52.09 101.47 21.30
C GLY D 4 -52.05 101.50 19.79
N GLY D 5 -50.85 101.35 19.25
CA GLY D 5 -50.65 101.21 17.82
C GLY D 5 -50.12 99.84 17.49
N TRP D 6 -49.43 99.69 16.35
CA TRP D 6 -48.93 98.40 15.92
C TRP D 6 -47.42 98.36 16.03
N GLY D 7 -46.90 97.18 16.36
CA GLY D 7 -45.48 96.95 16.35
C GLY D 7 -45.00 96.58 14.97
N PRO D 8 -43.99 95.71 14.89
CA PRO D 8 -43.53 95.26 13.57
C PRO D 8 -44.47 94.23 12.99
N TRP D 9 -44.46 94.15 11.67
CA TRP D 9 -44.79 92.88 11.01
C TRP D 9 -43.67 91.94 11.41
N GLY D 10 -43.93 91.15 12.45
CA GLY D 10 -42.92 90.77 13.43
C GLY D 10 -41.85 89.78 13.01
N PRO D 11 -41.05 89.34 13.99
CA PRO D 11 -39.99 88.37 13.71
C PRO D 11 -40.58 87.02 13.33
N VAL D 12 -39.95 86.37 12.38
CA VAL D 12 -40.54 85.20 11.75
C VAL D 12 -40.33 83.96 12.63
N SER D 13 -41.38 83.17 12.75
CA SER D 13 -41.20 81.83 13.30
C SER D 13 -40.66 80.92 12.19
N PRO D 14 -39.78 79.97 12.51
CA PRO D 14 -39.26 79.08 11.48
C PRO D 14 -40.36 78.17 10.94
N CYS D 15 -40.20 77.77 9.66
CA CYS D 15 -41.16 76.90 8.98
C CYS D 15 -41.21 75.54 9.67
N PRO D 16 -42.37 75.19 10.27
CA PRO D 16 -42.36 74.13 11.29
C PRO D 16 -42.36 72.71 10.73
N VAL D 17 -42.12 72.59 9.43
CA VAL D 17 -42.18 71.31 8.75
C VAL D 17 -41.02 71.22 7.76
N THR D 18 -40.45 70.03 7.63
CA THR D 18 -39.35 69.73 6.73
C THR D 18 -39.83 69.26 5.36
N CYS D 19 -41.14 69.29 5.11
CA CYS D 19 -41.71 68.80 3.87
C CYS D 19 -42.96 69.59 3.53
N GLY D 20 -43.17 69.81 2.24
CA GLY D 20 -44.45 70.33 1.76
C GLY D 20 -44.72 71.76 2.19
N LEU D 21 -45.86 71.97 2.82
CA LEU D 21 -46.33 73.28 3.24
C LEU D 21 -46.52 73.30 4.75
N GLY D 22 -46.41 74.50 5.33
CA GLY D 22 -46.63 74.71 6.74
C GLY D 22 -47.19 76.10 6.98
N GLN D 23 -47.41 76.42 8.25
CA GLN D 23 -47.94 77.72 8.63
C GLN D 23 -47.03 78.35 9.67
N THR D 24 -46.27 79.37 9.26
CA THR D 24 -45.59 80.21 10.21
C THR D 24 -46.54 81.28 10.72
N MET D 25 -46.10 82.03 11.71
CA MET D 25 -46.84 83.20 12.14
C MET D 25 -45.88 84.27 12.65
N GLU D 26 -46.24 85.50 12.42
CA GLU D 26 -45.67 86.68 13.05
C GLU D 26 -46.75 87.55 13.64
N GLN D 27 -47.87 87.70 12.92
CA GLN D 27 -48.93 88.68 13.18
C GLN D 27 -48.37 90.09 13.30
N ARG D 28 -49.08 90.94 14.02
CA ARG D 28 -48.47 92.12 14.65
C ARG D 28 -49.15 92.28 16.01
N THR D 29 -48.48 91.80 17.04
CA THR D 29 -49.02 91.89 18.39
C THR D 29 -48.96 93.34 18.86
N CYS D 30 -49.91 93.69 19.73
CA CYS D 30 -50.00 95.05 20.27
C CYS D 30 -49.09 95.17 21.49
N ASN D 31 -47.79 95.02 21.24
CA ASN D 31 -46.79 94.89 22.29
C ASN D 31 -45.89 96.10 22.45
N HIS D 32 -45.48 96.75 21.36
CA HIS D 32 -44.68 97.95 21.50
C HIS D 32 -45.52 99.15 21.98
N PRO D 33 -46.77 99.35 21.50
CA PRO D 33 -47.69 100.21 22.24
C PRO D 33 -48.89 99.44 22.78
N VAL D 34 -48.93 99.24 24.09
CA VAL D 34 -49.94 98.42 24.75
C VAL D 34 -51.08 99.32 25.21
N PRO D 35 -52.33 99.00 24.87
CA PRO D 35 -53.46 99.73 25.47
C PRO D 35 -53.61 99.37 26.95
N GLN D 36 -53.69 100.40 27.79
CA GLN D 36 -53.75 100.23 29.24
C GLN D 36 -55.00 100.91 29.78
N HIS D 37 -55.52 100.36 30.88
CA HIS D 37 -56.72 100.85 31.58
C HIS D 37 -58.02 100.67 30.79
N GLY D 38 -57.98 100.01 29.64
CA GLY D 38 -59.18 99.78 28.83
C GLY D 38 -59.65 100.98 28.05
N GLY D 39 -58.73 101.69 27.40
CA GLY D 39 -59.08 102.83 26.60
C GLY D 39 -59.32 102.44 25.15
N PRO D 40 -58.57 103.05 24.23
CA PRO D 40 -58.68 102.67 22.81
C PRO D 40 -57.95 101.37 22.55
N PHE D 41 -58.12 100.86 21.33
CA PHE D 41 -57.50 99.61 20.92
C PHE D 41 -56.75 99.82 19.62
N CYS D 42 -55.92 98.83 19.28
CA CYS D 42 -55.09 98.89 18.08
C CYS D 42 -55.97 98.72 16.83
N ALA D 43 -55.92 99.69 15.94
CA ALA D 43 -56.77 99.72 14.76
C ALA D 43 -56.01 99.22 13.53
N GLY D 44 -56.66 98.35 12.76
CA GLY D 44 -56.04 97.77 11.58
C GLY D 44 -56.33 96.30 11.44
N ASP D 45 -55.36 95.54 10.91
CA ASP D 45 -55.47 94.09 10.80
C ASP D 45 -54.23 93.47 11.41
N ALA D 46 -54.41 92.71 12.48
CA ALA D 46 -53.30 92.04 13.15
C ALA D 46 -52.96 90.71 12.51
N THR D 47 -53.74 90.25 11.54
CA THR D 47 -53.62 88.87 11.07
C THR D 47 -52.43 88.71 10.13
N ARG D 48 -51.45 87.90 10.54
CA ARG D 48 -50.56 87.23 9.60
C ARG D 48 -50.34 85.80 10.05
N THR D 49 -50.95 84.86 9.34
CA THR D 49 -50.54 83.47 9.34
C THR D 49 -50.05 83.17 7.94
N HIS D 50 -48.75 82.91 7.80
CA HIS D 50 -48.11 82.84 6.49
C HIS D 50 -47.88 81.39 6.08
N ILE D 51 -48.07 81.12 4.80
CA ILE D 51 -47.86 79.79 4.24
C ILE D 51 -46.39 79.71 3.80
N CYS D 52 -45.58 78.99 4.57
CA CYS D 52 -44.20 78.73 4.17
C CYS D 52 -44.16 77.50 3.27
N ASN D 53 -43.26 77.54 2.28
CA ASN D 53 -43.21 76.54 1.22
C ASN D 53 -41.84 75.88 1.24
N THR D 54 -41.80 74.60 1.61
CA THR D 54 -40.60 73.78 1.52
C THR D 54 -40.69 72.96 0.23
N ALA D 55 -39.61 72.99 -0.56
CA ALA D 55 -39.60 72.39 -1.89
C ALA D 55 -39.18 70.91 -1.88
N VAL D 56 -39.47 70.19 -0.80
CA VAL D 56 -39.17 68.77 -0.69
C VAL D 56 -40.49 68.03 -0.47
N PRO D 57 -40.82 67.04 -1.30
CA PRO D 57 -42.06 66.29 -1.09
C PRO D 57 -41.93 65.35 0.11
N CYS D 58 -43.05 65.14 0.79
CA CYS D 58 -43.06 64.33 1.99
C CYS D 58 -43.12 62.84 1.63
N PRO D 59 -42.63 61.97 2.52
CA PRO D 59 -42.79 60.53 2.30
C PRO D 59 -44.26 60.10 2.37
N VAL D 60 -44.62 59.16 1.50
CA VAL D 60 -45.95 58.56 1.47
C VAL D 60 -45.81 57.05 1.62
N ASP D 61 -46.59 56.46 2.51
CA ASP D 61 -46.50 55.03 2.78
C ASP D 61 -47.32 54.27 1.76
N GLY D 62 -46.77 53.15 1.28
CA GLY D 62 -47.45 52.35 0.27
C GLY D 62 -48.57 51.52 0.86
N GLU D 63 -49.64 51.38 0.08
CA GLU D 63 -50.81 50.60 0.47
C GLU D 63 -50.89 49.32 -0.34
N TRP D 64 -51.56 48.33 0.22
CA TRP D 64 -51.70 47.03 -0.42
C TRP D 64 -52.76 47.09 -1.51
N ASP D 65 -52.52 46.37 -2.60
CA ASP D 65 -53.53 46.17 -3.62
C ASP D 65 -54.45 45.02 -3.20
N SER D 66 -55.46 44.76 -4.03
CA SER D 66 -56.33 43.62 -3.76
C SER D 66 -55.61 42.32 -4.09
N TRP D 67 -56.13 41.22 -3.53
CA TRP D 67 -55.57 39.90 -3.82
C TRP D 67 -55.89 39.50 -5.25
N GLY D 68 -54.92 38.86 -5.90
CA GLY D 68 -55.06 38.47 -7.29
C GLY D 68 -55.92 37.24 -7.48
N GLU D 69 -55.76 36.63 -8.64
CA GLU D 69 -56.49 35.41 -8.99
C GLU D 69 -55.64 34.19 -8.68
N TRP D 70 -56.32 33.11 -8.27
CA TRP D 70 -55.63 31.89 -7.88
C TRP D 70 -55.05 31.18 -9.10
N SER D 71 -53.82 30.70 -8.95
CA SER D 71 -53.12 30.03 -10.03
C SER D 71 -53.71 28.63 -10.26
N PRO D 72 -53.46 28.02 -11.42
CA PRO D 72 -53.91 26.63 -11.62
C PRO D 72 -53.25 25.65 -10.67
N CYS D 73 -54.05 24.71 -10.19
CA CYS D 73 -53.64 23.78 -9.13
C CYS D 73 -53.02 22.55 -9.78
N ILE D 74 -51.69 22.48 -9.76
CA ILE D 74 -50.94 21.36 -10.33
C ILE D 74 -49.99 20.77 -9.27
N ARG D 75 -49.29 19.72 -9.67
CA ARG D 75 -48.23 19.12 -8.89
C ARG D 75 -47.12 18.71 -9.86
N ARG D 76 -45.88 18.81 -9.39
CA ARG D 76 -44.73 18.58 -10.25
C ARG D 76 -44.57 17.11 -10.57
N ASN D 77 -44.41 16.83 -11.87
CA ASN D 77 -44.19 15.48 -12.42
C ASN D 77 -45.38 14.56 -12.10
N MET D 78 -46.60 15.13 -12.17
CA MET D 78 -47.82 14.36 -11.94
C MET D 78 -48.88 14.60 -13.02
N LYS D 79 -48.46 14.79 -14.27
CA LYS D 79 -49.30 15.06 -15.44
C LYS D 79 -50.38 16.13 -15.21
N SER D 80 -51.65 15.79 -15.37
CA SER D 80 -52.76 16.60 -14.91
C SER D 80 -53.37 15.90 -13.69
N ILE D 81 -53.57 16.66 -12.61
CA ILE D 81 -54.13 16.12 -11.38
C ILE D 81 -55.63 16.38 -11.28
N SER D 82 -56.29 16.65 -12.41
CA SER D 82 -57.71 16.98 -12.38
C SER D 82 -58.56 15.75 -12.13
N CYS D 83 -59.59 15.92 -11.28
CA CYS D 83 -60.55 14.86 -10.91
C CYS D 83 -59.88 13.63 -10.29
N GLN D 84 -58.84 13.84 -9.49
CA GLN D 84 -58.13 12.76 -8.82
C GLN D 84 -57.89 13.12 -7.36
N GLU D 85 -57.35 12.17 -6.63
CA GLU D 85 -56.99 12.36 -5.22
C GLU D 85 -55.51 12.70 -5.06
N ILE D 86 -55.04 13.68 -5.82
CA ILE D 86 -53.64 14.12 -5.76
C ILE D 86 -53.60 15.56 -5.26
N PRO D 87 -53.10 15.82 -4.05
CA PRO D 87 -53.04 17.20 -3.56
C PRO D 87 -51.93 17.99 -4.23
N GLY D 88 -52.26 19.22 -4.62
CA GLY D 88 -51.30 20.11 -5.24
C GLY D 88 -51.13 21.42 -4.50
N GLN D 89 -50.59 22.43 -5.17
CA GLN D 89 -50.39 23.75 -4.58
C GLN D 89 -50.76 24.82 -5.59
N GLN D 90 -51.15 25.99 -5.07
CA GLN D 90 -51.52 27.12 -5.91
C GLN D 90 -51.10 28.41 -5.22
N SER D 91 -51.00 29.48 -6.00
CA SER D 91 -50.45 30.75 -5.52
C SER D 91 -51.39 31.90 -5.85
N ARG D 92 -51.12 33.03 -5.20
CA ARG D 92 -51.87 34.27 -5.39
C ARG D 92 -50.95 35.43 -5.10
N GLY D 93 -51.11 36.53 -5.83
CA GLY D 93 -50.19 37.64 -5.76
C GLY D 93 -50.87 38.96 -5.46
N ARG D 94 -50.15 39.81 -4.74
CA ARG D 94 -50.53 41.20 -4.45
C ARG D 94 -49.45 42.13 -4.98
N THR D 95 -49.66 43.44 -4.79
CA THR D 95 -48.73 44.45 -5.29
C THR D 95 -48.72 45.63 -4.35
N CYS D 96 -47.58 45.90 -3.72
CA CYS D 96 -47.40 47.10 -2.92
C CYS D 96 -47.30 48.30 -3.86
N ARG D 97 -48.30 49.18 -3.84
CA ARG D 97 -48.43 50.25 -4.82
C ARG D 97 -48.61 51.57 -4.08
N GLY D 98 -47.74 52.54 -4.37
CA GLY D 98 -47.90 53.89 -3.87
C GLY D 98 -46.77 54.41 -3.01
N ARG D 99 -45.72 53.65 -2.74
CA ARG D 99 -44.64 54.10 -1.86
C ARG D 99 -43.67 54.95 -2.67
N LYS D 100 -43.59 56.25 -2.35
CA LYS D 100 -42.66 57.16 -2.99
C LYS D 100 -41.98 58.02 -1.92
N PHE D 101 -40.79 58.53 -2.28
CA PHE D 101 -40.06 59.55 -1.51
C PHE D 101 -39.65 59.07 -0.12
N ASP D 102 -39.02 57.88 -0.09
CA ASP D 102 -38.51 57.25 1.14
C ASP D 102 -39.60 56.97 2.16
N GLY D 103 -40.78 56.56 1.68
CA GLY D 103 -41.87 56.21 2.56
C GLY D 103 -41.70 54.84 3.19
N HIS D 104 -42.60 54.53 4.11
CA HIS D 104 -42.60 53.22 4.74
C HIS D 104 -43.08 52.15 3.75
N ARG D 105 -42.49 50.97 3.86
CA ARG D 105 -42.83 49.87 2.97
C ARG D 105 -44.07 49.13 3.49
N CYS D 106 -44.58 48.23 2.66
CA CYS D 106 -45.75 47.44 3.03
C CYS D 106 -45.38 46.40 4.08
N ALA D 107 -46.24 46.28 5.10
CA ALA D 107 -46.02 45.35 6.20
C ALA D 107 -46.89 44.12 5.97
N GLY D 108 -46.25 42.99 5.67
CA GLY D 108 -46.97 41.75 5.44
C GLY D 108 -46.34 40.90 4.35
N GLN D 109 -46.91 39.71 4.12
CA GLN D 109 -46.41 38.80 3.11
C GLN D 109 -47.14 39.03 1.80
N GLN D 110 -46.39 39.07 0.70
CA GLN D 110 -46.94 39.40 -0.60
C GLN D 110 -47.50 38.21 -1.37
N GLN D 111 -47.24 36.99 -0.92
CA GLN D 111 -47.71 35.78 -1.59
C GLN D 111 -48.53 34.93 -0.64
N ASP D 112 -49.57 34.29 -1.16
CA ASP D 112 -50.44 33.41 -0.37
C ASP D 112 -50.51 32.06 -1.06
N ILE D 113 -50.11 31.02 -0.35
CA ILE D 113 -50.06 29.65 -0.88
C ILE D 113 -50.96 28.78 -0.03
N ARG D 114 -51.81 27.97 -0.68
CA ARG D 114 -52.64 26.99 -0.01
C ARG D 114 -52.62 25.69 -0.80
N HIS D 115 -52.98 24.60 -0.13
CA HIS D 115 -53.05 23.30 -0.77
C HIS D 115 -54.44 23.10 -1.36
N CYS D 116 -54.50 22.40 -2.49
CA CYS D 116 -55.71 22.38 -3.29
C CYS D 116 -55.91 21.03 -3.96
N TYR D 117 -57.17 20.77 -4.33
CA TYR D 117 -57.54 19.73 -5.27
C TYR D 117 -57.98 20.41 -6.57
N SER D 118 -57.66 19.79 -7.70
CA SER D 118 -58.01 20.35 -9.00
C SER D 118 -59.35 19.77 -9.44
N ILE D 119 -60.36 20.63 -9.53
CA ILE D 119 -61.70 20.25 -9.97
C ILE D 119 -62.08 20.96 -11.27
N GLN D 120 -61.07 21.49 -11.97
CA GLN D 120 -61.27 22.23 -13.22
C GLN D 120 -61.77 21.32 -14.33
N HIS D 121 -62.96 21.65 -14.86
CA HIS D 121 -63.58 20.96 -15.99
C HIS D 121 -63.88 19.48 -15.69
N CYS D 122 -64.27 19.19 -14.45
CA CYS D 122 -64.60 17.82 -14.08
C CYS D 122 -66.11 17.66 -13.98
N PRO D 123 -66.68 16.59 -14.55
CA PRO D 123 -68.12 16.36 -14.42
C PRO D 123 -68.45 15.85 -13.02
N LEU D 124 -69.48 16.45 -12.41
CA LEU D 124 -69.89 16.11 -11.07
C LEU D 124 -71.41 15.98 -11.01
N LYS D 125 -71.89 15.32 -9.97
CA LYS D 125 -73.31 15.31 -9.68
C LYS D 125 -73.70 16.60 -8.97
N GLY D 126 -74.95 17.00 -9.14
CA GLY D 126 -75.40 18.29 -8.63
C GLY D 126 -76.81 18.23 -8.08
N SER D 127 -77.21 19.36 -7.51
CA SER D 127 -78.56 19.54 -6.96
C SER D 127 -78.94 20.99 -7.11
N TRP D 128 -80.22 21.24 -7.37
CA TRP D 128 -80.71 22.59 -7.60
C TRP D 128 -80.85 23.32 -6.27
N SER D 129 -80.27 24.51 -6.19
CA SER D 129 -80.43 25.35 -5.01
C SER D 129 -81.80 26.04 -5.05
N GLU D 130 -82.15 26.66 -3.93
CA GLU D 130 -83.40 27.40 -3.84
C GLU D 130 -83.26 28.75 -4.53
N TRP D 131 -84.33 29.55 -4.45
CA TRP D 131 -84.32 30.88 -5.02
C TRP D 131 -83.39 31.78 -4.20
N SER D 132 -82.43 32.39 -4.87
CA SER D 132 -81.50 33.28 -4.19
C SER D 132 -82.18 34.60 -3.86
N THR D 133 -81.47 35.42 -3.09
CA THR D 133 -81.98 36.74 -2.74
C THR D 133 -82.01 37.62 -3.99
N TRP D 134 -83.02 38.49 -4.06
CA TRP D 134 -83.23 39.32 -5.24
C TRP D 134 -82.09 40.32 -5.41
N GLY D 135 -81.51 40.35 -6.60
CA GLY D 135 -80.35 41.19 -6.87
C GLY D 135 -80.73 42.65 -7.07
N LEU D 136 -79.73 43.42 -7.47
CA LEU D 136 -79.91 44.84 -7.69
C LEU D 136 -80.55 45.11 -9.05
N CYS D 137 -80.95 46.36 -9.26
CA CYS D 137 -81.58 46.78 -10.51
C CYS D 137 -80.49 47.16 -11.49
N MET D 138 -80.32 46.35 -12.53
CA MET D 138 -79.31 46.57 -13.55
C MET D 138 -79.98 46.75 -14.90
N PRO D 139 -79.61 47.77 -15.69
CA PRO D 139 -78.63 48.82 -15.36
C PRO D 139 -79.24 49.96 -14.53
N PRO D 140 -78.51 50.43 -13.53
CA PRO D 140 -79.01 51.56 -12.74
C PRO D 140 -78.91 52.86 -13.53
N CYS D 141 -79.96 53.69 -13.40
CA CYS D 141 -80.13 54.99 -14.06
C CYS D 141 -80.28 54.90 -15.57
N GLY D 142 -80.39 53.69 -16.14
CA GLY D 142 -80.49 53.52 -17.57
C GLY D 142 -81.89 53.11 -17.99
N PRO D 143 -82.03 52.68 -19.25
CA PRO D 143 -83.35 52.28 -19.78
C PRO D 143 -83.77 50.93 -19.21
N ASN D 144 -84.85 50.94 -18.40
CA ASN D 144 -85.56 49.79 -17.86
C ASN D 144 -84.68 48.90 -16.98
N PRO D 145 -84.57 49.20 -15.69
CA PRO D 145 -83.82 48.31 -14.79
C PRO D 145 -84.67 47.11 -14.37
N THR D 146 -84.00 45.97 -14.21
CA THR D 146 -84.66 44.72 -13.85
C THR D 146 -83.90 44.03 -12.72
N ARG D 147 -84.64 43.37 -11.83
CA ARG D 147 -84.06 42.55 -10.79
C ARG D 147 -83.75 41.15 -11.33
N ALA D 148 -83.04 40.37 -10.53
CA ALA D 148 -82.62 39.03 -10.96
C ALA D 148 -82.34 38.17 -9.74
N ARG D 149 -83.15 37.12 -9.57
CA ARG D 149 -82.82 36.01 -8.67
C ARG D 149 -82.81 34.72 -9.48
N GLN D 150 -82.11 33.71 -8.96
CA GLN D 150 -81.86 32.54 -9.77
C GLN D 150 -81.68 31.30 -8.90
N ARG D 151 -81.93 30.14 -9.51
CA ARG D 151 -81.58 28.84 -8.95
C ARG D 151 -80.52 28.23 -9.86
N LEU D 152 -79.34 27.99 -9.32
CA LEU D 152 -78.23 27.43 -10.07
C LEU D 152 -77.97 26.00 -9.63
N CYS D 153 -77.38 25.22 -10.54
CA CYS D 153 -77.08 23.81 -10.29
C CYS D 153 -75.75 23.73 -9.56
N THR D 154 -75.79 23.54 -8.24
CA THR D 154 -74.61 23.51 -7.39
C THR D 154 -74.03 22.10 -7.38
N PRO D 155 -72.73 21.94 -7.66
CA PRO D 155 -72.16 20.58 -7.70
C PRO D 155 -71.99 20.00 -6.30
N LEU D 156 -72.08 18.67 -6.24
CA LEU D 156 -71.87 17.93 -5.00
C LEU D 156 -70.41 17.52 -4.94
N LEU D 157 -69.65 18.15 -4.03
CA LEU D 157 -68.22 17.93 -3.95
C LEU D 157 -67.93 16.53 -3.39
N PRO D 158 -66.92 15.83 -3.93
CA PRO D 158 -66.65 14.46 -3.47
C PRO D 158 -66.03 14.44 -2.09
N LYS D 159 -66.31 13.36 -1.36
CA LYS D 159 -65.85 13.23 0.02
C LYS D 159 -64.41 12.73 0.04
N TYR D 160 -63.50 13.69 -0.11
CA TYR D 160 -62.06 13.50 -0.02
C TYR D 160 -61.59 13.84 1.39
N PRO D 161 -60.40 13.38 1.79
CA PRO D 161 -59.84 13.81 3.09
C PRO D 161 -59.55 15.30 3.11
N PRO D 162 -60.00 16.03 4.14
CA PRO D 162 -59.85 17.48 4.14
C PRO D 162 -58.48 17.97 4.55
N THR D 163 -57.59 17.10 5.02
CA THR D 163 -56.25 17.48 5.43
C THR D 163 -55.23 16.62 4.71
N VAL D 164 -53.97 17.06 4.76
CA VAL D 164 -52.86 16.33 4.18
C VAL D 164 -51.67 16.46 5.13
N SER D 165 -50.84 15.42 5.17
CA SER D 165 -49.66 15.43 6.01
C SER D 165 -48.48 16.04 5.27
N MET D 166 -47.50 16.50 6.02
CA MET D 166 -46.26 17.02 5.46
C MET D 166 -45.14 16.00 5.66
N VAL D 167 -44.15 16.06 4.77
CA VAL D 167 -43.02 15.14 4.84
C VAL D 167 -42.06 15.55 5.96
N GLU D 168 -41.73 16.84 6.03
CA GLU D 168 -40.71 17.31 6.98
C GLU D 168 -41.23 17.31 8.40
N GLY D 169 -42.46 17.77 8.62
CA GLY D 169 -43.05 17.81 9.94
C GLY D 169 -44.37 17.07 9.98
N GLN D 170 -44.73 16.63 11.18
CA GLN D 170 -45.96 15.87 11.36
C GLN D 170 -47.22 16.72 11.35
N GLY D 171 -47.10 18.05 11.40
CA GLY D 171 -48.27 18.90 11.41
C GLY D 171 -48.95 18.93 10.06
N GLU D 172 -50.29 18.91 10.08
CA GLU D 172 -51.09 18.78 8.87
C GLU D 172 -51.60 20.15 8.42
N LYS D 173 -52.02 20.22 7.15
CA LYS D 173 -52.43 21.47 6.51
C LYS D 173 -53.82 21.31 5.91
N ASN D 174 -54.44 22.45 5.61
CA ASN D 174 -55.76 22.49 5.01
C ASN D 174 -55.70 22.16 3.53
N VAL D 175 -56.78 21.57 3.01
CA VAL D 175 -57.00 21.39 1.58
C VAL D 175 -58.31 22.07 1.21
N THR D 176 -58.31 22.80 0.11
CA THR D 176 -59.48 23.57 -0.33
C THR D 176 -59.67 23.39 -1.82
N PHE D 177 -60.91 23.12 -2.23
CA PHE D 177 -61.21 22.84 -3.64
C PHE D 177 -61.13 24.11 -4.48
N TRP D 178 -60.67 23.96 -5.72
CA TRP D 178 -60.60 25.06 -6.68
C TRP D 178 -60.90 24.52 -8.07
N GLY D 179 -61.70 25.25 -8.81
CA GLY D 179 -61.95 24.94 -10.21
C GLY D 179 -63.35 25.29 -10.63
N ARG D 180 -63.57 25.26 -11.94
CA ARG D 180 -64.90 25.46 -12.52
C ARG D 180 -65.39 24.13 -13.08
N PRO D 181 -66.17 23.36 -12.34
CA PRO D 181 -66.62 22.05 -12.82
C PRO D 181 -67.82 22.20 -13.77
N LEU D 182 -68.29 21.07 -14.27
CA LEU D 182 -69.48 20.99 -15.12
C LEU D 182 -70.52 20.16 -14.38
N PRO D 183 -71.43 20.79 -13.64
CA PRO D 183 -72.36 20.02 -12.81
C PRO D 183 -73.46 19.39 -13.65
N ARG D 184 -73.82 18.15 -13.29
CA ARG D 184 -74.87 17.40 -13.96
C ARG D 184 -76.08 17.32 -13.04
N CYS D 185 -77.25 17.64 -13.58
CA CYS D 185 -78.48 17.68 -12.80
C CYS D 185 -79.65 17.52 -13.75
N GLU D 186 -80.83 17.26 -13.17
CA GLU D 186 -82.05 17.27 -13.96
C GLU D 186 -82.44 18.72 -14.28
N GLU D 187 -83.24 18.89 -15.32
CA GLU D 187 -83.59 20.23 -15.78
C GLU D 187 -84.76 20.78 -14.99
N LEU D 188 -84.79 22.11 -14.87
CA LEU D 188 -85.90 22.84 -14.27
C LEU D 188 -86.25 24.00 -15.19
N GLN D 189 -87.44 23.93 -15.79
CA GLN D 189 -87.97 24.97 -16.69
C GLN D 189 -87.10 25.18 -17.93
N GLY D 190 -86.55 24.10 -18.46
CA GLY D 190 -85.87 24.12 -19.74
C GLY D 190 -84.42 24.55 -19.73
N GLN D 191 -83.73 24.47 -18.60
CA GLN D 191 -82.32 24.84 -18.53
C GLN D 191 -81.53 23.75 -17.81
N LYS D 192 -80.24 23.67 -18.14
CA LYS D 192 -79.35 22.66 -17.57
C LYS D 192 -78.36 23.19 -16.56
N LEU D 193 -77.95 24.46 -16.68
CA LEU D 193 -76.96 25.04 -15.78
C LEU D 193 -77.59 25.97 -14.74
N VAL D 194 -78.38 26.95 -15.18
CA VAL D 194 -78.93 27.95 -14.27
C VAL D 194 -80.25 28.46 -14.85
N VAL D 195 -81.29 28.51 -14.01
CA VAL D 195 -82.57 29.11 -14.36
C VAL D 195 -82.77 30.36 -13.50
N GLU D 196 -83.07 31.48 -14.14
CA GLU D 196 -83.29 32.74 -13.46
C GLU D 196 -84.67 33.29 -13.80
N GLU D 197 -85.02 34.38 -13.13
CA GLU D 197 -86.25 35.10 -13.42
C GLU D 197 -86.02 36.59 -13.23
N LYS D 198 -86.46 37.38 -14.20
CA LYS D 198 -86.28 38.82 -14.17
C LYS D 198 -87.62 39.50 -13.88
N ARG D 199 -87.58 40.49 -12.99
CA ARG D 199 -88.74 41.30 -12.67
C ARG D 199 -88.29 42.76 -12.72
N PRO D 200 -89.01 43.63 -13.43
CA PRO D 200 -88.58 45.03 -13.53
C PRO D 200 -88.76 45.78 -12.22
N CYS D 201 -87.92 46.80 -12.03
CA CYS D 201 -87.92 47.59 -10.82
C CYS D 201 -88.89 48.75 -10.96
N LEU D 202 -89.60 49.05 -9.87
CA LEU D 202 -90.65 50.05 -9.87
C LEU D 202 -90.19 51.32 -9.19
N HIS D 203 -90.63 52.46 -9.73
CA HIS D 203 -90.36 53.81 -9.21
C HIS D 203 -88.87 54.13 -9.19
N VAL D 204 -88.27 54.10 -10.38
CA VAL D 204 -86.84 54.36 -10.52
C VAL D 204 -86.60 55.87 -10.42
N PRO D 205 -85.75 56.34 -9.51
CA PRO D 205 -85.52 57.78 -9.37
C PRO D 205 -84.40 58.31 -10.26
N ALA D 206 -84.42 59.63 -10.45
CA ALA D 206 -83.40 60.30 -11.25
C ALA D 206 -82.09 60.37 -10.48
N CYS D 207 -80.99 60.25 -11.21
CA CYS D 207 -79.67 60.18 -10.60
C CYS D 207 -78.87 61.47 -10.80
N GLY E 1 -44.26 19.71 -18.90
CA GLY E 1 -44.74 18.81 -19.94
C GLY E 1 -43.67 17.84 -20.41
N SER E 2 -44.04 16.98 -21.36
CA SER E 2 -43.10 16.02 -21.90
C SER E 2 -42.12 16.71 -22.85
N CYS E 3 -40.88 16.21 -22.86
CA CYS E 3 -39.84 16.79 -23.69
C CYS E 3 -40.06 16.43 -25.15
N SER E 4 -39.50 17.28 -26.02
CA SER E 4 -39.59 17.04 -27.45
C SER E 4 -38.52 16.05 -27.89
N LEU E 5 -38.91 15.12 -28.75
CA LEU E 5 -38.03 14.04 -29.23
C LEU E 5 -37.26 14.43 -30.49
N GLU E 6 -36.83 15.68 -30.59
CA GLU E 6 -36.15 16.18 -31.78
C GLU E 6 -34.66 16.30 -31.51
N GLY E 7 -33.85 15.75 -32.41
CA GLY E 7 -32.41 15.79 -32.25
C GLY E 7 -31.86 14.88 -31.17
N VAL E 8 -32.62 13.87 -30.77
CA VAL E 8 -32.22 12.97 -29.69
C VAL E 8 -32.03 11.53 -30.14
N GLU E 9 -32.25 11.23 -31.42
CA GLU E 9 -32.03 9.88 -31.91
C GLU E 9 -30.54 9.58 -32.02
N ILE E 10 -30.23 8.29 -32.13
CA ILE E 10 -28.85 7.81 -32.07
C ILE E 10 -28.50 7.17 -33.41
N LYS E 11 -27.24 7.34 -33.82
CA LYS E 11 -26.76 6.79 -35.09
C LYS E 11 -26.57 5.29 -34.95
N GLY E 12 -27.50 4.51 -35.50
CA GLY E 12 -27.39 3.08 -35.51
C GLY E 12 -28.14 2.39 -34.38
N GLY E 13 -29.30 2.91 -34.02
CA GLY E 13 -30.08 2.30 -32.95
C GLY E 13 -31.37 3.07 -32.75
N SER E 14 -32.20 2.53 -31.87
CA SER E 14 -33.49 3.13 -31.56
C SER E 14 -33.58 3.47 -30.07
N PHE E 15 -34.79 3.71 -29.57
CA PHE E 15 -34.98 4.04 -28.16
C PHE E 15 -36.39 3.63 -27.74
N ARG E 16 -36.59 3.61 -26.42
CA ARG E 16 -37.89 3.33 -25.83
C ARG E 16 -38.15 4.32 -24.71
N LEU E 17 -39.42 4.69 -24.54
CA LEU E 17 -39.80 5.71 -23.57
C LEU E 17 -40.19 5.03 -22.26
N LEU E 18 -39.48 5.38 -21.19
CA LEU E 18 -39.76 4.91 -19.85
C LEU E 18 -40.16 6.09 -18.96
N GLN E 19 -40.76 5.75 -17.81
CA GLN E 19 -41.22 6.73 -16.81
C GLN E 19 -42.23 7.71 -17.38
N GLU E 20 -43.13 7.19 -18.24
CA GLU E 20 -44.17 7.97 -18.93
C GLU E 20 -43.58 9.09 -19.80
N GLY E 21 -42.56 8.74 -20.58
CA GLY E 21 -41.94 9.68 -21.49
C GLY E 21 -41.02 10.69 -20.84
N GLN E 22 -40.74 10.57 -19.55
CA GLN E 22 -39.84 11.48 -18.85
C GLN E 22 -38.39 11.01 -18.86
N ALA E 23 -38.10 9.90 -19.54
CA ALA E 23 -36.74 9.39 -19.67
C ALA E 23 -36.69 8.45 -20.86
N LEU E 24 -35.72 8.65 -21.75
CA LEU E 24 -35.49 7.75 -22.87
C LEU E 24 -34.29 6.87 -22.57
N GLU E 25 -34.36 5.62 -23.02
CA GLU E 25 -33.25 4.68 -22.91
C GLU E 25 -32.85 4.25 -24.31
N TYR E 26 -31.58 4.44 -24.66
CA TYR E 26 -31.10 4.07 -25.98
C TYR E 26 -30.95 2.56 -26.09
N VAL E 27 -31.38 2.02 -27.22
CA VAL E 27 -31.35 0.58 -27.48
C VAL E 27 -30.43 0.37 -28.68
N CYS E 28 -29.14 0.13 -28.40
CA CYS E 28 -28.18 -0.28 -29.42
C CYS E 28 -28.24 -1.80 -29.58
N PRO E 29 -27.82 -2.34 -30.75
CA PRO E 29 -27.80 -3.80 -30.93
C PRO E 29 -26.80 -4.54 -30.05
N SER E 30 -26.79 -5.87 -30.15
CA SER E 30 -25.91 -6.70 -29.32
C SER E 30 -24.48 -6.56 -29.79
N GLY E 31 -23.58 -6.16 -28.88
CA GLY E 31 -22.21 -5.89 -29.20
C GLY E 31 -21.84 -4.42 -29.19
N PHE E 32 -22.79 -3.53 -28.97
CA PHE E 32 -22.55 -2.09 -28.93
C PHE E 32 -23.05 -1.52 -27.61
N TYR E 33 -22.52 -0.35 -27.27
CA TYR E 33 -22.98 0.42 -26.14
C TYR E 33 -23.27 1.84 -26.61
N PRO E 34 -24.28 2.49 -26.05
CA PRO E 34 -24.57 3.89 -26.42
C PRO E 34 -23.47 4.80 -25.92
N TYR E 35 -22.96 5.66 -26.81
CA TYR E 35 -21.86 6.55 -26.44
C TYR E 35 -22.38 7.58 -25.42
N PRO E 36 -21.47 8.24 -24.70
CA PRO E 36 -21.43 8.10 -23.23
C PRO E 36 -22.72 7.74 -22.51
N VAL E 37 -23.77 8.54 -22.74
CA VAL E 37 -24.99 8.41 -21.98
C VAL E 37 -25.74 7.14 -22.35
N GLN E 38 -26.13 6.37 -21.34
CA GLN E 38 -27.00 5.21 -21.54
C GLN E 38 -28.45 5.66 -21.69
N THR E 39 -28.87 6.58 -20.82
CA THR E 39 -30.21 7.16 -20.84
C THR E 39 -30.08 8.68 -20.85
N ARG E 40 -31.22 9.35 -21.03
CA ARG E 40 -31.30 10.80 -20.94
C ARG E 40 -32.49 11.20 -20.09
N THR E 41 -32.27 12.15 -19.20
CA THR E 41 -33.34 12.68 -18.38
C THR E 41 -34.02 13.84 -19.09
N CYS E 42 -35.32 13.97 -18.87
CA CYS E 42 -36.11 15.04 -19.49
C CYS E 42 -36.14 16.21 -18.51
N ARG E 43 -35.23 17.17 -18.73
CA ARG E 43 -35.27 18.41 -17.98
C ARG E 43 -36.47 19.25 -18.43
N SER E 44 -37.01 20.02 -17.50
CA SER E 44 -38.25 20.74 -17.74
C SER E 44 -38.03 22.08 -18.44
N THR E 45 -37.35 22.04 -19.59
CA THR E 45 -37.15 23.20 -20.45
C THR E 45 -37.53 22.95 -21.90
N GLY E 46 -37.96 21.74 -22.25
CA GLY E 46 -38.28 21.35 -23.60
C GLY E 46 -37.21 20.53 -24.27
N SER E 47 -35.97 20.67 -23.84
CA SER E 47 -34.84 19.92 -24.39
C SER E 47 -34.36 18.89 -23.37
N TRP E 48 -33.80 17.81 -23.88
CA TRP E 48 -33.29 16.75 -23.02
C TRP E 48 -31.94 17.15 -22.44
N SER E 49 -31.41 16.28 -21.57
CA SER E 49 -30.10 16.51 -20.98
C SER E 49 -29.01 16.34 -22.04
N THR E 50 -27.97 17.16 -21.94
CA THR E 50 -26.92 17.17 -22.94
C THR E 50 -26.10 15.88 -22.89
N LEU E 51 -25.49 15.54 -24.03
CA LEU E 51 -24.70 14.31 -24.15
C LEU E 51 -23.35 14.53 -23.49
N LYS E 52 -23.37 14.50 -22.15
CA LYS E 52 -22.18 14.73 -21.35
C LYS E 52 -21.49 13.41 -21.06
N THR E 53 -20.15 13.42 -21.16
CA THR E 53 -19.36 12.24 -20.92
C THR E 53 -19.06 12.12 -19.44
N GLN E 54 -18.16 11.21 -19.07
CA GLN E 54 -17.61 11.22 -17.72
C GLN E 54 -16.59 12.34 -17.52
N ASP E 55 -16.08 12.91 -18.61
CA ASP E 55 -15.23 14.09 -18.59
C ASP E 55 -16.01 15.38 -18.82
N GLN E 56 -17.35 15.29 -18.92
CA GLN E 56 -18.26 16.42 -19.15
C GLN E 56 -18.00 17.15 -20.46
N LYS E 57 -17.73 16.38 -21.52
CA LYS E 57 -17.55 16.93 -22.86
C LYS E 57 -18.88 16.93 -23.59
N THR E 58 -19.17 18.04 -24.27
CA THR E 58 -20.43 18.18 -25.01
C THR E 58 -20.30 17.46 -26.35
N VAL E 59 -21.01 16.35 -26.50
CA VAL E 59 -21.09 15.61 -27.76
C VAL E 59 -22.37 16.04 -28.46
N ARG E 60 -22.26 16.35 -29.75
CA ARG E 60 -23.42 16.86 -30.50
C ARG E 60 -24.41 15.74 -30.83
N LYS E 61 -23.97 14.75 -31.60
CA LYS E 61 -24.80 13.63 -31.99
C LYS E 61 -24.34 12.36 -31.28
N ALA E 62 -25.28 11.46 -31.02
CA ALA E 62 -25.01 10.19 -30.38
C ALA E 62 -24.87 9.09 -31.43
N GLU E 63 -24.11 8.06 -31.09
CA GLU E 63 -23.78 6.98 -32.02
C GLU E 63 -23.47 5.73 -31.21
N CYS E 64 -23.93 4.58 -31.68
CA CYS E 64 -23.60 3.31 -31.05
C CYS E 64 -22.19 2.91 -31.44
N ARG E 65 -21.27 2.90 -30.48
CA ARG E 65 -19.89 2.48 -30.72
C ARG E 65 -19.67 1.06 -30.21
N ALA E 66 -18.58 0.46 -30.67
CA ALA E 66 -18.31 -0.95 -30.39
C ALA E 66 -17.87 -1.15 -28.95
N ILE E 67 -18.11 -2.36 -28.44
CA ILE E 67 -17.79 -2.72 -27.07
C ILE E 67 -16.37 -3.24 -27.01
N HIS E 68 -15.54 -2.63 -26.15
CA HIS E 68 -14.17 -3.06 -25.94
C HIS E 68 -14.03 -3.60 -24.52
N CYS E 69 -13.27 -4.69 -24.37
CA CYS E 69 -12.87 -5.14 -23.05
C CYS E 69 -11.81 -4.19 -22.49
N PRO E 70 -11.75 -4.04 -21.16
CA PRO E 70 -10.75 -3.13 -20.56
C PRO E 70 -9.34 -3.66 -20.75
N ARG E 71 -8.44 -2.78 -21.22
CA ARG E 71 -7.06 -3.16 -21.49
C ARG E 71 -6.26 -3.29 -20.20
N PRO E 72 -5.30 -4.21 -20.16
CA PRO E 72 -4.42 -4.33 -19.00
C PRO E 72 -3.37 -3.23 -19.05
N HIS E 73 -3.52 -2.25 -18.17
CA HIS E 73 -2.58 -1.14 -18.10
C HIS E 73 -1.51 -1.33 -17.02
N ASP E 74 -1.51 -2.49 -16.37
CA ASP E 74 -0.57 -2.74 -15.29
C ASP E 74 -0.49 -4.26 -15.09
N PHE E 75 0.72 -4.82 -15.17
CA PHE E 75 0.94 -6.24 -14.92
C PHE E 75 2.38 -6.45 -14.51
N GLU E 76 2.60 -7.20 -13.43
CA GLU E 76 3.91 -7.33 -12.82
C GLU E 76 4.38 -8.78 -12.81
N ASN E 77 5.70 -8.95 -12.75
CA ASN E 77 6.39 -10.23 -12.59
C ASN E 77 6.16 -11.19 -13.76
N GLY E 78 6.03 -10.65 -14.97
CA GLY E 78 5.82 -11.50 -16.13
C GLY E 78 5.56 -10.66 -17.37
N GLU E 79 5.05 -11.34 -18.39
CA GLU E 79 4.78 -10.75 -19.69
C GLU E 79 3.48 -11.31 -20.24
N TYR E 80 2.57 -10.42 -20.64
CA TYR E 80 1.34 -10.79 -21.32
C TYR E 80 1.40 -10.34 -22.77
N TRP E 81 0.80 -11.12 -23.66
CA TRP E 81 0.92 -10.84 -25.09
C TRP E 81 -0.34 -11.26 -25.82
N PRO E 82 -0.82 -10.45 -26.80
CA PRO E 82 -0.25 -9.20 -27.30
C PRO E 82 -0.77 -7.94 -26.62
N ARG E 83 -0.02 -6.85 -26.72
CA ARG E 83 -0.44 -5.56 -26.22
C ARG E 83 -1.16 -4.80 -27.34
N SER E 84 -2.29 -4.19 -27.00
CA SER E 84 -3.13 -3.50 -27.96
C SER E 84 -3.68 -2.24 -27.32
N PRO E 85 -3.98 -1.21 -28.12
CA PRO E 85 -4.62 0.00 -27.55
C PRO E 85 -6.02 -0.27 -27.04
N TYR E 86 -6.74 -1.20 -27.66
CA TYR E 86 -8.02 -1.67 -27.16
C TYR E 86 -8.20 -3.10 -27.62
N TYR E 87 -9.13 -3.80 -27.00
CA TYR E 87 -9.38 -5.21 -27.29
C TYR E 87 -10.83 -5.40 -27.72
N ASN E 88 -11.01 -5.91 -28.94
CA ASN E 88 -12.33 -6.20 -29.46
C ASN E 88 -12.94 -7.41 -28.75
N VAL E 89 -14.15 -7.77 -29.17
CA VAL E 89 -14.81 -8.94 -28.61
C VAL E 89 -14.13 -10.20 -29.14
N SER E 90 -14.05 -11.23 -28.28
CA SER E 90 -13.47 -12.54 -28.57
C SER E 90 -11.96 -12.51 -28.81
N ASP E 91 -11.27 -11.48 -28.34
CA ASP E 91 -9.82 -11.48 -28.37
C ASP E 91 -9.29 -12.30 -27.20
N GLU E 92 -8.11 -12.89 -27.39
CA GLU E 92 -7.48 -13.71 -26.37
C GLU E 92 -6.08 -13.19 -26.06
N ILE E 93 -5.77 -13.08 -24.77
CA ILE E 93 -4.42 -12.80 -24.31
C ILE E 93 -4.00 -13.90 -23.35
N SER E 94 -2.71 -14.18 -23.33
CA SER E 94 -2.14 -15.24 -22.51
C SER E 94 -1.12 -14.66 -21.54
N PHE E 95 -0.92 -15.37 -20.44
CA PHE E 95 -0.01 -14.94 -19.39
C PHE E 95 1.07 -15.99 -19.17
N HIS E 96 2.26 -15.51 -18.79
CA HIS E 96 3.42 -16.36 -18.57
C HIS E 96 4.38 -15.59 -17.68
N CYS E 97 4.78 -16.21 -16.58
CA CYS E 97 5.62 -15.53 -15.60
C CYS E 97 7.10 -15.73 -15.90
N TYR E 98 7.94 -15.10 -15.09
CA TYR E 98 9.39 -15.22 -15.21
C TYR E 98 9.87 -16.52 -14.57
N ASP E 99 11.18 -16.72 -14.58
CA ASP E 99 11.75 -17.90 -13.95
C ASP E 99 11.66 -17.79 -12.44
N GLY E 100 11.38 -18.92 -11.80
CA GLY E 100 11.23 -18.96 -10.36
C GLY E 100 9.91 -18.45 -9.83
N TYR E 101 8.88 -18.40 -10.67
CA TYR E 101 7.56 -17.94 -10.25
C TYR E 101 6.52 -18.97 -10.68
N THR E 102 5.46 -19.08 -9.89
CA THR E 102 4.38 -20.03 -10.14
C THR E 102 3.15 -19.27 -10.60
N LEU E 103 2.57 -19.70 -11.72
CA LEU E 103 1.38 -19.07 -12.27
C LEU E 103 0.15 -19.77 -11.71
N ARG E 104 -0.68 -19.03 -10.99
CA ARG E 104 -1.97 -19.50 -10.53
C ARG E 104 -3.07 -18.65 -11.13
N GLY E 105 -4.23 -19.26 -11.32
CA GLY E 105 -5.29 -18.66 -12.10
C GLY E 105 -5.25 -19.13 -13.53
N SER E 106 -6.14 -18.56 -14.33
CA SER E 106 -6.28 -18.96 -15.74
C SER E 106 -5.12 -18.40 -16.54
N ALA E 107 -4.33 -19.29 -17.16
CA ALA E 107 -3.24 -18.85 -18.01
C ALA E 107 -3.73 -18.31 -19.35
N ASN E 108 -4.86 -18.80 -19.83
CA ASN E 108 -5.43 -18.41 -21.11
C ASN E 108 -6.80 -17.78 -20.82
N ARG E 109 -6.94 -16.48 -21.10
CA ARG E 109 -8.19 -15.77 -20.82
C ARG E 109 -8.74 -15.18 -22.11
N THR E 110 -10.07 -15.06 -22.17
CA THR E 110 -10.78 -14.67 -23.39
C THR E 110 -11.82 -13.61 -23.04
N CYS E 111 -11.87 -12.56 -23.87
CA CYS E 111 -12.87 -11.51 -23.70
C CYS E 111 -14.22 -11.99 -24.25
N GLN E 112 -15.25 -11.93 -23.42
CA GLN E 112 -16.56 -12.45 -23.76
C GLN E 112 -17.48 -11.33 -24.28
N VAL E 113 -18.76 -11.68 -24.48
CA VAL E 113 -19.72 -10.71 -25.02
C VAL E 113 -20.18 -9.71 -23.97
N ASN E 114 -20.04 -10.03 -22.68
CA ASN E 114 -20.46 -9.14 -21.61
C ASN E 114 -19.35 -8.18 -21.17
N GLY E 115 -18.30 -8.02 -21.97
CA GLY E 115 -17.24 -7.08 -21.66
C GLY E 115 -16.32 -7.50 -20.55
N ARG E 116 -16.34 -8.77 -20.16
CA ARG E 116 -15.52 -9.28 -19.08
C ARG E 116 -14.64 -10.42 -19.59
N TRP E 117 -13.50 -10.60 -18.94
CA TRP E 117 -12.56 -11.64 -19.30
C TRP E 117 -12.92 -12.94 -18.58
N SER E 118 -12.72 -14.06 -19.27
CA SER E 118 -13.13 -15.36 -18.78
C SER E 118 -12.13 -15.89 -17.76
N GLY E 119 -12.56 -16.90 -17.01
CA GLY E 119 -11.70 -17.59 -16.06
C GLY E 119 -11.38 -16.77 -14.83
N GLN E 120 -10.33 -17.20 -14.14
CA GLN E 120 -9.86 -16.53 -12.93
C GLN E 120 -8.68 -15.61 -13.28
N THR E 121 -8.35 -14.73 -12.33
CA THR E 121 -7.32 -13.73 -12.54
C THR E 121 -5.93 -14.37 -12.44
N ALA E 122 -5.09 -14.11 -13.45
CA ALA E 122 -3.74 -14.66 -13.48
C ALA E 122 -2.86 -13.90 -12.50
N ILE E 123 -2.10 -14.65 -11.70
CA ILE E 123 -1.26 -14.11 -10.64
C ILE E 123 0.10 -14.78 -10.73
N CYS E 124 1.16 -13.99 -10.82
CA CYS E 124 2.53 -14.49 -10.69
C CYS E 124 2.99 -14.24 -9.26
N ASP E 125 3.30 -15.30 -8.54
CA ASP E 125 3.62 -15.22 -7.12
C ASP E 125 4.87 -16.04 -6.84
N ASN E 126 5.68 -15.54 -5.91
CA ASN E 126 6.92 -16.21 -5.53
C ASN E 126 6.80 -16.99 -4.22
N GLY E 127 5.77 -16.74 -3.43
CA GLY E 127 5.58 -17.45 -2.18
C GLY E 127 6.49 -16.99 -1.06
N ALA E 128 6.76 -15.68 -0.98
CA ALA E 128 7.62 -15.13 0.05
C ALA E 128 6.86 -14.35 1.11
N GLY E 129 5.56 -14.12 0.93
CA GLY E 129 4.76 -13.40 1.89
C GLY E 129 3.94 -14.32 2.78
N TYR E 130 3.53 -13.79 3.93
CA TYR E 130 2.60 -14.50 4.80
C TYR E 130 1.26 -14.67 4.11
N CYS E 131 0.76 -13.59 3.51
CA CYS E 131 -0.37 -13.68 2.59
C CYS E 131 0.16 -13.91 1.17
N SER E 132 -0.74 -14.41 0.32
CA SER E 132 -0.41 -14.59 -1.08
C SER E 132 -0.54 -13.26 -1.82
N ASN E 133 -0.09 -13.25 -3.06
CA ASN E 133 -0.18 -12.06 -3.90
C ASN E 133 -1.64 -11.84 -4.26
N PRO E 134 -2.23 -10.69 -3.91
CA PRO E 134 -3.63 -10.44 -4.32
C PRO E 134 -3.79 -10.24 -5.81
N GLY E 135 -2.72 -9.94 -6.53
CA GLY E 135 -2.77 -9.87 -7.97
C GLY E 135 -3.42 -8.59 -8.46
N ILE E 136 -3.41 -8.45 -9.78
CA ILE E 136 -3.98 -7.29 -10.45
C ILE E 136 -5.12 -7.76 -11.35
N PRO E 137 -6.37 -7.49 -10.98
CA PRO E 137 -7.48 -7.72 -11.91
C PRO E 137 -7.37 -6.75 -13.08
N ILE E 138 -7.88 -7.19 -14.23
CA ILE E 138 -7.65 -6.47 -15.49
C ILE E 138 -8.49 -5.19 -15.50
N GLY E 139 -7.81 -4.05 -15.62
CA GLY E 139 -8.43 -2.75 -15.53
C GLY E 139 -8.06 -1.97 -14.28
N THR E 140 -7.41 -2.60 -13.30
CA THR E 140 -7.10 -1.99 -12.02
C THR E 140 -5.64 -1.57 -11.95
N ARG E 141 -5.27 -0.93 -10.85
CA ARG E 141 -3.89 -0.60 -10.54
C ARG E 141 -3.66 -0.85 -9.07
N LYS E 142 -2.65 -1.65 -8.74
CA LYS E 142 -2.36 -2.02 -7.36
C LYS E 142 -1.23 -1.16 -6.82
N VAL E 143 -1.44 -0.62 -5.61
CA VAL E 143 -0.44 0.20 -4.92
C VAL E 143 -0.04 -0.58 -3.67
N GLY E 144 1.15 -1.17 -3.69
CA GLY E 144 1.64 -1.92 -2.55
C GLY E 144 2.30 -3.22 -2.95
N SER E 145 3.63 -3.24 -2.93
CA SER E 145 4.38 -4.43 -3.35
C SER E 145 4.74 -5.34 -2.18
N GLN E 146 4.64 -4.86 -0.95
CA GLN E 146 4.91 -5.70 0.21
C GLN E 146 3.68 -6.53 0.54
N TYR E 147 3.87 -7.84 0.68
CA TYR E 147 2.80 -8.77 1.00
C TYR E 147 3.06 -9.47 2.34
N ARG E 148 3.59 -8.73 3.30
CA ARG E 148 3.84 -9.26 4.63
C ARG E 148 2.56 -9.15 5.47
N LEU E 149 2.67 -9.46 6.76
CA LEU E 149 1.52 -9.38 7.64
C LEU E 149 1.27 -7.93 8.04
N GLU E 150 -0.02 -7.59 8.20
CA GLU E 150 -0.55 -6.28 8.53
C GLU E 150 -0.37 -5.24 7.41
N ASP E 151 -0.01 -5.68 6.20
CA ASP E 151 0.19 -4.79 5.06
C ASP E 151 -1.14 -4.52 4.35
N SER E 152 -1.12 -3.50 3.49
CA SER E 152 -2.34 -3.10 2.79
C SER E 152 -2.02 -2.74 1.35
N VAL E 153 -3.03 -2.91 0.49
CA VAL E 153 -2.97 -2.53 -0.92
C VAL E 153 -4.22 -1.76 -1.29
N THR E 154 -4.07 -0.77 -2.16
CA THR E 154 -5.18 0.04 -2.64
C THR E 154 -5.31 -0.10 -4.15
N TYR E 155 -6.55 -0.09 -4.63
CA TYR E 155 -6.85 -0.32 -6.04
C TYR E 155 -7.56 0.88 -6.64
N HIS E 156 -7.28 1.14 -7.91
CA HIS E 156 -7.94 2.21 -8.65
C HIS E 156 -8.26 1.72 -10.06
N CYS E 157 -9.46 2.03 -10.55
CA CYS E 157 -9.83 1.69 -11.91
C CYS E 157 -9.36 2.77 -12.88
N SER E 158 -9.67 2.57 -14.16
CA SER E 158 -9.27 3.50 -15.21
C SER E 158 -10.26 4.67 -15.28
N ARG E 159 -10.09 5.52 -16.29
CA ARG E 159 -10.92 6.71 -16.43
C ARG E 159 -12.29 6.34 -16.97
N GLY E 160 -13.33 6.78 -16.27
CA GLY E 160 -14.70 6.48 -16.67
C GLY E 160 -15.20 5.13 -16.23
N LEU E 161 -14.49 4.44 -15.35
CA LEU E 161 -14.88 3.11 -14.90
C LEU E 161 -15.16 3.14 -13.39
N THR E 162 -16.08 2.31 -12.96
CA THR E 162 -16.56 2.28 -11.58
C THR E 162 -16.03 1.05 -10.88
N LEU E 163 -15.41 1.25 -9.72
CA LEU E 163 -14.86 0.14 -8.95
C LEU E 163 -16.00 -0.62 -8.28
N ARG E 164 -15.97 -1.94 -8.42
CA ARG E 164 -16.87 -2.83 -7.69
C ARG E 164 -16.01 -3.67 -6.75
N GLY E 165 -16.36 -3.69 -5.48
CA GLY E 165 -15.56 -4.46 -4.53
C GLY E 165 -14.87 -3.61 -3.50
N SER E 166 -13.73 -4.07 -2.99
CA SER E 166 -13.02 -3.35 -1.93
C SER E 166 -11.93 -2.48 -2.56
N GLN E 167 -11.90 -1.20 -2.18
CA GLN E 167 -10.82 -0.35 -2.66
C GLN E 167 -9.53 -0.62 -1.91
N ARG E 168 -9.61 -1.07 -0.66
CA ARG E 168 -8.45 -1.32 0.17
C ARG E 168 -8.59 -2.71 0.80
N ARG E 169 -7.54 -3.52 0.69
CA ARG E 169 -7.51 -4.84 1.28
C ARG E 169 -6.30 -4.97 2.19
N THR E 170 -6.47 -5.72 3.27
CA THR E 170 -5.47 -5.83 4.33
C THR E 170 -5.23 -7.29 4.65
N CYS E 171 -3.95 -7.67 4.75
CA CYS E 171 -3.59 -9.05 5.04
C CYS E 171 -3.83 -9.35 6.52
N GLN E 172 -4.69 -10.34 6.78
CA GLN E 172 -5.08 -10.71 8.13
C GLN E 172 -4.25 -11.89 8.62
N GLU E 173 -4.46 -12.27 9.89
CA GLU E 173 -3.78 -13.42 10.47
C GLU E 173 -4.40 -14.70 9.94
N GLY E 174 -3.57 -15.61 9.44
CA GLY E 174 -4.02 -16.84 8.84
C GLY E 174 -3.78 -16.95 7.35
N GLY E 175 -3.39 -15.86 6.70
CA GLY E 175 -3.10 -15.87 5.27
C GLY E 175 -4.32 -15.65 4.40
N SER E 176 -5.08 -14.61 4.72
CA SER E 176 -6.32 -14.32 3.98
C SER E 176 -6.51 -12.81 3.97
N TRP E 177 -6.63 -12.23 2.77
CA TRP E 177 -6.82 -10.80 2.62
C TRP E 177 -8.24 -10.40 2.98
N SER E 178 -8.36 -9.22 3.58
CA SER E 178 -9.67 -8.70 3.94
C SER E 178 -10.40 -8.19 2.70
N GLY E 179 -11.71 -8.02 2.83
CA GLY E 179 -12.51 -7.53 1.72
C GLY E 179 -12.72 -8.56 0.63
N THR E 180 -12.85 -8.07 -0.59
CA THR E 180 -13.07 -8.93 -1.76
C THR E 180 -12.22 -8.42 -2.92
N GLU E 181 -12.05 -9.29 -3.91
CA GLU E 181 -11.26 -8.94 -5.07
C GLU E 181 -12.03 -7.92 -5.91
N PRO E 182 -11.40 -6.84 -6.36
CA PRO E 182 -12.12 -5.83 -7.14
C PRO E 182 -12.33 -6.28 -8.57
N SER E 183 -13.19 -5.54 -9.27
CA SER E 183 -13.46 -5.78 -10.69
C SER E 183 -14.03 -4.49 -11.26
N CYS E 184 -13.38 -3.95 -12.29
CA CYS E 184 -13.81 -2.68 -12.88
C CYS E 184 -15.05 -2.90 -13.74
N GLN E 185 -16.16 -2.29 -13.34
CA GLN E 185 -17.40 -2.31 -14.10
C GLN E 185 -17.56 -1.00 -14.87
N ASP E 186 -18.40 -1.05 -15.88
CA ASP E 186 -18.68 0.10 -16.73
C ASP E 186 -20.14 0.52 -16.56
N SER E 187 -20.60 1.39 -17.45
CA SER E 187 -21.99 1.84 -17.45
C SER E 187 -22.89 0.95 -18.29
N PHE E 188 -22.39 -0.21 -18.72
CA PHE E 188 -23.16 -1.07 -19.61
C PHE E 188 -22.83 -2.55 -19.42
N MET E 189 -22.04 -2.92 -18.41
CA MET E 189 -21.58 -4.31 -18.32
C MET E 189 -22.67 -5.23 -17.81
N TYR E 190 -23.45 -4.78 -16.81
CA TYR E 190 -24.52 -5.53 -16.18
C TYR E 190 -24.09 -6.89 -15.65
N ASP E 191 -25.04 -7.82 -15.52
CA ASP E 191 -24.73 -9.19 -15.14
C ASP E 191 -25.70 -10.10 -15.87
N THR E 192 -25.19 -11.24 -16.34
CA THR E 192 -26.06 -12.24 -16.94
C THR E 192 -26.95 -12.85 -15.86
N PRO E 193 -28.16 -13.31 -16.22
CA PRO E 193 -29.03 -13.94 -15.22
C PRO E 193 -28.48 -15.24 -14.63
N GLN E 194 -27.58 -15.93 -15.31
CA GLN E 194 -27.00 -17.12 -14.71
C GLN E 194 -25.97 -16.77 -13.63
N GLU E 195 -25.15 -15.74 -13.87
CA GLU E 195 -24.10 -15.37 -12.94
C GLU E 195 -24.62 -14.75 -11.65
N VAL E 196 -25.87 -14.26 -11.65
CA VAL E 196 -26.44 -13.65 -10.45
C VAL E 196 -26.80 -14.69 -9.42
N ALA E 197 -27.64 -15.67 -9.81
CA ALA E 197 -28.09 -16.69 -8.87
C ALA E 197 -27.03 -17.74 -8.58
N GLU E 198 -25.98 -17.84 -9.41
CA GLU E 198 -24.89 -18.76 -9.14
C GLU E 198 -24.07 -18.31 -7.94
N ALA E 199 -23.75 -17.03 -7.87
CA ALA E 199 -22.94 -16.51 -6.78
C ALA E 199 -23.76 -16.21 -5.53
N PHE E 200 -25.06 -15.94 -5.69
CA PHE E 200 -25.87 -15.54 -4.54
C PHE E 200 -26.15 -16.72 -3.62
N LEU E 201 -26.35 -17.91 -4.20
CA LEU E 201 -26.61 -19.08 -3.36
C LEU E 201 -25.35 -19.63 -2.70
N SER E 202 -24.19 -19.47 -3.35
CA SER E 202 -22.95 -19.94 -2.75
C SER E 202 -22.50 -19.06 -1.58
N SER E 203 -23.03 -17.84 -1.47
CA SER E 203 -22.82 -17.03 -0.27
C SER E 203 -23.84 -17.38 0.80
N LEU E 204 -25.08 -17.64 0.40
CA LEU E 204 -26.18 -17.76 1.35
C LEU E 204 -26.12 -19.08 2.12
N THR E 205 -25.70 -20.16 1.47
CA THR E 205 -25.63 -21.46 2.13
C THR E 205 -24.53 -21.53 3.17
N GLU E 206 -23.51 -20.66 3.08
CA GLU E 206 -22.45 -20.64 4.07
C GLU E 206 -22.95 -20.15 5.41
N THR E 207 -23.79 -19.10 5.41
CA THR E 207 -24.41 -18.58 6.62
C THR E 207 -25.75 -19.25 6.93
N ILE E 208 -25.95 -20.47 6.44
CA ILE E 208 -27.12 -21.28 6.79
C ILE E 208 -26.72 -22.57 7.51
N GLU E 209 -25.68 -23.24 7.02
CA GLU E 209 -25.22 -24.49 7.62
C GLU E 209 -24.46 -24.30 8.92
N GLY E 210 -24.03 -23.08 9.23
CA GLY E 210 -23.53 -22.80 10.57
C GLY E 210 -24.62 -22.53 11.57
N VAL E 211 -25.82 -22.16 11.10
CA VAL E 211 -26.97 -21.92 11.96
C VAL E 211 -27.56 -23.25 12.44
N ASP E 212 -27.21 -24.36 11.75
CA ASP E 212 -27.72 -25.70 11.96
C ASP E 212 -27.60 -26.19 13.41
N ALA E 213 -28.74 -26.31 14.09
CA ALA E 213 -28.78 -26.72 15.48
C ALA E 213 -29.80 -27.83 15.67
N GLY E 233 -34.27 -20.98 13.55
CA GLY E 233 -34.30 -20.89 15.00
C GLY E 233 -33.23 -19.95 15.56
N SER E 234 -32.27 -19.59 14.71
CA SER E 234 -31.19 -18.69 15.12
C SER E 234 -30.65 -17.92 13.91
N MET E 235 -31.54 -17.45 13.05
CA MET E 235 -31.14 -16.67 11.88
C MET E 235 -32.26 -15.68 11.55
N ASN E 236 -31.89 -14.44 11.27
CA ASN E 236 -32.83 -13.39 10.92
C ASN E 236 -32.55 -12.92 9.50
N ILE E 237 -33.61 -12.75 8.71
CA ILE E 237 -33.51 -12.29 7.32
C ILE E 237 -34.38 -11.05 7.18
N TYR E 238 -33.78 -9.96 6.71
CA TYR E 238 -34.46 -8.68 6.58
C TYR E 238 -34.68 -8.37 5.11
N LEU E 239 -35.89 -7.97 4.75
CA LEU E 239 -36.29 -7.75 3.37
C LEU E 239 -36.74 -6.30 3.20
N VAL E 240 -36.00 -5.54 2.40
CA VAL E 240 -36.28 -4.14 2.15
C VAL E 240 -36.53 -3.96 0.65
N LEU E 241 -37.63 -3.30 0.30
CA LEU E 241 -37.99 -3.10 -1.09
C LEU E 241 -38.19 -1.62 -1.36
N ASP E 242 -37.66 -1.14 -2.47
CA ASP E 242 -37.72 0.28 -2.82
C ASP E 242 -38.99 0.55 -3.61
N GLY E 243 -39.81 1.46 -3.11
CA GLY E 243 -41.02 1.87 -3.79
C GLY E 243 -40.97 3.31 -4.26
N SER E 244 -39.84 3.70 -4.83
CA SER E 244 -39.65 5.06 -5.31
C SER E 244 -40.35 5.24 -6.65
N GLY E 245 -40.63 6.51 -6.98
CA GLY E 245 -41.28 6.84 -8.23
C GLY E 245 -40.42 6.68 -9.46
N SER E 246 -39.12 6.51 -9.29
CA SER E 246 -38.18 6.30 -10.39
C SER E 246 -38.14 4.85 -10.87
N ILE E 247 -38.97 3.98 -10.32
CA ILE E 247 -39.05 2.59 -10.71
C ILE E 247 -40.33 2.28 -11.50
N GLY E 248 -41.47 2.79 -11.01
CA GLY E 248 -42.75 2.61 -11.70
C GLY E 248 -43.74 1.74 -10.97
N ALA E 249 -45.04 1.97 -11.22
CA ALA E 249 -46.07 1.13 -10.65
C ALA E 249 -46.13 -0.24 -11.31
N SER E 250 -45.74 -0.33 -12.59
CA SER E 250 -45.72 -1.61 -13.27
C SER E 250 -44.53 -2.47 -12.86
N ASN E 251 -43.51 -1.87 -12.23
CA ASN E 251 -42.31 -2.59 -11.84
C ASN E 251 -42.31 -3.01 -10.37
N PHE E 252 -43.42 -2.85 -9.65
CA PHE E 252 -43.51 -3.27 -8.26
C PHE E 252 -44.16 -4.65 -8.12
N THR E 253 -45.27 -4.88 -8.84
CA THR E 253 -45.97 -6.15 -8.72
C THR E 253 -45.20 -7.30 -9.37
N GLY E 254 -44.33 -6.99 -10.34
CA GLY E 254 -43.39 -7.98 -10.84
C GLY E 254 -42.29 -8.32 -9.85
N ALA E 255 -41.99 -7.40 -8.93
CA ALA E 255 -41.05 -7.66 -7.85
C ALA E 255 -41.69 -8.34 -6.66
N LYS E 256 -43.02 -8.26 -6.54
CA LYS E 256 -43.72 -9.00 -5.48
C LYS E 256 -43.67 -10.50 -5.75
N LYS E 257 -43.95 -10.90 -7.00
CA LYS E 257 -43.94 -12.31 -7.37
C LYS E 257 -42.53 -12.91 -7.36
N CYS E 258 -41.51 -12.07 -7.48
CA CYS E 258 -40.14 -12.55 -7.38
C CYS E 258 -39.81 -12.95 -5.95
N LEU E 259 -40.26 -12.14 -4.97
CA LEU E 259 -39.92 -12.38 -3.57
C LEU E 259 -40.63 -13.60 -2.99
N VAL E 260 -41.69 -14.09 -3.62
CA VAL E 260 -42.39 -15.27 -3.12
C VAL E 260 -41.53 -16.52 -3.32
N ASN E 261 -40.79 -16.58 -4.42
CA ASN E 261 -39.93 -17.72 -4.71
C ASN E 261 -38.73 -17.81 -3.78
N LEU E 262 -38.37 -16.71 -3.12
CA LEU E 262 -37.19 -16.70 -2.27
C LEU E 262 -37.43 -17.44 -0.95
N ILE E 263 -38.65 -17.40 -0.44
CA ILE E 263 -38.93 -17.93 0.90
C ILE E 263 -38.94 -19.46 0.88
N GLU E 264 -39.45 -20.04 -0.20
CA GLU E 264 -39.56 -21.50 -0.28
C GLU E 264 -38.19 -22.16 -0.49
N LYS E 265 -37.26 -21.47 -1.13
CA LYS E 265 -35.92 -22.02 -1.31
C LYS E 265 -35.16 -22.06 0.02
N VAL E 266 -35.37 -21.05 0.87
CA VAL E 266 -34.73 -21.03 2.18
C VAL E 266 -35.33 -22.11 3.08
N ALA E 267 -36.64 -22.30 3.03
CA ALA E 267 -37.29 -23.33 3.83
C ALA E 267 -37.06 -24.74 3.30
N SER E 268 -36.46 -24.89 2.12
CA SER E 268 -36.15 -26.20 1.57
C SER E 268 -34.88 -26.81 2.16
N TYR E 269 -34.20 -26.12 3.07
CA TYR E 269 -33.02 -26.65 3.74
C TYR E 269 -33.31 -27.16 5.14
N GLY E 270 -34.58 -27.14 5.58
CA GLY E 270 -34.94 -27.54 6.92
C GLY E 270 -34.74 -26.48 7.98
N VAL E 271 -34.31 -25.27 7.59
CA VAL E 271 -34.10 -24.16 8.52
C VAL E 271 -35.24 -23.17 8.33
N LYS E 272 -35.87 -22.78 9.44
CA LYS E 272 -36.97 -21.82 9.43
C LYS E 272 -36.52 -20.55 10.13
N PRO E 273 -36.02 -19.55 9.39
CA PRO E 273 -35.55 -18.32 10.02
C PRO E 273 -36.71 -17.36 10.29
N ARG E 274 -36.37 -16.22 10.86
CA ARG E 274 -37.34 -15.16 11.15
C ARG E 274 -37.20 -14.08 10.10
N TYR E 275 -38.33 -13.68 9.51
CA TYR E 275 -38.36 -12.75 8.39
C TYR E 275 -38.84 -11.37 8.83
N GLY E 276 -38.40 -10.36 8.10
CA GLY E 276 -38.83 -9.00 8.32
C GLY E 276 -39.14 -8.27 7.02
N LEU E 277 -40.37 -7.82 6.86
CA LEU E 277 -40.83 -7.21 5.61
C LEU E 277 -41.05 -5.71 5.84
N VAL E 278 -40.25 -4.88 5.19
CA VAL E 278 -40.40 -3.42 5.25
C VAL E 278 -40.30 -2.87 3.82
N THR E 279 -41.36 -2.22 3.37
CA THR E 279 -41.35 -1.48 2.11
C THR E 279 -41.31 0.01 2.42
N TYR E 280 -40.51 0.75 1.67
CA TYR E 280 -40.25 2.14 1.99
C TYR E 280 -40.27 2.98 0.73
N ALA E 281 -40.32 4.29 0.92
CA ALA E 281 -40.12 5.30 -0.12
C ALA E 281 -39.70 6.59 0.55
N THR E 282 -40.68 7.42 0.89
CA THR E 282 -40.38 8.60 1.72
C THR E 282 -40.33 8.22 3.19
N TYR E 283 -41.19 7.30 3.62
CA TYR E 283 -41.25 6.82 5.00
C TYR E 283 -41.17 5.30 4.99
N PRO E 284 -40.67 4.69 6.08
CA PRO E 284 -40.69 3.23 6.16
C PRO E 284 -42.02 2.72 6.70
N LYS E 285 -42.46 1.61 6.13
CA LYS E 285 -43.70 0.94 6.53
C LYS E 285 -43.36 -0.49 6.88
N ILE E 286 -43.54 -0.85 8.15
CA ILE E 286 -43.21 -2.19 8.65
C ILE E 286 -44.45 -3.07 8.53
N TRP E 287 -44.37 -4.11 7.69
CA TRP E 287 -45.45 -5.07 7.54
C TRP E 287 -45.27 -6.27 8.46
N VAL E 288 -44.08 -6.88 8.44
CA VAL E 288 -43.74 -8.00 9.31
C VAL E 288 -42.49 -7.62 10.10
N LYS E 289 -42.60 -7.67 11.42
CA LYS E 289 -41.47 -7.43 12.30
C LYS E 289 -40.88 -8.77 12.74
N VAL E 290 -39.57 -8.75 13.03
CA VAL E 290 -38.90 -9.99 13.44
C VAL E 290 -39.23 -10.35 14.88
N SER E 291 -39.75 -9.40 15.67
CA SER E 291 -40.13 -9.65 17.05
C SER E 291 -41.58 -10.08 17.21
N GLU E 292 -42.09 -10.86 16.27
CA GLU E 292 -43.44 -11.42 16.34
C GLU E 292 -43.36 -12.91 16.61
N ALA E 293 -44.47 -13.47 17.08
CA ALA E 293 -44.54 -14.90 17.33
C ALA E 293 -44.79 -15.70 16.06
N ASP E 294 -45.16 -15.05 14.96
CA ASP E 294 -45.45 -15.72 13.71
C ASP E 294 -44.41 -15.46 12.63
N SER E 295 -43.32 -14.76 12.96
CA SER E 295 -42.34 -14.39 11.95
C SER E 295 -41.48 -15.57 11.52
N SER E 296 -41.33 -16.59 12.36
CA SER E 296 -40.56 -17.77 11.99
C SER E 296 -41.37 -18.77 11.18
N ASN E 297 -42.69 -18.67 11.19
CA ASN E 297 -43.54 -19.49 10.34
C ASN E 297 -43.40 -18.98 8.91
N ALA E 298 -42.74 -19.78 8.05
CA ALA E 298 -42.41 -19.32 6.71
C ALA E 298 -43.65 -19.22 5.81
N ASP E 299 -44.69 -20.00 6.09
CA ASP E 299 -45.91 -19.92 5.30
C ASP E 299 -46.78 -18.72 5.66
N TRP E 300 -46.67 -18.21 6.89
CA TRP E 300 -47.46 -17.06 7.29
C TRP E 300 -46.93 -15.76 6.69
N VAL E 301 -45.61 -15.66 6.51
CA VAL E 301 -45.02 -14.46 5.93
C VAL E 301 -45.34 -14.36 4.44
N THR E 302 -45.47 -15.52 3.77
CA THR E 302 -45.85 -15.54 2.36
C THR E 302 -47.28 -15.05 2.17
N LYS E 303 -48.16 -15.33 3.14
CA LYS E 303 -49.52 -14.80 3.09
C LYS E 303 -49.54 -13.30 3.27
N GLN E 304 -48.58 -12.75 4.03
CA GLN E 304 -48.51 -11.29 4.20
C GLN E 304 -48.02 -10.60 2.93
N LEU E 305 -47.24 -11.31 2.12
CA LEU E 305 -46.61 -10.69 0.95
C LEU E 305 -47.63 -10.40 -0.16
N ASN E 306 -48.70 -11.17 -0.22
CA ASN E 306 -49.77 -10.86 -1.17
C ASN E 306 -50.73 -9.80 -0.64
N GLU E 307 -50.82 -9.64 0.68
CA GLU E 307 -51.74 -8.68 1.28
C GLU E 307 -51.21 -7.26 1.28
N ILE E 308 -49.93 -7.04 0.94
CA ILE E 308 -49.40 -5.69 0.92
C ILE E 308 -49.92 -4.94 -0.31
N ASN E 309 -50.06 -3.62 -0.15
CA ASN E 309 -50.50 -2.75 -1.22
C ASN E 309 -49.59 -1.53 -1.25
N TYR E 310 -49.25 -1.10 -2.47
CA TYR E 310 -48.28 -0.04 -2.68
C TYR E 310 -48.93 1.28 -3.12
N GLU E 311 -50.21 1.46 -2.77
CA GLU E 311 -50.89 2.70 -3.14
C GLU E 311 -50.47 3.87 -2.25
N ASP E 312 -50.11 3.60 -1.00
CA ASP E 312 -49.66 4.68 -0.12
C ASP E 312 -48.23 5.11 -0.41
N HIS E 313 -47.36 4.17 -0.81
CA HIS E 313 -46.00 4.51 -1.21
C HIS E 313 -45.94 5.24 -2.54
N LYS E 314 -46.94 5.06 -3.40
CA LYS E 314 -46.98 5.81 -4.65
C LYS E 314 -47.35 7.26 -4.43
N LEU E 315 -48.15 7.55 -3.40
CA LEU E 315 -48.48 8.92 -3.06
C LEU E 315 -47.27 9.66 -2.51
N LYS E 316 -46.49 8.98 -1.66
CA LYS E 316 -45.26 9.54 -1.13
C LYS E 316 -44.05 9.06 -1.95
N SER E 317 -43.99 9.61 -3.17
CA SER E 317 -42.92 9.26 -4.11
C SER E 317 -41.61 9.87 -3.64
N GLY E 318 -40.64 9.02 -3.34
CA GLY E 318 -39.35 9.49 -2.87
C GLY E 318 -38.44 8.32 -2.61
N THR E 319 -37.16 8.63 -2.36
CA THR E 319 -36.12 7.64 -2.09
C THR E 319 -35.34 8.07 -0.85
N ASN E 320 -35.90 7.80 0.32
CA ASN E 320 -35.25 8.07 1.60
C ASN E 320 -34.72 6.73 2.12
N THR E 321 -33.49 6.40 1.73
CA THR E 321 -32.90 5.12 2.10
C THR E 321 -32.50 5.10 3.58
N LYS E 322 -32.12 6.26 4.13
CA LYS E 322 -31.58 6.32 5.48
C LYS E 322 -32.66 6.05 6.53
N LYS E 323 -33.86 6.59 6.34
CA LYS E 323 -34.94 6.34 7.29
C LYS E 323 -35.47 4.92 7.23
N ALA E 324 -35.24 4.20 6.12
CA ALA E 324 -35.62 2.79 6.06
C ALA E 324 -34.66 1.95 6.89
N LEU E 325 -33.36 2.20 6.76
CA LEU E 325 -32.36 1.44 7.51
C LEU E 325 -32.37 1.78 9.00
N GLN E 326 -32.89 2.95 9.38
CA GLN E 326 -33.12 3.25 10.78
C GLN E 326 -34.27 2.43 11.37
N ALA E 327 -35.19 1.96 10.52
CA ALA E 327 -36.22 1.03 10.99
C ALA E 327 -35.67 -0.38 11.10
N VAL E 328 -34.69 -0.74 10.27
CA VAL E 328 -34.05 -2.05 10.39
C VAL E 328 -33.15 -2.07 11.63
N TYR E 329 -32.55 -0.93 11.98
CA TYR E 329 -31.76 -0.83 13.21
C TYR E 329 -32.64 -0.97 14.44
N SER E 330 -33.84 -0.40 14.40
CA SER E 330 -34.75 -0.48 15.55
C SER E 330 -35.35 -1.87 15.73
N MET E 331 -35.34 -2.71 14.69
CA MET E 331 -35.85 -4.06 14.83
C MET E 331 -34.83 -4.98 15.50
N MET E 332 -33.54 -4.79 15.22
CA MET E 332 -32.51 -5.67 15.77
C MET E 332 -31.93 -5.15 17.07
N SER E 333 -32.07 -3.87 17.37
CA SER E 333 -31.56 -3.32 18.62
C SER E 333 -32.47 -3.72 19.77
N TRP E 334 -31.89 -3.77 20.96
CA TRP E 334 -32.63 -4.10 22.16
C TRP E 334 -32.65 -2.92 23.13
N PRO E 335 -33.82 -2.53 23.64
CA PRO E 335 -33.91 -1.36 24.54
C PRO E 335 -33.50 -1.65 25.99
N ASP E 336 -32.18 -1.59 26.21
CA ASP E 336 -31.54 -1.85 27.50
C ASP E 336 -31.81 -3.27 28.00
N ASP E 337 -31.80 -4.24 27.08
CA ASP E 337 -32.12 -5.62 27.45
C ASP E 337 -30.97 -6.36 28.13
N VAL E 338 -29.72 -6.01 27.81
CA VAL E 338 -28.52 -6.34 28.61
C VAL E 338 -28.10 -7.79 28.39
N PRO E 339 -26.85 -8.04 27.96
CA PRO E 339 -26.56 -8.85 26.73
C PRO E 339 -27.53 -9.99 26.46
N PRO E 340 -28.12 -10.01 25.26
CA PRO E 340 -29.05 -11.09 24.91
C PRO E 340 -28.32 -12.42 24.69
N GLU E 341 -29.11 -13.49 24.66
CA GLU E 341 -28.59 -14.84 24.52
C GLU E 341 -28.08 -15.15 23.12
N GLY E 342 -28.57 -14.43 22.11
CA GLY E 342 -28.10 -14.63 20.76
C GLY E 342 -27.31 -13.45 20.24
N TRP E 343 -26.69 -12.68 21.14
CA TRP E 343 -25.92 -11.52 20.73
C TRP E 343 -24.62 -11.97 20.06
N ASN E 344 -23.92 -12.92 20.65
CA ASN E 344 -22.78 -13.53 19.98
C ASN E 344 -23.09 -14.88 19.34
N ARG E 345 -24.37 -15.18 19.06
CA ARG E 345 -24.73 -16.30 18.19
C ARG E 345 -26.05 -16.06 17.46
N THR E 346 -26.04 -15.22 16.43
CA THR E 346 -27.17 -15.06 15.51
C THR E 346 -26.63 -14.50 14.20
N ARG E 347 -26.94 -15.16 13.09
CA ARG E 347 -26.54 -14.70 11.77
C ARG E 347 -27.62 -13.79 11.22
N HIS E 348 -27.23 -12.62 10.72
CA HIS E 348 -28.16 -11.64 10.18
C HIS E 348 -27.89 -11.47 8.69
N VAL E 349 -28.95 -11.56 7.89
CA VAL E 349 -28.87 -11.43 6.43
C VAL E 349 -29.82 -10.31 6.01
N ILE E 350 -29.28 -9.29 5.35
CA ILE E 350 -30.04 -8.13 4.91
C ILE E 350 -30.07 -8.13 3.38
N ILE E 351 -31.27 -8.19 2.81
CA ILE E 351 -31.49 -8.22 1.37
C ILE E 351 -32.30 -7.00 0.98
N LEU E 352 -31.80 -6.23 0.02
CA LEU E 352 -32.53 -5.04 -0.42
C LEU E 352 -32.34 -4.83 -1.92
N MET E 353 -33.39 -4.33 -2.57
CA MET E 353 -33.35 -3.87 -3.94
C MET E 353 -33.49 -2.35 -3.94
N THR E 354 -32.68 -1.68 -4.76
CA THR E 354 -32.76 -0.24 -4.92
C THR E 354 -32.15 0.12 -6.27
N ASP E 355 -32.21 1.41 -6.61
CA ASP E 355 -31.56 1.94 -7.81
C ASP E 355 -30.33 2.77 -7.49
N GLY E 356 -30.03 2.99 -6.21
CA GLY E 356 -28.89 3.79 -5.82
C GLY E 356 -29.09 5.28 -5.87
N LEU E 357 -30.25 5.75 -6.35
CA LEU E 357 -30.49 7.18 -6.53
C LEU E 357 -31.34 7.67 -5.36
N HIS E 358 -30.68 7.86 -4.22
CA HIS E 358 -31.32 8.38 -3.02
C HIS E 358 -31.07 9.88 -2.91
N ASN E 359 -32.12 10.61 -2.52
CA ASN E 359 -32.05 12.06 -2.43
C ASN E 359 -32.61 12.62 -1.13
N MET E 360 -33.10 11.77 -0.23
CA MET E 360 -33.69 12.23 1.03
C MET E 360 -33.10 11.44 2.18
N GLY E 361 -33.02 12.11 3.33
CA GLY E 361 -32.49 11.49 4.53
C GLY E 361 -31.00 11.65 4.69
N GLY E 362 -30.25 11.49 3.61
CA GLY E 362 -28.81 11.66 3.68
C GLY E 362 -28.03 10.44 3.25
N ASP E 363 -26.79 10.35 3.70
CA ASP E 363 -25.93 9.21 3.38
C ASP E 363 -26.41 8.00 4.16
N PRO E 364 -26.83 6.91 3.52
CA PRO E 364 -27.30 5.73 4.27
C PRO E 364 -26.18 4.87 4.83
N ILE E 365 -24.91 5.19 4.51
CA ILE E 365 -23.80 4.38 4.98
C ILE E 365 -23.60 4.55 6.50
N THR E 366 -24.01 5.70 7.04
CA THR E 366 -23.86 5.97 8.48
C THR E 366 -24.75 5.08 9.33
N VAL E 367 -25.83 4.53 8.77
CA VAL E 367 -26.64 3.57 9.51
C VAL E 367 -26.00 2.18 9.47
N ILE E 368 -25.26 1.88 8.40
CA ILE E 368 -24.62 0.57 8.26
C ILE E 368 -23.50 0.41 9.28
N ASP E 369 -22.74 1.48 9.53
CA ASP E 369 -21.67 1.44 10.52
C ASP E 369 -22.22 1.34 11.94
N GLU E 370 -23.43 1.85 12.19
CA GLU E 370 -24.06 1.68 13.49
C GLU E 370 -24.52 0.25 13.71
N ILE E 371 -24.84 -0.46 12.63
CA ILE E 371 -25.30 -1.85 12.76
C ILE E 371 -24.13 -2.77 13.09
N ARG E 372 -22.97 -2.56 12.44
CA ARG E 372 -21.80 -3.38 12.70
C ARG E 372 -21.23 -3.14 14.09
N ASP E 373 -21.39 -1.93 14.63
CA ASP E 373 -20.97 -1.66 15.99
C ASP E 373 -21.86 -2.34 17.01
N LEU E 374 -23.15 -2.49 16.69
CA LEU E 374 -24.08 -3.14 17.61
C LEU E 374 -23.89 -4.65 17.64
N LEU E 375 -23.42 -5.23 16.54
CA LEU E 375 -23.21 -6.66 16.43
C LEU E 375 -21.79 -7.09 16.77
N TYR E 376 -20.96 -6.17 17.30
CA TYR E 376 -19.56 -6.42 17.68
C TYR E 376 -18.73 -6.95 16.50
N ILE E 377 -18.81 -6.24 15.38
CA ILE E 377 -18.09 -6.59 14.17
C ILE E 377 -17.04 -5.51 13.93
N GLY E 378 -15.77 -5.93 13.84
CA GLY E 378 -14.67 -5.00 13.63
C GLY E 378 -14.14 -4.35 14.88
N LYS E 379 -14.78 -4.54 16.03
CA LYS E 379 -14.33 -3.98 17.30
C LYS E 379 -13.32 -4.86 18.01
N ASP E 380 -12.75 -5.86 17.31
CA ASP E 380 -11.76 -6.74 17.89
C ASP E 380 -10.78 -7.13 16.79
N ARG E 381 -9.58 -7.53 17.21
CA ARG E 381 -8.55 -7.98 16.28
C ARG E 381 -8.45 -9.50 16.20
N LYS E 382 -8.88 -10.20 17.25
CA LYS E 382 -8.84 -11.66 17.26
C LYS E 382 -10.15 -12.29 16.81
N ASN E 383 -11.24 -11.54 16.77
CA ASN E 383 -12.56 -12.07 16.40
C ASN E 383 -13.28 -11.03 15.56
N PRO E 384 -13.19 -11.13 14.23
CA PRO E 384 -13.84 -10.10 13.40
C PRO E 384 -15.35 -10.21 13.33
N ARG E 385 -15.87 -11.44 13.34
CA ARG E 385 -17.31 -11.74 13.27
C ARG E 385 -17.95 -11.23 11.97
N GLU E 386 -17.27 -11.43 10.85
CA GLU E 386 -17.80 -10.98 9.56
C GLU E 386 -18.87 -11.90 9.01
N ASP E 387 -18.95 -13.14 9.50
CA ASP E 387 -19.97 -14.08 9.03
C ASP E 387 -21.33 -13.87 9.67
N TYR E 388 -21.47 -12.88 10.55
CA TYR E 388 -22.72 -12.63 11.23
C TYR E 388 -23.51 -11.47 10.62
N LEU E 389 -23.00 -10.86 9.56
CA LEU E 389 -23.73 -9.85 8.82
C LEU E 389 -23.37 -9.95 7.35
N ASP E 390 -24.35 -10.28 6.51
CA ASP E 390 -24.21 -10.27 5.06
C ASP E 390 -25.24 -9.30 4.50
N VAL E 391 -24.81 -8.49 3.54
CA VAL E 391 -25.67 -7.49 2.90
C VAL E 391 -25.60 -7.69 1.39
N TYR E 392 -26.75 -7.91 0.77
CA TYR E 392 -26.85 -8.14 -0.66
C TYR E 392 -27.69 -7.02 -1.28
N VAL E 393 -27.15 -6.38 -2.31
CA VAL E 393 -27.83 -5.30 -3.02
C VAL E 393 -28.03 -5.73 -4.48
N PHE E 394 -29.26 -5.58 -4.96
CA PHE E 394 -29.62 -5.90 -6.35
C PHE E 394 -30.03 -4.63 -7.08
N GLY E 395 -29.53 -4.47 -8.30
CA GLY E 395 -29.83 -3.31 -9.12
C GLY E 395 -30.93 -3.60 -10.11
N VAL E 396 -32.00 -2.81 -10.04
CA VAL E 396 -33.23 -3.11 -10.78
C VAL E 396 -33.20 -2.55 -12.20
N GLY E 397 -32.81 -1.30 -12.38
CA GLY E 397 -32.96 -0.64 -13.66
C GLY E 397 -31.65 -0.22 -14.30
N PRO E 398 -31.74 0.33 -15.52
CA PRO E 398 -30.54 0.92 -16.13
C PRO E 398 -30.09 2.19 -15.43
N LEU E 399 -31.02 2.94 -14.86
CA LEU E 399 -30.72 4.07 -14.00
C LEU E 399 -30.17 3.55 -12.69
N VAL E 400 -28.86 3.28 -12.63
CA VAL E 400 -28.26 2.71 -11.44
C VAL E 400 -26.91 3.37 -11.16
N ASN E 401 -26.75 3.87 -9.94
CA ASN E 401 -25.47 4.38 -9.46
C ASN E 401 -24.71 3.18 -8.89
N GLN E 402 -23.71 2.71 -9.62
CA GLN E 402 -22.96 1.54 -9.18
C GLN E 402 -22.03 1.85 -8.00
N VAL E 403 -21.73 3.13 -7.75
CA VAL E 403 -20.91 3.48 -6.61
C VAL E 403 -21.69 3.32 -5.31
N ASN E 404 -22.95 3.76 -5.29
CA ASN E 404 -23.74 3.73 -4.07
C ASN E 404 -24.15 2.31 -3.69
N ILE E 405 -24.42 1.45 -4.67
CA ILE E 405 -24.79 0.07 -4.37
C ILE E 405 -23.60 -0.76 -3.92
N ASN E 406 -22.38 -0.37 -4.29
CA ASN E 406 -21.21 -1.13 -3.88
C ASN E 406 -20.80 -0.82 -2.45
N ALA E 407 -20.97 0.43 -2.00
CA ALA E 407 -20.58 0.82 -0.65
C ALA E 407 -21.53 0.32 0.42
N LEU E 408 -22.75 -0.07 0.06
CA LEU E 408 -23.69 -0.63 1.03
C LEU E 408 -23.52 -2.12 1.23
N ALA E 409 -23.13 -2.85 0.19
CA ALA E 409 -23.04 -4.30 0.25
C ALA E 409 -21.77 -4.74 0.97
N SER E 410 -21.82 -5.95 1.51
CA SER E 410 -20.67 -6.51 2.20
C SER E 410 -19.60 -6.95 1.20
N LYS E 411 -18.39 -7.13 1.72
CA LYS E 411 -17.22 -7.51 0.92
C LYS E 411 -16.56 -8.67 1.64
N LYS E 412 -17.01 -9.88 1.35
CA LYS E 412 -16.40 -11.08 1.90
C LYS E 412 -15.53 -11.76 0.84
N ASP E 413 -14.61 -12.60 1.32
CA ASP E 413 -13.54 -13.11 0.47
C ASP E 413 -14.06 -14.13 -0.53
N ASN E 414 -13.62 -13.98 -1.79
CA ASN E 414 -13.94 -14.87 -2.90
C ASN E 414 -15.44 -14.95 -3.17
N GLU E 415 -16.14 -13.82 -3.04
CA GLU E 415 -17.59 -13.83 -3.08
C GLU E 415 -18.10 -12.48 -3.55
N GLN E 416 -19.27 -12.50 -4.19
CA GLN E 416 -19.89 -11.33 -4.81
C GLN E 416 -21.18 -10.99 -4.07
N HIS E 417 -21.44 -9.69 -3.89
CA HIS E 417 -22.67 -9.22 -3.26
C HIS E 417 -23.35 -8.07 -3.99
N VAL E 418 -22.78 -7.58 -5.09
CA VAL E 418 -23.35 -6.48 -5.86
C VAL E 418 -23.81 -7.05 -7.20
N PHE E 419 -25.03 -6.69 -7.61
CA PHE E 419 -25.61 -7.19 -8.85
C PHE E 419 -26.33 -6.08 -9.59
N LYS E 420 -26.20 -6.08 -10.92
CA LYS E 420 -26.79 -5.06 -11.78
C LYS E 420 -27.45 -5.77 -12.95
N VAL E 421 -28.78 -5.69 -13.04
CA VAL E 421 -29.54 -6.27 -14.14
C VAL E 421 -30.57 -5.24 -14.62
N LYS E 422 -31.20 -5.54 -15.75
CA LYS E 422 -32.09 -4.60 -16.43
C LYS E 422 -33.37 -5.32 -16.85
N ASP E 423 -34.48 -4.56 -16.86
CA ASP E 423 -35.84 -4.92 -17.31
C ASP E 423 -36.64 -5.73 -16.31
N MET E 424 -36.15 -5.92 -15.08
CA MET E 424 -36.88 -6.55 -13.97
C MET E 424 -37.24 -8.03 -14.18
N GLU E 425 -37.82 -8.38 -15.33
CA GLU E 425 -38.29 -9.73 -15.62
C GLU E 425 -37.16 -10.74 -15.63
N ASN E 426 -35.95 -10.33 -16.00
CA ASN E 426 -34.80 -11.24 -15.93
C ASN E 426 -34.38 -11.51 -14.50
N LEU E 427 -34.66 -10.57 -13.58
CA LEU E 427 -34.41 -10.83 -12.16
C LEU E 427 -35.44 -11.80 -11.60
N GLU E 428 -36.65 -11.80 -12.15
CA GLU E 428 -37.60 -12.87 -11.84
C GLU E 428 -37.14 -14.19 -12.44
N ASP E 429 -36.38 -14.14 -13.53
CA ASP E 429 -35.83 -15.36 -14.12
C ASP E 429 -34.71 -15.97 -13.29
N VAL E 430 -34.05 -15.18 -12.43
CA VAL E 430 -32.97 -15.76 -11.63
C VAL E 430 -33.51 -16.45 -10.38
N PHE E 431 -34.75 -16.15 -9.99
CA PHE E 431 -35.31 -16.74 -8.78
C PHE E 431 -35.97 -18.09 -9.03
N TYR E 432 -36.55 -18.31 -10.21
CA TYR E 432 -36.98 -19.67 -10.55
C TYR E 432 -35.81 -20.57 -10.96
N GLN E 433 -34.70 -19.98 -11.39
CA GLN E 433 -33.53 -20.78 -11.77
C GLN E 433 -32.77 -21.28 -10.54
N MET E 434 -32.77 -20.50 -9.46
CA MET E 434 -32.03 -20.88 -8.26
C MET E 434 -32.67 -22.04 -7.52
N ILE E 435 -33.98 -22.27 -7.70
CA ILE E 435 -34.62 -23.40 -7.05
C ILE E 435 -34.44 -24.68 -7.85
N ASP E 436 -34.13 -24.57 -9.14
CA ASP E 436 -33.69 -25.72 -9.91
C ASP E 436 -32.25 -26.10 -9.57
N GLU E 437 -31.46 -25.13 -9.12
CA GLU E 437 -30.07 -25.38 -8.76
C GLU E 437 -30.02 -26.01 -7.37
N SER E 438 -29.41 -27.18 -7.27
CA SER E 438 -29.23 -27.88 -6.01
C SER E 438 -27.82 -27.62 -5.49
N GLN E 439 -27.72 -27.22 -4.23
CA GLN E 439 -26.45 -26.96 -3.58
C GLN E 439 -26.05 -28.18 -2.75
N SER E 440 -24.86 -28.70 -2.99
CA SER E 440 -24.32 -29.82 -2.23
C SER E 440 -23.92 -29.32 -0.85
N LEU E 441 -24.79 -29.56 0.14
CA LEU E 441 -24.52 -29.11 1.50
C LEU E 441 -23.43 -29.97 2.13
N SER E 442 -22.46 -29.33 2.78
CA SER E 442 -21.31 -30.01 3.34
C SER E 442 -21.28 -29.77 4.84
N LEU E 443 -21.51 -30.82 5.62
CA LEU E 443 -21.38 -30.76 7.07
C LEU E 443 -19.96 -30.99 7.54
N CYS E 444 -19.01 -31.21 6.62
CA CYS E 444 -17.64 -31.48 6.99
C CYS E 444 -16.89 -30.18 7.26
N GLY E 445 -15.98 -30.21 8.23
CA GLY E 445 -15.16 -29.06 8.53
C GLY E 445 -15.88 -27.91 9.22
N MET E 446 -17.07 -28.15 9.74
CA MET E 446 -17.85 -27.11 10.40
C MET E 446 -17.55 -27.14 11.90
N VAL E 447 -16.99 -26.03 12.41
CA VAL E 447 -16.80 -25.82 13.84
C VAL E 447 -17.35 -24.44 14.13
N TRP E 448 -18.52 -24.37 14.77
CA TRP E 448 -19.10 -23.11 15.21
C TRP E 448 -18.83 -22.88 16.69
N GLU E 449 -18.52 -21.63 17.04
CA GLU E 449 -18.04 -21.29 18.37
C GLU E 449 -19.14 -21.38 19.43
N HIS E 450 -19.30 -22.56 20.01
CA HIS E 450 -20.21 -22.76 21.14
C HIS E 450 -19.42 -22.62 22.44
N ARG E 451 -20.06 -22.03 23.45
CA ARG E 451 -19.39 -21.78 24.72
C ARG E 451 -19.51 -23.02 25.61
N LYS E 452 -18.78 -24.05 25.20
CA LYS E 452 -18.59 -25.30 25.93
C LYS E 452 -17.35 -25.91 25.30
N GLY E 453 -16.22 -25.21 25.42
CA GLY E 453 -15.04 -25.48 24.62
C GLY E 453 -14.15 -26.60 25.09
N THR E 454 -14.76 -27.70 25.54
CA THR E 454 -14.01 -28.91 25.81
C THR E 454 -13.58 -29.54 24.48
N ASP E 455 -12.53 -30.34 24.53
CA ASP E 455 -12.00 -30.98 23.34
C ASP E 455 -13.00 -31.99 22.78
N TYR E 456 -12.78 -32.33 21.50
CA TYR E 456 -13.69 -32.99 20.57
C TYR E 456 -14.85 -32.12 20.10
N HIS E 457 -14.98 -30.89 20.63
CA HIS E 457 -15.84 -29.89 20.02
C HIS E 457 -15.06 -29.04 19.01
N LYS E 458 -13.79 -28.78 19.30
CA LYS E 458 -12.94 -28.06 18.35
C LYS E 458 -12.40 -28.97 17.25
N GLN E 459 -12.26 -30.27 17.54
CA GLN E 459 -11.77 -31.26 16.58
C GLN E 459 -12.72 -32.45 16.58
N PRO E 460 -13.84 -32.36 15.85
CA PRO E 460 -14.83 -33.46 15.87
C PRO E 460 -14.39 -34.67 15.05
N TRP E 461 -13.58 -34.46 14.02
CA TRP E 461 -13.20 -35.53 13.11
C TRP E 461 -12.16 -36.48 13.69
N GLN E 462 -11.54 -36.14 14.81
CA GLN E 462 -10.38 -36.88 15.28
C GLN E 462 -10.81 -38.22 15.89
N ALA E 463 -10.26 -39.30 15.36
CA ALA E 463 -10.50 -40.64 15.86
C ALA E 463 -9.30 -41.09 16.68
N LYS E 464 -9.58 -41.82 17.76
CA LYS E 464 -8.53 -42.43 18.57
C LYS E 464 -8.63 -43.94 18.39
N ILE E 465 -7.56 -44.53 17.86
CA ILE E 465 -7.52 -45.94 17.49
C ILE E 465 -6.63 -46.67 18.48
N SER E 466 -7.09 -47.84 18.95
CA SER E 466 -6.34 -48.66 19.89
C SER E 466 -6.30 -50.09 19.37
N VAL E 467 -5.10 -50.64 19.27
CA VAL E 467 -4.89 -52.02 18.83
C VAL E 467 -4.18 -52.76 19.94
N ILE E 468 -4.82 -53.79 20.48
CA ILE E 468 -4.22 -54.63 21.51
C ILE E 468 -3.55 -55.83 20.84
N ARG E 469 -2.27 -56.01 21.13
CA ARG E 469 -1.47 -57.11 20.59
C ARG E 469 -1.06 -58.04 21.72
N PRO E 470 -0.86 -59.35 21.44
CA PRO E 470 -0.46 -60.29 22.50
C PRO E 470 0.92 -60.02 23.07
N SER E 471 0.96 -59.27 24.17
CA SER E 471 2.15 -58.89 24.95
C SER E 471 3.11 -57.95 24.23
N LYS E 472 2.80 -57.52 23.00
CA LYS E 472 3.62 -56.51 22.33
C LYS E 472 3.35 -55.13 22.88
N GLY E 473 2.14 -54.88 23.38
CA GLY E 473 1.72 -53.63 23.97
C GLY E 473 0.44 -53.16 23.34
N HIS E 474 0.10 -51.90 23.59
CA HIS E 474 -1.04 -51.26 22.96
C HIS E 474 -0.54 -50.22 21.96
N GLU E 475 -1.07 -50.28 20.74
CA GLU E 475 -0.68 -49.37 19.67
C GLU E 475 -1.66 -48.20 19.67
N SER E 476 -1.20 -47.03 20.07
CA SER E 476 -2.04 -45.84 20.15
C SER E 476 -1.81 -45.00 18.88
N CYS E 477 -2.71 -45.15 17.92
CA CYS E 477 -2.69 -44.38 16.69
C CYS E 477 -3.90 -43.46 16.63
N MET E 478 -3.98 -42.66 15.57
CA MET E 478 -5.11 -41.78 15.35
C MET E 478 -5.58 -41.88 13.90
N GLY E 479 -6.76 -41.32 13.66
CA GLY E 479 -7.35 -41.34 12.32
C GLY E 479 -8.28 -40.17 12.10
N ALA E 480 -9.01 -40.19 10.99
CA ALA E 480 -9.89 -39.10 10.63
C ALA E 480 -11.21 -39.66 10.10
N VAL E 481 -12.32 -39.14 10.63
CA VAL E 481 -13.64 -39.54 10.18
C VAL E 481 -13.88 -38.90 8.81
N VAL E 482 -13.97 -39.73 7.77
CA VAL E 482 -14.20 -39.22 6.42
C VAL E 482 -15.63 -39.43 5.92
N SER E 483 -16.37 -40.37 6.50
CA SER E 483 -17.74 -40.64 6.09
C SER E 483 -18.50 -41.23 7.28
N GLU E 484 -19.66 -41.81 7.00
CA GLU E 484 -20.46 -42.45 8.04
C GLU E 484 -19.96 -43.84 8.39
N TYR E 485 -19.13 -44.44 7.54
CA TYR E 485 -18.64 -45.79 7.76
C TYR E 485 -17.12 -45.93 7.76
N PHE E 486 -16.39 -44.96 7.23
CA PHE E 486 -14.96 -45.10 7.00
C PHE E 486 -14.16 -44.13 7.86
N VAL E 487 -13.02 -44.60 8.36
CA VAL E 487 -12.07 -43.79 9.11
C VAL E 487 -10.71 -43.94 8.45
N LEU E 488 -10.17 -42.83 7.95
CA LEU E 488 -8.90 -42.84 7.23
C LEU E 488 -7.75 -42.68 8.23
N THR E 489 -6.73 -43.52 8.08
CA THR E 489 -5.57 -43.50 8.97
C THR E 489 -4.37 -44.05 8.21
N ALA E 490 -3.27 -44.26 8.93
CA ALA E 490 -2.07 -44.82 8.36
C ALA E 490 -2.17 -46.34 8.27
N ALA E 491 -1.22 -46.95 7.56
CA ALA E 491 -1.24 -48.39 7.34
C ALA E 491 -0.28 -49.16 8.24
N HIS E 492 0.75 -48.51 8.78
CA HIS E 492 1.72 -49.20 9.62
C HIS E 492 1.25 -49.38 11.06
N CYS E 493 0.10 -48.82 11.43
CA CYS E 493 -0.45 -49.09 12.76
C CYS E 493 -0.95 -50.53 12.87
N PHE E 494 -1.30 -51.14 11.73
CA PHE E 494 -1.83 -52.50 11.70
C PHE E 494 -0.92 -53.38 10.85
N THR E 495 -0.99 -54.68 11.10
CA THR E 495 -0.33 -55.68 10.28
C THR E 495 -1.38 -56.71 9.87
N VAL E 496 -0.95 -57.73 9.12
CA VAL E 496 -1.87 -58.74 8.65
C VAL E 496 -2.29 -59.68 9.78
N ASP E 497 -1.44 -59.81 10.81
CA ASP E 497 -1.74 -60.69 11.93
C ASP E 497 -2.78 -60.12 12.88
N ASP E 498 -2.98 -58.80 12.88
CA ASP E 498 -3.93 -58.17 13.79
C ASP E 498 -5.34 -58.42 13.30
N LYS E 499 -6.16 -59.04 14.15
CA LYS E 499 -7.54 -59.35 13.80
C LYS E 499 -8.46 -58.20 14.19
N GLU E 500 -9.70 -58.27 13.68
CA GLU E 500 -10.67 -57.20 13.85
C GLU E 500 -11.25 -57.12 15.27
N HIS E 501 -11.25 -58.22 16.02
CA HIS E 501 -11.69 -58.18 17.41
C HIS E 501 -10.65 -57.57 18.33
N SER E 502 -9.40 -57.44 17.89
CA SER E 502 -8.33 -56.85 18.67
C SER E 502 -8.04 -55.41 18.27
N ILE E 503 -8.90 -54.79 17.46
CA ILE E 503 -8.74 -53.40 17.04
C ILE E 503 -9.99 -52.64 17.45
N LYS E 504 -9.81 -51.61 18.27
CA LYS E 504 -10.92 -50.83 18.81
C LYS E 504 -10.68 -49.35 18.53
N VAL E 505 -11.68 -48.68 17.99
CA VAL E 505 -11.59 -47.28 17.58
C VAL E 505 -12.60 -46.47 18.40
N SER E 506 -12.16 -45.33 18.91
CA SER E 506 -12.99 -44.43 19.69
C SER E 506 -13.00 -43.05 19.03
N VAL E 507 -14.19 -42.45 18.89
CA VAL E 507 -14.34 -41.11 18.36
C VAL E 507 -15.17 -40.29 19.33
N GLY E 508 -15.11 -38.96 19.15
CA GLY E 508 -15.94 -38.03 19.89
C GLY E 508 -15.69 -37.94 21.38
N GLY E 509 -14.57 -38.47 21.88
CA GLY E 509 -14.33 -38.47 23.30
C GLY E 509 -15.16 -39.46 24.08
N GLU E 510 -15.75 -40.45 23.39
CA GLU E 510 -16.63 -41.41 24.04
C GLU E 510 -15.80 -42.47 24.76
N LYS E 511 -16.29 -42.90 25.93
CA LYS E 511 -15.59 -43.91 26.71
C LYS E 511 -15.62 -45.28 26.04
N ARG E 512 -16.71 -45.60 25.35
CA ARG E 512 -16.83 -46.90 24.70
C ARG E 512 -15.97 -46.99 23.45
N ASP E 513 -15.73 -48.21 23.01
CA ASP E 513 -14.98 -48.51 21.80
C ASP E 513 -15.94 -48.99 20.73
N LEU E 514 -15.76 -48.50 19.50
CA LEU E 514 -16.55 -48.97 18.38
C LEU E 514 -15.85 -50.15 17.71
N GLU E 515 -16.65 -51.10 17.25
CA GLU E 515 -16.12 -52.28 16.59
C GLU E 515 -16.11 -52.09 15.07
N ILE E 516 -15.13 -52.69 14.43
CA ILE E 516 -14.86 -52.46 13.01
C ILE E 516 -15.27 -53.69 12.21
N GLU E 517 -15.32 -53.53 10.89
CA GLU E 517 -15.63 -54.62 9.98
C GLU E 517 -14.40 -55.13 9.24
N VAL E 518 -13.65 -54.23 8.60
CA VAL E 518 -12.47 -54.60 7.82
C VAL E 518 -11.53 -53.40 7.79
N VAL E 519 -10.23 -53.69 7.77
CA VAL E 519 -9.21 -52.68 7.53
C VAL E 519 -8.71 -52.82 6.09
N LEU E 520 -8.96 -51.81 5.28
CA LEU E 520 -8.60 -51.83 3.87
C LEU E 520 -7.25 -51.13 3.69
N PHE E 521 -6.22 -51.92 3.41
CA PHE E 521 -4.91 -51.35 3.10
C PHE E 521 -4.85 -50.94 1.64
N HIS E 522 -3.96 -49.99 1.35
CA HIS E 522 -3.68 -49.66 -0.03
C HIS E 522 -2.90 -50.81 -0.66
N PRO E 523 -3.15 -51.13 -1.94
CA PRO E 523 -2.47 -52.29 -2.55
C PRO E 523 -0.98 -52.13 -2.77
N ASN E 524 -0.43 -50.93 -2.65
CA ASN E 524 1.01 -50.71 -2.88
C ASN E 524 1.82 -50.67 -1.59
N TYR E 525 1.18 -50.87 -0.43
CA TYR E 525 1.89 -50.77 0.83
C TYR E 525 2.73 -52.03 1.05
N ASN E 526 4.01 -51.82 1.36
CA ASN E 526 4.91 -52.92 1.69
C ASN E 526 6.02 -52.36 2.57
N ILE E 527 5.93 -52.62 3.87
CA ILE E 527 6.88 -52.01 4.81
C ILE E 527 8.26 -52.67 4.74
N ASN E 528 8.32 -53.96 4.45
CA ASN E 528 9.59 -54.68 4.39
C ASN E 528 10.07 -54.92 2.98
N GLY E 529 9.62 -54.11 2.02
CA GLY E 529 9.99 -54.29 0.63
C GLY E 529 11.34 -53.78 0.23
N LYS E 530 12.13 -53.27 1.17
CA LYS E 530 13.46 -52.75 0.87
C LYS E 530 14.53 -53.38 1.76
N LYS E 531 14.24 -54.55 2.35
CA LYS E 531 15.21 -55.20 3.22
C LYS E 531 16.39 -55.78 2.44
N GLU E 532 16.21 -56.03 1.14
CA GLU E 532 17.32 -56.45 0.29
C GLU E 532 18.35 -55.33 0.13
N ALA E 533 17.87 -54.08 0.03
CA ALA E 533 18.74 -52.93 -0.10
C ALA E 533 19.29 -52.42 1.23
N GLY E 534 19.02 -53.12 2.32
CA GLY E 534 19.49 -52.71 3.63
C GLY E 534 18.61 -51.72 4.35
N ILE E 535 17.41 -51.46 3.85
CA ILE E 535 16.50 -50.48 4.41
C ILE E 535 15.42 -51.25 5.19
N PRO E 536 15.37 -51.13 6.52
CA PRO E 536 14.38 -51.92 7.28
C PRO E 536 12.96 -51.42 7.12
N GLU E 537 12.76 -50.11 7.08
CA GLU E 537 11.43 -49.53 7.00
C GLU E 537 11.20 -48.96 5.59
N PHE E 538 9.93 -48.90 5.19
CA PHE E 538 9.57 -48.36 3.89
C PHE E 538 8.11 -47.92 3.99
N TYR E 539 7.90 -46.61 4.23
CA TYR E 539 6.58 -46.08 4.51
C TYR E 539 5.89 -45.50 3.27
N ASP E 540 6.17 -46.05 2.10
CA ASP E 540 5.50 -45.58 0.89
C ASP E 540 4.08 -46.10 0.86
N TYR E 541 3.14 -45.21 0.46
CA TYR E 541 1.70 -45.48 0.44
C TYR E 541 1.17 -45.91 1.82
N ASP E 542 1.46 -45.10 2.82
CA ASP E 542 1.15 -45.44 4.20
C ASP E 542 -0.23 -44.89 4.57
N VAL E 543 -1.25 -45.46 3.93
CA VAL E 543 -2.64 -45.09 4.17
C VAL E 543 -3.48 -46.35 4.27
N ALA E 544 -4.58 -46.24 5.02
CA ALA E 544 -5.52 -47.34 5.17
C ALA E 544 -6.88 -46.78 5.57
N LEU E 545 -7.92 -47.53 5.24
CA LEU E 545 -9.28 -47.18 5.62
C LEU E 545 -9.83 -48.22 6.59
N ILE E 546 -10.68 -47.76 7.51
CA ILE E 546 -11.29 -48.62 8.52
C ILE E 546 -12.80 -48.55 8.33
N LYS E 547 -13.39 -49.62 7.81
CA LYS E 547 -14.84 -49.69 7.64
C LYS E 547 -15.47 -50.12 8.96
N LEU E 548 -16.27 -49.24 9.56
CA LEU E 548 -16.88 -49.52 10.84
C LEU E 548 -18.08 -50.44 10.69
N LYS E 549 -18.51 -51.04 11.79
CA LYS E 549 -19.66 -51.92 11.78
C LYS E 549 -20.98 -51.15 11.90
N ASN E 550 -20.96 -50.04 12.64
CA ASN E 550 -22.16 -49.25 12.89
C ASN E 550 -22.08 -47.91 12.19
N LYS E 551 -23.24 -47.41 11.80
CA LYS E 551 -23.34 -46.11 11.14
C LYS E 551 -23.17 -45.00 12.17
N LEU E 552 -22.42 -43.96 11.81
CA LEU E 552 -22.16 -42.84 12.71
C LEU E 552 -23.24 -41.78 12.55
N LYS E 553 -23.77 -41.32 13.68
CA LYS E 553 -24.81 -40.29 13.69
C LYS E 553 -24.17 -38.92 13.88
N TYR E 554 -24.45 -38.00 12.97
CA TYR E 554 -23.79 -36.70 12.97
C TYR E 554 -24.45 -35.79 13.99
N GLY E 555 -23.64 -35.13 14.80
CA GLY E 555 -24.13 -34.22 15.83
C GLY E 555 -23.19 -33.06 16.02
N GLN E 556 -22.99 -32.66 17.27
CA GLN E 556 -22.13 -31.53 17.59
C GLN E 556 -20.70 -31.95 17.91
N THR E 557 -20.45 -33.21 18.23
CA THR E 557 -19.12 -33.69 18.57
C THR E 557 -18.53 -34.65 17.54
N ILE E 558 -19.33 -35.12 16.57
CA ILE E 558 -18.86 -36.02 15.53
C ILE E 558 -19.30 -35.46 14.18
N ARG E 559 -18.33 -35.08 13.35
CA ARG E 559 -18.56 -34.53 12.03
C ARG E 559 -17.39 -34.95 11.14
N PRO E 560 -17.60 -35.11 9.83
CA PRO E 560 -16.51 -35.54 8.96
C PRO E 560 -15.55 -34.40 8.64
N ILE E 561 -14.52 -34.73 7.88
CA ILE E 561 -13.57 -33.77 7.36
C ILE E 561 -13.53 -33.91 5.85
N CYS E 562 -13.48 -32.77 5.15
CA CYS E 562 -13.56 -32.76 3.70
C CYS E 562 -12.26 -33.25 3.07
N LEU E 563 -12.38 -33.75 1.85
CA LEU E 563 -11.33 -34.45 1.13
C LEU E 563 -11.08 -33.78 -0.21
N PRO E 564 -9.91 -33.96 -0.82
CA PRO E 564 -9.62 -33.28 -2.09
C PRO E 564 -10.39 -33.85 -3.27
N CYS E 565 -10.72 -32.94 -4.20
CA CYS E 565 -11.34 -33.25 -5.49
C CYS E 565 -12.71 -33.90 -5.34
N THR E 566 -13.60 -33.20 -4.66
CA THR E 566 -15.00 -33.59 -4.50
C THR E 566 -15.90 -32.40 -4.82
N GLU E 567 -17.22 -32.65 -4.82
CA GLU E 567 -18.19 -31.58 -5.09
C GLU E 567 -18.28 -30.61 -3.92
N GLY E 568 -18.23 -31.12 -2.69
CA GLY E 568 -18.33 -30.25 -1.53
C GLY E 568 -17.09 -29.43 -1.28
N THR E 569 -15.93 -29.94 -1.70
CA THR E 569 -14.69 -29.18 -1.60
C THR E 569 -14.70 -28.01 -2.59
N THR E 570 -15.37 -28.17 -3.73
CA THR E 570 -15.43 -27.11 -4.73
C THR E 570 -16.25 -25.92 -4.24
N ARG E 571 -17.35 -26.18 -3.52
CA ARG E 571 -18.16 -25.09 -3.00
C ARG E 571 -17.55 -24.51 -1.73
N ALA E 572 -16.74 -25.30 -1.00
CA ALA E 572 -16.14 -24.82 0.24
C ALA E 572 -15.04 -23.80 -0.03
N LEU E 573 -14.42 -23.84 -1.20
CA LEU E 573 -13.44 -22.86 -1.62
C LEU E 573 -14.05 -21.73 -2.45
N ARG E 574 -15.38 -21.73 -2.63
CA ARG E 574 -16.11 -20.72 -3.41
C ARG E 574 -15.65 -20.64 -4.86
N LEU E 575 -15.30 -21.79 -5.43
CA LEU E 575 -14.87 -21.93 -6.81
C LEU E 575 -16.07 -22.25 -7.70
N PRO E 576 -15.98 -21.99 -9.00
CA PRO E 576 -17.03 -22.43 -9.91
C PRO E 576 -17.08 -23.95 -9.98
N PRO E 577 -18.24 -24.54 -10.29
CA PRO E 577 -18.33 -26.01 -10.35
C PRO E 577 -17.57 -26.64 -11.51
N THR E 578 -17.08 -25.85 -12.46
CA THR E 578 -16.24 -26.31 -13.56
C THR E 578 -14.77 -26.47 -13.14
N THR E 579 -14.47 -26.47 -11.85
CA THR E 579 -13.10 -26.56 -11.37
C THR E 579 -12.62 -28.00 -11.47
N THR E 580 -11.53 -28.22 -12.20
CA THR E 580 -11.00 -29.56 -12.35
C THR E 580 -10.19 -29.95 -11.13
N CYS E 581 -9.76 -31.22 -11.11
CA CYS E 581 -8.97 -31.73 -10.01
C CYS E 581 -7.55 -31.20 -10.04
N GLN E 582 -7.04 -30.88 -11.23
CA GLN E 582 -5.73 -30.25 -11.34
C GLN E 582 -5.79 -28.79 -10.90
N GLN E 583 -6.95 -28.13 -11.07
CA GLN E 583 -7.11 -26.77 -10.59
C GLN E 583 -7.21 -26.71 -9.08
N GLN E 584 -7.73 -27.78 -8.44
CA GLN E 584 -7.80 -27.79 -6.98
C GLN E 584 -6.45 -28.08 -6.36
N LYS E 585 -5.59 -28.86 -7.04
CA LYS E 585 -4.25 -29.09 -6.54
C LYS E 585 -3.38 -27.85 -6.63
N GLU E 586 -3.67 -26.95 -7.59
CA GLU E 586 -3.01 -25.66 -7.64
C GLU E 586 -3.48 -24.74 -6.53
N GLU E 587 -4.63 -25.02 -5.91
CA GLU E 587 -5.21 -24.16 -4.90
C GLU E 587 -4.80 -24.53 -3.48
N LEU E 588 -4.91 -25.82 -3.13
CA LEU E 588 -4.63 -26.22 -1.76
C LEU E 588 -3.14 -26.41 -1.50
N LEU E 589 -2.40 -26.96 -2.47
CA LEU E 589 -0.97 -27.17 -2.34
C LEU E 589 -0.22 -26.44 -3.44
N PRO E 590 0.01 -25.14 -3.30
CA PRO E 590 0.81 -24.41 -4.29
C PRO E 590 2.30 -24.61 -4.02
N ALA E 591 3.11 -24.03 -4.89
CA ALA E 591 4.57 -24.18 -4.83
C ALA E 591 5.16 -23.07 -3.96
N GLN E 592 4.82 -23.14 -2.68
CA GLN E 592 5.30 -22.18 -1.69
C GLN E 592 5.38 -22.90 -0.35
N ASP E 593 5.47 -22.13 0.73
CA ASP E 593 5.40 -22.65 2.09
C ASP E 593 3.96 -22.46 2.56
N ILE E 594 3.25 -23.57 2.77
CA ILE E 594 1.80 -23.57 2.98
C ILE E 594 1.50 -23.72 4.46
N LYS E 595 0.64 -22.85 4.99
CA LYS E 595 0.26 -22.89 6.39
C LYS E 595 -0.74 -24.02 6.62
N ALA E 596 -0.45 -24.87 7.60
CA ALA E 596 -1.26 -26.04 7.90
C ALA E 596 -1.25 -26.30 9.40
N LEU E 597 -1.97 -27.35 9.81
CA LEU E 597 -2.07 -27.70 11.22
C LEU E 597 -2.42 -29.18 11.34
N PHE E 598 -2.07 -29.75 12.50
CA PHE E 598 -2.42 -31.13 12.84
C PHE E 598 -2.84 -31.18 14.31
N VAL E 599 -3.40 -32.31 14.70
CA VAL E 599 -3.99 -32.49 16.03
C VAL E 599 -3.12 -33.42 16.84
N SER E 600 -2.78 -33.00 18.06
CA SER E 600 -1.94 -33.77 18.97
C SER E 600 -2.60 -33.84 20.35
N GLU E 601 -2.16 -34.81 21.15
CA GLU E 601 -2.73 -35.06 22.47
C GLU E 601 -1.71 -34.62 23.52
N GLU E 602 -2.05 -33.57 24.26
CA GLU E 602 -1.19 -33.00 25.30
C GLU E 602 -1.87 -33.16 26.66
N GLU E 603 -1.41 -34.16 27.42
CA GLU E 603 -1.87 -34.45 28.79
C GLU E 603 -3.36 -34.75 28.84
N LYS E 604 -3.76 -35.76 28.05
CA LYS E 604 -5.15 -36.23 27.91
C LYS E 604 -6.09 -35.14 27.40
N LYS E 605 -5.56 -34.18 26.63
CA LYS E 605 -6.32 -33.07 26.09
C LYS E 605 -5.81 -32.77 24.70
N LEU E 606 -6.72 -32.55 23.76
CA LEU E 606 -6.35 -32.36 22.37
C LEU E 606 -6.01 -30.90 22.09
N THR E 607 -4.95 -30.69 21.32
CA THR E 607 -4.50 -29.35 20.98
C THR E 607 -4.02 -29.35 19.53
N ARG E 608 -3.94 -28.15 18.96
CA ARG E 608 -3.51 -27.97 17.59
C ARG E 608 -2.09 -27.44 17.55
N LYS E 609 -1.31 -27.92 16.57
CA LYS E 609 0.05 -27.48 16.34
C LYS E 609 0.16 -27.00 14.90
N GLU E 610 0.42 -25.70 14.72
CA GLU E 610 0.51 -25.11 13.39
C GLU E 610 1.89 -25.34 12.80
N VAL E 611 1.94 -25.90 11.59
CA VAL E 611 3.18 -26.20 10.90
C VAL E 611 3.15 -25.52 9.53
N TYR E 612 4.28 -25.62 8.83
CA TYR E 612 4.42 -25.10 7.47
C TYR E 612 4.82 -26.23 6.55
N ILE E 613 4.16 -26.32 5.39
CA ILE E 613 4.42 -27.35 4.40
C ILE E 613 5.46 -26.84 3.43
N LYS E 614 6.62 -27.49 3.40
CA LYS E 614 7.73 -27.07 2.54
C LYS E 614 7.50 -27.68 1.16
N ASN E 615 6.77 -26.96 0.31
CA ASN E 615 6.48 -27.40 -1.04
C ASN E 615 7.15 -26.55 -2.12
N GLY E 616 7.77 -25.43 -1.74
CA GLY E 616 8.44 -24.58 -2.70
C GLY E 616 9.91 -24.90 -2.87
N ASP E 617 10.77 -23.89 -2.76
CA ASP E 617 12.21 -24.09 -2.89
C ASP E 617 12.84 -24.74 -1.66
N LYS E 618 12.15 -24.71 -0.53
CA LYS E 618 12.60 -25.40 0.67
C LYS E 618 12.19 -26.86 0.71
N LYS E 619 11.55 -27.38 -0.34
CA LYS E 619 11.24 -28.80 -0.42
C LYS E 619 12.51 -29.63 -0.58
N GLY E 620 13.53 -29.06 -1.20
CA GLY E 620 14.79 -29.78 -1.37
C GLY E 620 15.57 -29.89 -0.07
N SER E 621 15.61 -28.82 0.72
CA SER E 621 16.33 -28.87 1.99
C SER E 621 15.61 -29.73 3.01
N CYS E 622 14.29 -29.89 2.89
CA CYS E 622 13.54 -30.70 3.83
C CYS E 622 13.72 -32.19 3.56
N GLU E 623 13.73 -32.59 2.29
CA GLU E 623 13.73 -34.00 1.94
C GLU E 623 15.09 -34.65 2.12
N ARG E 624 16.17 -33.88 1.99
CA ARG E 624 17.52 -34.44 2.13
C ARG E 624 17.89 -34.72 3.57
N ASP E 625 17.07 -34.34 4.54
CA ASP E 625 17.33 -34.61 5.95
C ASP E 625 16.83 -35.98 6.40
N ALA E 626 16.42 -36.83 5.46
CA ALA E 626 15.97 -38.18 5.80
C ALA E 626 17.12 -39.16 5.99
N GLN E 627 18.37 -38.73 5.76
CA GLN E 627 19.51 -39.62 5.95
C GLN E 627 19.79 -39.89 7.42
N TYR E 628 19.36 -38.99 8.31
CA TYR E 628 19.63 -39.12 9.74
C TYR E 628 18.60 -39.99 10.45
N ALA E 629 17.63 -40.54 9.72
CA ALA E 629 16.62 -41.40 10.33
C ALA E 629 17.24 -42.73 10.75
N PRO E 630 16.66 -43.41 11.74
CA PRO E 630 17.21 -44.71 12.17
C PRO E 630 17.02 -45.77 11.09
N GLY E 631 18.12 -46.46 10.78
CA GLY E 631 18.14 -47.45 9.71
C GLY E 631 18.49 -46.88 8.35
N TYR E 632 18.27 -45.59 8.13
CA TYR E 632 18.53 -44.92 6.87
C TYR E 632 19.89 -44.24 6.82
N ASP E 633 20.80 -44.58 7.76
CA ASP E 633 22.06 -43.86 7.87
C ASP E 633 23.04 -44.20 6.74
N LYS E 634 22.82 -45.31 6.03
CA LYS E 634 23.71 -45.74 4.96
C LYS E 634 23.00 -45.85 3.63
N VAL E 635 21.89 -45.13 3.45
CA VAL E 635 21.13 -45.17 2.21
C VAL E 635 21.85 -44.31 1.18
N LYS E 636 22.09 -44.88 -0.01
CA LYS E 636 22.79 -44.20 -1.09
C LYS E 636 21.98 -43.04 -1.65
N ASP E 637 20.97 -43.33 -2.45
CA ASP E 637 20.14 -42.30 -3.07
C ASP E 637 19.02 -41.92 -2.11
N ILE E 638 18.94 -40.63 -1.78
CA ILE E 638 17.94 -40.16 -0.83
C ILE E 638 16.55 -40.13 -1.43
N SER E 639 16.43 -40.06 -2.76
CA SER E 639 15.13 -40.08 -3.42
C SER E 639 14.54 -41.48 -3.52
N GLU E 640 15.31 -42.52 -3.19
CA GLU E 640 14.76 -43.87 -3.17
C GLU E 640 13.79 -44.07 -2.02
N VAL E 641 14.04 -43.40 -0.88
CA VAL E 641 13.14 -43.55 0.26
C VAL E 641 12.08 -42.46 0.32
N VAL E 642 12.22 -41.39 -0.47
CA VAL E 642 11.24 -40.31 -0.50
C VAL E 642 10.67 -40.28 -1.91
N THR E 643 9.52 -40.89 -2.09
CA THR E 643 8.82 -40.89 -3.38
C THR E 643 8.10 -39.56 -3.56
N PRO E 644 7.63 -39.24 -4.76
CA PRO E 644 6.75 -38.06 -4.93
C PRO E 644 5.37 -38.17 -4.27
N ARG E 645 5.06 -39.24 -3.54
CA ARG E 645 3.83 -39.37 -2.78
C ARG E 645 3.93 -38.76 -1.39
N PHE E 646 4.92 -37.89 -1.16
CA PHE E 646 5.21 -37.41 0.19
C PHE E 646 5.16 -35.90 0.27
N LEU E 647 4.81 -35.42 1.47
CA LEU E 647 4.93 -34.00 1.82
C LEU E 647 5.84 -33.88 3.04
N CYS E 648 6.42 -32.68 3.21
CA CYS E 648 7.45 -32.44 4.21
C CYS E 648 7.06 -31.25 5.07
N THR E 649 7.03 -31.45 6.39
CA THR E 649 6.79 -30.38 7.35
C THR E 649 7.87 -30.41 8.43
N GLY E 650 7.92 -29.35 9.23
CA GLY E 650 8.86 -29.26 10.32
C GLY E 650 10.18 -28.63 9.91
N GLY E 651 10.96 -28.24 10.92
CA GLY E 651 12.28 -27.69 10.71
C GLY E 651 12.42 -26.35 11.40
N VAL E 652 13.42 -25.58 10.98
CA VAL E 652 13.70 -24.29 11.57
C VAL E 652 13.34 -23.12 10.66
N SER E 653 13.43 -23.29 9.34
CA SER E 653 13.11 -22.22 8.41
C SER E 653 11.78 -22.53 7.75
N PRO E 654 10.82 -21.58 7.73
CA PRO E 654 10.95 -20.21 8.22
C PRO E 654 10.60 -20.04 9.70
N TYR E 655 10.08 -21.08 10.35
CA TYR E 655 9.70 -21.00 11.75
C TYR E 655 10.02 -22.32 12.43
N ALA E 656 9.86 -22.34 13.76
CA ALA E 656 10.12 -23.51 14.58
C ALA E 656 8.81 -24.28 14.71
N ASP E 657 8.62 -25.26 13.83
CA ASP E 657 7.37 -26.01 13.80
C ASP E 657 7.40 -27.09 14.87
N PRO E 658 6.29 -27.30 15.58
CA PRO E 658 6.21 -28.44 16.50
C PRO E 658 6.14 -29.75 15.74
N ASN E 659 6.85 -30.75 16.25
CA ASN E 659 7.01 -32.03 15.57
C ASN E 659 5.95 -33.02 16.01
N THR E 660 5.68 -34.00 15.15
CA THR E 660 4.68 -35.01 15.44
C THR E 660 5.28 -36.11 16.32
N CYS E 661 4.47 -36.62 17.23
CA CYS E 661 4.89 -37.67 18.14
C CYS E 661 4.58 -39.03 17.54
N ARG E 662 4.90 -40.10 18.28
CA ARG E 662 4.53 -41.43 17.84
C ARG E 662 3.05 -41.72 18.05
N GLY E 663 2.43 -41.07 19.04
CA GLY E 663 1.01 -41.25 19.28
C GLY E 663 0.11 -40.46 18.36
N ASP E 664 0.64 -39.43 17.70
CA ASP E 664 -0.10 -38.63 16.73
C ASP E 664 -0.06 -39.22 15.33
N SER E 665 0.44 -40.44 15.19
CA SER E 665 0.59 -41.05 13.88
C SER E 665 -0.77 -41.47 13.31
N GLY E 666 -0.93 -41.32 12.00
CA GLY E 666 -2.17 -41.60 11.31
C GLY E 666 -3.16 -40.47 11.28
N GLY E 667 -2.86 -39.34 11.94
CA GLY E 667 -3.78 -38.24 12.02
C GLY E 667 -3.83 -37.44 10.73
N PRO E 668 -4.75 -36.48 10.69
CA PRO E 668 -4.91 -35.67 9.48
C PRO E 668 -3.99 -34.46 9.48
N LEU E 669 -3.57 -34.08 8.27
CA LEU E 669 -2.82 -32.86 8.03
C LEU E 669 -3.79 -31.87 7.41
N ILE E 670 -4.25 -30.91 8.21
CA ILE E 670 -5.40 -30.08 7.87
C ILE E 670 -4.94 -28.69 7.45
N VAL E 671 -5.69 -28.10 6.53
CA VAL E 671 -5.45 -26.74 6.07
C VAL E 671 -6.69 -25.91 6.41
N HIS E 672 -6.50 -24.88 7.22
CA HIS E 672 -7.59 -24.00 7.65
C HIS E 672 -7.66 -22.82 6.69
N LYS E 673 -8.72 -22.78 5.88
CA LYS E 673 -8.92 -21.69 4.92
C LYS E 673 -10.38 -21.23 4.98
N ARG E 674 -10.58 -19.97 5.36
CA ARG E 674 -11.90 -19.31 5.39
C ARG E 674 -12.86 -20.01 6.35
N SER E 675 -12.37 -20.25 7.57
CA SER E 675 -13.13 -20.87 8.66
C SER E 675 -13.63 -22.28 8.34
N ARG E 676 -12.92 -22.98 7.44
CA ARG E 676 -13.24 -24.36 7.08
C ARG E 676 -11.94 -25.16 7.08
N PHE E 677 -12.07 -26.46 7.35
CA PHE E 677 -10.92 -27.33 7.58
C PHE E 677 -10.92 -28.45 6.54
N ILE E 678 -9.84 -28.52 5.75
CA ILE E 678 -9.70 -29.50 4.68
C ILE E 678 -8.47 -30.34 4.97
N GLN E 679 -8.62 -31.67 4.92
CA GLN E 679 -7.50 -32.58 5.12
C GLN E 679 -6.80 -32.81 3.79
N VAL E 680 -5.48 -32.64 3.77
CA VAL E 680 -4.67 -32.85 2.58
C VAL E 680 -3.61 -33.92 2.76
N GLY E 681 -3.49 -34.52 3.95
CA GLY E 681 -2.47 -35.52 4.15
C GLY E 681 -2.70 -36.35 5.38
N VAL E 682 -1.98 -37.47 5.45
CA VAL E 682 -2.00 -38.38 6.59
C VAL E 682 -0.60 -38.46 7.16
N ILE E 683 -0.49 -38.32 8.49
CA ILE E 683 0.80 -38.33 9.17
C ILE E 683 1.43 -39.71 9.06
N SER E 684 2.68 -39.76 8.60
CA SER E 684 3.36 -41.03 8.35
C SER E 684 4.47 -41.31 9.36
N TRP E 685 5.62 -40.70 9.17
CA TRP E 685 6.80 -41.02 9.98
C TRP E 685 7.65 -39.77 10.18
N GLY E 686 8.59 -39.86 11.12
CA GLY E 686 9.48 -38.76 11.40
C GLY E 686 10.90 -39.22 11.61
N VAL E 687 11.83 -38.28 11.43
CA VAL E 687 13.25 -38.59 11.55
C VAL E 687 13.68 -38.66 13.00
N VAL E 688 13.27 -37.68 13.80
CA VAL E 688 13.69 -37.56 15.20
C VAL E 688 12.44 -37.66 16.06
N ASP E 689 12.50 -38.52 17.09
CA ASP E 689 11.41 -38.69 18.04
C ASP E 689 11.61 -37.69 19.17
N VAL E 690 10.96 -36.53 19.06
CA VAL E 690 11.11 -35.48 20.08
C VAL E 690 10.16 -35.68 21.25
N CYS E 691 9.23 -36.61 21.17
CA CYS E 691 8.30 -36.90 22.25
C CYS E 691 8.71 -38.22 22.91
N LYS E 692 8.83 -38.19 24.24
CA LYS E 692 9.23 -39.36 25.01
C LYS E 692 8.17 -39.76 26.03
N ASN E 693 6.95 -39.24 25.89
CA ASN E 693 5.83 -39.46 26.82
C ASN E 693 6.15 -39.00 28.24
N GLN E 694 6.95 -37.95 28.36
CA GLN E 694 7.26 -37.25 29.61
C GLN E 694 7.04 -35.75 29.47
N LYS E 695 7.38 -35.17 28.33
CA LYS E 695 7.10 -33.80 27.93
C LYS E 695 7.39 -33.76 26.43
N ARG E 696 7.64 -32.58 25.89
CA ARG E 696 8.26 -32.44 24.58
C ARG E 696 9.70 -32.01 24.81
N GLN E 697 10.64 -32.71 24.16
CA GLN E 697 12.07 -32.48 24.36
C GLN E 697 12.41 -31.06 23.90
N LYS E 698 12.66 -30.18 24.87
CA LYS E 698 12.70 -28.74 24.63
C LYS E 698 13.91 -28.28 23.82
N GLN E 699 14.87 -29.17 23.54
CA GLN E 699 16.00 -28.88 22.68
C GLN E 699 15.91 -29.81 21.47
N VAL E 700 15.11 -29.42 20.48
CA VAL E 700 15.03 -30.21 19.26
C VAL E 700 16.20 -29.83 18.34
N PRO E 701 16.67 -30.74 17.49
CA PRO E 701 17.65 -30.38 16.46
C PRO E 701 16.96 -29.66 15.30
N ALA E 702 17.77 -29.16 14.39
CA ALA E 702 17.28 -28.36 13.27
C ALA E 702 16.80 -29.19 12.08
N HIS E 703 17.23 -30.45 11.98
CA HIS E 703 16.83 -31.32 10.89
C HIS E 703 15.69 -32.25 11.28
N ALA E 704 14.95 -31.92 12.34
CA ALA E 704 13.85 -32.74 12.82
C ALA E 704 12.63 -32.47 11.94
N ARG E 705 12.54 -33.20 10.84
CA ARG E 705 11.45 -33.07 9.89
C ARG E 705 10.48 -34.24 10.03
N ASP E 706 9.26 -34.04 9.56
CA ASP E 706 8.21 -35.05 9.59
C ASP E 706 7.59 -35.19 8.20
N PHE E 707 7.25 -36.41 7.83
CA PHE E 707 6.76 -36.71 6.49
C PHE E 707 5.32 -37.18 6.53
N HIS E 708 4.59 -36.88 5.45
CA HIS E 708 3.17 -37.18 5.34
C HIS E 708 2.89 -37.76 3.96
N ILE E 709 1.70 -38.34 3.80
CA ILE E 709 1.27 -38.94 2.54
C ILE E 709 0.35 -37.96 1.82
N ASN E 710 0.74 -37.59 0.60
CA ASN E 710 -0.05 -36.65 -0.20
C ASN E 710 -1.32 -37.32 -0.72
N LEU E 711 -2.48 -36.77 -0.34
CA LEU E 711 -3.76 -37.35 -0.73
C LEU E 711 -4.09 -37.15 -2.20
N PHE E 712 -3.44 -36.20 -2.87
CA PHE E 712 -3.65 -36.04 -4.31
C PHE E 712 -3.03 -37.16 -5.13
N GLN E 713 -2.16 -37.96 -4.54
CA GLN E 713 -1.51 -39.04 -5.26
C GLN E 713 -2.18 -40.41 -5.07
N VAL E 714 -3.07 -40.54 -4.07
CA VAL E 714 -3.77 -41.79 -3.81
C VAL E 714 -5.25 -41.69 -4.19
N LEU E 715 -5.62 -40.76 -5.09
CA LEU E 715 -7.02 -40.50 -5.50
C LEU E 715 -7.77 -41.62 -6.23
N PRO E 716 -7.16 -42.37 -7.17
CA PRO E 716 -7.90 -43.53 -7.74
C PRO E 716 -8.17 -44.66 -6.77
N TRP E 717 -7.40 -44.78 -5.68
CA TRP E 717 -7.75 -45.79 -4.69
C TRP E 717 -8.81 -45.28 -3.73
N LEU E 718 -8.79 -43.98 -3.43
CA LEU E 718 -9.80 -43.40 -2.54
C LEU E 718 -11.15 -43.29 -3.23
N LYS E 719 -11.14 -43.00 -4.54
CA LYS E 719 -12.39 -42.91 -5.30
C LYS E 719 -13.07 -44.27 -5.43
N GLU E 720 -12.27 -45.34 -5.52
CA GLU E 720 -12.84 -46.68 -5.65
C GLU E 720 -13.46 -47.15 -4.34
N LYS E 721 -12.74 -47.00 -3.23
CA LYS E 721 -13.20 -47.53 -1.96
C LYS E 721 -14.34 -46.72 -1.36
N LEU E 722 -14.53 -45.47 -1.80
CA LEU E 722 -15.58 -44.60 -1.28
C LEU E 722 -16.60 -44.25 -2.36
N GLN E 723 -16.82 -45.15 -3.32
CA GLN E 723 -17.72 -44.85 -4.43
C GLN E 723 -19.18 -44.84 -4.02
N ASP E 724 -19.53 -45.50 -2.92
CA ASP E 724 -20.92 -45.55 -2.47
C ASP E 724 -21.10 -44.75 -1.18
N GLU E 725 -20.59 -43.51 -1.16
CA GLU E 725 -20.60 -42.71 0.05
C GLU E 725 -21.20 -41.32 -0.12
N ASP E 726 -21.68 -40.98 -1.32
CA ASP E 726 -22.26 -39.66 -1.64
C ASP E 726 -21.27 -38.52 -1.39
N LEU E 727 -20.01 -38.76 -1.74
CA LEU E 727 -18.98 -37.73 -1.62
C LEU E 727 -18.84 -36.93 -2.90
N GLY E 728 -19.08 -37.53 -4.05
CA GLY E 728 -19.09 -36.81 -5.30
C GLY E 728 -17.72 -36.45 -5.81
N PHE E 729 -16.88 -37.45 -6.07
CA PHE E 729 -15.54 -37.22 -6.57
C PHE E 729 -15.60 -36.70 -8.01
N LEU E 730 -14.63 -35.88 -8.36
CA LEU E 730 -14.57 -35.33 -9.70
C LEU E 730 -14.02 -36.35 -10.70
N ALA E 731 -14.34 -36.13 -11.97
CA ALA E 731 -13.88 -37.01 -13.04
C ALA E 731 -12.44 -36.69 -13.43
N GLN F 1 -34.10 66.11 18.89
CA GLN F 1 -33.75 67.40 18.32
C GLN F 1 -33.94 68.52 19.35
N VAL F 2 -35.15 68.62 19.89
CA VAL F 2 -35.48 69.61 20.91
C VAL F 2 -35.37 68.95 22.29
N GLN F 3 -34.93 69.71 23.28
CA GLN F 3 -34.77 69.23 24.65
C GLN F 3 -35.60 70.08 25.59
N LEU F 4 -36.17 69.45 26.61
CA LEU F 4 -37.12 70.08 27.51
C LEU F 4 -36.64 69.93 28.95
N VAL F 5 -36.68 71.03 29.70
CA VAL F 5 -36.26 71.07 31.10
C VAL F 5 -37.41 71.68 31.91
N GLU F 6 -37.86 70.95 32.94
CA GLU F 6 -38.97 71.39 33.77
C GLU F 6 -38.45 71.94 35.11
N SER F 7 -39.25 72.82 35.70
CA SER F 7 -38.95 73.42 37.00
C SER F 7 -40.24 73.96 37.58
N GLY F 8 -40.26 74.09 38.91
CA GLY F 8 -41.33 74.76 39.61
C GLY F 8 -42.12 73.90 40.57
N GLY F 9 -41.78 72.62 40.70
CA GLY F 9 -42.51 71.74 41.59
C GLY F 9 -42.14 71.96 43.04
N GLY F 10 -42.93 71.34 43.91
CA GLY F 10 -42.69 71.46 45.33
C GLY F 10 -43.85 70.91 46.14
N LEU F 11 -43.67 70.97 47.46
CA LEU F 11 -44.68 70.48 48.41
C LEU F 11 -45.59 71.63 48.79
N VAL F 12 -46.83 71.59 48.32
CA VAL F 12 -47.85 72.59 48.61
C VAL F 12 -48.93 71.91 49.44
N GLN F 13 -49.49 72.65 50.40
CA GLN F 13 -50.61 72.11 51.16
C GLN F 13 -51.88 72.11 50.32
N ALA F 14 -52.91 71.44 50.84
CA ALA F 14 -54.18 71.36 50.15
C ALA F 14 -54.89 72.71 50.17
N GLY F 15 -55.32 73.16 49.00
CA GLY F 15 -55.90 74.48 48.84
C GLY F 15 -54.93 75.53 48.35
N GLY F 16 -53.62 75.25 48.41
CA GLY F 16 -52.62 76.16 47.92
C GLY F 16 -52.46 76.08 46.41
N SER F 17 -51.47 76.82 45.92
CA SER F 17 -51.22 76.93 44.49
C SER F 17 -49.76 76.68 44.19
N LEU F 18 -49.48 76.45 42.90
CA LEU F 18 -48.13 76.20 42.41
C LEU F 18 -48.11 76.49 40.92
N ARG F 19 -47.07 77.18 40.46
CA ARG F 19 -46.93 77.55 39.07
C ARG F 19 -45.71 76.86 38.48
N LEU F 20 -45.90 76.12 37.40
CA LEU F 20 -44.83 75.39 36.74
C LEU F 20 -44.37 76.13 35.50
N SER F 21 -43.11 75.91 35.13
CA SER F 21 -42.53 76.49 33.93
C SER F 21 -41.73 75.43 33.20
N CYS F 22 -41.60 75.61 31.89
CA CYS F 22 -40.94 74.62 31.03
C CYS F 22 -40.02 75.35 30.07
N ALA F 23 -38.72 75.07 30.17
CA ALA F 23 -37.72 75.69 29.30
C ALA F 23 -37.35 74.70 28.20
N ALA F 24 -37.49 75.14 26.95
CA ALA F 24 -37.20 74.33 25.77
C ALA F 24 -36.01 74.89 25.03
N SER F 25 -35.65 74.24 23.92
CA SER F 25 -34.62 74.76 23.04
C SER F 25 -35.14 75.98 22.28
N GLU F 26 -34.32 77.01 22.21
CA GLU F 26 -34.77 78.30 21.69
C GLU F 26 -34.86 78.29 20.17
N ARG F 27 -33.93 77.61 19.49
CA ARG F 27 -33.88 77.61 18.03
C ARG F 27 -35.06 76.87 17.40
N THR F 28 -35.69 75.95 18.13
CA THR F 28 -36.85 75.19 17.64
C THR F 28 -37.99 75.27 18.65
N PHE F 29 -38.34 76.48 19.09
CA PHE F 29 -39.41 76.63 20.09
C PHE F 29 -40.80 76.74 19.46
N THR F 30 -41.00 77.74 18.61
CA THR F 30 -42.31 78.00 18.02
C THR F 30 -42.71 76.98 16.96
N ILE F 31 -41.82 76.04 16.62
CA ILE F 31 -42.18 74.93 15.75
C ILE F 31 -43.21 74.02 16.42
N TYR F 32 -42.95 73.64 17.67
CA TYR F 32 -43.74 72.62 18.35
C TYR F 32 -44.90 73.25 19.10
N ALA F 33 -46.09 72.68 18.92
CA ALA F 33 -47.16 72.93 19.87
C ALA F 33 -46.87 72.16 21.15
N MET F 34 -47.11 72.80 22.28
CA MET F 34 -46.69 72.25 23.56
C MET F 34 -47.88 72.16 24.51
N GLY F 35 -47.74 71.30 25.51
CA GLY F 35 -48.78 71.08 26.48
C GLY F 35 -48.22 70.49 27.75
N TRP F 36 -49.13 70.13 28.66
CA TRP F 36 -48.77 69.58 29.95
C TRP F 36 -49.42 68.22 30.14
N PHE F 37 -48.67 67.29 30.73
CA PHE F 37 -49.15 65.97 31.10
C PHE F 37 -48.81 65.72 32.57
N ARG F 38 -49.32 64.62 33.10
CA ARG F 38 -49.00 64.20 34.46
C ARG F 38 -49.13 62.69 34.56
N GLN F 39 -48.49 62.12 35.59
CA GLN F 39 -48.50 60.68 35.81
C GLN F 39 -48.56 60.45 37.32
N ALA F 40 -49.75 60.11 37.81
CA ALA F 40 -49.96 59.86 39.23
C ALA F 40 -49.34 58.52 39.61
N PRO F 41 -49.05 58.31 40.93
CA PRO F 41 -48.60 56.98 41.38
C PRO F 41 -49.64 55.90 41.18
N GLY F 42 -49.40 55.01 40.22
CA GLY F 42 -50.27 53.89 39.95
C GLY F 42 -51.27 54.08 38.83
N LYS F 43 -51.05 55.05 37.93
CA LYS F 43 -51.97 55.31 36.84
C LYS F 43 -51.17 55.50 35.56
N GLU F 44 -51.90 55.56 34.44
CA GLU F 44 -51.29 55.85 33.15
C GLU F 44 -51.03 57.35 33.03
N ARG F 45 -50.36 57.73 31.94
CA ARG F 45 -50.08 59.14 31.69
C ARG F 45 -51.35 59.85 31.27
N GLU F 46 -51.62 61.00 31.90
CA GLU F 46 -52.87 61.71 31.74
C GLU F 46 -52.63 63.07 31.09
N PHE F 47 -53.42 63.37 30.06
CA PHE F 47 -53.40 64.68 29.44
C PHE F 47 -53.98 65.71 30.41
N VAL F 48 -53.31 66.86 30.50
CA VAL F 48 -53.74 67.92 31.42
C VAL F 48 -54.22 69.12 30.63
N ALA F 49 -53.29 69.85 30.02
CA ALA F 49 -53.62 71.04 29.26
C ALA F 49 -52.72 71.09 28.03
N ALA F 50 -53.23 71.71 26.97
CA ALA F 50 -52.48 71.94 25.75
C ALA F 50 -52.64 73.38 25.32
N ILE F 51 -51.69 73.85 24.54
CA ILE F 51 -51.75 75.19 23.95
C ILE F 51 -51.21 75.13 22.54
N SER F 52 -51.78 75.93 21.65
CA SER F 52 -51.32 75.96 20.26
C SER F 52 -50.04 76.79 20.15
N ARG F 53 -49.52 76.92 18.93
CA ARG F 53 -48.31 77.69 18.71
C ARG F 53 -48.55 79.19 18.82
N SER F 54 -49.81 79.64 18.71
CA SER F 54 -50.16 81.04 18.87
C SER F 54 -50.38 81.44 20.33
N GLY F 55 -50.82 80.51 21.18
CA GLY F 55 -51.26 80.85 22.52
C GLY F 55 -52.71 81.30 22.61
N GLU F 56 -53.36 81.55 21.47
CA GLU F 56 -54.76 81.98 21.47
C GLU F 56 -55.68 80.80 21.71
N ASN F 57 -55.53 79.74 20.93
CA ASN F 57 -56.35 78.54 21.11
C ASN F 57 -55.74 77.68 22.20
N THR F 58 -56.51 77.40 23.24
CA THR F 58 -56.08 76.56 24.35
C THR F 58 -57.00 75.35 24.45
N ASP F 59 -56.47 74.28 25.04
CA ASP F 59 -57.23 73.05 25.24
C ASP F 59 -56.86 72.47 26.60
N TYR F 60 -57.85 71.98 27.32
CA TYR F 60 -57.67 71.47 28.66
C TYR F 60 -58.37 70.12 28.79
N ALA F 61 -57.96 69.36 29.80
CA ALA F 61 -58.72 68.18 30.16
C ALA F 61 -59.91 68.58 31.02
N ASP F 62 -60.85 67.65 31.17
CA ASP F 62 -62.06 67.93 31.93
C ASP F 62 -61.83 67.90 33.43
N SER F 63 -60.71 67.33 33.89
CA SER F 63 -60.42 67.27 35.32
C SER F 63 -59.74 68.53 35.83
N VAL F 64 -59.17 69.35 34.95
CA VAL F 64 -58.43 70.54 35.35
C VAL F 64 -59.03 71.82 34.77
N LYS F 65 -60.18 71.74 34.12
CA LYS F 65 -60.77 72.91 33.48
C LYS F 65 -61.37 73.84 34.53
N GLY F 66 -61.05 75.13 34.43
CA GLY F 66 -61.51 76.11 35.38
C GLY F 66 -60.47 76.43 36.44
N ARG F 67 -59.81 75.40 36.97
CA ARG F 67 -58.76 75.58 37.96
C ARG F 67 -57.40 75.85 37.32
N PHE F 68 -57.13 75.23 36.18
CA PHE F 68 -55.84 75.35 35.52
C PHE F 68 -55.97 76.31 34.34
N THR F 69 -54.90 77.06 34.06
CA THR F 69 -54.88 78.00 32.96
C THR F 69 -53.51 77.94 32.31
N ILE F 70 -53.43 77.40 31.10
CA ILE F 70 -52.16 77.29 30.38
C ILE F 70 -51.91 78.58 29.61
N SER F 71 -50.66 79.03 29.62
CA SER F 71 -50.25 80.23 28.91
C SER F 71 -48.93 79.97 28.19
N ARG F 72 -48.73 80.68 27.10
CA ARG F 72 -47.53 80.52 26.28
C ARG F 72 -46.80 81.86 26.19
N ASP F 73 -45.52 81.85 26.52
CA ASP F 73 -44.66 83.02 26.37
C ASP F 73 -43.79 82.78 25.15
N ASN F 74 -44.16 83.41 24.03
CA ASN F 74 -43.43 83.25 22.78
C ASN F 74 -42.17 84.11 22.71
N ASN F 75 -41.85 84.87 23.76
CA ASN F 75 -40.66 85.70 23.80
C ASN F 75 -39.56 85.15 24.68
N LYS F 76 -39.90 84.41 25.74
CA LYS F 76 -38.92 83.83 26.65
C LYS F 76 -38.81 82.32 26.52
N ASN F 77 -39.39 81.75 25.45
CA ASN F 77 -39.42 80.30 25.14
C ASN F 77 -39.86 79.43 26.32
N THR F 78 -40.84 79.91 27.08
CA THR F 78 -41.39 79.16 28.20
C THR F 78 -42.90 79.07 28.07
N ILE F 79 -43.47 78.00 28.64
CA ILE F 79 -44.90 77.89 28.85
C ILE F 79 -45.15 77.74 30.34
N SER F 80 -46.36 78.13 30.77
CA SER F 80 -46.69 78.13 32.18
C SER F 80 -48.03 77.42 32.39
N LEU F 81 -48.14 76.76 33.54
CA LEU F 81 -49.35 76.03 33.94
C LEU F 81 -49.73 76.55 35.34
N GLN F 82 -50.62 77.54 35.38
CA GLN F 82 -51.07 78.12 36.64
C GLN F 82 -52.05 77.16 37.28
N MET F 83 -51.61 76.45 38.33
CA MET F 83 -52.42 75.43 39.00
C MET F 83 -52.97 76.04 40.28
N ASN F 84 -54.25 76.42 40.26
CA ASN F 84 -54.93 76.96 41.42
C ASN F 84 -55.81 75.88 42.05
N SER F 85 -55.95 75.96 43.38
CA SER F 85 -56.75 75.05 44.20
C SER F 85 -56.27 73.61 44.06
N LEU F 86 -55.07 73.37 44.59
CA LEU F 86 -54.44 72.06 44.50
C LEU F 86 -55.09 71.10 45.50
N LYS F 87 -55.47 69.93 45.01
CA LYS F 87 -56.07 68.85 45.77
C LYS F 87 -55.05 67.73 45.94
N PRO F 88 -55.26 66.82 46.92
CA PRO F 88 -54.34 65.67 47.05
C PRO F 88 -54.35 64.70 45.87
N GLU F 89 -55.33 64.77 44.98
CA GLU F 89 -55.32 63.95 43.77
C GLU F 89 -54.43 64.51 42.66
N ASP F 90 -53.89 65.71 42.84
CA ASP F 90 -52.98 66.32 41.88
C ASP F 90 -51.52 65.95 42.11
N THR F 91 -51.24 65.02 43.01
CA THR F 91 -49.87 64.60 43.28
C THR F 91 -49.40 63.70 42.14
N ALA F 92 -48.51 64.24 41.30
CA ALA F 92 -48.03 63.52 40.12
C ALA F 92 -46.71 64.13 39.68
N VAL F 93 -46.11 63.49 38.68
CA VAL F 93 -44.91 64.01 38.04
C VAL F 93 -45.36 64.68 36.74
N TYR F 94 -45.28 66.01 36.70
CA TYR F 94 -45.77 66.77 35.55
C TYR F 94 -44.70 66.80 34.47
N TYR F 95 -45.04 66.28 33.28
CA TYR F 95 -44.14 66.25 32.15
C TYR F 95 -44.50 67.35 31.16
N CYS F 96 -43.47 68.03 30.65
CA CYS F 96 -43.64 68.99 29.57
C CYS F 96 -43.45 68.27 28.26
N ALA F 97 -44.35 68.51 27.31
CA ALA F 97 -44.38 67.79 26.04
C ALA F 97 -44.23 68.77 24.88
N ALA F 98 -43.54 68.32 23.83
CA ALA F 98 -43.35 69.09 22.61
C ALA F 98 -43.74 68.24 21.42
N GLY F 99 -44.58 68.79 20.54
CA GLY F 99 -45.04 68.06 19.38
C GLY F 99 -45.37 68.96 18.22
N ARG F 100 -45.09 68.49 17.01
CA ARG F 100 -45.20 69.31 15.81
C ARG F 100 -46.65 69.48 15.40
N ALA F 101 -47.06 70.73 15.18
CA ALA F 101 -48.39 71.04 14.66
C ALA F 101 -48.25 71.95 13.46
N ILE F 102 -49.06 71.69 12.44
CA ILE F 102 -48.93 72.42 11.18
C ILE F 102 -49.57 73.80 11.27
N LEU F 103 -50.83 73.86 11.69
CA LEU F 103 -51.46 75.15 11.92
C LEU F 103 -50.94 75.77 13.22
N VAL F 104 -51.05 77.10 13.30
CA VAL F 104 -50.67 77.81 14.51
C VAL F 104 -51.78 77.83 15.55
N HIS F 105 -52.98 77.35 15.20
CA HIS F 105 -54.12 77.37 16.10
C HIS F 105 -54.59 75.98 16.50
N THR F 106 -53.82 74.93 16.19
CA THR F 106 -54.21 73.57 16.48
C THR F 106 -53.55 73.10 17.76
N THR F 107 -54.37 72.66 18.72
CA THR F 107 -53.88 72.00 19.91
C THR F 107 -53.80 70.50 19.66
N LYS F 108 -52.85 69.86 20.32
CA LYS F 108 -52.58 68.44 20.12
C LYS F 108 -52.73 67.67 21.42
N LYS F 109 -52.95 66.37 21.29
CA LYS F 109 -52.95 65.45 22.42
C LYS F 109 -51.85 64.40 22.33
N GLU F 110 -51.24 64.23 21.16
CA GLU F 110 -50.13 63.30 20.97
C GLU F 110 -48.87 64.10 20.73
N TYR F 111 -47.81 63.79 21.46
CA TYR F 111 -46.55 64.52 21.39
C TYR F 111 -45.41 63.53 21.37
N ASP F 112 -44.35 63.86 20.62
CA ASP F 112 -43.23 62.96 20.43
C ASP F 112 -42.01 63.28 21.29
N HIS F 113 -41.85 64.53 21.72
CA HIS F 113 -40.73 64.94 22.54
C HIS F 113 -41.21 65.18 23.97
N TRP F 114 -40.51 64.57 24.93
CA TRP F 114 -40.89 64.64 26.33
C TRP F 114 -39.68 65.02 27.17
N GLY F 115 -39.92 65.31 28.44
CA GLY F 115 -38.85 65.76 29.32
C GLY F 115 -38.64 64.87 30.54
N GLN F 116 -37.78 65.32 31.46
CA GLN F 116 -37.49 64.53 32.66
C GLN F 116 -38.61 64.64 33.69
N GLY F 117 -39.28 65.78 33.77
CA GLY F 117 -40.41 65.96 34.65
C GLY F 117 -40.06 66.68 35.93
N THR F 118 -41.10 67.11 36.64
CA THR F 118 -40.98 67.78 37.91
C THR F 118 -42.00 67.19 38.89
N GLN F 119 -41.62 67.16 40.17
CA GLN F 119 -42.41 66.50 41.20
C GLN F 119 -43.29 67.51 41.91
N VAL F 120 -44.60 67.23 41.94
CA VAL F 120 -45.58 68.04 42.66
C VAL F 120 -46.28 67.13 43.66
N THR F 121 -46.19 67.47 44.94
CA THR F 121 -46.79 66.69 46.01
C THR F 121 -47.72 67.58 46.82
N VAL F 122 -48.97 67.18 46.96
CA VAL F 122 -49.97 67.91 47.71
C VAL F 122 -50.38 67.08 48.93
N SER F 123 -50.25 67.65 50.11
CA SER F 123 -50.58 66.98 51.36
C SER F 123 -51.81 67.62 52.00
N SER F 124 -52.44 66.88 52.90
CA SER F 124 -53.63 67.34 53.59
C SER F 124 -53.37 67.53 55.09
#